data_1R27
#
_entry.id   1R27
#
_cell.length_a   127.401
_cell.length_b   298.300
_cell.length_c   296.853
_cell.angle_alpha   90.00
_cell.angle_beta   90.00
_cell.angle_gamma   90.00
#
_symmetry.space_group_name_H-M   'I 2 2 2'
#
loop_
_entity.id
_entity.type
_entity.pdbx_description
1 polymer 'Respiratory nitrate reductase 1 alpha chain'
2 polymer 'Respiratory nitrate reductase 1 beta chain'
3 non-polymer 'MOLYBDENUM ATOM'
4 non-polymer 'IRON/SULFUR CLUSTER'
5 non-polymer '2-AMINO-5,6-DIMERCAPTO-7-METHYL-3,7,8A,9-TETRAHYDRO-8-OXA-1,3,9,10-TETRAAZA-ANTHRACEN-4-ONE GUANOSINE DINUCLEOTIDE'
6 non-polymer 'FE3-S4 CLUSTER'
7 water water
#
loop_
_entity_poly.entity_id
_entity_poly.type
_entity_poly.pdbx_seq_one_letter_code
_entity_poly.pdbx_strand_id
1 'polypeptide(L)'
;SKFLDRFRYFKQKGETFADGHGQLLNTNRDWEDGYRQRWQHDKIVRSTHGVNCTGSCSWKIYVKNGLVTWETQQTDYPRT
RPDLPNHEPRGCPRGASYSWYLYSANRLKYPMMRKRLMKMWREAKALHSDPVEAWASIIEDADKAKSFKQARGRGGFVRS
SWQEVNELIAASNVYTIKNYGPDRVAGFSPIPAMSMVSYASGARYLSLIGGTCLSFYDWYCDLPPASPQTWGEQTDVPES
ADWYNSSYIIAWGSNVPQTRTPDAHFFTEVRYKGTKTVAVTPDYAEIAKLCDLWLAPKQGTDAAMALAMGHVMLREFHLD
NPSQYFTDYVRRYTDMPMLVMLEERDGYYAAGRMLRAADLVDALGQENNPEWKTVAFNTNGEMVAPNGSIGFRWGEKGKW
NLEQRDGKTGEETELQLSLLGSQDEIAEVGFPYFGGDGTEHFNKVELENVLLHKLPVKRLQLADGSTALVTTVYDLTLAN
YGLERGLNDVNCATSYDDVKAYTPAWAEQITGVSRSQIIRIAREFADNADKTHGRSMIIVGAGLNHWYHLDMNYRGLINM
LIFCGCVGQSGGGWAHYVGQEKLRPQTGWQPLAFALDWQRPARHMNSTSYFYNHSSQWRYETVTAEELLSPMADKSRYTG
HLIDFNVRAERMGWLPSAPQLGTNPLTIAGEAEKAGMNPVDYTVKSLKEGSIRFAAEQPENGKNHPRNLFIWRSNLLGSS
GKGHEFMLKYLLGTEHGIQGKDLGQQGGVKPEEVDWQDNGLEGKLDLVVTLDFRLSSTCLYSDIILPTATWYEKDDMNTS
DMHPFIHPLSAAVDPAWEAKSDWEIYKAIAKKFSEVCVGHLGKETDIVTLPIQHDSAAELAQPLDVKDWKKGECDLIPGK
TAPHIMVVERDYPATYERFTSIGPLMEKIGNGGKGIAWNTQSEMDLLRKLNYTKAEGPAKGQPMLNTAIDAAEMILTLAP
ETNGQVAVKAWAALSEFTGRDHTHLALNKEDEKIRFRDIQAQPRKIISSPTWSGLEDEHVSYNAGYTNVHELIPWRTLSG
RQQLYQDHQWMRDFGESLLVYRPPIDTRSVKEVIGQKSNGNQEKALNFLTPHQKWGIHSTYSDNLLMLTLGRGGPVVWLS
EADAKDLGIADNDWIEVFNSNGALTARAVVSQRVPAGMTMMYHAQERIVNLPGSEITQQRGGIHNSVTRITPKPTHMIGG
YAHLAYGFNYYGTVGSNRDEFVVVRKMKNIDWLDGEGNDQVQESVK
;
A,C
2 'polypeptide(L)'
;MKIRSQVGMVLNLDKCIGCHTCSVTCKNVWTSREGVEYAWFNNVETKPGQGFPTDWENQEKYKGGWIRKINGKLQPRMGN
RAMLLGKIFANPHLPGIDDYYEPFDFDYQNLHTAPEGSKSQPIARPRSLITGERMAKIEKGPNWEDDLGGEFDKLAKDKN
FDNIQKAMYSQFENTFMMYLPRLCEHCLNPACVATCPSGAIYKREEDGIVLIDQDKCRGWRMCITGCPYKKIYFNWKSGK
SEKCIFCYPRIEAGQPTVCSETCVGRIRYLGVLLYDADAIERAASTENEKDLYQRQLDVFLDPNDPKVIEQAIKDGIPLS
VIEAAQQSPVYKMAMEWKLALPLHPEYRTLPMVWYVPPLSPIQSAADAGELGSNGILPDVESLRIPVQYLANLLTAGDTK
PVLRALKRMLAMRHYKRAETVDGKVDTRALEEVGLTEAQAQEMYRYLAIANYEDRFVVPSSHRELAREAFPEKNGCGFTF
GDGCHGSDTKFNLFNSRRIDAIDVTSKTEPHP
;
B,D
#
# COMPACT_ATOMS: atom_id res chain seq x y z
N ARG A 29 2.72 -80.83 38.40
CA ARG A 29 2.51 -81.12 39.85
C ARG A 29 1.84 -79.91 40.52
N ASP A 30 1.57 -80.01 41.81
CA ASP A 30 0.90 -78.95 42.55
C ASP A 30 1.49 -77.55 42.46
N TRP A 31 2.81 -77.45 42.33
CA TRP A 31 3.46 -76.13 42.23
C TRP A 31 2.86 -75.28 41.09
N GLU A 32 2.35 -75.94 40.06
CA GLU A 32 1.76 -75.23 38.92
C GLU A 32 0.64 -74.27 39.33
N ASP A 33 0.00 -74.53 40.46
CA ASP A 33 -1.09 -73.66 40.92
C ASP A 33 -0.63 -72.23 41.19
N GLY A 34 0.67 -72.03 41.36
CA GLY A 34 1.20 -70.70 41.62
C GLY A 34 0.89 -69.70 40.50
N TYR A 35 1.27 -70.02 39.28
CA TYR A 35 1.00 -69.11 38.17
C TYR A 35 -0.51 -69.01 37.92
N ARG A 36 -1.23 -70.11 38.18
CA ARG A 36 -2.69 -70.09 38.00
C ARG A 36 -3.33 -69.05 38.91
N GLN A 37 -2.87 -69.02 40.16
CA GLN A 37 -3.40 -68.09 41.14
C GLN A 37 -3.14 -66.65 40.74
N ARG A 38 -1.99 -66.39 40.13
CA ARG A 38 -1.64 -65.04 39.70
C ARG A 38 -2.63 -64.47 38.68
N TRP A 39 -3.07 -65.31 37.75
CA TRP A 39 -4.01 -64.87 36.72
C TRP A 39 -5.43 -64.61 37.26
N GLN A 40 -5.84 -65.40 38.24
CA GLN A 40 -7.18 -65.24 38.82
C GLN A 40 -7.39 -63.83 39.37
N HIS A 41 -8.61 -63.31 39.19
CA HIS A 41 -8.93 -61.95 39.62
C HIS A 41 -10.39 -61.80 40.12
N ASP A 42 -10.68 -60.63 40.68
CA ASP A 42 -11.99 -60.31 41.24
C ASP A 42 -13.02 -59.83 40.23
N LYS A 43 -12.60 -59.05 39.24
CA LYS A 43 -13.51 -58.56 38.22
C LYS A 43 -12.77 -57.81 37.14
N ILE A 44 -13.44 -57.66 36.01
CA ILE A 44 -12.89 -56.94 34.88
C ILE A 44 -13.85 -55.78 34.61
N VAL A 45 -13.29 -54.61 34.32
CA VAL A 45 -14.11 -53.43 34.03
C VAL A 45 -13.65 -52.87 32.69
N ARG A 46 -14.57 -52.28 31.93
CA ARG A 46 -14.21 -51.69 30.65
C ARG A 46 -13.84 -50.22 30.78
N SER A 47 -12.72 -49.83 30.18
CA SER A 47 -12.32 -48.43 30.22
C SER A 47 -11.44 -48.17 29.02
N THR A 48 -11.01 -46.92 28.84
CA THR A 48 -10.17 -46.57 27.72
C THR A 48 -9.14 -45.54 28.19
N HIS A 49 -8.44 -44.89 27.25
CA HIS A 49 -7.40 -43.94 27.61
C HIS A 49 -7.61 -42.50 27.16
N GLY A 50 -7.67 -41.59 28.12
CA GLY A 50 -7.86 -40.18 27.82
C GLY A 50 -6.55 -39.51 27.48
N VAL A 51 -5.88 -39.99 26.44
CA VAL A 51 -4.61 -39.44 25.99
C VAL A 51 -4.77 -39.15 24.48
N ASN A 52 -4.07 -38.11 24.00
CA ASN A 52 -4.19 -37.73 22.61
C ASN A 52 -3.36 -38.55 21.63
N CYS A 53 -3.86 -39.74 21.32
CA CYS A 53 -3.19 -40.68 20.42
C CYS A 53 -3.98 -41.05 19.19
N THR A 54 -5.31 -40.85 19.26
CA THR A 54 -6.26 -41.20 18.20
C THR A 54 -6.60 -42.69 18.26
N GLY A 55 -5.95 -43.41 19.17
CA GLY A 55 -6.18 -44.83 19.33
C GLY A 55 -7.62 -45.15 19.69
N SER A 56 -8.12 -44.51 20.74
CA SER A 56 -9.49 -44.73 21.19
C SER A 56 -9.75 -46.23 21.32
N CYS A 57 -8.91 -46.91 22.10
CA CYS A 57 -9.01 -48.35 22.30
C CYS A 57 -9.70 -48.73 23.60
N SER A 58 -10.61 -49.69 23.53
CA SER A 58 -11.31 -50.16 24.72
C SER A 58 -10.49 -51.30 25.35
N TRP A 59 -10.31 -51.25 26.67
CA TRP A 59 -9.52 -52.26 27.37
C TRP A 59 -10.25 -52.97 28.51
N LYS A 60 -9.71 -54.11 28.91
CA LYS A 60 -10.24 -54.87 30.03
C LYS A 60 -9.32 -54.49 31.19
N ILE A 61 -9.88 -53.93 32.25
CA ILE A 61 -9.07 -53.54 33.40
C ILE A 61 -9.32 -54.58 34.48
N TYR A 62 -8.27 -55.31 34.84
CA TYR A 62 -8.36 -56.36 35.85
C TYR A 62 -8.13 -55.86 37.27
N VAL A 63 -9.02 -56.23 38.17
CA VAL A 63 -8.91 -55.83 39.56
C VAL A 63 -8.77 -57.06 40.46
N LYS A 64 -7.76 -57.03 41.34
CA LYS A 64 -7.49 -58.08 42.32
C LYS A 64 -7.32 -57.42 43.65
N ASN A 65 -8.05 -57.88 44.66
CA ASN A 65 -7.94 -57.33 46.00
C ASN A 65 -8.12 -55.81 46.03
N GLY A 66 -9.06 -55.31 45.25
CA GLY A 66 -9.34 -53.88 45.21
C GLY A 66 -8.33 -53.02 44.49
N LEU A 67 -7.38 -53.62 43.80
CA LEU A 67 -6.36 -52.87 43.08
C LEU A 67 -6.28 -53.28 41.63
N VAL A 68 -6.01 -52.33 40.75
CA VAL A 68 -5.89 -52.62 39.33
C VAL A 68 -4.54 -53.34 39.20
N THR A 69 -4.51 -54.48 38.53
CA THR A 69 -3.26 -55.24 38.39
C THR A 69 -2.67 -55.25 36.99
N TRP A 70 -3.52 -55.21 35.97
CA TRP A 70 -3.05 -55.19 34.58
C TRP A 70 -4.24 -54.99 33.65
N GLU A 71 -3.95 -54.87 32.36
CA GLU A 71 -5.01 -54.69 31.38
C GLU A 71 -4.69 -55.44 30.10
N THR A 72 -5.73 -55.88 29.39
CA THR A 72 -5.58 -56.55 28.10
C THR A 72 -6.71 -55.96 27.25
N GLN A 73 -6.53 -55.92 25.93
CA GLN A 73 -7.54 -55.31 25.07
C GLN A 73 -8.88 -56.01 25.00
N GLN A 74 -9.94 -55.21 24.80
CA GLN A 74 -11.28 -55.76 24.63
C GLN A 74 -11.27 -56.18 23.16
N THR A 75 -12.03 -57.21 22.82
CA THR A 75 -12.07 -57.68 21.44
C THR A 75 -13.50 -57.74 20.91
N ASP A 76 -14.44 -57.22 21.71
CA ASP A 76 -15.85 -57.25 21.36
C ASP A 76 -16.42 -56.08 20.57
N TYR A 77 -15.59 -55.41 19.75
CA TYR A 77 -16.07 -54.31 18.94
C TYR A 77 -17.06 -54.84 17.91
N PRO A 78 -18.08 -54.05 17.54
CA PRO A 78 -19.01 -54.57 16.54
C PRO A 78 -18.13 -54.84 15.31
N ARG A 79 -18.24 -56.03 14.72
CA ARG A 79 -17.41 -56.39 13.57
C ARG A 79 -17.73 -55.63 12.28
N THR A 80 -16.71 -55.39 11.47
CA THR A 80 -16.88 -54.70 10.21
C THR A 80 -17.41 -55.72 9.20
N ARG A 81 -17.72 -55.26 7.99
CA ARG A 81 -18.24 -56.13 6.94
C ARG A 81 -17.36 -57.36 6.78
N PRO A 82 -17.95 -58.48 6.37
CA PRO A 82 -17.16 -59.71 6.20
C PRO A 82 -15.94 -59.52 5.30
N ASP A 83 -16.03 -58.64 4.31
CA ASP A 83 -14.93 -58.40 3.40
C ASP A 83 -13.84 -57.46 3.91
N LEU A 84 -13.95 -57.00 5.16
CA LEU A 84 -12.96 -56.10 5.75
C LEU A 84 -12.42 -56.70 7.04
N PRO A 85 -11.15 -56.40 7.37
CA PRO A 85 -10.59 -56.93 8.61
C PRO A 85 -11.35 -56.25 9.75
N ASN A 86 -11.45 -56.92 10.90
CA ASN A 86 -12.12 -56.32 12.04
C ASN A 86 -11.11 -55.44 12.80
N HIS A 87 -11.60 -54.63 13.74
CA HIS A 87 -10.72 -53.74 14.50
C HIS A 87 -9.91 -54.37 15.63
N GLU A 88 -10.50 -55.37 16.30
CA GLU A 88 -9.82 -56.02 17.41
C GLU A 88 -8.42 -56.51 17.03
N PRO A 89 -7.48 -56.45 17.98
CA PRO A 89 -7.70 -55.95 19.34
C PRO A 89 -7.33 -54.49 19.60
N ARG A 90 -6.78 -53.81 18.60
CA ARG A 90 -6.32 -52.43 18.79
C ARG A 90 -5.28 -52.44 19.92
N GLY A 91 -5.07 -51.30 20.57
CA GLY A 91 -4.09 -51.22 21.64
C GLY A 91 -2.72 -50.78 21.13
N CYS A 92 -1.77 -50.61 22.04
CA CYS A 92 -0.40 -50.21 21.72
C CYS A 92 0.45 -50.42 22.97
N PRO A 93 1.79 -50.34 22.84
CA PRO A 93 2.65 -50.54 24.01
C PRO A 93 2.51 -49.52 25.12
N ARG A 94 2.21 -48.26 24.77
CA ARG A 94 2.05 -47.23 25.80
C ARG A 94 0.82 -47.54 26.63
N GLY A 95 -0.31 -47.73 25.97
CA GLY A 95 -1.54 -48.02 26.68
C GLY A 95 -1.43 -49.27 27.55
N ALA A 96 -0.69 -50.26 27.08
CA ALA A 96 -0.51 -51.49 27.84
C ALA A 96 0.21 -51.22 29.15
N SER A 97 0.94 -50.11 29.22
CA SER A 97 1.69 -49.80 30.43
C SER A 97 1.01 -48.80 31.37
N TYR A 98 -0.19 -48.34 31.03
CA TYR A 98 -0.85 -47.36 31.88
C TYR A 98 -1.02 -47.76 33.34
N SER A 99 -1.39 -49.01 33.58
CA SER A 99 -1.58 -49.48 34.96
C SER A 99 -0.41 -49.11 35.88
N TRP A 100 0.79 -48.99 35.31
CA TRP A 100 1.98 -48.63 36.08
C TRP A 100 1.77 -47.32 36.86
N TYR A 101 1.09 -46.37 36.24
CA TYR A 101 0.82 -45.07 36.85
C TYR A 101 -0.03 -45.04 38.12
N LEU A 102 -0.98 -45.96 38.24
CA LEU A 102 -1.87 -45.96 39.40
C LEU A 102 -1.25 -45.90 40.80
N TYR A 103 -0.22 -46.70 41.05
CA TYR A 103 0.40 -46.70 42.37
C TYR A 103 1.90 -46.43 42.30
N SER A 104 2.32 -45.80 41.20
CA SER A 104 3.73 -45.48 40.97
C SER A 104 4.27 -44.43 41.92
N ALA A 105 5.60 -44.30 41.95
CA ALA A 105 6.25 -43.33 42.82
C ALA A 105 6.08 -41.91 42.32
N ASN A 106 5.51 -41.73 41.13
CA ASN A 106 5.31 -40.37 40.61
C ASN A 106 3.85 -39.95 40.68
N ARG A 107 3.02 -40.76 41.34
CA ARG A 107 1.59 -40.45 41.45
C ARG A 107 1.33 -39.25 42.36
N LEU A 108 0.38 -38.41 41.95
CA LEU A 108 -0.01 -37.25 42.75
C LEU A 108 -1.12 -37.75 43.68
N LYS A 109 -0.86 -37.68 44.97
CA LYS A 109 -1.83 -38.17 45.93
C LYS A 109 -2.63 -37.10 46.67
N TYR A 110 -2.05 -35.92 46.84
CA TYR A 110 -2.74 -34.87 47.57
C TYR A 110 -2.58 -33.49 46.95
N PRO A 111 -3.49 -32.57 47.28
CA PRO A 111 -3.35 -31.22 46.71
C PRO A 111 -2.04 -30.69 47.24
N MET A 112 -1.26 -30.04 46.37
CA MET A 112 0.04 -29.49 46.76
C MET A 112 0.08 -27.99 46.50
N MET A 113 0.84 -27.27 47.32
CA MET A 113 0.99 -25.82 47.14
C MET A 113 2.44 -25.43 47.38
N ARG A 114 2.89 -24.38 46.71
CA ARG A 114 4.27 -23.93 46.89
C ARG A 114 4.38 -23.45 48.34
N LYS A 115 5.43 -23.89 49.03
CA LYS A 115 5.63 -23.53 50.43
C LYS A 115 5.52 -22.03 50.70
N ARG A 116 6.29 -21.23 49.96
CA ARG A 116 6.25 -19.79 50.16
C ARG A 116 4.84 -19.22 49.98
N LEU A 117 4.12 -19.72 48.97
CA LEU A 117 2.76 -19.23 48.72
C LEU A 117 1.82 -19.60 49.85
N MET A 118 1.98 -20.81 50.39
CA MET A 118 1.13 -21.25 51.49
C MET A 118 1.40 -20.42 52.75
N LYS A 119 2.68 -20.11 52.99
CA LYS A 119 3.07 -19.31 54.14
C LYS A 119 2.37 -17.96 54.08
N MET A 120 2.50 -17.27 52.95
CA MET A 120 1.89 -15.96 52.77
C MET A 120 0.36 -16.05 52.79
N TRP A 121 -0.18 -17.09 52.17
CA TRP A 121 -1.63 -17.27 52.14
C TRP A 121 -2.19 -17.38 53.55
N ARG A 122 -1.53 -18.14 54.40
CA ARG A 122 -1.99 -18.33 55.77
C ARG A 122 -1.75 -17.09 56.63
N GLU A 123 -0.64 -16.40 56.42
CA GLU A 123 -0.38 -15.18 57.19
C GLU A 123 -1.44 -14.15 56.79
N ALA A 124 -1.68 -14.01 55.49
CA ALA A 124 -2.67 -13.08 54.99
C ALA A 124 -4.06 -13.39 55.53
N LYS A 125 -4.41 -14.68 55.54
CA LYS A 125 -5.72 -15.11 56.03
C LYS A 125 -5.94 -14.72 57.48
N ALA A 126 -4.86 -14.67 58.26
CA ALA A 126 -4.96 -14.30 59.67
C ALA A 126 -5.22 -12.80 59.79
N LEU A 127 -4.91 -12.07 58.72
CA LEU A 127 -5.11 -10.62 58.68
C LEU A 127 -6.44 -10.24 58.07
N HIS A 128 -6.89 -11.01 57.09
CA HIS A 128 -8.14 -10.73 56.40
C HIS A 128 -9.03 -11.97 56.38
N SER A 129 -10.21 -11.88 56.97
CA SER A 129 -11.12 -13.00 57.01
C SER A 129 -11.75 -13.28 55.64
N ASP A 130 -11.74 -12.26 54.77
CA ASP A 130 -12.28 -12.40 53.42
C ASP A 130 -11.13 -12.84 52.54
N PRO A 131 -11.22 -14.05 51.95
CA PRO A 131 -10.16 -14.56 51.09
C PRO A 131 -9.79 -13.65 49.92
N VAL A 132 -10.76 -12.92 49.39
CA VAL A 132 -10.49 -12.02 48.27
C VAL A 132 -9.53 -10.92 48.75
N GLU A 133 -9.80 -10.39 49.94
CA GLU A 133 -8.96 -9.36 50.53
C GLU A 133 -7.59 -9.98 50.81
N ALA A 134 -7.62 -11.21 51.31
CA ALA A 134 -6.40 -11.95 51.63
C ALA A 134 -5.51 -12.02 50.39
N TRP A 135 -6.08 -12.47 49.28
CA TRP A 135 -5.33 -12.58 48.04
C TRP A 135 -4.79 -11.21 47.62
N ALA A 136 -5.65 -10.20 47.70
CA ALA A 136 -5.28 -8.84 47.33
C ALA A 136 -4.01 -8.39 48.07
N SER A 137 -3.99 -8.55 49.38
CA SER A 137 -2.84 -8.14 50.18
C SER A 137 -1.55 -8.81 49.73
N ILE A 138 -1.65 -9.97 49.07
CA ILE A 138 -0.47 -10.69 48.61
C ILE A 138 -0.04 -10.28 47.21
N ILE A 139 -0.95 -10.38 46.26
CA ILE A 139 -0.64 -10.07 44.87
C ILE A 139 -0.40 -8.60 44.55
N GLU A 140 -0.80 -7.70 45.45
CA GLU A 140 -0.58 -6.28 45.23
C GLU A 140 0.75 -5.83 45.83
N ASP A 141 1.44 -6.76 46.48
CA ASP A 141 2.74 -6.49 47.09
C ASP A 141 3.80 -7.05 46.16
N ALA A 142 4.49 -6.16 45.46
CA ALA A 142 5.53 -6.57 44.51
C ALA A 142 6.50 -7.62 45.06
N ASP A 143 6.94 -7.42 46.31
CA ASP A 143 7.89 -8.35 46.93
C ASP A 143 7.31 -9.73 47.24
N LYS A 144 6.08 -9.74 47.77
CA LYS A 144 5.44 -11.01 48.09
C LYS A 144 5.19 -11.78 46.80
N ALA A 145 4.62 -11.11 45.82
CA ALA A 145 4.32 -11.71 44.53
C ALA A 145 5.57 -12.33 43.91
N LYS A 146 6.61 -11.51 43.75
CA LYS A 146 7.87 -11.97 43.16
C LYS A 146 8.41 -13.16 43.93
N SER A 147 8.13 -13.17 45.23
CA SER A 147 8.61 -14.21 46.12
C SER A 147 8.25 -15.64 45.72
N PHE A 148 6.96 -15.90 45.49
CA PHE A 148 6.54 -17.25 45.14
C PHE A 148 6.61 -17.52 43.64
N LYS A 149 6.69 -16.48 42.82
CA LYS A 149 6.78 -16.67 41.38
C LYS A 149 8.18 -17.14 41.00
N GLN A 150 9.18 -16.69 41.74
CA GLN A 150 10.56 -17.09 41.45
C GLN A 150 10.83 -18.47 42.00
N ALA A 151 9.90 -18.98 42.81
CA ALA A 151 10.05 -20.31 43.39
C ALA A 151 9.52 -21.37 42.43
N ARG A 152 8.99 -20.92 41.29
CA ARG A 152 8.44 -21.83 40.29
C ARG A 152 9.52 -22.69 39.66
N GLY A 153 9.34 -24.01 39.78
CA GLY A 153 10.31 -24.94 39.23
C GLY A 153 11.54 -25.07 40.11
N ARG A 154 11.42 -24.66 41.36
CA ARG A 154 12.55 -24.71 42.29
C ARG A 154 12.28 -25.42 43.62
N GLY A 155 11.51 -26.50 43.55
CA GLY A 155 11.20 -27.27 44.74
C GLY A 155 10.35 -26.55 45.76
N GLY A 156 10.15 -27.18 46.91
CA GLY A 156 9.38 -26.56 47.97
C GLY A 156 7.88 -26.85 48.01
N PHE A 157 7.42 -27.90 47.35
CA PHE A 157 6.00 -28.22 47.37
C PHE A 157 5.60 -28.80 48.72
N VAL A 158 4.45 -28.39 49.22
CA VAL A 158 3.96 -28.86 50.51
C VAL A 158 2.52 -29.34 50.38
N ARG A 159 2.17 -30.35 51.16
CA ARG A 159 0.82 -30.89 51.14
C ARG A 159 -0.18 -29.90 51.70
N SER A 160 -1.25 -29.66 50.96
CA SER A 160 -2.31 -28.75 51.37
C SER A 160 -3.57 -29.61 51.52
N SER A 161 -4.74 -28.99 51.33
CA SER A 161 -6.00 -29.71 51.44
C SER A 161 -6.96 -29.15 50.40
N TRP A 162 -7.98 -29.90 50.03
CA TRP A 162 -8.93 -29.42 49.04
C TRP A 162 -9.56 -28.10 49.47
N GLN A 163 -10.00 -28.04 50.71
CA GLN A 163 -10.63 -26.83 51.23
C GLN A 163 -9.72 -25.60 51.09
N GLU A 164 -8.43 -25.78 51.40
CA GLU A 164 -7.51 -24.66 51.32
C GLU A 164 -7.24 -24.19 49.90
N VAL A 165 -6.95 -25.13 48.99
CA VAL A 165 -6.68 -24.74 47.60
C VAL A 165 -7.93 -24.23 46.89
N ASN A 166 -9.10 -24.78 47.23
CA ASN A 166 -10.33 -24.32 46.58
C ASN A 166 -10.66 -22.88 46.95
N GLU A 167 -10.39 -22.50 48.19
CA GLU A 167 -10.67 -21.13 48.64
C GLU A 167 -9.70 -20.18 47.96
N LEU A 168 -8.41 -20.52 47.98
CA LEU A 168 -7.40 -19.68 47.37
C LEU A 168 -7.68 -19.49 45.88
N ILE A 169 -7.92 -20.60 45.18
CA ILE A 169 -8.18 -20.53 43.75
C ILE A 169 -9.41 -19.66 43.48
N ALA A 170 -10.48 -19.88 44.24
CA ALA A 170 -11.70 -19.12 44.07
C ALA A 170 -11.48 -17.63 44.34
N ALA A 171 -10.78 -17.32 45.42
CA ALA A 171 -10.51 -15.93 45.79
C ALA A 171 -9.71 -15.23 44.70
N SER A 172 -8.72 -15.93 44.17
CA SER A 172 -7.90 -15.36 43.10
C SER A 172 -8.77 -15.05 41.88
N ASN A 173 -9.64 -16.00 41.51
CA ASN A 173 -10.53 -15.81 40.37
C ASN A 173 -11.40 -14.57 40.57
N VAL A 174 -12.03 -14.45 41.74
CA VAL A 174 -12.90 -13.32 42.03
C VAL A 174 -12.13 -12.00 41.94
N TYR A 175 -10.97 -11.97 42.59
CA TYR A 175 -10.12 -10.78 42.58
C TYR A 175 -9.76 -10.36 41.16
N THR A 176 -9.41 -11.33 40.32
CA THR A 176 -9.01 -11.04 38.95
C THR A 176 -10.18 -10.55 38.09
N ILE A 177 -11.33 -11.20 38.23
CA ILE A 177 -12.51 -10.82 37.45
C ILE A 177 -12.95 -9.41 37.82
N LYS A 178 -12.93 -9.14 39.12
CA LYS A 178 -13.36 -7.87 39.69
C LYS A 178 -12.47 -6.67 39.36
N ASN A 179 -11.16 -6.85 39.49
CA ASN A 179 -10.24 -5.75 39.24
C ASN A 179 -9.70 -5.63 37.83
N TYR A 180 -9.62 -6.73 37.10
CA TYR A 180 -9.08 -6.68 35.74
C TYR A 180 -10.09 -7.10 34.69
N GLY A 181 -10.85 -8.15 34.98
CA GLY A 181 -11.84 -8.61 34.04
C GLY A 181 -11.90 -10.13 33.93
N PRO A 182 -13.04 -10.67 33.51
CA PRO A 182 -13.22 -12.12 33.37
C PRO A 182 -12.20 -12.75 32.44
N ASP A 183 -11.92 -12.08 31.33
CA ASP A 183 -10.98 -12.59 30.34
C ASP A 183 -9.51 -12.50 30.72
N ARG A 184 -9.23 -12.24 32.00
CA ARG A 184 -7.85 -12.21 32.49
C ARG A 184 -7.65 -13.55 33.20
N VAL A 185 -8.69 -14.36 33.18
CA VAL A 185 -8.68 -15.70 33.75
C VAL A 185 -8.74 -16.61 32.52
N ALA A 186 -7.94 -17.65 32.49
CA ALA A 186 -7.95 -18.53 31.33
C ALA A 186 -7.67 -20.00 31.68
N GLY A 187 -7.96 -20.86 30.72
CA GLY A 187 -7.72 -22.27 30.91
C GLY A 187 -7.26 -22.92 29.62
N PHE A 188 -6.33 -23.86 29.74
CA PHE A 188 -5.84 -24.57 28.57
C PHE A 188 -6.03 -26.07 28.77
N SER A 189 -6.75 -26.68 27.84
CA SER A 189 -7.02 -28.12 27.84
C SER A 189 -7.31 -28.45 26.38
N PRO A 190 -6.67 -29.51 25.85
CA PRO A 190 -6.86 -29.89 24.46
C PRO A 190 -7.71 -31.14 24.21
N ILE A 191 -7.75 -31.52 22.93
CA ILE A 191 -8.43 -32.72 22.45
C ILE A 191 -9.57 -33.21 23.35
N PRO A 192 -10.77 -32.59 23.24
CA PRO A 192 -11.88 -33.04 24.09
C PRO A 192 -12.38 -34.44 23.75
N ALA A 193 -12.10 -34.91 22.54
CA ALA A 193 -12.54 -36.23 22.11
C ALA A 193 -11.98 -37.40 22.92
N MET A 194 -10.82 -37.21 23.54
CA MET A 194 -10.21 -38.29 24.31
C MET A 194 -10.84 -38.49 25.69
N SER A 195 -11.59 -37.48 26.15
CA SER A 195 -12.30 -37.53 27.43
C SER A 195 -13.16 -36.28 27.53
N MET A 196 -14.29 -36.35 26.83
CA MET A 196 -15.27 -35.27 26.70
C MET A 196 -15.72 -34.51 27.93
N VAL A 197 -16.18 -35.23 28.95
CA VAL A 197 -16.65 -34.58 30.15
C VAL A 197 -15.52 -33.97 30.94
N SER A 198 -14.36 -34.63 30.93
CA SER A 198 -13.20 -34.12 31.64
C SER A 198 -12.76 -32.79 31.04
N TYR A 199 -12.87 -32.64 29.72
CA TYR A 199 -12.52 -31.38 29.07
C TYR A 199 -13.58 -30.35 29.46
N ALA A 200 -14.84 -30.73 29.30
CA ALA A 200 -15.97 -29.86 29.59
C ALA A 200 -16.00 -29.31 31.02
N SER A 201 -15.52 -30.08 32.00
CA SER A 201 -15.54 -29.64 33.40
C SER A 201 -14.97 -28.23 33.58
N GLY A 202 -13.71 -28.05 33.23
CA GLY A 202 -13.08 -26.75 33.36
C GLY A 202 -13.60 -25.72 32.37
N ALA A 203 -13.84 -26.14 31.14
CA ALA A 203 -14.34 -25.23 30.11
C ALA A 203 -15.69 -24.63 30.49
N ARG A 204 -16.52 -25.44 31.14
CA ARG A 204 -17.85 -25.00 31.56
C ARG A 204 -17.74 -23.99 32.71
N TYR A 205 -16.81 -24.22 33.62
CA TYR A 205 -16.61 -23.30 34.74
C TYR A 205 -16.16 -21.95 34.20
N LEU A 206 -15.13 -21.96 33.36
CA LEU A 206 -14.58 -20.75 32.75
C LEU A 206 -15.59 -19.98 31.89
N SER A 207 -16.34 -20.71 31.07
CA SER A 207 -17.31 -20.07 30.20
C SER A 207 -18.41 -19.38 31.01
N LEU A 208 -18.79 -19.97 32.13
CA LEU A 208 -19.83 -19.40 32.98
C LEU A 208 -19.37 -18.08 33.61
N ILE A 209 -18.12 -18.02 34.04
CA ILE A 209 -17.60 -16.83 34.68
C ILE A 209 -17.02 -15.82 33.67
N GLY A 210 -16.93 -16.24 32.41
CA GLY A 210 -16.41 -15.35 31.38
C GLY A 210 -14.94 -15.47 31.08
N GLY A 211 -14.29 -16.52 31.60
CA GLY A 211 -12.88 -16.72 31.36
C GLY A 211 -12.60 -17.15 29.93
N THR A 212 -11.34 -17.16 29.55
CA THR A 212 -10.94 -17.52 28.19
C THR A 212 -10.67 -19.03 27.98
N CYS A 213 -11.24 -19.59 26.93
CA CYS A 213 -11.01 -21.00 26.59
C CYS A 213 -10.09 -20.99 25.39
N LEU A 214 -8.86 -21.49 25.59
CA LEU A 214 -7.84 -21.52 24.55
C LEU A 214 -7.92 -22.73 23.61
N SER A 215 -7.60 -22.50 22.34
CA SER A 215 -7.66 -23.57 21.33
C SER A 215 -6.42 -24.46 21.38
N PHE A 216 -6.41 -25.52 20.59
CA PHE A 216 -5.29 -26.46 20.60
C PHE A 216 -4.89 -26.99 19.22
N TYR A 217 -5.88 -27.21 18.36
CA TYR A 217 -5.63 -27.77 17.03
C TYR A 217 -4.65 -26.94 16.20
N ASP A 218 -4.84 -25.61 16.20
CA ASP A 218 -3.96 -24.71 15.45
C ASP A 218 -2.64 -24.54 16.19
N TRP A 219 -2.72 -24.35 17.50
CA TRP A 219 -1.58 -24.19 18.37
C TRP A 219 -0.58 -25.34 18.23
N TYR A 220 -1.10 -26.57 18.16
CA TYR A 220 -0.26 -27.76 18.04
C TYR A 220 0.18 -28.01 16.61
N CYS A 221 -0.36 -27.24 15.68
CA CYS A 221 -0.02 -27.36 14.28
C CYS A 221 -0.54 -28.65 13.63
N ASP A 222 -1.65 -29.18 14.14
CA ASP A 222 -2.27 -30.37 13.58
C ASP A 222 -3.35 -29.88 12.59
N LEU A 223 -3.83 -28.66 12.81
CA LEU A 223 -4.79 -28.08 11.89
C LEU A 223 -4.04 -27.83 10.59
N PRO A 224 -4.57 -28.32 9.46
CA PRO A 224 -3.88 -28.05 8.21
C PRO A 224 -4.69 -26.93 7.53
N PRO A 225 -4.18 -25.69 7.57
CA PRO A 225 -4.88 -24.56 6.96
C PRO A 225 -5.36 -24.82 5.54
N ALA A 226 -4.70 -25.76 4.86
CA ALA A 226 -5.06 -26.12 3.50
C ALA A 226 -6.46 -26.74 3.44
N SER A 227 -6.91 -27.32 4.56
CA SER A 227 -8.23 -27.94 4.60
C SER A 227 -9.31 -26.85 4.57
N PRO A 228 -9.23 -25.88 5.48
CA PRO A 228 -10.25 -24.82 5.45
C PRO A 228 -10.19 -24.09 4.10
N GLN A 229 -8.97 -23.89 3.62
CA GLN A 229 -8.76 -23.20 2.35
C GLN A 229 -9.38 -23.92 1.17
N THR A 230 -9.26 -25.24 1.15
CA THR A 230 -9.79 -26.03 0.04
C THR A 230 -11.23 -26.51 0.20
N TRP A 231 -11.63 -26.83 1.43
CA TRP A 231 -12.96 -27.39 1.64
C TRP A 231 -13.87 -26.67 2.61
N GLY A 232 -13.37 -25.64 3.30
CA GLY A 232 -14.20 -24.93 4.26
C GLY A 232 -14.53 -25.82 5.46
N GLU A 233 -13.67 -26.80 5.72
CA GLU A 233 -13.84 -27.74 6.83
C GLU A 233 -12.57 -27.87 7.66
N GLN A 234 -12.72 -27.95 8.98
CA GLN A 234 -11.59 -28.07 9.88
C GLN A 234 -10.72 -29.29 9.55
N THR A 235 -11.37 -30.45 9.48
CA THR A 235 -10.71 -31.72 9.16
C THR A 235 -11.74 -32.84 9.17
N ASP A 236 -11.86 -33.54 8.06
CA ASP A 236 -12.79 -34.65 7.93
C ASP A 236 -12.02 -35.64 7.07
N VAL A 237 -11.74 -36.83 7.62
CA VAL A 237 -10.96 -37.83 6.89
C VAL A 237 -11.56 -39.22 6.95
N PRO A 238 -11.12 -40.12 6.05
CA PRO A 238 -11.64 -41.49 6.02
C PRO A 238 -11.25 -42.22 7.31
N GLU A 239 -12.01 -43.24 7.69
CA GLU A 239 -11.68 -44.02 8.88
C GLU A 239 -10.62 -45.00 8.41
N SER A 240 -9.84 -45.57 9.33
CA SER A 240 -8.78 -46.51 8.94
C SER A 240 -9.27 -47.73 8.15
N ALA A 241 -10.46 -48.25 8.49
CA ALA A 241 -10.97 -49.40 7.76
C ALA A 241 -11.14 -49.06 6.28
N ASP A 242 -11.28 -47.78 5.98
CA ASP A 242 -11.44 -47.38 4.58
C ASP A 242 -10.12 -47.50 3.81
N TRP A 243 -8.99 -47.59 4.50
CA TRP A 243 -7.72 -47.75 3.78
C TRP A 243 -7.80 -49.10 3.07
N TYR A 244 -8.56 -50.03 3.65
CA TYR A 244 -8.67 -51.36 3.07
C TYR A 244 -9.42 -51.36 1.75
N ASN A 245 -10.18 -50.31 1.49
CA ASN A 245 -10.94 -50.19 0.25
C ASN A 245 -10.10 -49.55 -0.84
N SER A 246 -8.88 -49.14 -0.48
CA SER A 246 -7.98 -48.49 -1.42
C SER A 246 -7.09 -49.49 -2.16
N SER A 247 -6.75 -49.20 -3.41
CA SER A 247 -5.88 -50.10 -4.16
C SER A 247 -4.49 -49.49 -4.43
N TYR A 248 -4.27 -48.27 -3.97
CA TYR A 248 -2.97 -47.62 -4.13
C TYR A 248 -2.82 -46.59 -3.03
N ILE A 249 -1.82 -46.79 -2.17
CA ILE A 249 -1.60 -45.90 -1.04
C ILE A 249 -0.17 -45.38 -0.90
N ILE A 250 -0.05 -44.08 -0.63
CA ILE A 250 1.25 -43.47 -0.40
C ILE A 250 1.21 -42.94 1.02
N ALA A 251 2.16 -43.39 1.84
CA ALA A 251 2.28 -42.92 3.22
C ALA A 251 3.33 -41.82 3.12
N TRP A 252 2.86 -40.58 3.21
CA TRP A 252 3.70 -39.40 3.06
C TRP A 252 3.92 -38.63 4.36
N GLY A 253 5.10 -38.80 4.96
CA GLY A 253 5.37 -38.09 6.19
C GLY A 253 4.44 -38.54 7.31
N SER A 254 4.10 -39.82 7.29
CA SER A 254 3.22 -40.41 8.30
C SER A 254 3.81 -41.77 8.68
N ASN A 255 4.30 -41.87 9.92
CA ASN A 255 4.93 -43.12 10.39
C ASN A 255 3.89 -44.08 10.95
N VAL A 256 2.98 -44.51 10.09
CA VAL A 256 1.88 -45.41 10.46
C VAL A 256 2.09 -46.46 11.54
N PRO A 257 3.11 -47.34 11.40
CA PRO A 257 3.30 -48.36 12.45
C PRO A 257 3.61 -47.84 13.84
N GLN A 258 4.25 -46.68 13.90
CA GLN A 258 4.64 -46.09 15.18
C GLN A 258 3.64 -45.08 15.74
N THR A 259 3.08 -44.24 14.88
CA THR A 259 2.14 -43.22 15.32
C THR A 259 0.66 -43.53 15.06
N ARG A 260 0.38 -44.71 14.50
CA ARG A 260 -0.99 -45.12 14.21
C ARG A 260 -1.10 -46.62 14.50
N THR A 261 -0.35 -47.06 15.50
CA THR A 261 -0.24 -48.46 15.90
C THR A 261 -1.49 -49.35 15.89
N PRO A 262 -2.55 -48.98 16.64
CA PRO A 262 -3.74 -49.83 16.65
C PRO A 262 -4.44 -49.99 15.31
N ASP A 263 -4.11 -49.14 14.35
CA ASP A 263 -4.74 -49.20 13.05
C ASP A 263 -3.81 -49.73 11.97
N ALA A 264 -2.53 -49.82 12.29
CA ALA A 264 -1.54 -50.27 11.32
C ALA A 264 -1.89 -51.56 10.57
N HIS A 265 -2.61 -52.48 11.20
CA HIS A 265 -2.94 -53.73 10.53
C HIS A 265 -3.76 -53.54 9.24
N PHE A 266 -4.60 -52.51 9.20
CA PHE A 266 -5.39 -52.28 7.99
C PHE A 266 -4.45 -52.00 6.81
N PHE A 267 -3.33 -51.36 7.12
CA PHE A 267 -2.33 -51.03 6.11
C PHE A 267 -1.54 -52.26 5.71
N THR A 268 -1.08 -53.05 6.70
CA THR A 268 -0.31 -54.24 6.37
C THR A 268 -1.16 -55.31 5.67
N GLU A 269 -2.41 -55.43 6.07
CA GLU A 269 -3.31 -56.43 5.50
C GLU A 269 -3.80 -56.10 4.08
N VAL A 270 -4.06 -54.82 3.79
CA VAL A 270 -4.56 -54.46 2.48
C VAL A 270 -3.55 -54.79 1.38
N ARG A 271 -2.28 -54.92 1.75
CA ARG A 271 -1.23 -55.28 0.81
C ARG A 271 -1.52 -56.66 0.23
N TYR A 272 -2.13 -57.53 1.04
CA TYR A 272 -2.47 -58.88 0.61
C TYR A 272 -3.65 -58.91 -0.35
N LYS A 273 -4.35 -57.79 -0.42
CA LYS A 273 -5.48 -57.66 -1.33
C LYS A 273 -4.97 -57.14 -2.68
N GLY A 274 -3.64 -56.96 -2.78
CA GLY A 274 -3.05 -56.50 -4.03
C GLY A 274 -2.72 -55.02 -4.08
N THR A 275 -2.98 -54.31 -2.99
CA THR A 275 -2.73 -52.88 -2.93
C THR A 275 -1.24 -52.55 -2.84
N LYS A 276 -0.79 -51.63 -3.70
CA LYS A 276 0.61 -51.23 -3.68
C LYS A 276 0.76 -50.07 -2.71
N THR A 277 1.85 -50.08 -1.94
CA THR A 277 2.07 -49.02 -0.97
C THR A 277 3.44 -48.38 -1.18
N VAL A 278 3.51 -47.07 -0.94
CA VAL A 278 4.75 -46.32 -1.10
C VAL A 278 4.99 -45.48 0.14
N ALA A 279 6.22 -45.48 0.63
CA ALA A 279 6.58 -44.69 1.79
C ALA A 279 7.49 -43.54 1.37
N VAL A 280 7.15 -42.33 1.82
CA VAL A 280 7.95 -41.15 1.48
C VAL A 280 8.46 -40.49 2.75
N THR A 281 9.69 -40.79 3.12
CA THR A 281 10.31 -40.20 4.31
C THR A 281 11.81 -40.05 4.03
N PRO A 282 12.44 -39.00 4.56
CA PRO A 282 13.87 -38.76 4.35
C PRO A 282 14.75 -39.82 5.02
N ASP A 283 14.29 -40.35 6.13
CA ASP A 283 15.04 -41.38 6.87
C ASP A 283 14.36 -42.71 6.62
N TYR A 284 15.04 -43.81 6.97
CA TYR A 284 14.41 -45.12 6.82
C TYR A 284 13.60 -45.22 8.09
N ALA A 285 12.33 -44.87 8.01
CA ALA A 285 11.42 -44.90 9.15
C ALA A 285 10.71 -46.25 9.26
N GLU A 286 10.02 -46.48 10.36
CA GLU A 286 9.32 -47.75 10.54
C GLU A 286 8.32 -48.00 9.42
N ILE A 287 7.74 -46.94 8.88
CA ILE A 287 6.77 -47.07 7.80
C ILE A 287 7.40 -47.68 6.53
N ALA A 288 8.66 -47.38 6.28
CA ALA A 288 9.36 -47.93 5.12
C ALA A 288 9.32 -49.46 5.13
N LYS A 289 9.54 -50.04 6.30
CA LYS A 289 9.53 -51.48 6.47
C LYS A 289 8.29 -52.15 5.89
N LEU A 290 7.17 -51.43 5.91
CA LEU A 290 5.91 -51.97 5.41
C LEU A 290 5.56 -51.72 3.95
N CYS A 291 6.37 -50.94 3.24
CA CYS A 291 6.02 -50.61 1.86
C CYS A 291 6.76 -51.33 0.74
N ASP A 292 6.23 -51.17 -0.47
CA ASP A 292 6.81 -51.78 -1.65
C ASP A 292 7.94 -50.92 -2.23
N LEU A 293 7.93 -49.63 -1.87
CA LEU A 293 8.93 -48.69 -2.36
C LEU A 293 9.22 -47.61 -1.34
N TRP A 294 10.48 -47.22 -1.23
CA TRP A 294 10.89 -46.16 -0.32
C TRP A 294 11.56 -45.02 -1.08
N LEU A 295 10.96 -43.83 -0.99
CA LEU A 295 11.52 -42.64 -1.64
C LEU A 295 11.96 -41.73 -0.51
N ALA A 296 13.17 -41.20 -0.60
CA ALA A 296 13.71 -40.35 0.46
C ALA A 296 14.07 -38.92 0.07
N PRO A 297 13.06 -38.05 -0.08
CA PRO A 297 13.35 -36.66 -0.44
C PRO A 297 13.98 -35.91 0.72
N LYS A 298 14.61 -34.78 0.41
CA LYS A 298 15.21 -33.93 1.44
C LYS A 298 14.02 -33.47 2.28
N GLN A 299 14.14 -33.54 3.60
CA GLN A 299 13.03 -33.11 4.44
C GLN A 299 12.65 -31.67 4.13
N GLY A 300 11.35 -31.38 4.19
CA GLY A 300 10.87 -30.03 3.94
C GLY A 300 10.67 -29.63 2.49
N THR A 301 11.03 -30.51 1.56
CA THR A 301 10.91 -30.18 0.14
C THR A 301 9.82 -30.99 -0.57
N ASP A 302 8.99 -31.66 0.22
CA ASP A 302 7.93 -32.50 -0.33
C ASP A 302 6.99 -31.84 -1.33
N ALA A 303 6.70 -30.55 -1.15
CA ALA A 303 5.80 -29.86 -2.07
C ALA A 303 6.36 -29.89 -3.50
N ALA A 304 7.68 -29.85 -3.62
CA ALA A 304 8.33 -29.88 -4.92
C ALA A 304 8.04 -31.19 -5.62
N MET A 305 8.11 -32.29 -4.88
CA MET A 305 7.86 -33.61 -5.46
C MET A 305 6.39 -33.71 -5.88
N ALA A 306 5.50 -33.20 -5.04
CA ALA A 306 4.06 -33.23 -5.31
C ALA A 306 3.70 -32.44 -6.57
N LEU A 307 4.39 -31.33 -6.77
CA LEU A 307 4.16 -30.48 -7.94
C LEU A 307 4.55 -31.20 -9.22
N ALA A 308 5.72 -31.82 -9.21
CA ALA A 308 6.19 -32.56 -10.37
C ALA A 308 5.28 -33.73 -10.67
N MET A 309 4.72 -34.35 -9.63
CA MET A 309 3.82 -35.49 -9.82
C MET A 309 2.50 -35.01 -10.43
N GLY A 310 2.01 -33.88 -9.95
CA GLY A 310 0.78 -33.33 -10.50
C GLY A 310 1.01 -32.94 -11.94
N HIS A 311 2.21 -32.43 -12.23
CA HIS A 311 2.56 -32.02 -13.59
C HIS A 311 2.39 -33.19 -14.54
N VAL A 312 2.93 -34.35 -14.16
CA VAL A 312 2.85 -35.55 -15.00
C VAL A 312 1.40 -36.02 -15.12
N MET A 313 0.64 -35.89 -14.04
CA MET A 313 -0.76 -36.31 -14.04
C MET A 313 -1.60 -35.47 -14.98
N LEU A 314 -1.36 -34.16 -14.97
CA LEU A 314 -2.12 -33.25 -15.82
C LEU A 314 -1.75 -33.49 -17.28
N ARG A 315 -0.47 -33.67 -17.54
CA ARG A 315 0.00 -33.91 -18.90
C ARG A 315 -0.58 -35.16 -19.54
N GLU A 316 -0.56 -36.27 -18.81
CA GLU A 316 -1.02 -37.53 -19.37
C GLU A 316 -2.47 -37.95 -19.17
N PHE A 317 -3.10 -37.49 -18.11
CA PHE A 317 -4.48 -37.90 -17.84
C PHE A 317 -5.56 -36.85 -18.05
N HIS A 318 -5.15 -35.61 -18.29
CA HIS A 318 -6.10 -34.52 -18.53
C HIS A 318 -5.90 -33.94 -19.92
N LEU A 319 -4.64 -33.76 -20.31
CA LEU A 319 -4.30 -33.18 -21.61
C LEU A 319 -4.10 -34.19 -22.73
N ASP A 320 -2.99 -34.92 -22.70
CA ASP A 320 -2.67 -35.90 -23.74
C ASP A 320 -3.70 -37.01 -23.95
N ASN A 321 -4.10 -37.70 -22.88
CA ASN A 321 -5.11 -38.76 -23.01
C ASN A 321 -6.18 -38.52 -21.96
N PRO A 322 -7.08 -37.57 -22.20
CA PRO A 322 -8.18 -37.19 -21.31
C PRO A 322 -8.95 -38.33 -20.66
N SER A 323 -8.94 -38.37 -19.33
CA SER A 323 -9.67 -39.38 -18.59
C SER A 323 -11.11 -38.95 -18.47
N GLN A 324 -12.04 -39.80 -18.90
CA GLN A 324 -13.44 -39.44 -18.81
C GLN A 324 -13.80 -39.14 -17.36
N TYR A 325 -13.42 -40.05 -16.47
CA TYR A 325 -13.71 -39.89 -15.05
C TYR A 325 -13.10 -38.62 -14.45
N PHE A 326 -11.80 -38.41 -14.66
CA PHE A 326 -11.13 -37.23 -14.11
C PHE A 326 -11.70 -35.90 -14.61
N THR A 327 -11.99 -35.83 -15.91
CA THR A 327 -12.52 -34.60 -16.50
C THR A 327 -13.87 -34.23 -15.92
N ASP A 328 -14.79 -35.19 -15.91
CA ASP A 328 -16.12 -34.95 -15.36
C ASP A 328 -16.01 -34.53 -13.90
N TYR A 329 -15.12 -35.20 -13.15
CA TYR A 329 -14.94 -34.90 -11.74
C TYR A 329 -14.51 -33.46 -11.46
N VAL A 330 -13.45 -33.00 -12.12
CA VAL A 330 -12.99 -31.63 -11.87
C VAL A 330 -13.97 -30.58 -12.36
N ARG A 331 -14.79 -30.93 -13.34
CA ARG A 331 -15.76 -29.97 -13.85
C ARG A 331 -16.90 -29.70 -12.86
N ARG A 332 -17.33 -30.74 -12.16
CA ARG A 332 -18.43 -30.60 -11.23
C ARG A 332 -18.05 -30.37 -9.78
N TYR A 333 -16.88 -30.84 -9.38
CA TYR A 333 -16.49 -30.71 -7.99
C TYR A 333 -15.37 -29.75 -7.61
N THR A 334 -14.82 -29.03 -8.60
CA THR A 334 -13.75 -28.05 -8.32
C THR A 334 -14.11 -26.68 -8.87
N ASP A 335 -13.32 -25.68 -8.50
CA ASP A 335 -13.56 -24.32 -8.97
C ASP A 335 -12.78 -24.04 -10.27
N MET A 336 -12.28 -25.10 -10.89
CA MET A 336 -11.52 -24.94 -12.13
C MET A 336 -12.28 -24.23 -13.25
N PRO A 337 -13.62 -24.40 -13.33
CA PRO A 337 -14.33 -23.70 -14.40
C PRO A 337 -14.60 -22.23 -14.07
N MET A 338 -14.35 -21.83 -12.83
CA MET A 338 -14.59 -20.46 -12.41
C MET A 338 -13.64 -19.44 -13.07
N LEU A 339 -14.17 -18.25 -13.33
CA LEU A 339 -13.41 -17.19 -13.98
C LEU A 339 -12.67 -16.25 -13.03
N VAL A 340 -11.44 -15.92 -13.39
CA VAL A 340 -10.60 -15.03 -12.59
C VAL A 340 -10.28 -13.75 -13.36
N MET A 341 -10.45 -12.61 -12.70
CA MET A 341 -10.17 -11.30 -13.32
C MET A 341 -8.68 -10.98 -13.26
N LEU A 342 -8.12 -10.55 -14.38
CA LEU A 342 -6.71 -10.19 -14.44
C LEU A 342 -6.52 -8.72 -14.09
N GLU A 343 -5.44 -8.42 -13.37
CA GLU A 343 -5.15 -7.05 -12.99
C GLU A 343 -4.03 -6.58 -13.91
N GLU A 344 -4.23 -5.44 -14.55
CA GLU A 344 -3.23 -4.92 -15.46
C GLU A 344 -2.04 -4.37 -14.70
N ARG A 345 -0.86 -4.87 -15.02
CA ARG A 345 0.37 -4.44 -14.38
C ARG A 345 1.31 -3.86 -15.45
N ASP A 346 2.58 -3.67 -15.10
CA ASP A 346 3.54 -3.09 -16.05
C ASP A 346 4.12 -4.10 -17.04
N GLY A 347 3.46 -4.25 -18.18
CA GLY A 347 3.94 -5.18 -19.20
C GLY A 347 3.24 -6.53 -19.18
N TYR A 348 2.68 -6.89 -18.03
CA TYR A 348 1.98 -8.16 -17.90
C TYR A 348 0.79 -8.04 -16.95
N TYR A 349 0.03 -9.12 -16.84
CA TYR A 349 -1.13 -9.14 -15.96
C TYR A 349 -0.90 -10.03 -14.76
N ALA A 350 -1.59 -9.73 -13.67
CA ALA A 350 -1.51 -10.52 -12.46
C ALA A 350 -2.93 -11.09 -12.24
N ALA A 351 -3.01 -12.33 -11.78
CA ALA A 351 -4.31 -12.94 -11.54
C ALA A 351 -4.90 -12.29 -10.30
N GLY A 352 -6.11 -11.75 -10.42
CA GLY A 352 -6.76 -11.09 -9.30
C GLY A 352 -7.87 -11.90 -8.66
N ARG A 353 -8.91 -11.23 -8.17
CA ARG A 353 -10.02 -11.93 -7.55
C ARG A 353 -10.91 -12.62 -8.57
N MET A 354 -11.73 -13.55 -8.11
CA MET A 354 -12.64 -14.27 -8.97
C MET A 354 -13.80 -13.38 -9.37
N LEU A 355 -14.25 -13.53 -10.60
CA LEU A 355 -15.36 -12.75 -11.13
C LEU A 355 -16.60 -13.09 -10.30
N ARG A 356 -17.42 -12.08 -10.03
CA ARG A 356 -18.66 -12.28 -9.26
C ARG A 356 -19.85 -11.86 -10.12
N ALA A 357 -21.02 -12.41 -9.83
CA ALA A 357 -22.21 -12.07 -10.59
C ALA A 357 -22.44 -10.55 -10.58
N ALA A 358 -22.12 -9.91 -9.47
CA ALA A 358 -22.32 -8.48 -9.33
C ALA A 358 -21.46 -7.63 -10.27
N ASP A 359 -20.46 -8.24 -10.89
CA ASP A 359 -19.59 -7.52 -11.81
C ASP A 359 -20.23 -7.30 -13.18
N LEU A 360 -21.22 -8.13 -13.51
CA LEU A 360 -21.88 -8.03 -14.80
C LEU A 360 -23.17 -7.22 -14.77
N VAL A 361 -23.66 -6.83 -15.94
CA VAL A 361 -24.89 -6.05 -16.04
C VAL A 361 -26.07 -6.88 -15.55
N ASP A 362 -26.89 -6.28 -14.72
CA ASP A 362 -28.06 -6.95 -14.16
C ASP A 362 -27.61 -8.08 -13.24
N ALA A 363 -26.36 -7.99 -12.78
CA ALA A 363 -25.77 -8.98 -11.88
C ALA A 363 -26.14 -10.41 -12.23
N LEU A 364 -26.23 -10.70 -13.53
CA LEU A 364 -26.56 -12.05 -13.98
C LEU A 364 -27.90 -12.52 -13.41
N GLY A 365 -28.75 -11.56 -13.04
CA GLY A 365 -30.06 -11.89 -12.50
C GLY A 365 -30.07 -12.37 -11.07
N GLN A 366 -29.00 -12.06 -10.32
CA GLN A 366 -28.91 -12.47 -8.93
C GLN A 366 -29.20 -11.30 -8.00
N GLU A 367 -30.36 -11.31 -7.37
CA GLU A 367 -30.72 -10.24 -6.45
C GLU A 367 -30.09 -10.45 -5.07
N ASN A 368 -29.91 -11.71 -4.69
CA ASN A 368 -29.33 -12.02 -3.38
C ASN A 368 -27.82 -12.29 -3.44
N ASN A 369 -27.08 -11.58 -2.60
CA ASN A 369 -25.63 -11.72 -2.50
C ASN A 369 -24.89 -11.91 -3.82
N PRO A 370 -25.20 -11.10 -4.85
CA PRO A 370 -24.52 -11.24 -6.14
C PRO A 370 -22.99 -11.08 -6.07
N GLU A 371 -22.52 -10.43 -5.02
CA GLU A 371 -21.09 -10.20 -4.84
C GLU A 371 -20.37 -11.43 -4.27
N TRP A 372 -21.15 -12.44 -3.87
CA TRP A 372 -20.57 -13.67 -3.32
C TRP A 372 -20.91 -14.90 -4.14
N LYS A 373 -21.14 -14.72 -5.44
CA LYS A 373 -21.45 -15.83 -6.32
C LYS A 373 -20.48 -15.85 -7.49
N THR A 374 -19.70 -16.92 -7.60
CA THR A 374 -18.71 -17.02 -8.67
C THR A 374 -19.35 -17.28 -10.03
N VAL A 375 -18.56 -17.08 -11.09
CA VAL A 375 -19.07 -17.22 -12.45
C VAL A 375 -18.22 -18.10 -13.35
N ALA A 376 -18.89 -18.75 -14.30
CA ALA A 376 -18.21 -19.61 -15.25
C ALA A 376 -18.95 -19.53 -16.58
N PHE A 377 -18.34 -20.07 -17.62
CA PHE A 377 -18.95 -20.11 -18.94
C PHE A 377 -19.54 -21.51 -19.09
N ASN A 378 -20.75 -21.62 -19.63
CA ASN A 378 -21.30 -22.94 -19.84
C ASN A 378 -20.62 -23.42 -21.12
N THR A 379 -20.98 -24.60 -21.60
CA THR A 379 -20.36 -25.14 -22.79
C THR A 379 -20.82 -24.47 -24.09
N ASN A 380 -21.68 -23.46 -23.98
CA ASN A 380 -22.18 -22.73 -25.15
C ASN A 380 -21.67 -21.29 -25.17
N GLY A 381 -20.65 -21.01 -24.37
CA GLY A 381 -20.08 -19.67 -24.33
C GLY A 381 -20.88 -18.63 -23.55
N GLU A 382 -21.93 -19.06 -22.87
CA GLU A 382 -22.75 -18.14 -22.10
C GLU A 382 -22.30 -18.12 -20.65
N MET A 383 -22.40 -16.95 -20.01
CA MET A 383 -22.01 -16.84 -18.62
C MET A 383 -23.13 -17.25 -17.69
N VAL A 384 -22.76 -17.93 -16.61
CA VAL A 384 -23.74 -18.38 -15.64
C VAL A 384 -23.16 -18.42 -14.25
N ALA A 385 -24.01 -18.17 -13.27
CA ALA A 385 -23.62 -18.23 -11.87
C ALA A 385 -24.15 -19.60 -11.47
N PRO A 386 -23.27 -20.61 -11.38
CA PRO A 386 -23.65 -21.97 -11.01
C PRO A 386 -24.22 -22.09 -9.60
N ASN A 387 -25.08 -23.08 -9.39
CA ASN A 387 -25.64 -23.34 -8.06
C ASN A 387 -24.48 -23.64 -7.13
N GLY A 388 -24.65 -23.40 -5.85
CA GLY A 388 -23.60 -23.78 -4.91
C GLY A 388 -22.60 -22.80 -4.33
N SER A 389 -22.40 -21.66 -4.96
CA SER A 389 -21.44 -20.70 -4.43
C SER A 389 -22.01 -20.22 -3.09
N ILE A 390 -21.13 -19.78 -2.20
CA ILE A 390 -21.51 -19.35 -0.87
C ILE A 390 -22.63 -18.31 -0.79
N GLY A 391 -22.83 -17.54 -1.86
CA GLY A 391 -23.88 -16.54 -1.85
C GLY A 391 -25.29 -17.12 -1.76
N PHE A 392 -25.45 -18.34 -2.27
CA PHE A 392 -26.75 -19.00 -2.23
C PHE A 392 -27.02 -19.64 -0.87
N ARG A 393 -26.01 -19.68 0.00
CA ARG A 393 -26.15 -20.29 1.32
C ARG A 393 -27.00 -19.49 2.30
N TRP A 394 -26.96 -18.17 2.18
CA TRP A 394 -27.71 -17.31 3.08
C TRP A 394 -28.59 -16.33 2.30
N GLY A 395 -29.70 -15.92 2.92
CA GLY A 395 -30.60 -14.98 2.28
C GLY A 395 -31.61 -15.62 1.34
N GLU A 396 -31.47 -16.91 1.09
CA GLU A 396 -32.40 -17.62 0.21
C GLU A 396 -32.32 -19.12 0.54
N LYS A 397 -33.12 -19.95 -0.16
CA LYS A 397 -33.13 -21.38 0.09
C LYS A 397 -33.24 -22.20 -1.19
N GLY A 398 -32.77 -23.45 -1.12
CA GLY A 398 -32.88 -24.37 -2.24
C GLY A 398 -31.90 -24.39 -3.39
N LYS A 399 -30.90 -23.52 -3.37
CA LYS A 399 -29.93 -23.51 -4.47
C LYS A 399 -28.49 -23.72 -4.02
N TRP A 400 -28.31 -23.99 -2.73
CA TRP A 400 -26.97 -24.24 -2.22
C TRP A 400 -26.68 -25.73 -2.34
N ASN A 401 -26.42 -26.16 -3.57
CA ASN A 401 -26.13 -27.55 -3.87
C ASN A 401 -25.20 -27.63 -5.06
N LEU A 402 -24.63 -28.81 -5.30
CA LEU A 402 -23.71 -29.00 -6.41
C LEU A 402 -24.34 -29.59 -7.67
N GLU A 403 -25.63 -29.32 -7.87
CA GLU A 403 -26.29 -29.77 -9.07
C GLU A 403 -25.70 -28.84 -10.14
N GLN A 404 -25.42 -29.37 -11.33
CA GLN A 404 -24.86 -28.52 -12.38
C GLN A 404 -26.01 -27.75 -13.02
N ARG A 405 -26.44 -26.69 -12.35
CA ARG A 405 -27.54 -25.86 -12.81
C ARG A 405 -27.24 -24.38 -12.81
N ASP A 406 -27.92 -23.67 -13.71
CA ASP A 406 -27.81 -22.23 -13.86
C ASP A 406 -28.51 -21.67 -12.62
N GLY A 407 -27.81 -20.85 -11.84
CA GLY A 407 -28.39 -20.28 -10.64
C GLY A 407 -29.49 -19.27 -10.85
N LYS A 408 -29.77 -18.95 -12.11
CA LYS A 408 -30.81 -17.99 -12.45
C LYS A 408 -32.02 -18.67 -13.05
N THR A 409 -31.81 -19.42 -14.13
CA THR A 409 -32.89 -20.11 -14.82
C THR A 409 -33.28 -21.45 -14.20
N GLY A 410 -32.36 -22.05 -13.47
CA GLY A 410 -32.65 -23.34 -12.85
C GLY A 410 -32.46 -24.49 -13.82
N GLU A 411 -32.08 -24.17 -15.06
CA GLU A 411 -31.88 -25.19 -16.07
C GLU A 411 -30.51 -25.84 -15.94
N GLU A 412 -30.40 -27.09 -16.38
CA GLU A 412 -29.14 -27.81 -16.33
C GLU A 412 -28.16 -27.15 -17.29
N THR A 413 -26.89 -27.12 -16.90
CA THR A 413 -25.85 -26.55 -17.75
C THR A 413 -24.58 -27.38 -17.58
N GLU A 414 -23.67 -27.24 -18.52
CA GLU A 414 -22.41 -27.96 -18.46
C GLU A 414 -21.33 -26.89 -18.48
N LEU A 415 -20.55 -26.82 -17.40
CA LEU A 415 -19.52 -25.82 -17.32
C LEU A 415 -18.31 -26.10 -18.21
N GLN A 416 -17.77 -25.02 -18.77
CA GLN A 416 -16.60 -25.09 -19.63
C GLN A 416 -15.34 -25.03 -18.78
N LEU A 417 -14.39 -25.91 -19.06
CA LEU A 417 -13.14 -25.93 -18.30
C LEU A 417 -12.10 -24.94 -18.81
N SER A 418 -11.61 -25.17 -20.02
CA SER A 418 -10.59 -24.31 -20.61
C SER A 418 -11.11 -23.34 -21.65
N LEU A 419 -10.49 -22.16 -21.71
CA LEU A 419 -10.87 -21.15 -22.69
C LEU A 419 -10.07 -21.32 -23.97
N LEU A 420 -8.97 -22.05 -23.89
CA LEU A 420 -8.13 -22.28 -25.06
C LEU A 420 -8.98 -22.83 -26.21
N GLY A 421 -9.04 -22.08 -27.31
CA GLY A 421 -9.82 -22.52 -28.44
C GLY A 421 -11.04 -21.63 -28.66
N SER A 422 -11.31 -20.77 -27.68
CA SER A 422 -12.44 -19.85 -27.79
C SER A 422 -12.07 -18.52 -27.15
N GLN A 423 -10.76 -18.26 -27.03
CA GLN A 423 -10.28 -17.02 -26.44
C GLN A 423 -10.38 -15.85 -27.41
N ASP A 424 -10.45 -14.63 -26.87
CA ASP A 424 -10.52 -13.44 -27.69
C ASP A 424 -9.08 -12.99 -27.99
N GLU A 425 -8.15 -13.44 -27.15
CA GLU A 425 -6.74 -13.09 -27.33
C GLU A 425 -5.87 -13.86 -26.34
N ILE A 426 -4.61 -13.44 -26.21
CA ILE A 426 -3.66 -14.10 -25.33
C ILE A 426 -2.93 -13.07 -24.48
N ALA A 427 -2.94 -13.27 -23.17
CA ALA A 427 -2.26 -12.36 -22.27
C ALA A 427 -1.11 -13.06 -21.56
N GLU A 428 -0.14 -12.28 -21.11
CA GLU A 428 0.99 -12.83 -20.39
C GLU A 428 0.72 -12.56 -18.92
N VAL A 429 0.54 -13.63 -18.15
CA VAL A 429 0.27 -13.52 -16.72
C VAL A 429 1.49 -13.91 -15.90
N GLY A 430 1.73 -13.15 -14.84
CA GLY A 430 2.88 -13.42 -13.99
C GLY A 430 2.58 -14.33 -12.81
N PHE A 431 3.44 -15.32 -12.61
CA PHE A 431 3.32 -16.28 -11.51
C PHE A 431 4.54 -16.19 -10.62
N PRO A 432 4.35 -16.07 -9.30
CA PRO A 432 5.49 -15.98 -8.40
C PRO A 432 6.25 -17.31 -8.31
N TYR A 433 7.58 -17.23 -8.22
CA TYR A 433 8.40 -18.42 -8.10
C TYR A 433 9.38 -18.19 -6.96
N PHE A 434 9.36 -19.09 -5.98
CA PHE A 434 10.24 -18.98 -4.82
C PHE A 434 11.26 -20.10 -4.79
N GLY A 435 11.17 -21.00 -5.76
CA GLY A 435 12.07 -22.14 -5.81
C GLY A 435 13.56 -21.80 -5.83
N GLY A 436 13.89 -20.51 -5.89
CA GLY A 436 15.28 -20.12 -5.91
C GLY A 436 15.70 -19.29 -4.72
N ASP A 437 14.79 -19.11 -3.77
CA ASP A 437 15.09 -18.30 -2.58
C ASP A 437 15.42 -19.15 -1.36
N GLY A 438 15.82 -20.39 -1.57
CA GLY A 438 16.14 -21.26 -0.46
C GLY A 438 17.26 -20.77 0.45
N THR A 439 17.54 -21.56 1.48
CA THR A 439 18.58 -21.24 2.44
C THR A 439 19.82 -21.99 1.93
N GLU A 440 20.97 -21.77 2.55
CA GLU A 440 22.18 -22.44 2.11
C GLU A 440 22.17 -23.96 2.37
N HIS A 441 21.25 -24.39 3.23
CA HIS A 441 21.14 -25.80 3.59
C HIS A 441 20.31 -26.67 2.65
N PHE A 442 19.59 -26.03 1.72
CA PHE A 442 18.77 -26.79 0.79
C PHE A 442 19.14 -26.48 -0.66
N ASN A 443 18.87 -27.41 -1.54
CA ASN A 443 19.16 -27.20 -2.95
C ASN A 443 18.09 -26.28 -3.50
N LYS A 444 18.48 -25.44 -4.45
CA LYS A 444 17.55 -24.51 -5.06
C LYS A 444 17.74 -24.51 -6.57
N VAL A 445 16.76 -23.97 -7.28
CA VAL A 445 16.83 -23.88 -8.73
C VAL A 445 16.47 -22.45 -9.11
N GLU A 446 17.45 -21.71 -9.61
CA GLU A 446 17.24 -20.32 -10.02
C GLU A 446 16.59 -20.21 -11.40
N LEU A 447 15.48 -19.47 -11.42
CA LEU A 447 14.75 -19.22 -12.67
C LEU A 447 14.49 -17.71 -12.67
N GLU A 448 13.26 -17.31 -12.36
CA GLU A 448 12.91 -15.90 -12.30
C GLU A 448 11.87 -15.73 -11.20
N ASN A 449 12.06 -14.71 -10.37
CA ASN A 449 11.14 -14.44 -9.27
C ASN A 449 9.70 -14.38 -9.75
N VAL A 450 9.52 -14.03 -11.02
CA VAL A 450 8.20 -13.96 -11.64
C VAL A 450 8.28 -14.63 -13.00
N LEU A 451 7.44 -15.64 -13.20
CA LEU A 451 7.43 -16.37 -14.46
C LEU A 451 6.21 -15.96 -15.28
N LEU A 452 6.45 -15.46 -16.48
CA LEU A 452 5.35 -15.06 -17.35
C LEU A 452 4.83 -16.24 -18.13
N HIS A 453 3.51 -16.35 -18.20
CA HIS A 453 2.90 -17.45 -18.93
C HIS A 453 1.84 -16.95 -19.91
N LYS A 454 1.66 -17.71 -20.98
CA LYS A 454 0.71 -17.42 -22.05
C LYS A 454 -0.64 -17.99 -21.62
N LEU A 455 -1.65 -17.14 -21.48
CA LEU A 455 -2.99 -17.59 -21.06
C LEU A 455 -4.11 -17.17 -22.00
N PRO A 456 -5.03 -18.09 -22.31
CA PRO A 456 -6.15 -17.75 -23.19
C PRO A 456 -7.10 -16.88 -22.37
N VAL A 457 -7.58 -15.79 -22.94
CA VAL A 457 -8.44 -14.87 -22.23
C VAL A 457 -9.68 -14.42 -23.02
N LYS A 458 -10.69 -13.93 -22.29
CA LYS A 458 -11.91 -13.41 -22.90
C LYS A 458 -12.05 -11.97 -22.45
N ARG A 459 -12.55 -11.11 -23.34
CA ARG A 459 -12.73 -9.69 -23.02
C ARG A 459 -14.18 -9.51 -22.58
N LEU A 460 -14.39 -8.93 -21.41
CA LEU A 460 -15.74 -8.71 -20.92
C LEU A 460 -16.03 -7.24 -20.62
N GLN A 461 -17.27 -6.83 -20.84
CA GLN A 461 -17.64 -5.47 -20.50
C GLN A 461 -18.39 -5.61 -19.18
N LEU A 462 -17.82 -5.05 -18.12
CA LEU A 462 -18.44 -5.13 -16.81
C LEU A 462 -19.66 -4.24 -16.70
N ALA A 463 -20.34 -4.32 -15.55
CA ALA A 463 -21.53 -3.54 -15.31
C ALA A 463 -21.28 -2.04 -15.32
N ASP A 464 -20.04 -1.64 -15.04
CA ASP A 464 -19.70 -0.22 -15.01
C ASP A 464 -19.27 0.29 -16.38
N GLY A 465 -19.32 -0.59 -17.38
CA GLY A 465 -18.94 -0.19 -18.73
C GLY A 465 -17.47 -0.44 -19.07
N SER A 466 -16.66 -0.69 -18.05
CA SER A 466 -15.24 -0.94 -18.26
C SER A 466 -15.01 -2.34 -18.82
N THR A 467 -13.80 -2.58 -19.31
CA THR A 467 -13.46 -3.86 -19.87
C THR A 467 -12.48 -4.60 -18.97
N ALA A 468 -12.62 -5.92 -18.92
CA ALA A 468 -11.74 -6.74 -18.10
C ALA A 468 -11.44 -8.03 -18.83
N LEU A 469 -10.26 -8.59 -18.59
CA LEU A 469 -9.87 -9.85 -19.20
C LEU A 469 -10.04 -10.92 -18.13
N VAL A 470 -10.54 -12.07 -18.53
CA VAL A 470 -10.75 -13.17 -17.60
C VAL A 470 -10.22 -14.48 -18.14
N THR A 471 -9.92 -15.39 -17.23
CA THR A 471 -9.43 -16.71 -17.61
C THR A 471 -9.91 -17.65 -16.50
N THR A 472 -9.97 -18.94 -16.77
CA THR A 472 -10.44 -19.88 -15.77
C THR A 472 -9.35 -20.34 -14.82
N VAL A 473 -9.77 -20.80 -13.64
CA VAL A 473 -8.84 -21.31 -12.65
C VAL A 473 -8.13 -22.48 -13.33
N TYR A 474 -8.85 -23.17 -14.20
CA TYR A 474 -8.31 -24.31 -14.92
C TYR A 474 -7.03 -24.01 -15.72
N ASP A 475 -7.02 -23.02 -16.59
CA ASP A 475 -5.80 -22.76 -17.35
C ASP A 475 -4.74 -22.07 -16.51
N LEU A 476 -5.15 -21.34 -15.47
CA LEU A 476 -4.19 -20.69 -14.60
C LEU A 476 -3.41 -21.80 -13.89
N THR A 477 -4.10 -22.89 -13.59
CA THR A 477 -3.50 -24.03 -12.92
C THR A 477 -2.54 -24.76 -13.88
N LEU A 478 -3.02 -25.06 -15.09
CA LEU A 478 -2.19 -25.73 -16.07
C LEU A 478 -0.95 -24.89 -16.36
N ALA A 479 -1.12 -23.57 -16.35
CA ALA A 479 0.00 -22.67 -16.59
C ALA A 479 0.98 -22.75 -15.42
N ASN A 480 0.46 -22.60 -14.21
CA ASN A 480 1.28 -22.65 -13.01
C ASN A 480 2.13 -23.92 -12.92
N TYR A 481 1.63 -25.03 -13.44
CA TYR A 481 2.38 -26.28 -13.43
C TYR A 481 3.42 -26.32 -14.55
N GLY A 482 3.35 -25.34 -15.45
CA GLY A 482 4.28 -25.27 -16.55
C GLY A 482 4.00 -26.19 -17.72
N LEU A 483 2.72 -26.37 -18.04
CA LEU A 483 2.36 -27.25 -19.15
C LEU A 483 2.21 -26.48 -20.46
N GLU A 484 2.92 -26.94 -21.50
CA GLU A 484 2.85 -26.31 -22.83
C GLU A 484 1.55 -26.74 -23.50
N ARG A 485 0.81 -25.78 -24.03
CA ARG A 485 -0.48 -26.09 -24.65
C ARG A 485 -0.69 -25.65 -26.10
N GLY A 486 0.39 -25.41 -26.83
CA GLY A 486 0.23 -25.00 -28.22
C GLY A 486 0.59 -23.55 -28.46
N LEU A 487 0.93 -22.84 -27.40
CA LEU A 487 1.32 -21.44 -27.51
C LEU A 487 2.85 -21.49 -27.49
N ASN A 488 3.52 -20.36 -27.46
CA ASN A 488 4.98 -20.39 -27.42
C ASN A 488 5.45 -19.89 -26.07
N ASP A 489 5.07 -20.62 -25.02
CA ASP A 489 5.45 -20.26 -23.67
C ASP A 489 6.84 -20.81 -23.35
N VAL A 490 7.81 -19.90 -23.26
CA VAL A 490 9.19 -20.30 -22.98
C VAL A 490 9.38 -20.78 -21.55
N ASN A 491 8.41 -20.52 -20.69
CA ASN A 491 8.51 -20.95 -19.30
C ASN A 491 7.86 -22.31 -19.07
N CYS A 492 7.32 -22.89 -20.14
CA CYS A 492 6.69 -24.19 -20.04
C CYS A 492 7.68 -25.28 -20.42
N ALA A 493 7.36 -26.51 -20.05
CA ALA A 493 8.24 -27.64 -20.30
C ALA A 493 8.03 -28.27 -21.67
N THR A 494 9.14 -28.57 -22.32
CA THR A 494 9.11 -29.21 -23.63
C THR A 494 9.26 -30.71 -23.42
N SER A 495 9.59 -31.08 -22.19
CA SER A 495 9.80 -32.47 -21.82
C SER A 495 9.89 -32.54 -20.30
N TYR A 496 9.79 -33.74 -19.73
CA TYR A 496 9.90 -33.87 -18.27
C TYR A 496 11.35 -33.61 -17.87
N ASP A 497 12.25 -33.72 -18.84
CA ASP A 497 13.68 -33.49 -18.60
C ASP A 497 14.01 -32.01 -18.61
N ASP A 498 13.11 -31.21 -19.17
CA ASP A 498 13.32 -29.77 -19.25
C ASP A 498 13.20 -29.17 -17.85
N VAL A 499 14.25 -28.50 -17.39
CA VAL A 499 14.23 -27.90 -16.07
C VAL A 499 13.38 -26.62 -16.05
N LYS A 500 12.08 -26.80 -15.86
CA LYS A 500 11.15 -25.68 -15.79
C LYS A 500 10.33 -25.81 -14.53
N ALA A 501 9.64 -24.74 -14.14
CA ALA A 501 8.84 -24.76 -12.94
C ALA A 501 7.90 -25.95 -12.84
N TYR A 502 8.30 -26.90 -12.01
CA TYR A 502 7.55 -28.09 -11.67
C TYR A 502 7.49 -29.27 -12.63
N THR A 503 8.65 -29.65 -13.14
CA THR A 503 8.78 -30.81 -14.02
C THR A 503 9.54 -31.81 -13.16
N PRO A 504 9.50 -33.10 -13.49
CA PRO A 504 10.22 -34.08 -12.69
C PRO A 504 11.70 -33.70 -12.54
N ALA A 505 12.32 -33.29 -13.64
CA ALA A 505 13.73 -32.88 -13.66
C ALA A 505 13.98 -31.75 -12.69
N TRP A 506 13.02 -30.83 -12.60
CA TRP A 506 13.14 -29.70 -11.68
C TRP A 506 13.07 -30.21 -10.25
N ALA A 507 12.08 -31.05 -9.98
CA ALA A 507 11.89 -31.61 -8.65
C ALA A 507 13.06 -32.48 -8.23
N GLU A 508 13.69 -33.15 -9.21
CA GLU A 508 14.83 -33.99 -8.91
C GLU A 508 15.95 -33.19 -8.26
N GLN A 509 16.18 -31.98 -8.77
CA GLN A 509 17.22 -31.11 -8.22
C GLN A 509 16.87 -30.60 -6.83
N ILE A 510 15.60 -30.27 -6.63
CA ILE A 510 15.16 -29.75 -5.34
C ILE A 510 15.09 -30.82 -4.24
N THR A 511 14.51 -31.97 -4.56
CA THR A 511 14.32 -33.06 -3.58
C THR A 511 15.40 -34.13 -3.51
N GLY A 512 16.07 -34.41 -4.62
CA GLY A 512 17.09 -35.44 -4.62
C GLY A 512 16.48 -36.76 -5.05
N VAL A 513 15.17 -36.76 -5.27
CA VAL A 513 14.50 -37.97 -5.72
C VAL A 513 14.56 -38.09 -7.24
N SER A 514 14.96 -39.26 -7.71
CA SER A 514 15.07 -39.52 -9.14
C SER A 514 13.83 -39.10 -9.92
N ARG A 515 14.05 -38.40 -11.03
CA ARG A 515 12.94 -37.92 -11.86
C ARG A 515 12.09 -39.09 -12.37
N SER A 516 12.73 -40.22 -12.66
CA SER A 516 12.01 -41.39 -13.16
C SER A 516 11.10 -42.01 -12.09
N GLN A 517 11.48 -41.88 -10.83
CA GLN A 517 10.68 -42.40 -9.72
C GLN A 517 9.43 -41.54 -9.61
N ILE A 518 9.64 -40.23 -9.68
CA ILE A 518 8.55 -39.27 -9.60
C ILE A 518 7.54 -39.57 -10.70
N ILE A 519 8.04 -39.79 -11.90
CA ILE A 519 7.21 -40.08 -13.07
C ILE A 519 6.48 -41.41 -12.97
N ARG A 520 7.21 -42.46 -12.59
CA ARG A 520 6.59 -43.77 -12.49
C ARG A 520 5.45 -43.80 -11.48
N ILE A 521 5.70 -43.24 -10.30
CA ILE A 521 4.68 -43.25 -9.24
C ILE A 521 3.48 -42.39 -9.56
N ALA A 522 3.70 -41.24 -10.20
CA ALA A 522 2.59 -40.37 -10.55
C ALA A 522 1.68 -41.11 -11.52
N ARG A 523 2.28 -41.84 -12.46
CA ARG A 523 1.52 -42.59 -13.45
C ARG A 523 0.72 -43.74 -12.84
N GLU A 524 1.38 -44.55 -12.02
CA GLU A 524 0.71 -45.67 -11.39
C GLU A 524 -0.44 -45.19 -10.51
N PHE A 525 -0.19 -44.11 -9.78
CA PHE A 525 -1.18 -43.52 -8.88
C PHE A 525 -2.42 -43.08 -9.65
N ALA A 526 -2.20 -42.30 -10.71
CA ALA A 526 -3.30 -41.79 -11.52
C ALA A 526 -3.96 -42.92 -12.30
N ASP A 527 -3.16 -43.82 -12.86
CA ASP A 527 -3.70 -44.93 -13.61
C ASP A 527 -4.60 -45.79 -12.72
N ASN A 528 -4.17 -45.99 -11.47
CA ASN A 528 -4.97 -46.78 -10.54
C ASN A 528 -6.28 -46.06 -10.26
N ALA A 529 -6.20 -44.74 -10.08
CA ALA A 529 -7.40 -43.94 -9.80
C ALA A 529 -8.37 -43.95 -10.97
N ASP A 530 -7.83 -43.91 -12.18
CA ASP A 530 -8.68 -43.92 -13.37
C ASP A 530 -9.39 -45.27 -13.54
N LYS A 531 -8.67 -46.37 -13.29
CA LYS A 531 -9.25 -47.71 -13.43
C LYS A 531 -10.27 -48.06 -12.35
N THR A 532 -10.15 -47.44 -11.17
CA THR A 532 -11.04 -47.74 -10.06
C THR A 532 -11.98 -46.59 -9.71
N HIS A 533 -11.88 -45.51 -10.48
CA HIS A 533 -12.68 -44.32 -10.23
C HIS A 533 -12.37 -43.73 -8.85
N GLY A 534 -11.11 -43.40 -8.64
CA GLY A 534 -10.70 -42.75 -7.41
C GLY A 534 -10.27 -43.53 -6.18
N ARG A 535 -9.87 -44.79 -6.31
CA ARG A 535 -9.45 -45.51 -5.11
C ARG A 535 -7.94 -45.44 -4.88
N SER A 536 -7.40 -44.22 -4.92
CA SER A 536 -5.98 -43.98 -4.65
C SER A 536 -6.01 -43.09 -3.42
N MET A 537 -5.17 -43.39 -2.44
CA MET A 537 -5.18 -42.63 -1.20
C MET A 537 -3.81 -42.17 -0.73
N ILE A 538 -3.77 -41.04 -0.05
CA ILE A 538 -2.52 -40.54 0.50
C ILE A 538 -2.70 -40.32 1.98
N ILE A 539 -1.94 -41.06 2.79
CA ILE A 539 -2.00 -40.92 4.23
C ILE A 539 -0.87 -39.94 4.55
N VAL A 540 -1.21 -38.82 5.19
CA VAL A 540 -0.22 -37.80 5.49
C VAL A 540 -0.33 -37.34 6.94
N GLY A 541 0.79 -36.92 7.51
CA GLY A 541 0.81 -36.46 8.88
C GLY A 541 1.72 -35.29 9.19
N ALA A 542 2.14 -35.19 10.45
CA ALA A 542 2.99 -34.11 10.94
C ALA A 542 4.34 -33.97 10.25
N GLY A 543 4.79 -35.03 9.59
CA GLY A 543 6.07 -34.94 8.90
C GLY A 543 6.01 -33.82 7.88
N LEU A 544 4.84 -33.61 7.31
CA LEU A 544 4.63 -32.56 6.32
C LEU A 544 3.86 -31.40 6.90
N ASN A 545 2.97 -31.66 7.86
CA ASN A 545 2.17 -30.58 8.41
C ASN A 545 2.83 -29.68 9.45
N HIS A 546 4.01 -30.06 9.95
CA HIS A 546 4.64 -29.21 10.95
C HIS A 546 5.69 -28.24 10.39
N TRP A 547 5.69 -28.06 9.08
CA TRP A 547 6.61 -27.13 8.42
C TRP A 547 5.93 -25.77 8.29
N TYR A 548 6.73 -24.71 8.23
CA TYR A 548 6.18 -23.35 8.11
C TYR A 548 5.27 -23.26 6.89
N HIS A 549 5.64 -23.93 5.82
CA HIS A 549 4.84 -23.90 4.61
C HIS A 549 4.01 -25.17 4.46
N LEU A 550 3.36 -25.57 5.55
CA LEU A 550 2.52 -26.77 5.56
C LEU A 550 1.43 -26.62 4.52
N ASP A 551 1.05 -25.38 4.25
CA ASP A 551 0.02 -25.04 3.29
C ASP A 551 0.35 -25.59 1.91
N MET A 552 1.60 -25.41 1.50
CA MET A 552 2.03 -25.87 0.19
C MET A 552 2.24 -27.38 0.15
N ASN A 553 2.76 -27.95 1.24
CA ASN A 553 2.95 -29.39 1.29
C ASN A 553 1.61 -30.07 1.05
N TYR A 554 0.60 -29.63 1.79
CA TYR A 554 -0.72 -30.22 1.66
C TYR A 554 -1.43 -29.94 0.34
N ARG A 555 -1.47 -28.68 -0.09
CA ARG A 555 -2.14 -28.37 -1.35
C ARG A 555 -1.50 -29.16 -2.49
N GLY A 556 -0.25 -29.55 -2.31
CA GLY A 556 0.41 -30.35 -3.32
C GLY A 556 -0.21 -31.74 -3.39
N LEU A 557 -0.38 -32.38 -2.23
CA LEU A 557 -0.95 -33.71 -2.20
C LEU A 557 -2.44 -33.66 -2.56
N ILE A 558 -3.11 -32.63 -2.06
CA ILE A 558 -4.53 -32.45 -2.32
C ILE A 558 -4.83 -32.29 -3.82
N ASN A 559 -4.00 -31.53 -4.51
CA ASN A 559 -4.20 -31.33 -5.96
C ASN A 559 -4.10 -32.67 -6.70
N MET A 560 -3.16 -33.52 -6.31
CA MET A 560 -3.00 -34.83 -6.94
C MET A 560 -4.26 -35.68 -6.77
N LEU A 561 -4.83 -35.65 -5.57
CA LEU A 561 -6.02 -36.41 -5.26
C LEU A 561 -7.25 -35.87 -5.98
N ILE A 562 -7.30 -34.56 -6.16
CA ILE A 562 -8.41 -33.92 -6.85
C ILE A 562 -8.30 -34.16 -8.37
N PHE A 563 -7.09 -34.06 -8.91
CA PHE A 563 -6.91 -34.27 -10.35
C PHE A 563 -7.29 -35.71 -10.69
N CYS A 564 -7.23 -36.59 -9.70
CA CYS A 564 -7.56 -38.00 -9.91
C CYS A 564 -8.94 -38.41 -9.38
N GLY A 565 -9.74 -37.42 -8.98
CA GLY A 565 -11.08 -37.70 -8.49
C GLY A 565 -11.12 -38.71 -7.36
N CYS A 566 -10.21 -38.56 -6.40
CA CYS A 566 -10.13 -39.47 -5.26
C CYS A 566 -10.91 -39.00 -4.03
N VAL A 567 -11.06 -37.70 -3.87
CA VAL A 567 -11.78 -37.13 -2.73
C VAL A 567 -13.29 -37.41 -2.80
N GLY A 568 -13.83 -38.07 -1.78
CA GLY A 568 -15.25 -38.37 -1.78
C GLY A 568 -15.61 -39.76 -2.30
N GLN A 569 -14.59 -40.56 -2.58
CA GLN A 569 -14.80 -41.93 -3.06
C GLN A 569 -14.21 -42.88 -2.02
N SER A 570 -14.97 -43.91 -1.65
CA SER A 570 -14.49 -44.88 -0.67
C SER A 570 -13.22 -45.52 -1.21
N GLY A 571 -12.19 -45.56 -0.38
CA GLY A 571 -10.93 -46.15 -0.79
C GLY A 571 -9.99 -45.11 -1.37
N GLY A 572 -10.43 -43.86 -1.41
CA GLY A 572 -9.57 -42.82 -1.94
C GLY A 572 -9.65 -41.55 -1.12
N GLY A 573 -8.73 -40.62 -1.39
CA GLY A 573 -8.77 -39.37 -0.68
C GLY A 573 -7.59 -38.93 0.14
N TRP A 574 -7.83 -37.83 0.84
CA TRP A 574 -6.87 -37.17 1.71
C TRP A 574 -7.02 -37.74 3.11
N ALA A 575 -6.08 -38.61 3.51
CA ALA A 575 -6.15 -39.24 4.82
C ALA A 575 -5.16 -38.62 5.80
N HIS A 576 -5.55 -37.46 6.33
CA HIS A 576 -4.75 -36.69 7.28
C HIS A 576 -5.01 -37.14 8.71
N TYR A 577 -3.97 -37.66 9.36
CA TYR A 577 -4.10 -38.10 10.73
C TYR A 577 -3.04 -37.43 11.58
N VAL A 578 -3.47 -36.92 12.72
CA VAL A 578 -2.60 -36.23 13.65
C VAL A 578 -3.08 -36.63 15.04
N GLY A 579 -3.62 -35.66 15.77
CA GLY A 579 -4.13 -35.95 17.10
C GLY A 579 -5.59 -36.38 17.04
N GLN A 580 -6.14 -36.70 18.20
CA GLN A 580 -7.52 -37.14 18.32
C GLN A 580 -8.47 -35.96 18.22
N GLU A 581 -8.41 -35.29 17.09
CA GLU A 581 -9.20 -34.10 16.79
C GLU A 581 -10.71 -34.28 16.61
N LYS A 582 -11.14 -35.44 16.12
CA LYS A 582 -12.57 -35.65 15.87
C LYS A 582 -13.44 -36.12 17.03
N LEU A 583 -14.14 -35.17 17.64
CA LEU A 583 -15.08 -35.48 18.71
C LEU A 583 -16.36 -35.59 17.90
N ARG A 584 -16.77 -36.82 17.61
CA ARG A 584 -17.94 -37.04 16.78
C ARG A 584 -19.26 -36.42 17.25
N PRO A 585 -19.69 -36.64 18.51
CA PRO A 585 -20.94 -36.03 18.95
C PRO A 585 -20.78 -34.54 19.29
N GLN A 586 -20.19 -33.81 18.35
CA GLN A 586 -19.90 -32.39 18.50
C GLN A 586 -20.99 -31.44 19.03
N THR A 587 -22.14 -31.38 18.37
CA THR A 587 -23.20 -30.48 18.83
C THR A 587 -23.85 -30.88 20.15
N GLY A 588 -23.52 -32.07 20.65
CA GLY A 588 -24.08 -32.50 21.92
C GLY A 588 -23.13 -32.07 23.03
N TRP A 589 -21.85 -32.06 22.71
CA TRP A 589 -20.80 -31.71 23.65
C TRP A 589 -20.55 -30.20 23.78
N GLN A 590 -20.66 -29.47 22.66
CA GLN A 590 -20.41 -28.03 22.65
C GLN A 590 -21.18 -27.24 23.70
N PRO A 591 -22.52 -27.41 23.76
CA PRO A 591 -23.28 -26.66 24.77
C PRO A 591 -22.88 -26.96 26.22
N LEU A 592 -22.47 -28.20 26.48
CA LEU A 592 -22.05 -28.60 27.81
C LEU A 592 -20.73 -27.92 28.17
N ALA A 593 -19.75 -28.11 27.29
CA ALA A 593 -18.42 -27.56 27.49
C ALA A 593 -18.32 -26.04 27.62
N PHE A 594 -19.06 -25.32 26.79
CA PHE A 594 -18.99 -23.86 26.83
C PHE A 594 -20.22 -23.18 27.42
N ALA A 595 -21.00 -23.95 28.17
CA ALA A 595 -22.20 -23.46 28.85
C ALA A 595 -23.17 -22.72 27.95
N LEU A 596 -23.27 -23.15 26.69
CA LEU A 596 -24.17 -22.52 25.74
C LEU A 596 -25.62 -22.79 26.08
N ASP A 597 -25.85 -23.58 27.13
CA ASP A 597 -27.19 -23.89 27.60
C ASP A 597 -27.67 -22.78 28.54
N TRP A 598 -26.72 -21.96 29.01
CA TRP A 598 -27.03 -20.85 29.92
C TRP A 598 -26.70 -19.46 29.35
N GLN A 599 -25.59 -19.36 28.62
CA GLN A 599 -25.17 -18.08 28.06
C GLN A 599 -24.48 -18.23 26.71
N ARG A 600 -24.70 -17.27 25.83
CA ARG A 600 -24.09 -17.26 24.50
C ARG A 600 -23.71 -15.83 24.17
N PRO A 601 -22.50 -15.61 23.64
CA PRO A 601 -21.48 -16.61 23.33
C PRO A 601 -20.47 -16.77 24.47
N ALA A 602 -19.51 -17.66 24.27
CA ALA A 602 -18.46 -17.90 25.25
C ALA A 602 -17.25 -17.09 24.78
N ARG A 603 -16.10 -17.28 25.40
CA ARG A 603 -14.91 -16.56 24.99
C ARG A 603 -13.81 -17.48 24.47
N HIS A 604 -13.86 -17.81 23.18
CA HIS A 604 -12.84 -18.67 22.58
C HIS A 604 -11.67 -17.82 22.11
N MET A 605 -10.48 -18.42 22.06
CA MET A 605 -9.27 -17.70 21.64
C MET A 605 -8.32 -18.64 20.91
N ASN A 606 -7.67 -18.15 19.84
CA ASN A 606 -6.73 -18.99 19.10
C ASN A 606 -5.37 -18.88 19.81
N SER A 607 -4.94 -19.99 20.39
CA SER A 607 -3.72 -20.06 21.19
C SER A 607 -2.37 -19.65 20.64
N THR A 608 -2.10 -19.87 19.35
CA THR A 608 -0.80 -19.47 18.82
C THR A 608 -0.60 -17.96 18.94
N SER A 609 -1.64 -17.19 18.60
CA SER A 609 -1.55 -15.73 18.70
C SER A 609 -1.47 -15.32 20.16
N TYR A 610 -2.25 -16.01 20.99
CA TYR A 610 -2.28 -15.74 22.41
C TYR A 610 -0.89 -15.84 23.04
N PHE A 611 -0.20 -16.95 22.77
CA PHE A 611 1.13 -17.17 23.33
C PHE A 611 2.24 -16.37 22.66
N TYR A 612 2.09 -16.08 21.36
CA TYR A 612 3.08 -15.30 20.64
C TYR A 612 3.13 -13.95 21.34
N ASN A 613 1.93 -13.50 21.73
CA ASN A 613 1.75 -12.23 22.42
C ASN A 613 2.17 -12.21 23.88
N HIS A 614 1.48 -12.96 24.73
CA HIS A 614 1.77 -12.96 26.16
C HIS A 614 3.09 -13.58 26.64
N SER A 615 3.67 -14.51 25.89
CA SER A 615 4.94 -15.07 26.32
C SER A 615 6.04 -14.24 25.64
N SER A 616 5.60 -13.17 24.97
CA SER A 616 6.46 -12.21 24.30
C SER A 616 7.48 -12.75 23.30
N GLN A 617 7.11 -13.78 22.56
CA GLN A 617 8.04 -14.33 21.58
C GLN A 617 8.11 -13.41 20.36
N TRP A 618 7.20 -12.44 20.30
CA TRP A 618 7.20 -11.48 19.20
C TRP A 618 8.37 -10.50 19.35
N ARG A 619 8.79 -10.28 20.60
CA ARG A 619 9.90 -9.38 20.88
C ARG A 619 11.23 -9.91 20.35
N TYR A 620 11.22 -11.17 19.90
CA TYR A 620 12.44 -11.78 19.37
C TYR A 620 12.25 -12.22 17.94
N GLU A 621 11.20 -11.73 17.30
CA GLU A 621 10.91 -12.12 15.92
C GLU A 621 12.02 -11.74 14.95
N THR A 622 12.36 -12.68 14.07
CA THR A 622 13.41 -12.46 13.09
C THR A 622 12.86 -12.56 11.67
N VAL A 623 11.65 -13.08 11.53
CA VAL A 623 11.03 -13.20 10.21
C VAL A 623 10.14 -12.00 9.96
N THR A 624 10.23 -11.44 8.76
CA THR A 624 9.44 -10.27 8.40
C THR A 624 8.39 -10.64 7.37
N ALA A 625 7.24 -9.97 7.44
CA ALA A 625 6.17 -10.24 6.50
C ALA A 625 6.65 -9.94 5.09
N GLU A 626 7.48 -8.91 4.98
CA GLU A 626 8.00 -8.49 3.69
C GLU A 626 8.68 -9.59 2.90
N GLU A 627 9.43 -10.45 3.58
CA GLU A 627 10.12 -11.54 2.89
C GLU A 627 9.19 -12.67 2.48
N LEU A 628 7.94 -12.60 2.92
CA LEU A 628 6.95 -13.63 2.59
C LEU A 628 6.06 -13.20 1.43
N LEU A 629 6.08 -11.92 1.10
CA LEU A 629 5.25 -11.38 0.03
C LEU A 629 5.59 -11.88 -1.37
N SER A 630 4.58 -11.86 -2.23
CA SER A 630 4.74 -12.24 -3.62
C SER A 630 5.51 -11.10 -4.26
N PRO A 631 6.39 -11.40 -5.23
CA PRO A 631 7.13 -10.30 -5.85
C PRO A 631 6.19 -9.27 -6.48
N MET A 632 4.98 -9.68 -6.82
CA MET A 632 4.02 -8.79 -7.45
C MET A 632 3.12 -8.04 -6.46
N ALA A 633 3.47 -8.06 -5.19
CA ALA A 633 2.69 -7.37 -4.16
C ALA A 633 3.18 -5.95 -3.90
N ASP A 634 2.29 -5.09 -3.44
CA ASP A 634 2.63 -3.71 -3.12
C ASP A 634 3.19 -3.64 -1.70
N LYS A 635 4.50 -3.80 -1.58
CA LYS A 635 5.19 -3.77 -0.30
C LYS A 635 4.69 -2.72 0.68
N SER A 636 4.46 -1.51 0.19
CA SER A 636 4.01 -0.42 1.05
C SER A 636 2.67 -0.67 1.74
N ARG A 637 1.89 -1.61 1.23
CA ARG A 637 0.60 -1.91 1.84
C ARG A 637 0.72 -3.00 2.91
N TYR A 638 1.91 -3.56 3.04
CA TYR A 638 2.17 -4.62 4.01
C TYR A 638 3.39 -4.39 4.89
N THR A 639 3.41 -3.25 5.57
CA THR A 639 4.53 -2.93 6.45
C THR A 639 4.19 -3.22 7.89
N GLY A 640 5.21 -3.41 8.72
CA GLY A 640 4.99 -3.68 10.12
C GLY A 640 5.46 -5.05 10.59
N HIS A 641 5.41 -5.25 11.90
CA HIS A 641 5.83 -6.49 12.54
C HIS A 641 4.75 -7.55 12.26
N LEU A 642 5.12 -8.82 12.28
CA LEU A 642 4.14 -9.88 12.05
C LEU A 642 2.98 -9.74 13.02
N ILE A 643 3.28 -9.30 14.24
CA ILE A 643 2.25 -9.14 15.25
C ILE A 643 1.27 -8.02 14.90
N ASP A 644 1.68 -7.11 14.03
CA ASP A 644 0.80 -6.00 13.62
C ASP A 644 -0.32 -6.56 12.75
N PHE A 645 0.01 -7.56 11.94
CA PHE A 645 -0.98 -8.20 11.09
C PHE A 645 -2.03 -8.86 11.97
N ASN A 646 -1.59 -9.43 13.08
CA ASN A 646 -2.51 -10.09 13.99
C ASN A 646 -3.44 -9.06 14.65
N VAL A 647 -2.85 -7.97 15.13
CA VAL A 647 -3.65 -6.92 15.76
C VAL A 647 -4.66 -6.38 14.76
N ARG A 648 -4.25 -6.24 13.51
CA ARG A 648 -5.14 -5.73 12.48
C ARG A 648 -6.27 -6.71 12.21
N ALA A 649 -5.94 -8.00 12.14
CA ALA A 649 -6.95 -9.03 11.90
C ALA A 649 -7.97 -9.01 13.05
N GLU A 650 -7.50 -8.84 14.28
CA GLU A 650 -8.38 -8.80 15.44
C GLU A 650 -9.37 -7.64 15.39
N ARG A 651 -8.88 -6.43 15.11
CA ARG A 651 -9.75 -5.26 15.03
C ARG A 651 -10.77 -5.40 13.91
N MET A 652 -10.44 -6.15 12.87
CA MET A 652 -11.36 -6.35 11.75
C MET A 652 -12.31 -7.52 11.98
N GLY A 653 -12.19 -8.18 13.13
CA GLY A 653 -13.06 -9.30 13.45
C GLY A 653 -12.69 -10.61 12.77
N TRP A 654 -11.45 -10.70 12.30
CA TRP A 654 -10.97 -11.89 11.62
C TRP A 654 -10.61 -12.99 12.61
N LEU A 655 -9.91 -12.59 13.67
CA LEU A 655 -9.47 -13.51 14.70
C LEU A 655 -9.96 -13.00 16.05
N PRO A 656 -10.00 -13.88 17.06
CA PRO A 656 -10.45 -13.50 18.41
C PRO A 656 -9.33 -12.78 19.18
N SER A 657 -9.68 -12.19 20.33
CA SER A 657 -8.72 -11.48 21.16
C SER A 657 -8.83 -11.94 22.61
N ALA A 658 -7.72 -11.88 23.36
CA ALA A 658 -7.73 -12.28 24.77
C ALA A 658 -6.48 -11.86 25.53
N PRO A 659 -6.62 -10.94 26.51
CA PRO A 659 -7.86 -10.27 26.93
C PRO A 659 -8.40 -9.50 25.73
N GLN A 660 -9.68 -9.21 25.72
CA GLN A 660 -10.27 -8.52 24.57
C GLN A 660 -10.10 -7.00 24.54
N LEU A 661 -10.64 -6.31 25.54
CA LEU A 661 -10.54 -4.87 25.59
C LEU A 661 -9.58 -4.37 26.66
N GLY A 662 -9.01 -3.19 26.43
CA GLY A 662 -8.05 -2.61 27.37
C GLY A 662 -8.67 -2.18 28.67
N THR A 663 -9.97 -2.45 28.84
CA THR A 663 -10.67 -2.09 30.05
C THR A 663 -11.52 -3.28 30.51
N ASN A 664 -11.84 -3.33 31.81
CA ASN A 664 -12.63 -4.40 32.38
C ASN A 664 -14.03 -4.40 31.74
N PRO A 665 -14.33 -5.42 30.91
CA PRO A 665 -15.61 -5.54 30.22
C PRO A 665 -16.85 -5.57 31.10
N LEU A 666 -16.67 -5.73 32.41
CA LEU A 666 -17.82 -5.76 33.31
C LEU A 666 -18.21 -4.34 33.74
N THR A 667 -17.38 -3.37 33.41
CA THR A 667 -17.63 -1.97 33.78
C THR A 667 -18.13 -1.11 32.63
N ILE A 668 -18.16 -1.67 31.43
CA ILE A 668 -18.59 -0.92 30.26
C ILE A 668 -20.08 -0.55 30.27
N ALA A 669 -20.93 -1.48 30.71
CA ALA A 669 -22.37 -1.25 30.74
C ALA A 669 -22.76 -0.07 31.64
N GLY A 670 -22.09 0.06 32.78
CA GLY A 670 -22.40 1.14 33.70
C GLY A 670 -22.08 2.51 33.13
N GLU A 671 -21.09 2.58 32.25
CA GLU A 671 -20.70 3.84 31.64
C GLU A 671 -21.64 4.17 30.49
N ALA A 672 -22.02 3.14 29.72
CA ALA A 672 -22.93 3.34 28.61
C ALA A 672 -24.20 3.96 29.16
N GLU A 673 -24.58 3.52 30.35
CA GLU A 673 -25.79 4.02 31.00
C GLU A 673 -25.61 5.49 31.39
N LYS A 674 -24.52 5.80 32.09
CA LYS A 674 -24.26 7.17 32.50
C LYS A 674 -24.23 8.10 31.30
N ALA A 675 -23.88 7.55 30.14
CA ALA A 675 -23.82 8.34 28.91
C ALA A 675 -25.09 8.20 28.09
N GLY A 676 -26.16 7.76 28.74
CA GLY A 676 -27.43 7.59 28.05
C GLY A 676 -27.38 6.80 26.75
N MET A 677 -26.53 5.77 26.71
CA MET A 677 -26.39 4.93 25.52
C MET A 677 -26.50 3.46 25.89
N ASN A 678 -26.82 2.62 24.91
CA ASN A 678 -26.89 1.20 25.20
C ASN A 678 -25.45 0.71 25.10
N PRO A 679 -25.11 -0.34 25.86
CA PRO A 679 -23.76 -0.93 25.89
C PRO A 679 -23.04 -1.06 24.55
N VAL A 680 -23.73 -1.56 23.53
CA VAL A 680 -23.11 -1.75 22.23
C VAL A 680 -22.73 -0.45 21.50
N ASP A 681 -23.65 0.49 21.40
CA ASP A 681 -23.36 1.76 20.73
C ASP A 681 -22.27 2.53 21.47
N TYR A 682 -22.28 2.43 22.79
CA TYR A 682 -21.27 3.11 23.61
C TYR A 682 -19.89 2.51 23.33
N THR A 683 -19.84 1.19 23.22
CA THR A 683 -18.58 0.50 22.95
C THR A 683 -18.05 0.84 21.56
N VAL A 684 -18.95 0.84 20.57
CA VAL A 684 -18.58 1.16 19.20
C VAL A 684 -18.09 2.59 19.08
N LYS A 685 -18.72 3.49 19.83
CA LYS A 685 -18.34 4.90 19.82
C LYS A 685 -16.95 5.05 20.44
N SER A 686 -16.77 4.44 21.61
CA SER A 686 -15.51 4.49 22.34
C SER A 686 -14.35 3.93 21.53
N LEU A 687 -14.59 2.85 20.79
CA LEU A 687 -13.55 2.24 19.98
C LEU A 687 -13.16 3.18 18.86
N LYS A 688 -14.15 3.81 18.24
CA LYS A 688 -13.90 4.75 17.16
C LYS A 688 -13.06 5.94 17.61
N GLU A 689 -13.38 6.48 18.78
CA GLU A 689 -12.67 7.64 19.30
C GLU A 689 -11.40 7.29 20.06
N GLY A 690 -11.29 6.05 20.50
CA GLY A 690 -10.09 5.63 21.22
C GLY A 690 -10.16 5.68 22.74
N SER A 691 -11.36 5.88 23.30
CA SER A 691 -11.47 5.91 24.76
C SER A 691 -11.40 4.48 25.29
N ILE A 692 -11.69 3.53 24.41
CA ILE A 692 -11.61 2.09 24.73
C ILE A 692 -10.78 1.51 23.60
N ARG A 693 -9.75 0.74 23.96
CA ARG A 693 -8.86 0.15 22.97
C ARG A 693 -8.79 -1.36 23.10
N PHE A 694 -8.42 -2.03 22.00
CA PHE A 694 -8.25 -3.48 22.02
C PHE A 694 -6.99 -3.71 22.84
N ALA A 695 -7.06 -4.66 23.77
CA ALA A 695 -5.93 -4.96 24.65
C ALA A 695 -4.63 -5.35 23.96
N ALA A 696 -4.74 -5.92 22.76
CA ALA A 696 -3.57 -6.35 22.00
C ALA A 696 -2.64 -5.21 21.58
N GLU A 697 -3.13 -3.97 21.62
CA GLU A 697 -2.31 -2.83 21.25
C GLU A 697 -1.30 -2.51 22.34
N GLN A 698 -1.67 -2.79 23.58
CA GLN A 698 -0.81 -2.53 24.73
C GLN A 698 -0.78 -3.73 25.67
N PRO A 699 -0.12 -4.81 25.25
CA PRO A 699 0.01 -6.06 26.00
C PRO A 699 0.80 -6.03 27.31
N GLU A 700 1.77 -5.12 27.41
CA GLU A 700 2.59 -5.04 28.60
C GLU A 700 2.25 -3.87 29.51
N ASN A 701 1.10 -3.26 29.28
CA ASN A 701 0.68 -2.10 30.07
C ASN A 701 0.27 -2.43 31.51
N GLY A 702 0.35 -3.70 31.89
CA GLY A 702 0.01 -4.10 33.24
C GLY A 702 -1.42 -4.53 33.52
N LYS A 703 -2.32 -4.34 32.58
CA LYS A 703 -3.72 -4.72 32.77
C LYS A 703 -4.23 -5.61 31.65
N ASN A 704 -3.43 -5.77 30.61
CA ASN A 704 -3.85 -6.55 29.44
C ASN A 704 -3.23 -7.93 29.25
N HIS A 705 -2.88 -8.61 30.33
CA HIS A 705 -2.30 -9.94 30.21
C HIS A 705 -3.06 -10.88 31.12
N PRO A 706 -3.06 -12.18 30.80
CA PRO A 706 -3.75 -13.17 31.63
C PRO A 706 -3.09 -13.23 33.00
N ARG A 707 -3.88 -13.37 34.05
CA ARG A 707 -3.32 -13.42 35.40
C ARG A 707 -3.52 -14.76 36.09
N ASN A 708 -4.57 -15.49 35.72
CA ASN A 708 -4.86 -16.81 36.28
C ASN A 708 -4.94 -17.81 35.14
N LEU A 709 -4.23 -18.93 35.27
CA LEU A 709 -4.26 -19.96 34.23
C LEU A 709 -4.48 -21.35 34.78
N PHE A 710 -5.48 -22.04 34.23
CA PHE A 710 -5.79 -23.41 34.62
C PHE A 710 -5.25 -24.32 33.52
N ILE A 711 -4.53 -25.37 33.92
CA ILE A 711 -3.97 -26.32 32.97
C ILE A 711 -4.36 -27.74 33.38
N TRP A 712 -5.00 -28.47 32.49
CA TRP A 712 -5.38 -29.85 32.79
C TRP A 712 -5.47 -30.67 31.49
N ARG A 713 -5.11 -31.95 31.58
CA ARG A 713 -5.10 -32.81 30.40
C ARG A 713 -4.09 -32.20 29.44
N SER A 714 -3.08 -31.55 30.01
CA SER A 714 -2.04 -30.89 29.23
C SER A 714 -0.72 -30.73 29.99
N ASN A 715 0.38 -30.78 29.24
CA ASN A 715 1.72 -30.60 29.79
C ASN A 715 2.34 -29.44 29.00
N LEU A 716 1.55 -28.38 28.84
CA LEU A 716 1.95 -27.18 28.09
C LEU A 716 3.30 -26.59 28.47
N LEU A 717 3.40 -26.09 29.70
CA LEU A 717 4.61 -25.45 30.19
C LEU A 717 5.82 -26.37 30.22
N GLY A 718 5.68 -27.60 29.75
CA GLY A 718 6.82 -28.49 29.77
C GLY A 718 6.99 -29.43 28.59
N SER A 719 6.35 -29.13 27.46
CA SER A 719 6.47 -30.00 26.28
C SER A 719 5.68 -29.57 25.07
N SER A 720 4.42 -29.20 25.29
CA SER A 720 3.56 -28.76 24.20
C SER A 720 3.99 -27.38 23.71
N GLY A 721 4.15 -26.46 24.66
CA GLY A 721 4.50 -25.08 24.34
C GLY A 721 5.81 -24.78 23.64
N LYS A 722 5.71 -24.31 22.41
CA LYS A 722 6.90 -23.94 21.67
C LYS A 722 7.44 -22.67 22.34
N GLY A 723 8.76 -22.51 22.38
CA GLY A 723 9.34 -21.35 23.01
C GLY A 723 9.28 -21.50 24.52
N HIS A 724 9.67 -22.68 24.98
CA HIS A 724 9.69 -23.03 26.40
C HIS A 724 10.35 -21.98 27.30
N GLU A 725 11.55 -21.54 26.92
CA GLU A 725 12.27 -20.56 27.73
C GLU A 725 11.55 -19.21 27.82
N PHE A 726 10.88 -18.80 26.74
CA PHE A 726 10.16 -17.53 26.75
C PHE A 726 8.98 -17.60 27.71
N MET A 727 8.34 -18.76 27.76
CA MET A 727 7.21 -18.96 28.65
C MET A 727 7.68 -18.91 30.10
N LEU A 728 8.87 -19.44 30.36
CA LEU A 728 9.40 -19.40 31.72
C LEU A 728 9.70 -17.95 32.12
N LYS A 729 10.34 -17.23 31.21
CA LYS A 729 10.70 -15.84 31.48
C LYS A 729 9.51 -14.89 31.59
N TYR A 730 8.67 -14.83 30.57
CA TYR A 730 7.56 -13.89 30.58
C TYR A 730 6.24 -14.31 31.23
N LEU A 731 5.89 -15.59 31.17
CA LEU A 731 4.65 -16.02 31.79
C LEU A 731 4.82 -16.36 33.25
N LEU A 732 5.91 -17.06 33.57
CA LEU A 732 6.17 -17.49 34.93
C LEU A 732 7.06 -16.57 35.76
N GLY A 733 7.96 -15.85 35.09
CA GLY A 733 8.87 -14.97 35.81
C GLY A 733 9.91 -15.77 36.58
N THR A 734 10.47 -16.78 35.93
CA THR A 734 11.47 -17.65 36.55
C THR A 734 12.74 -17.65 35.70
N GLU A 735 13.81 -18.30 36.18
CA GLU A 735 15.05 -18.36 35.40
C GLU A 735 14.75 -18.97 34.04
N HIS A 736 15.50 -18.59 33.02
CA HIS A 736 15.28 -19.10 31.67
C HIS A 736 16.62 -19.27 30.95
N GLY A 737 16.58 -19.90 29.78
CA GLY A 737 17.80 -20.13 29.03
C GLY A 737 17.91 -19.47 27.66
N ILE A 738 17.17 -18.38 27.45
CA ILE A 738 17.22 -17.68 26.17
C ILE A 738 18.65 -17.18 25.90
N GLN A 739 19.16 -17.44 24.70
CA GLN A 739 20.52 -17.04 24.34
C GLN A 739 20.64 -15.77 23.49
N GLY A 740 19.69 -15.55 22.58
CA GLY A 740 19.74 -14.37 21.72
C GLY A 740 19.22 -13.10 22.35
N LYS A 741 19.31 -12.00 21.60
CA LYS A 741 18.83 -10.71 22.08
C LYS A 741 17.53 -10.31 21.39
N ASP A 742 16.72 -9.48 22.04
CA ASP A 742 15.46 -9.07 21.45
C ASP A 742 15.56 -8.03 20.35
N LEU A 743 14.39 -7.51 19.97
CA LEU A 743 14.27 -6.50 18.91
C LEU A 743 15.02 -5.21 19.16
N GLY A 744 14.83 -4.64 20.34
CA GLY A 744 15.50 -3.39 20.68
C GLY A 744 17.01 -3.51 20.63
N GLN A 745 17.53 -4.56 21.26
CA GLN A 745 18.96 -4.79 21.32
C GLN A 745 19.65 -4.97 19.97
N GLN A 746 18.89 -5.31 18.94
CA GLN A 746 19.47 -5.50 17.62
C GLN A 746 19.12 -4.33 16.71
N GLY A 747 18.66 -3.23 17.31
CA GLY A 747 18.30 -2.05 16.55
C GLY A 747 17.22 -2.32 15.53
N GLY A 748 16.62 -3.51 15.60
CA GLY A 748 15.57 -3.86 14.65
C GLY A 748 14.41 -2.88 14.71
N VAL A 749 13.56 -2.94 13.68
CA VAL A 749 12.41 -2.05 13.62
C VAL A 749 11.29 -2.61 14.49
N LYS A 750 10.53 -1.72 15.11
CA LYS A 750 9.45 -2.12 16.01
C LYS A 750 8.06 -2.18 15.37
N PRO A 751 7.07 -2.73 16.11
CA PRO A 751 5.69 -2.84 15.65
C PRO A 751 5.03 -1.49 15.43
N GLU A 752 4.15 -1.41 14.44
CA GLU A 752 3.44 -0.17 14.14
C GLU A 752 2.10 -0.11 14.86
N GLU A 753 1.68 -1.25 15.42
CA GLU A 753 0.39 -1.33 16.11
C GLU A 753 0.47 -1.61 17.61
N VAL A 754 1.63 -2.09 18.06
CA VAL A 754 1.81 -2.44 19.46
C VAL A 754 2.92 -1.63 20.13
N ASP A 755 2.68 -1.19 21.36
CA ASP A 755 3.68 -0.42 22.07
C ASP A 755 4.94 -1.24 22.26
N TRP A 756 6.04 -0.56 22.56
CA TRP A 756 7.30 -1.25 22.78
C TRP A 756 7.98 -0.81 24.08
N GLN A 757 8.71 -1.74 24.69
CA GLN A 757 9.44 -1.51 25.93
C GLN A 757 10.77 -2.22 25.81
N ASP A 758 11.86 -1.56 26.19
CA ASP A 758 13.16 -2.21 26.10
C ASP A 758 13.23 -3.35 27.10
N ASN A 759 12.47 -3.22 28.19
CA ASN A 759 12.43 -4.25 29.22
C ASN A 759 11.00 -4.79 29.33
N GLY A 760 10.76 -5.91 28.68
CA GLY A 760 9.43 -6.51 28.69
C GLY A 760 8.96 -6.97 30.06
N LEU A 761 7.64 -6.90 30.26
CA LEU A 761 7.01 -7.31 31.51
C LEU A 761 7.19 -8.82 31.70
N GLU A 762 7.70 -9.23 32.86
CA GLU A 762 7.92 -10.65 33.14
C GLU A 762 7.06 -11.11 34.31
N GLY A 763 6.84 -12.42 34.42
CA GLY A 763 6.04 -12.97 35.50
C GLY A 763 4.58 -12.57 35.49
N LYS A 764 3.98 -12.55 34.31
CA LYS A 764 2.60 -12.15 34.15
C LYS A 764 1.54 -12.97 34.88
N LEU A 765 1.72 -14.29 34.96
CA LEU A 765 0.73 -15.13 35.63
C LEU A 765 0.80 -15.03 37.16
N ASP A 766 -0.30 -14.64 37.79
CA ASP A 766 -0.37 -14.53 39.24
C ASP A 766 -0.56 -15.90 39.88
N LEU A 767 -1.30 -16.77 39.19
CA LEU A 767 -1.54 -18.11 39.71
C LEU A 767 -1.61 -19.14 38.59
N VAL A 768 -0.94 -20.26 38.80
CA VAL A 768 -0.93 -21.35 37.83
C VAL A 768 -1.43 -22.59 38.54
N VAL A 769 -2.58 -23.10 38.11
CA VAL A 769 -3.18 -24.29 38.71
C VAL A 769 -3.16 -25.43 37.68
N THR A 770 -2.56 -26.55 38.07
CA THR A 770 -2.47 -27.72 37.21
C THR A 770 -3.05 -28.98 37.85
N LEU A 771 -3.90 -29.67 37.09
CA LEU A 771 -4.53 -30.89 37.55
C LEU A 771 -3.90 -32.04 36.76
N ASP A 772 -3.34 -33.03 37.47
CA ASP A 772 -2.73 -34.19 36.81
C ASP A 772 -2.71 -35.38 37.77
N PHE A 773 -2.30 -36.55 37.27
CA PHE A 773 -2.22 -37.72 38.12
C PHE A 773 -0.77 -38.12 38.35
N ARG A 774 0.13 -37.50 37.60
CA ARG A 774 1.56 -37.75 37.72
C ARG A 774 2.20 -36.35 37.82
N LEU A 775 3.32 -36.24 38.52
CA LEU A 775 3.97 -34.94 38.64
C LEU A 775 4.78 -34.68 37.37
N SER A 776 4.17 -33.97 36.43
CA SER A 776 4.78 -33.64 35.14
C SER A 776 5.64 -32.39 35.24
N SER A 777 6.24 -32.03 34.10
CA SER A 777 7.08 -30.83 34.04
C SER A 777 6.24 -29.59 34.33
N THR A 778 5.02 -29.54 33.78
CA THR A 778 4.16 -28.38 34.03
C THR A 778 3.88 -28.28 35.52
N CYS A 779 3.55 -29.41 36.14
CA CYS A 779 3.26 -29.45 37.57
C CYS A 779 4.43 -28.88 38.36
N LEU A 780 5.63 -29.26 37.96
CA LEU A 780 6.86 -28.83 38.62
C LEU A 780 7.01 -27.30 38.68
N TYR A 781 6.35 -26.60 37.75
CA TYR A 781 6.42 -25.14 37.67
C TYR A 781 5.15 -24.42 38.07
N SER A 782 4.18 -25.15 38.63
CA SER A 782 2.92 -24.54 39.02
C SER A 782 2.95 -24.02 40.45
N ASP A 783 1.90 -23.32 40.84
CA ASP A 783 1.82 -22.80 42.20
C ASP A 783 0.99 -23.78 43.02
N ILE A 784 0.02 -24.39 42.35
CA ILE A 784 -0.85 -25.37 42.99
C ILE A 784 -1.04 -26.58 42.08
N ILE A 785 -0.92 -27.76 42.66
CA ILE A 785 -1.07 -29.01 41.94
C ILE A 785 -2.25 -29.77 42.51
N LEU A 786 -3.21 -30.12 41.65
CA LEU A 786 -4.38 -30.86 42.11
C LEU A 786 -4.35 -32.29 41.59
N PRO A 787 -4.49 -33.27 42.49
CA PRO A 787 -4.47 -34.69 42.10
C PRO A 787 -5.78 -35.09 41.43
N THR A 788 -5.67 -35.59 40.21
CA THR A 788 -6.85 -35.98 39.46
C THR A 788 -6.91 -37.51 39.34
N ALA A 789 -8.11 -38.04 39.13
CA ALA A 789 -8.32 -39.48 38.99
C ALA A 789 -7.77 -39.97 37.66
N THR A 790 -7.16 -41.15 37.66
CA THR A 790 -6.64 -41.72 36.43
C THR A 790 -7.81 -42.19 35.55
N TRP A 791 -7.50 -42.62 34.33
CA TRP A 791 -8.51 -43.07 33.39
C TRP A 791 -9.25 -44.33 33.85
N TYR A 792 -8.69 -45.02 34.83
CA TYR A 792 -9.30 -46.24 35.36
C TYR A 792 -10.06 -45.95 36.65
N GLU A 793 -10.19 -44.68 37.01
CA GLU A 793 -10.87 -44.30 38.23
C GLU A 793 -11.99 -43.29 38.02
N LYS A 794 -12.46 -43.15 36.77
CA LYS A 794 -13.53 -42.21 36.49
C LYS A 794 -14.35 -42.55 35.25
N ASP A 795 -15.54 -41.94 35.15
CA ASP A 795 -16.44 -42.14 34.01
C ASP A 795 -16.32 -41.01 33.00
N ASP A 796 -16.29 -41.36 31.72
CA ASP A 796 -16.19 -40.37 30.65
C ASP A 796 -16.41 -41.09 29.33
N MET A 797 -16.37 -40.35 28.21
CA MET A 797 -16.54 -40.95 26.89
C MET A 797 -15.41 -40.55 25.97
N ASN A 798 -15.24 -41.33 24.90
CA ASN A 798 -14.13 -41.15 23.97
C ASN A 798 -14.51 -41.54 22.53
N THR A 799 -14.08 -40.74 21.54
CA THR A 799 -14.29 -41.05 20.12
C THR A 799 -13.02 -40.68 19.37
N SER A 800 -12.91 -41.08 18.12
CA SER A 800 -11.73 -40.78 17.33
C SER A 800 -12.00 -40.69 15.83
N ASP A 801 -11.01 -40.19 15.11
CA ASP A 801 -11.08 -40.05 13.65
C ASP A 801 -10.88 -41.41 12.99
N MET A 802 -10.19 -42.31 13.69
CA MET A 802 -9.87 -43.63 13.13
C MET A 802 -10.99 -44.64 12.99
N HIS A 803 -11.96 -44.61 13.89
CA HIS A 803 -13.07 -45.56 13.80
C HIS A 803 -14.36 -44.87 14.22
N PRO A 804 -15.52 -45.50 13.97
CA PRO A 804 -16.82 -44.93 14.31
C PRO A 804 -17.45 -45.30 15.64
N PHE A 805 -16.67 -45.84 16.59
CA PHE A 805 -17.27 -46.22 17.87
C PHE A 805 -17.10 -45.20 18.97
N ILE A 806 -18.13 -45.10 19.82
CA ILE A 806 -18.05 -44.23 20.98
C ILE A 806 -18.09 -45.23 22.13
N HIS A 807 -17.14 -45.13 23.04
CA HIS A 807 -17.07 -46.04 24.18
C HIS A 807 -16.66 -45.28 25.43
N PRO A 808 -16.77 -45.91 26.61
CA PRO A 808 -16.43 -45.21 27.83
C PRO A 808 -15.15 -45.46 28.60
N LEU A 809 -14.85 -44.51 29.46
CA LEU A 809 -13.75 -44.62 30.41
C LEU A 809 -14.62 -44.96 31.62
N SER A 810 -14.18 -45.89 32.46
CA SER A 810 -14.96 -46.25 33.63
C SER A 810 -14.08 -46.34 34.86
N ALA A 811 -14.70 -46.26 36.03
CA ALA A 811 -13.97 -46.36 37.28
C ALA A 811 -13.92 -47.82 37.75
N ALA A 812 -12.81 -48.49 37.51
CA ALA A 812 -12.64 -49.89 37.93
C ALA A 812 -12.53 -49.88 39.46
N VAL A 813 -11.95 -48.81 39.97
CA VAL A 813 -11.76 -48.59 41.41
C VAL A 813 -12.00 -47.10 41.65
N ASP A 814 -12.44 -46.73 42.85
CA ASP A 814 -12.67 -45.31 43.16
C ASP A 814 -11.34 -44.58 43.20
N PRO A 815 -11.32 -43.28 42.86
CA PRO A 815 -10.09 -42.50 42.86
C PRO A 815 -9.21 -42.78 44.08
N ALA A 816 -7.92 -42.99 43.83
CA ALA A 816 -6.99 -43.30 44.91
C ALA A 816 -6.61 -42.08 45.75
N TRP A 817 -6.22 -42.35 46.99
CA TRP A 817 -5.81 -41.31 47.93
C TRP A 817 -6.78 -40.14 47.97
N GLU A 818 -6.31 -38.94 47.67
CA GLU A 818 -7.20 -37.77 47.69
C GLU A 818 -7.56 -37.25 46.29
N ALA A 819 -7.33 -38.08 45.27
CA ALA A 819 -7.62 -37.68 43.90
C ALA A 819 -9.11 -37.59 43.64
N LYS A 820 -9.48 -36.74 42.70
CA LYS A 820 -10.86 -36.54 42.30
C LYS A 820 -10.89 -36.42 40.78
N SER A 821 -12.03 -36.70 40.16
CA SER A 821 -12.14 -36.58 38.71
C SER A 821 -12.13 -35.09 38.37
N ASP A 822 -11.77 -34.77 37.14
CA ASP A 822 -11.72 -33.40 36.69
C ASP A 822 -13.09 -32.75 36.92
N TRP A 823 -14.15 -33.46 36.56
CA TRP A 823 -15.50 -32.96 36.72
C TRP A 823 -15.81 -32.58 38.18
N GLU A 824 -15.43 -33.43 39.12
CA GLU A 824 -15.69 -33.14 40.54
C GLU A 824 -14.78 -32.02 41.05
N ILE A 825 -13.58 -31.93 40.51
CA ILE A 825 -12.64 -30.88 40.93
C ILE A 825 -13.17 -29.49 40.56
N TYR A 826 -13.58 -29.32 39.31
CA TYR A 826 -14.10 -28.03 38.86
C TYR A 826 -15.47 -27.73 39.45
N LYS A 827 -16.22 -28.77 39.76
CA LYS A 827 -17.54 -28.55 40.36
C LYS A 827 -17.35 -27.97 41.75
N ALA A 828 -16.36 -28.49 42.48
CA ALA A 828 -16.07 -28.03 43.83
C ALA A 828 -15.55 -26.58 43.82
N ILE A 829 -14.76 -26.24 42.81
CA ILE A 829 -14.22 -24.89 42.68
C ILE A 829 -15.38 -23.93 42.39
N ALA A 830 -16.30 -24.38 41.55
CA ALA A 830 -17.47 -23.60 41.18
C ALA A 830 -18.34 -23.34 42.40
N LYS A 831 -18.48 -24.35 43.23
CA LYS A 831 -19.30 -24.23 44.44
C LYS A 831 -18.70 -23.23 45.41
N LYS A 832 -17.38 -23.27 45.56
CA LYS A 832 -16.68 -22.38 46.47
C LYS A 832 -16.69 -20.95 45.92
N PHE A 833 -16.57 -20.83 44.61
CA PHE A 833 -16.58 -19.54 43.93
C PHE A 833 -17.92 -18.83 44.19
N SER A 834 -19.00 -19.58 44.02
CA SER A 834 -20.34 -19.05 44.21
C SER A 834 -20.55 -18.47 45.61
N GLU A 835 -19.72 -18.89 46.55
CA GLU A 835 -19.80 -18.42 47.94
C GLU A 835 -18.86 -17.24 48.16
N VAL A 836 -17.63 -17.38 47.70
CA VAL A 836 -16.60 -16.36 47.87
C VAL A 836 -16.85 -15.07 47.08
N CYS A 837 -17.63 -15.14 46.02
CA CYS A 837 -17.88 -13.96 45.20
C CYS A 837 -18.99 -13.04 45.73
N VAL A 838 -19.80 -13.54 46.65
CA VAL A 838 -20.90 -12.73 47.20
C VAL A 838 -20.34 -11.46 47.82
N GLY A 839 -20.85 -10.32 47.37
CA GLY A 839 -20.38 -9.04 47.88
C GLY A 839 -19.33 -8.42 46.97
N HIS A 840 -18.82 -9.23 46.05
CA HIS A 840 -17.80 -8.78 45.10
C HIS A 840 -18.34 -8.82 43.68
N LEU A 841 -19.20 -9.80 43.41
CA LEU A 841 -19.80 -9.96 42.09
C LEU A 841 -21.24 -10.46 42.26
N GLY A 842 -22.17 -9.80 41.58
CA GLY A 842 -23.57 -10.21 41.66
C GLY A 842 -24.06 -10.50 40.26
N LYS A 843 -25.17 -9.89 39.87
CA LYS A 843 -25.70 -10.09 38.53
C LYS A 843 -25.06 -9.02 37.67
N GLU A 844 -23.97 -9.38 37.00
CA GLU A 844 -23.25 -8.43 36.17
C GLU A 844 -23.65 -8.46 34.69
N THR A 845 -23.17 -7.48 33.94
CA THR A 845 -23.41 -7.40 32.51
C THR A 845 -22.00 -7.36 31.93
N ASP A 846 -21.75 -8.21 30.94
CA ASP A 846 -20.43 -8.31 30.33
C ASP A 846 -20.50 -7.95 28.85
N ILE A 847 -19.47 -7.27 28.36
CA ILE A 847 -19.41 -6.91 26.94
C ILE A 847 -18.40 -7.85 26.31
N VAL A 848 -18.87 -8.70 25.40
CA VAL A 848 -18.01 -9.70 24.77
C VAL A 848 -17.82 -9.51 23.27
N THR A 849 -16.58 -9.50 22.83
CA THR A 849 -16.31 -9.38 21.41
C THR A 849 -16.29 -10.79 20.82
N LEU A 850 -16.80 -10.93 19.61
CA LEU A 850 -16.87 -12.22 18.96
C LEU A 850 -16.49 -12.04 17.49
N PRO A 851 -15.41 -12.69 17.05
CA PRO A 851 -15.01 -12.54 15.65
C PRO A 851 -16.06 -13.07 14.69
N ILE A 852 -15.96 -12.66 13.42
CA ILE A 852 -16.89 -13.11 12.40
C ILE A 852 -16.70 -14.63 12.24
N GLN A 853 -17.79 -15.37 12.47
CA GLN A 853 -17.77 -16.82 12.42
C GLN A 853 -18.05 -17.50 11.09
N HIS A 854 -17.24 -18.52 10.78
CA HIS A 854 -17.42 -19.34 9.59
C HIS A 854 -18.71 -20.11 9.89
N ASP A 855 -19.48 -20.44 8.86
CA ASP A 855 -20.75 -21.16 9.02
C ASP A 855 -21.86 -20.32 9.66
N SER A 856 -21.80 -19.01 9.44
CA SER A 856 -22.83 -18.08 9.91
C SER A 856 -23.01 -17.12 8.74
N ALA A 857 -24.18 -16.48 8.64
CA ALA A 857 -24.43 -15.56 7.54
C ALA A 857 -23.37 -14.43 7.52
N ALA A 858 -22.87 -14.08 8.69
CA ALA A 858 -21.87 -13.02 8.79
C ALA A 858 -20.56 -13.35 8.06
N GLU A 859 -20.39 -14.61 7.67
CA GLU A 859 -19.17 -15.01 6.97
C GLU A 859 -19.02 -14.29 5.63
N LEU A 860 -20.11 -13.66 5.18
CA LEU A 860 -20.08 -12.91 3.93
C LEU A 860 -19.82 -11.44 4.30
N ALA A 861 -18.66 -11.21 4.92
CA ALA A 861 -18.26 -9.88 5.38
C ALA A 861 -17.66 -8.94 4.33
N GLN A 862 -16.41 -9.18 3.95
CA GLN A 862 -15.74 -8.35 2.94
C GLN A 862 -15.50 -9.16 1.67
N PRO A 863 -16.37 -8.96 0.67
CA PRO A 863 -16.35 -9.63 -0.64
C PRO A 863 -15.26 -9.34 -1.67
N LEU A 864 -14.93 -8.07 -1.88
CA LEU A 864 -13.96 -7.72 -2.92
C LEU A 864 -12.56 -7.33 -2.50
N ASP A 865 -12.40 -6.84 -1.27
CA ASP A 865 -11.07 -6.46 -0.81
C ASP A 865 -11.04 -6.29 0.70
N VAL A 866 -9.95 -5.75 1.21
CA VAL A 866 -9.78 -5.57 2.65
C VAL A 866 -9.78 -4.10 3.09
N LYS A 867 -10.71 -3.77 4.01
CA LYS A 867 -10.82 -2.41 4.53
C LYS A 867 -10.68 -2.38 6.05
N ASP A 868 -9.82 -1.49 6.53
CA ASP A 868 -9.56 -1.34 7.95
C ASP A 868 -10.26 -0.09 8.48
N TRP A 869 -11.24 -0.27 9.34
CA TRP A 869 -11.98 0.87 9.89
C TRP A 869 -11.08 1.80 10.68
N LYS A 870 -10.07 1.24 11.33
CA LYS A 870 -9.15 2.06 12.12
C LYS A 870 -8.28 2.95 11.26
N LYS A 871 -8.12 2.59 9.99
CA LYS A 871 -7.33 3.40 9.05
C LYS A 871 -8.28 4.33 8.31
N GLY A 872 -9.54 4.33 8.75
CA GLY A 872 -10.55 5.18 8.15
C GLY A 872 -10.94 4.77 6.74
N GLU A 873 -10.85 3.48 6.44
CA GLU A 873 -11.20 2.97 5.11
C GLU A 873 -12.65 2.52 4.97
N CYS A 874 -13.34 2.46 6.11
CA CYS A 874 -14.73 2.04 6.15
C CYS A 874 -15.17 2.32 7.57
N ASP A 875 -16.45 2.17 7.86
CA ASP A 875 -16.92 2.41 9.21
C ASP A 875 -16.77 1.14 10.04
N LEU A 876 -16.77 1.28 11.36
CA LEU A 876 -16.65 0.15 12.26
C LEU A 876 -18.04 -0.48 12.37
N ILE A 877 -18.26 -1.56 11.63
CA ILE A 877 -19.54 -2.25 11.65
C ILE A 877 -19.38 -3.63 12.30
N PRO A 878 -19.86 -3.78 13.55
CA PRO A 878 -19.75 -5.06 14.27
C PRO A 878 -20.31 -6.20 13.45
N GLY A 879 -19.54 -7.26 13.30
CA GLY A 879 -20.00 -8.41 12.55
C GLY A 879 -19.72 -8.33 11.06
N LYS A 880 -19.05 -7.27 10.61
CA LYS A 880 -18.75 -7.14 9.19
C LYS A 880 -17.37 -6.61 8.90
N THR A 881 -16.98 -5.53 9.57
CA THR A 881 -15.67 -4.93 9.37
C THR A 881 -14.98 -4.87 10.72
N ALA A 882 -15.64 -5.44 11.72
CA ALA A 882 -15.14 -5.48 13.08
C ALA A 882 -15.81 -6.65 13.78
N PRO A 883 -15.26 -7.10 14.91
CA PRO A 883 -15.90 -8.23 15.59
C PRO A 883 -17.32 -7.88 16.06
N HIS A 884 -18.10 -8.91 16.36
CA HIS A 884 -19.44 -8.70 16.88
C HIS A 884 -19.22 -8.18 18.30
N ILE A 885 -20.13 -7.36 18.78
CA ILE A 885 -20.04 -6.84 20.14
C ILE A 885 -21.31 -7.37 20.80
N MET A 886 -21.13 -8.27 21.77
CA MET A 886 -22.26 -8.91 22.44
C MET A 886 -22.41 -8.56 23.91
N VAL A 887 -23.63 -8.67 24.41
CA VAL A 887 -23.94 -8.39 25.80
C VAL A 887 -24.28 -9.73 26.46
N VAL A 888 -23.55 -10.09 27.51
CA VAL A 888 -23.80 -11.34 28.21
C VAL A 888 -24.06 -11.10 29.69
N GLU A 889 -25.21 -11.57 30.16
CA GLU A 889 -25.55 -11.42 31.58
C GLU A 889 -24.97 -12.59 32.36
N ARG A 890 -24.28 -12.29 33.45
CA ARG A 890 -23.68 -13.34 34.27
C ARG A 890 -24.16 -13.23 35.71
N ASP A 891 -24.68 -14.33 36.25
CA ASP A 891 -25.16 -14.38 37.63
C ASP A 891 -24.08 -15.12 38.41
N TYR A 892 -23.05 -14.39 38.85
CA TYR A 892 -21.94 -15.02 39.55
C TYR A 892 -22.28 -15.89 40.76
N PRO A 893 -23.17 -15.43 41.64
CA PRO A 893 -23.49 -16.26 42.80
C PRO A 893 -24.19 -17.56 42.39
N ALA A 894 -24.70 -17.60 41.17
CA ALA A 894 -25.42 -18.76 40.67
C ALA A 894 -24.55 -19.70 39.82
N THR A 895 -23.26 -19.42 39.77
CA THR A 895 -22.32 -20.20 38.98
C THR A 895 -22.41 -21.72 39.23
N TYR A 896 -22.42 -22.13 40.49
CA TYR A 896 -22.51 -23.54 40.83
C TYR A 896 -23.83 -24.17 40.42
N GLU A 897 -24.94 -23.48 40.70
CA GLU A 897 -26.25 -24.01 40.32
C GLU A 897 -26.40 -24.13 38.81
N ARG A 898 -25.75 -23.25 38.05
CA ARG A 898 -25.84 -23.30 36.60
C ARG A 898 -24.95 -24.43 36.07
N PHE A 899 -23.79 -24.57 36.69
CA PHE A 899 -22.83 -25.59 36.34
C PHE A 899 -23.48 -26.97 36.45
N THR A 900 -24.17 -27.19 37.56
CA THR A 900 -24.82 -28.47 37.81
C THR A 900 -26.24 -28.64 37.27
N SER A 901 -26.55 -27.94 36.20
CA SER A 901 -27.88 -28.08 35.58
C SER A 901 -27.84 -27.67 34.11
N ILE A 902 -28.71 -28.28 33.31
CA ILE A 902 -28.77 -27.96 31.88
C ILE A 902 -29.65 -26.72 31.75
N GLY A 903 -29.06 -25.66 31.17
CA GLY A 903 -29.74 -24.39 31.01
C GLY A 903 -30.94 -24.30 30.10
N PRO A 904 -31.74 -23.22 30.26
CA PRO A 904 -32.96 -22.94 29.48
C PRO A 904 -32.76 -22.55 28.02
N LEU A 905 -31.54 -22.18 27.62
CA LEU A 905 -31.33 -21.78 26.24
C LEU A 905 -31.52 -22.90 25.23
N MET A 906 -31.30 -24.15 25.63
CA MET A 906 -31.47 -25.26 24.71
C MET A 906 -32.93 -25.34 24.28
N GLU A 907 -33.84 -25.01 25.20
CA GLU A 907 -35.28 -25.04 24.92
C GLU A 907 -35.78 -23.73 24.31
N LYS A 908 -35.19 -22.61 24.72
CA LYS A 908 -35.61 -21.31 24.23
C LYS A 908 -35.09 -21.02 22.83
N ILE A 909 -33.80 -21.24 22.61
CA ILE A 909 -33.20 -20.99 21.31
C ILE A 909 -33.12 -22.25 20.47
N GLY A 910 -32.44 -23.27 21.00
CA GLY A 910 -32.29 -24.52 20.27
C GLY A 910 -30.85 -24.97 20.32
N ASN A 911 -30.46 -25.80 19.36
CA ASN A 911 -29.10 -26.32 19.27
C ASN A 911 -28.69 -26.29 17.81
N GLY A 912 -27.43 -26.57 17.53
CA GLY A 912 -26.99 -26.58 16.14
C GLY A 912 -25.50 -26.43 15.99
N GLY A 913 -25.04 -26.37 14.75
CA GLY A 913 -23.63 -26.21 14.49
C GLY A 913 -23.38 -26.38 13.02
N LYS A 914 -22.19 -25.96 12.56
CA LYS A 914 -21.83 -26.10 11.16
C LYS A 914 -22.79 -25.36 10.23
N GLY A 915 -23.49 -24.35 10.74
CA GLY A 915 -24.39 -23.59 9.90
C GLY A 915 -25.86 -23.98 9.89
N ILE A 916 -26.23 -25.01 10.65
CA ILE A 916 -27.62 -25.44 10.71
C ILE A 916 -28.06 -25.46 12.18
N ALA A 917 -29.38 -25.45 12.40
CA ALA A 917 -29.92 -25.46 13.76
C ALA A 917 -31.25 -26.19 13.79
N TRP A 918 -31.66 -26.62 14.98
CA TRP A 918 -32.91 -27.35 15.11
C TRP A 918 -33.50 -27.23 16.51
N ASN A 919 -34.74 -27.67 16.63
CA ASN A 919 -35.46 -27.64 17.91
C ASN A 919 -35.03 -28.89 18.68
N THR A 920 -34.77 -28.75 19.97
CA THR A 920 -34.34 -29.91 20.73
C THR A 920 -35.14 -30.09 22.02
N GLN A 921 -36.40 -29.67 21.97
CA GLN A 921 -37.30 -29.76 23.11
C GLN A 921 -37.53 -31.21 23.57
N SER A 922 -37.64 -32.12 22.61
CA SER A 922 -37.87 -33.52 22.94
C SER A 922 -36.68 -34.12 23.69
N GLU A 923 -35.47 -33.67 23.38
CA GLU A 923 -34.29 -34.18 24.05
C GLU A 923 -34.21 -33.66 25.49
N MET A 924 -34.70 -32.43 25.69
CA MET A 924 -34.68 -31.86 27.03
C MET A 924 -35.70 -32.55 27.90
N ASP A 925 -36.85 -32.90 27.34
CA ASP A 925 -37.89 -33.58 28.11
C ASP A 925 -37.33 -34.92 28.60
N LEU A 926 -36.62 -35.63 27.71
CA LEU A 926 -36.01 -36.91 28.03
C LEU A 926 -34.93 -36.77 29.10
N LEU A 927 -34.11 -35.73 28.99
CA LEU A 927 -33.06 -35.51 29.97
C LEU A 927 -33.60 -35.24 31.37
N ARG A 928 -34.78 -34.64 31.47
CA ARG A 928 -35.37 -34.38 32.78
C ARG A 928 -35.72 -35.72 33.46
N LYS A 929 -36.05 -36.73 32.67
CA LYS A 929 -36.40 -38.04 33.21
C LYS A 929 -35.17 -38.88 33.55
N LEU A 930 -34.11 -38.74 32.74
CA LEU A 930 -32.88 -39.49 32.96
C LEU A 930 -32.02 -38.93 34.09
N ASN A 931 -31.87 -37.61 34.13
CA ASN A 931 -31.03 -36.99 35.16
C ASN A 931 -31.79 -36.42 36.36
N TYR A 932 -33.12 -36.39 36.29
CA TYR A 932 -33.94 -35.80 37.35
C TYR A 932 -33.80 -34.28 37.21
N THR A 933 -34.54 -33.54 38.02
CA THR A 933 -34.49 -32.08 37.93
C THR A 933 -34.21 -31.40 39.26
N LYS A 934 -33.76 -30.14 39.18
CA LYS A 934 -33.48 -29.34 40.36
C LYS A 934 -34.82 -29.13 41.07
N ALA A 935 -34.83 -29.28 42.39
CA ALA A 935 -36.06 -29.10 43.16
C ALA A 935 -36.27 -27.65 43.59
N GLU A 936 -35.20 -26.87 43.59
CA GLU A 936 -35.28 -25.47 44.00
C GLU A 936 -34.10 -24.64 43.48
N GLY A 937 -34.04 -23.38 43.92
CA GLY A 937 -32.96 -22.50 43.52
C GLY A 937 -33.13 -21.89 42.15
N PRO A 938 -32.07 -21.22 41.63
CA PRO A 938 -32.03 -20.55 40.33
C PRO A 938 -32.37 -21.44 39.13
N ALA A 939 -32.01 -22.71 39.19
CA ALA A 939 -32.27 -23.62 38.08
C ALA A 939 -33.42 -24.60 38.31
N LYS A 940 -34.32 -24.25 39.23
CA LYS A 940 -35.47 -25.09 39.54
C LYS A 940 -36.15 -25.59 38.27
N GLY A 941 -36.38 -26.90 38.20
CA GLY A 941 -37.05 -27.48 37.04
C GLY A 941 -36.18 -27.89 35.87
N GLN A 942 -34.90 -27.53 35.90
CA GLN A 942 -34.00 -27.89 34.82
C GLN A 942 -33.36 -29.25 35.07
N PRO A 943 -33.00 -29.97 33.99
CA PRO A 943 -32.37 -31.28 34.18
C PRO A 943 -31.09 -31.08 34.98
N MET A 944 -30.75 -32.05 35.82
CA MET A 944 -29.55 -31.93 36.62
C MET A 944 -28.29 -32.44 35.96
N LEU A 945 -27.16 -31.90 36.41
CA LEU A 945 -25.84 -32.27 35.93
C LEU A 945 -24.95 -32.40 37.15
N ASN A 946 -25.27 -33.36 38.00
CA ASN A 946 -24.48 -33.59 39.21
C ASN A 946 -23.27 -34.46 38.96
N THR A 947 -23.45 -35.56 38.24
CA THR A 947 -22.35 -36.48 37.99
C THR A 947 -21.82 -36.46 36.56
N ALA A 948 -20.65 -37.08 36.38
CA ALA A 948 -20.04 -37.17 35.06
C ALA A 948 -20.98 -37.96 34.15
N ILE A 949 -21.73 -38.90 34.71
CA ILE A 949 -22.65 -39.68 33.90
C ILE A 949 -23.83 -38.82 33.44
N ASP A 950 -24.23 -37.85 34.25
CA ASP A 950 -25.31 -36.95 33.86
C ASP A 950 -24.85 -36.15 32.65
N ALA A 951 -23.60 -35.70 32.70
CA ALA A 951 -23.02 -34.91 31.62
C ALA A 951 -22.87 -35.76 30.36
N ALA A 952 -22.53 -37.04 30.54
CA ALA A 952 -22.37 -37.92 29.38
C ALA A 952 -23.73 -38.15 28.72
N GLU A 953 -24.76 -38.36 29.53
CA GLU A 953 -26.10 -38.59 28.98
C GLU A 953 -26.63 -37.34 28.26
N MET A 954 -26.18 -36.17 28.70
CA MET A 954 -26.59 -34.94 28.03
C MET A 954 -25.98 -34.92 26.64
N ILE A 955 -24.69 -35.23 26.55
CA ILE A 955 -24.00 -35.25 25.26
C ILE A 955 -24.64 -36.26 24.30
N LEU A 956 -24.89 -37.47 24.80
CA LEU A 956 -25.48 -38.52 23.98
C LEU A 956 -26.88 -38.20 23.49
N THR A 957 -27.69 -37.61 24.35
CA THR A 957 -29.06 -37.28 23.99
C THR A 957 -29.17 -36.09 23.03
N LEU A 958 -28.28 -35.12 23.17
CA LEU A 958 -28.30 -33.94 22.31
C LEU A 958 -27.67 -34.08 20.92
N ALA A 959 -26.66 -34.94 20.79
CA ALA A 959 -25.97 -35.08 19.51
C ALA A 959 -26.68 -35.92 18.45
N PRO A 960 -26.66 -35.44 17.19
CA PRO A 960 -27.31 -36.18 16.11
C PRO A 960 -26.64 -37.52 15.82
N GLU A 961 -25.37 -37.64 16.15
CA GLU A 961 -24.67 -38.89 15.87
C GLU A 961 -24.89 -39.97 16.93
N THR A 962 -25.58 -39.63 18.01
CA THR A 962 -25.86 -40.60 19.06
C THR A 962 -27.37 -40.67 19.37
N ASN A 963 -28.13 -39.79 18.74
CA ASN A 963 -29.58 -39.77 18.92
C ASN A 963 -30.19 -39.64 17.53
N GLY A 964 -30.76 -40.72 17.02
CA GLY A 964 -31.35 -40.72 15.69
C GLY A 964 -32.47 -39.72 15.48
N GLN A 965 -33.20 -39.40 16.54
CA GLN A 965 -34.29 -38.47 16.46
C GLN A 965 -33.74 -37.08 16.11
N VAL A 966 -32.59 -36.75 16.69
CA VAL A 966 -31.94 -35.48 16.42
C VAL A 966 -31.28 -35.50 15.04
N ALA A 967 -30.73 -36.64 14.67
CA ALA A 967 -30.08 -36.78 13.37
C ALA A 967 -31.01 -36.43 12.21
N VAL A 968 -32.25 -36.91 12.27
CA VAL A 968 -33.22 -36.63 11.22
C VAL A 968 -33.56 -35.14 11.18
N LYS A 969 -33.74 -34.52 12.35
CA LYS A 969 -34.04 -33.09 12.42
C LYS A 969 -32.88 -32.28 11.86
N ALA A 970 -31.66 -32.72 12.14
CA ALA A 970 -30.47 -32.05 11.65
C ALA A 970 -30.41 -32.13 10.12
N TRP A 971 -30.56 -33.33 9.58
CA TRP A 971 -30.54 -33.51 8.12
C TRP A 971 -31.67 -32.71 7.45
N ALA A 972 -32.79 -32.57 8.15
CA ALA A 972 -33.92 -31.83 7.59
C ALA A 972 -33.58 -30.34 7.52
N ALA A 973 -32.90 -29.84 8.53
CA ALA A 973 -32.51 -28.43 8.56
C ALA A 973 -31.56 -28.15 7.39
N LEU A 974 -30.66 -29.10 7.12
CA LEU A 974 -29.72 -28.93 6.02
C LEU A 974 -30.44 -28.98 4.68
N SER A 975 -31.45 -29.84 4.58
CA SER A 975 -32.22 -29.98 3.35
C SER A 975 -32.88 -28.66 2.91
N GLU A 976 -33.12 -27.76 3.86
CA GLU A 976 -33.72 -26.48 3.53
C GLU A 976 -32.75 -25.66 2.70
N PHE A 977 -31.46 -25.72 3.08
CA PHE A 977 -30.42 -25.00 2.36
C PHE A 977 -30.21 -25.55 0.96
N THR A 978 -29.99 -26.86 0.87
CA THR A 978 -29.70 -27.52 -0.40
C THR A 978 -30.88 -27.74 -1.34
N GLY A 979 -32.09 -27.80 -0.80
CA GLY A 979 -33.24 -28.05 -1.64
C GLY A 979 -33.34 -29.52 -2.00
N ARG A 980 -32.47 -30.35 -1.42
CA ARG A 980 -32.47 -31.79 -1.68
C ARG A 980 -32.74 -32.51 -0.38
N ASP A 981 -33.50 -33.60 -0.44
CA ASP A 981 -33.81 -34.34 0.78
C ASP A 981 -32.61 -35.17 1.24
N HIS A 982 -32.18 -34.96 2.47
CA HIS A 982 -31.04 -35.70 3.02
C HIS A 982 -31.45 -36.54 4.23
N THR A 983 -32.70 -36.43 4.66
CA THR A 983 -33.15 -37.17 5.83
C THR A 983 -33.07 -38.68 5.65
N HIS A 984 -33.03 -39.15 4.39
CA HIS A 984 -32.95 -40.57 4.13
C HIS A 984 -31.65 -41.16 4.69
N LEU A 985 -30.68 -40.29 4.96
CA LEU A 985 -29.40 -40.73 5.50
C LEU A 985 -29.50 -41.18 6.96
N ALA A 986 -30.53 -40.74 7.67
CA ALA A 986 -30.68 -41.13 9.07
C ALA A 986 -32.07 -41.71 9.43
N LEU A 987 -33.00 -41.66 8.49
CA LEU A 987 -34.35 -42.18 8.73
C LEU A 987 -34.37 -43.64 9.20
N ASN A 988 -33.50 -44.46 8.62
CA ASN A 988 -33.43 -45.87 8.98
C ASN A 988 -32.77 -46.11 10.33
N LYS A 989 -32.26 -45.04 10.94
CA LYS A 989 -31.64 -45.15 12.26
C LYS A 989 -32.35 -44.23 13.24
N GLU A 990 -33.47 -43.65 12.83
CA GLU A 990 -34.23 -42.80 13.74
C GLU A 990 -34.63 -43.86 14.78
N ASP A 991 -34.97 -43.47 15.99
CA ASP A 991 -35.33 -44.46 17.01
C ASP A 991 -34.12 -45.00 17.76
N GLU A 992 -32.92 -44.93 17.16
CA GLU A 992 -31.72 -45.39 17.86
C GLU A 992 -31.27 -44.30 18.81
N LYS A 993 -30.98 -44.68 20.05
CA LYS A 993 -30.50 -43.75 21.07
C LYS A 993 -29.39 -44.41 21.87
N ILE A 994 -28.17 -43.92 21.73
CA ILE A 994 -27.06 -44.49 22.47
C ILE A 994 -27.06 -44.00 23.91
N ARG A 995 -27.00 -44.95 24.85
CA ARG A 995 -27.02 -44.67 26.29
C ARG A 995 -25.65 -44.98 26.90
N PHE A 996 -25.27 -44.23 27.93
CA PHE A 996 -23.98 -44.47 28.56
C PHE A 996 -23.78 -45.91 29.06
N ARG A 997 -24.79 -46.46 29.73
CA ARG A 997 -24.66 -47.81 30.25
C ARG A 997 -24.58 -48.87 29.16
N ASP A 998 -25.11 -48.58 27.98
CA ASP A 998 -25.03 -49.54 26.89
C ASP A 998 -23.63 -49.60 26.29
N ILE A 999 -22.95 -48.46 26.19
CA ILE A 999 -21.59 -48.48 25.64
C ILE A 999 -20.61 -49.13 26.61
N GLN A 1000 -21.00 -49.22 27.89
CA GLN A 1000 -20.15 -49.89 28.86
C GLN A 1000 -20.23 -51.40 28.56
N ALA A 1001 -21.39 -51.84 28.06
CA ALA A 1001 -21.59 -53.25 27.71
C ALA A 1001 -20.90 -53.56 26.37
N GLN A 1002 -21.04 -52.67 25.39
CA GLN A 1002 -20.39 -52.83 24.09
C GLN A 1002 -20.31 -51.51 23.34
N PRO A 1003 -19.14 -51.19 22.80
CA PRO A 1003 -18.96 -49.94 22.04
C PRO A 1003 -20.00 -49.91 20.92
N ARG A 1004 -20.59 -48.73 20.67
CA ARG A 1004 -21.59 -48.59 19.61
C ARG A 1004 -21.11 -47.67 18.49
N LYS A 1005 -21.56 -47.97 17.27
CA LYS A 1005 -21.23 -47.16 16.10
C LYS A 1005 -22.14 -45.94 16.11
N ILE A 1006 -21.61 -44.78 15.73
CA ILE A 1006 -22.42 -43.56 15.70
C ILE A 1006 -23.34 -43.53 14.47
N ILE A 1007 -24.17 -42.49 14.41
CA ILE A 1007 -25.13 -42.32 13.32
C ILE A 1007 -24.70 -41.27 12.29
N SER A 1008 -25.05 -41.49 11.02
CA SER A 1008 -24.72 -40.55 9.93
C SER A 1008 -25.35 -39.20 10.26
N SER A 1009 -24.53 -38.15 10.27
CA SER A 1009 -24.99 -36.81 10.61
C SER A 1009 -24.43 -35.68 9.73
N PRO A 1010 -25.21 -34.60 9.53
CA PRO A 1010 -24.80 -33.46 8.71
C PRO A 1010 -23.55 -32.73 9.21
N THR A 1011 -23.11 -33.07 10.42
CA THR A 1011 -21.92 -32.45 11.00
C THR A 1011 -20.67 -33.01 10.31
N TRP A 1012 -20.81 -34.18 9.67
CA TRP A 1012 -19.69 -34.83 8.99
C TRP A 1012 -20.00 -35.22 7.54
N SER A 1013 -18.95 -35.35 6.71
CA SER A 1013 -19.16 -35.69 5.30
C SER A 1013 -19.04 -37.18 4.95
N GLY A 1014 -18.74 -38.00 5.95
CA GLY A 1014 -18.63 -39.43 5.72
C GLY A 1014 -19.89 -40.11 6.21
N LEU A 1015 -20.14 -41.34 5.79
CA LEU A 1015 -21.35 -42.04 6.24
C LEU A 1015 -21.10 -43.29 7.06
N GLU A 1016 -22.06 -43.61 7.92
CA GLU A 1016 -22.03 -44.81 8.74
C GLU A 1016 -23.03 -45.70 8.03
N ASP A 1017 -22.52 -46.55 7.16
CA ASP A 1017 -23.37 -47.40 6.35
C ASP A 1017 -22.93 -48.86 6.37
N GLU A 1018 -23.89 -49.74 6.12
CA GLU A 1018 -23.64 -51.17 6.09
C GLU A 1018 -22.80 -51.59 4.89
N HIS A 1019 -22.94 -50.86 3.77
CA HIS A 1019 -22.22 -51.22 2.57
C HIS A 1019 -21.02 -50.38 2.18
N VAL A 1020 -20.91 -49.17 2.73
CA VAL A 1020 -19.76 -48.33 2.39
C VAL A 1020 -19.14 -47.80 3.68
N SER A 1021 -17.80 -47.82 3.75
CA SER A 1021 -17.09 -47.35 4.93
C SER A 1021 -17.17 -45.83 5.02
N TYR A 1022 -16.70 -45.28 6.15
CA TYR A 1022 -16.70 -43.84 6.35
C TYR A 1022 -15.59 -43.21 5.53
N ASN A 1023 -15.98 -42.36 4.58
CA ASN A 1023 -15.05 -41.68 3.70
C ASN A 1023 -15.45 -40.21 3.63
N ALA A 1024 -14.53 -39.32 4.01
CA ALA A 1024 -14.82 -37.89 3.99
C ALA A 1024 -15.05 -37.35 2.58
N GLY A 1025 -15.98 -36.41 2.47
CA GLY A 1025 -16.32 -35.80 1.20
C GLY A 1025 -17.31 -36.64 0.43
N TYR A 1026 -17.73 -37.74 1.04
CA TYR A 1026 -18.67 -38.65 0.40
C TYR A 1026 -20.03 -37.99 0.13
N THR A 1027 -20.55 -37.24 1.10
CA THR A 1027 -21.85 -36.60 0.91
C THR A 1027 -21.79 -35.42 -0.07
N ASN A 1028 -20.65 -34.75 -0.12
CA ASN A 1028 -20.49 -33.63 -1.05
C ASN A 1028 -20.60 -34.18 -2.45
N VAL A 1029 -19.87 -35.26 -2.70
CA VAL A 1029 -19.86 -35.90 -4.01
C VAL A 1029 -21.13 -36.66 -4.37
N HIS A 1030 -21.69 -37.40 -3.40
CA HIS A 1030 -22.87 -38.21 -3.67
C HIS A 1030 -24.23 -37.60 -3.33
N GLU A 1031 -24.26 -36.66 -2.40
CA GLU A 1031 -25.52 -36.00 -2.03
C GLU A 1031 -25.54 -34.59 -2.62
N LEU A 1032 -24.44 -34.21 -3.24
CA LEU A 1032 -24.29 -32.90 -3.88
C LEU A 1032 -24.43 -31.73 -2.93
N ILE A 1033 -23.95 -31.90 -1.70
CA ILE A 1033 -23.97 -30.85 -0.70
C ILE A 1033 -22.68 -30.08 -0.98
N PRO A 1034 -22.75 -28.74 -1.08
CA PRO A 1034 -21.53 -27.97 -1.36
C PRO A 1034 -20.51 -27.96 -0.24
N TRP A 1035 -19.25 -27.77 -0.60
CA TRP A 1035 -18.20 -27.62 0.39
C TRP A 1035 -18.44 -26.18 0.81
N ARG A 1036 -18.15 -25.84 2.06
CA ARG A 1036 -18.39 -24.49 2.55
C ARG A 1036 -17.32 -23.46 2.13
N THR A 1037 -17.14 -23.32 0.82
CA THR A 1037 -16.17 -22.39 0.24
C THR A 1037 -16.87 -21.34 -0.60
N LEU A 1038 -16.13 -20.29 -0.98
CA LEU A 1038 -16.68 -19.22 -1.82
C LEU A 1038 -17.43 -19.77 -3.04
N SER A 1039 -16.80 -20.69 -3.75
CA SER A 1039 -17.40 -21.28 -4.94
C SER A 1039 -18.31 -22.46 -4.67
N GLY A 1040 -18.19 -23.07 -3.49
CA GLY A 1040 -19.01 -24.22 -3.18
C GLY A 1040 -18.34 -25.52 -3.60
N ARG A 1041 -17.24 -25.41 -4.34
CA ARG A 1041 -16.49 -26.58 -4.81
C ARG A 1041 -15.15 -26.63 -4.09
N GLN A 1042 -14.34 -27.64 -4.41
CA GLN A 1042 -13.02 -27.76 -3.80
C GLN A 1042 -12.23 -26.59 -4.42
N GLN A 1043 -11.89 -25.63 -3.57
CA GLN A 1043 -11.21 -24.38 -3.96
C GLN A 1043 -9.70 -24.45 -4.25
N LEU A 1044 -9.35 -24.59 -5.53
CA LEU A 1044 -7.94 -24.63 -5.93
C LEU A 1044 -7.32 -23.23 -5.97
N TYR A 1045 -8.14 -22.22 -6.24
CA TYR A 1045 -7.68 -20.84 -6.33
C TYR A 1045 -8.15 -19.97 -5.16
N GLN A 1046 -7.19 -19.43 -4.40
CA GLN A 1046 -7.49 -18.58 -3.26
C GLN A 1046 -7.36 -17.13 -3.70
N ASP A 1047 -8.50 -16.43 -3.81
CA ASP A 1047 -8.49 -15.06 -4.29
C ASP A 1047 -8.56 -13.95 -3.26
N HIS A 1048 -8.43 -14.28 -1.98
CA HIS A 1048 -8.46 -13.24 -0.95
C HIS A 1048 -7.22 -12.38 -1.16
N GLN A 1049 -7.37 -11.07 -0.96
CA GLN A 1049 -6.28 -10.11 -1.13
C GLN A 1049 -4.97 -10.59 -0.51
N TRP A 1050 -5.01 -11.00 0.75
CA TRP A 1050 -3.82 -11.47 1.44
C TRP A 1050 -3.25 -12.75 0.84
N MET A 1051 -4.10 -13.68 0.42
CA MET A 1051 -3.62 -14.91 -0.16
C MET A 1051 -2.88 -14.59 -1.47
N ARG A 1052 -3.43 -13.64 -2.22
CA ARG A 1052 -2.83 -13.22 -3.48
C ARG A 1052 -1.50 -12.50 -3.27
N ASP A 1053 -1.47 -11.53 -2.36
CA ASP A 1053 -0.26 -10.77 -2.12
C ASP A 1053 0.85 -11.53 -1.39
N PHE A 1054 0.49 -12.61 -0.71
CA PHE A 1054 1.50 -13.40 -0.03
C PHE A 1054 1.89 -14.58 -0.92
N GLY A 1055 1.51 -14.46 -2.19
CA GLY A 1055 1.81 -15.45 -3.21
C GLY A 1055 1.20 -16.83 -3.11
N GLU A 1056 0.05 -16.96 -2.45
CA GLU A 1056 -0.54 -18.28 -2.32
C GLU A 1056 -1.90 -18.48 -2.98
N SER A 1057 -2.19 -17.72 -4.02
CA SER A 1057 -3.47 -17.88 -4.69
C SER A 1057 -3.48 -19.28 -5.31
N LEU A 1058 -2.29 -19.75 -5.72
CA LEU A 1058 -2.13 -21.08 -6.30
C LEU A 1058 -0.97 -21.82 -5.65
N LEU A 1059 -0.97 -23.15 -5.75
CA LEU A 1059 0.09 -23.95 -5.17
C LEU A 1059 1.44 -23.61 -5.81
N VAL A 1060 2.44 -23.38 -4.98
CA VAL A 1060 3.78 -23.08 -5.44
C VAL A 1060 4.77 -23.59 -4.41
N TYR A 1061 5.94 -24.01 -4.85
CA TYR A 1061 6.95 -24.51 -3.94
C TYR A 1061 7.58 -23.38 -3.14
N ARG A 1062 7.69 -23.57 -1.83
CA ARG A 1062 8.31 -22.57 -0.98
C ARG A 1062 9.27 -23.29 -0.05
N PRO A 1063 10.57 -22.97 -0.15
CA PRO A 1063 11.61 -23.59 0.67
C PRO A 1063 11.52 -23.25 2.15
N PRO A 1064 12.09 -24.10 3.01
CA PRO A 1064 12.09 -23.90 4.46
C PRO A 1064 12.58 -22.49 4.78
N ILE A 1065 11.99 -21.85 5.79
CA ILE A 1065 12.38 -20.50 6.15
C ILE A 1065 13.63 -20.46 7.02
N ASP A 1066 14.25 -19.29 7.06
CA ASP A 1066 15.46 -19.07 7.84
C ASP A 1066 15.06 -18.40 9.16
N THR A 1067 15.06 -19.16 10.26
CA THR A 1067 14.69 -18.60 11.55
C THR A 1067 15.83 -17.75 12.12
N ARG A 1068 16.99 -17.79 11.47
CA ARG A 1068 18.16 -17.04 11.89
C ARG A 1068 18.41 -17.22 13.40
N SER A 1069 18.38 -18.47 13.84
CA SER A 1069 18.58 -18.79 15.25
C SER A 1069 19.97 -19.30 15.60
N VAL A 1070 20.78 -19.62 14.59
CA VAL A 1070 22.12 -20.14 14.81
C VAL A 1070 23.24 -19.10 14.76
N LYS A 1071 23.37 -18.47 13.60
CA LYS A 1071 24.37 -17.44 13.33
C LYS A 1071 24.91 -16.64 14.52
N GLU A 1072 24.02 -16.02 15.28
CA GLU A 1072 24.41 -15.18 16.41
C GLU A 1072 24.99 -15.88 17.64
N VAL A 1073 24.80 -17.18 17.79
CA VAL A 1073 25.32 -17.84 18.99
C VAL A 1073 26.34 -18.96 18.78
N ILE A 1074 26.48 -19.46 17.56
CA ILE A 1074 27.43 -20.53 17.32
C ILE A 1074 28.87 -20.09 17.63
N GLY A 1075 29.58 -20.90 18.40
CA GLY A 1075 30.96 -20.60 18.75
C GLY A 1075 31.15 -19.56 19.84
N GLN A 1076 30.06 -18.99 20.32
CA GLN A 1076 30.12 -17.97 21.36
C GLN A 1076 30.41 -18.45 22.78
N LYS A 1077 30.09 -19.71 23.07
CA LYS A 1077 30.36 -20.28 24.39
C LYS A 1077 31.00 -21.64 24.24
N SER A 1078 32.08 -21.70 23.47
CA SER A 1078 32.77 -22.97 23.25
C SER A 1078 33.15 -23.72 24.52
N ASN A 1079 33.10 -25.04 24.43
CA ASN A 1079 33.44 -25.91 25.55
C ASN A 1079 34.64 -26.73 25.08
N GLY A 1080 35.19 -26.33 23.94
CA GLY A 1080 36.34 -27.02 23.39
C GLY A 1080 36.02 -28.03 22.32
N ASN A 1081 34.75 -28.46 22.24
CA ASN A 1081 34.37 -29.44 21.25
C ASN A 1081 33.78 -28.87 19.97
N GLN A 1082 34.00 -29.58 18.87
CA GLN A 1082 33.51 -29.19 17.55
C GLN A 1082 32.00 -28.97 17.54
N GLU A 1083 31.56 -27.93 16.85
CA GLU A 1083 30.13 -27.62 16.77
C GLU A 1083 29.65 -27.70 15.33
N LYS A 1084 28.34 -27.87 15.15
CA LYS A 1084 27.79 -27.98 13.81
C LYS A 1084 26.30 -27.65 13.83
N ALA A 1085 25.84 -27.00 12.77
CA ALA A 1085 24.45 -26.62 12.64
C ALA A 1085 23.68 -27.69 11.89
N LEU A 1086 22.56 -28.13 12.45
CA LEU A 1086 21.75 -29.16 11.80
C LEU A 1086 20.27 -28.84 11.86
N ASN A 1087 19.50 -29.43 10.94
CA ASN A 1087 18.05 -29.24 10.87
C ASN A 1087 17.47 -30.05 12.03
N PHE A 1088 16.71 -29.40 12.91
CA PHE A 1088 16.12 -30.05 14.08
C PHE A 1088 14.66 -30.49 13.89
N LEU A 1089 14.47 -31.78 13.60
CA LEU A 1089 13.14 -32.31 13.40
C LEU A 1089 12.66 -32.98 14.69
N THR A 1090 11.35 -32.94 14.93
CA THR A 1090 10.80 -33.53 16.14
C THR A 1090 9.60 -34.47 15.92
N PRO A 1091 9.78 -35.53 15.12
CA PRO A 1091 8.68 -36.47 14.87
C PRO A 1091 8.27 -37.15 16.18
N HIS A 1092 7.02 -37.60 16.27
CA HIS A 1092 6.54 -38.19 17.51
C HIS A 1092 7.13 -39.55 17.85
N GLN A 1093 7.46 -39.68 19.13
CA GLN A 1093 8.14 -40.85 19.67
C GLN A 1093 7.43 -42.19 19.81
N LYS A 1094 8.26 -43.21 19.97
CA LYS A 1094 7.82 -44.60 20.11
C LYS A 1094 7.60 -45.00 21.57
N TRP A 1095 8.18 -44.26 22.50
CA TRP A 1095 8.05 -44.64 23.91
C TRP A 1095 7.19 -43.69 24.75
N GLY A 1096 6.13 -43.20 24.13
CA GLY A 1096 5.20 -42.32 24.82
C GLY A 1096 4.24 -41.76 23.79
N ILE A 1097 3.23 -41.04 24.27
CA ILE A 1097 2.26 -40.36 23.43
C ILE A 1097 2.52 -38.96 23.96
N HIS A 1098 3.19 -38.11 23.17
CA HIS A 1098 3.57 -36.78 23.65
C HIS A 1098 4.36 -37.08 24.90
N SER A 1099 4.24 -36.28 25.95
CA SER A 1099 5.02 -36.56 27.15
C SER A 1099 4.38 -37.62 28.06
N THR A 1100 3.14 -37.99 27.78
CA THR A 1100 2.48 -39.00 28.60
C THR A 1100 3.20 -40.34 28.39
N TYR A 1101 3.41 -41.06 29.49
CA TYR A 1101 4.10 -42.36 29.49
C TYR A 1101 5.61 -42.15 29.42
N SER A 1102 6.05 -40.92 29.18
CA SER A 1102 7.47 -40.65 29.07
C SER A 1102 8.24 -40.94 30.34
N ASP A 1103 7.57 -40.83 31.49
CA ASP A 1103 8.22 -41.09 32.77
C ASP A 1103 7.85 -42.49 33.27
N ASN A 1104 7.06 -43.21 32.48
CA ASN A 1104 6.64 -44.56 32.82
C ASN A 1104 7.84 -45.50 32.66
N LEU A 1105 8.21 -46.20 33.74
CA LEU A 1105 9.37 -47.08 33.71
C LEU A 1105 9.39 -48.13 32.60
N LEU A 1106 8.24 -48.69 32.25
CA LEU A 1106 8.20 -49.69 31.19
C LEU A 1106 8.65 -49.07 29.87
N MET A 1107 8.18 -47.85 29.58
CA MET A 1107 8.55 -47.18 28.35
C MET A 1107 10.01 -46.74 28.40
N LEU A 1108 10.46 -46.28 29.56
CA LEU A 1108 11.85 -45.84 29.71
C LEU A 1108 12.82 -47.00 29.55
N THR A 1109 12.42 -48.17 30.03
CA THR A 1109 13.25 -49.37 29.94
C THR A 1109 13.31 -49.93 28.51
N LEU A 1110 12.22 -49.80 27.75
CA LEU A 1110 12.21 -50.29 26.39
C LEU A 1110 12.85 -49.29 25.43
N GLY A 1111 13.00 -48.05 25.88
CA GLY A 1111 13.64 -47.04 25.06
C GLY A 1111 15.11 -46.99 25.47
N ARG A 1112 15.63 -45.81 25.74
CA ARG A 1112 16.99 -45.70 26.19
C ARG A 1112 17.14 -45.01 27.54
N GLY A 1113 16.13 -45.19 28.38
CA GLY A 1113 16.17 -44.63 29.73
C GLY A 1113 16.20 -43.13 29.91
N GLY A 1114 15.61 -42.39 28.98
CA GLY A 1114 15.61 -40.94 29.13
C GLY A 1114 15.81 -40.20 27.82
N PRO A 1115 15.84 -38.86 27.87
CA PRO A 1115 16.04 -37.97 26.72
C PRO A 1115 17.22 -38.28 25.82
N VAL A 1116 16.92 -38.59 24.57
CA VAL A 1116 17.96 -38.91 23.59
C VAL A 1116 17.68 -38.19 22.27
N VAL A 1117 18.70 -38.11 21.43
CA VAL A 1117 18.59 -37.44 20.13
C VAL A 1117 19.25 -38.31 19.07
N TRP A 1118 18.62 -38.44 17.92
CA TRP A 1118 19.18 -39.25 16.83
C TRP A 1118 20.05 -38.43 15.88
N LEU A 1119 21.22 -38.96 15.55
CA LEU A 1119 22.16 -38.32 14.65
C LEU A 1119 22.66 -39.32 13.62
N SER A 1120 22.92 -38.84 12.41
CA SER A 1120 23.43 -39.68 11.35
C SER A 1120 24.85 -40.07 11.73
N GLU A 1121 25.38 -41.13 11.13
CA GLU A 1121 26.74 -41.55 11.42
C GLU A 1121 27.74 -40.48 10.94
N ALA A 1122 27.46 -39.89 9.79
CA ALA A 1122 28.32 -38.86 9.22
C ALA A 1122 28.51 -37.69 10.18
N ASP A 1123 27.39 -37.06 10.54
CA ASP A 1123 27.44 -35.92 11.45
C ASP A 1123 28.10 -36.28 12.78
N ALA A 1124 27.76 -37.46 13.30
CA ALA A 1124 28.32 -37.90 14.57
C ALA A 1124 29.85 -37.97 14.48
N LYS A 1125 30.35 -38.59 13.41
CA LYS A 1125 31.78 -38.71 13.21
C LYS A 1125 32.42 -37.32 13.12
N ASP A 1126 31.78 -36.40 12.39
CA ASP A 1126 32.31 -35.04 12.26
C ASP A 1126 32.44 -34.34 13.60
N LEU A 1127 31.50 -34.61 14.49
CA LEU A 1127 31.50 -33.97 15.80
C LEU A 1127 32.24 -34.77 16.87
N GLY A 1128 32.73 -35.95 16.50
CA GLY A 1128 33.42 -36.77 17.46
C GLY A 1128 32.47 -37.30 18.52
N ILE A 1129 31.26 -37.66 18.09
CA ILE A 1129 30.24 -38.17 19.00
C ILE A 1129 30.05 -39.67 18.83
N ALA A 1130 30.08 -40.38 19.94
CA ALA A 1130 29.89 -41.83 19.91
C ALA A 1130 28.47 -42.11 20.42
N ASP A 1131 27.93 -43.27 20.04
CA ASP A 1131 26.59 -43.64 20.46
C ASP A 1131 26.48 -43.51 21.99
N ASN A 1132 25.39 -42.88 22.43
CA ASN A 1132 25.10 -42.68 23.83
C ASN A 1132 25.94 -41.64 24.58
N ASP A 1133 26.70 -40.82 23.85
CA ASP A 1133 27.49 -39.76 24.49
C ASP A 1133 26.54 -38.64 24.88
N TRP A 1134 26.88 -37.89 25.93
CA TRP A 1134 26.04 -36.76 26.33
C TRP A 1134 26.31 -35.63 25.36
N ILE A 1135 25.24 -35.02 24.84
CA ILE A 1135 25.39 -33.93 23.90
C ILE A 1135 24.52 -32.74 24.29
N GLU A 1136 24.79 -31.61 23.68
CA GLU A 1136 24.04 -30.39 23.95
C GLU A 1136 23.59 -29.83 22.61
N VAL A 1137 22.32 -29.41 22.55
CA VAL A 1137 21.73 -28.86 21.34
C VAL A 1137 21.19 -27.49 21.72
N PHE A 1138 21.51 -26.47 20.93
CA PHE A 1138 21.08 -25.12 21.27
C PHE A 1138 21.07 -24.16 20.10
N ASN A 1139 20.50 -22.99 20.35
CA ASN A 1139 20.43 -21.90 19.41
C ASN A 1139 19.99 -20.67 20.19
N SER A 1140 19.57 -19.60 19.51
CA SER A 1140 19.17 -18.38 20.23
C SER A 1140 17.98 -18.53 21.17
N ASN A 1141 17.20 -19.60 20.98
CA ASN A 1141 16.00 -19.84 21.79
C ASN A 1141 16.26 -20.50 23.14
N GLY A 1142 17.31 -21.30 23.23
CA GLY A 1142 17.61 -21.99 24.47
C GLY A 1142 18.52 -23.17 24.21
N ALA A 1143 18.62 -24.08 25.18
CA ALA A 1143 19.47 -25.25 25.03
C ALA A 1143 18.89 -26.48 25.74
N LEU A 1144 19.28 -27.66 25.27
CA LEU A 1144 18.81 -28.91 25.86
C LEU A 1144 19.98 -29.87 25.94
N THR A 1145 19.91 -30.80 26.89
CA THR A 1145 20.94 -31.81 27.06
C THR A 1145 20.26 -33.15 26.83
N ALA A 1146 21.00 -34.11 26.29
CA ALA A 1146 20.45 -35.43 26.01
C ALA A 1146 21.57 -36.35 25.57
N ARG A 1147 21.29 -37.64 25.49
CA ARG A 1147 22.29 -38.58 25.02
C ARG A 1147 22.04 -38.84 23.55
N ALA A 1148 23.09 -39.17 22.82
CA ALA A 1148 22.99 -39.42 21.40
C ALA A 1148 22.70 -40.87 21.02
N VAL A 1149 22.02 -41.03 19.89
CA VAL A 1149 21.72 -42.34 19.33
C VAL A 1149 22.26 -42.18 17.92
N VAL A 1150 23.39 -42.83 17.63
CA VAL A 1150 23.97 -42.71 16.31
C VAL A 1150 23.45 -43.82 15.41
N SER A 1151 22.85 -43.43 14.29
CA SER A 1151 22.28 -44.42 13.39
C SER A 1151 22.48 -44.15 11.91
N GLN A 1152 22.49 -45.22 11.14
CA GLN A 1152 22.65 -45.14 9.71
C GLN A 1152 21.34 -44.71 9.05
N ARG A 1153 20.22 -45.01 9.68
CA ARG A 1153 18.91 -44.68 9.12
C ARG A 1153 18.63 -43.18 9.02
N VAL A 1154 19.40 -42.37 9.74
CA VAL A 1154 19.22 -40.92 9.72
C VAL A 1154 20.15 -40.30 8.66
N PRO A 1155 19.59 -39.52 7.72
CA PRO A 1155 20.42 -38.91 6.68
C PRO A 1155 21.22 -37.73 7.23
N ALA A 1156 22.41 -37.52 6.68
CA ALA A 1156 23.26 -36.43 7.12
C ALA A 1156 22.55 -35.08 6.94
N GLY A 1157 22.81 -34.15 7.83
CA GLY A 1157 22.19 -32.84 7.72
C GLY A 1157 21.00 -32.62 8.62
N MET A 1158 20.39 -33.71 9.08
CA MET A 1158 19.24 -33.59 9.96
C MET A 1158 19.43 -34.39 11.24
N THR A 1159 18.78 -33.92 12.29
CA THR A 1159 18.83 -34.58 13.58
C THR A 1159 17.40 -34.77 14.04
N MET A 1160 17.14 -35.84 14.78
CA MET A 1160 15.80 -36.10 15.24
C MET A 1160 15.70 -36.33 16.74
N MET A 1161 14.94 -35.48 17.42
CA MET A 1161 14.70 -35.64 18.84
C MET A 1161 13.20 -35.89 18.92
N TYR A 1162 12.84 -37.17 18.93
CA TYR A 1162 11.43 -37.56 18.97
C TYR A 1162 10.65 -36.80 20.01
N HIS A 1163 9.54 -36.23 19.55
CA HIS A 1163 8.66 -35.40 20.36
C HIS A 1163 8.04 -36.10 21.53
N ALA A 1164 8.21 -35.46 22.70
CA ALA A 1164 7.62 -35.94 23.93
C ALA A 1164 8.51 -36.36 25.09
N GLN A 1165 9.78 -36.01 25.11
CA GLN A 1165 10.63 -36.51 26.20
C GLN A 1165 10.67 -35.78 27.56
N GLU A 1166 10.09 -34.58 27.63
CA GLU A 1166 10.00 -33.81 28.88
C GLU A 1166 11.28 -33.37 29.61
N ARG A 1167 11.07 -32.73 30.77
CA ARG A 1167 12.15 -32.18 31.57
C ARG A 1167 12.23 -32.69 33.02
N ILE A 1168 11.72 -33.88 33.31
CA ILE A 1168 11.76 -34.37 34.69
C ILE A 1168 12.63 -35.60 34.92
N VAL A 1169 13.09 -36.24 33.85
CA VAL A 1169 13.87 -37.46 34.00
C VAL A 1169 15.21 -37.51 33.28
N ASN A 1170 16.23 -37.91 34.03
CA ASN A 1170 17.58 -38.12 33.51
C ASN A 1170 18.18 -36.99 32.66
N LEU A 1171 18.13 -35.76 33.16
CA LEU A 1171 18.69 -34.60 32.44
C LEU A 1171 19.75 -33.91 33.30
N PRO A 1172 20.97 -33.77 32.76
CA PRO A 1172 22.03 -33.10 33.53
C PRO A 1172 22.00 -31.60 33.27
N GLY A 1173 22.91 -30.88 33.90
CA GLY A 1173 22.98 -29.44 33.72
C GLY A 1173 23.47 -29.06 32.35
N SER A 1174 23.13 -27.83 31.94
CA SER A 1174 23.51 -27.30 30.63
C SER A 1174 24.81 -26.50 30.75
N GLU A 1175 25.72 -26.68 29.80
CA GLU A 1175 26.99 -25.93 29.83
C GLU A 1175 26.78 -24.56 29.21
N ILE A 1176 25.69 -24.40 28.48
CA ILE A 1176 25.37 -23.13 27.84
C ILE A 1176 24.61 -22.19 28.77
N THR A 1177 23.71 -22.75 29.59
CA THR A 1177 22.91 -21.93 30.49
C THR A 1177 23.22 -22.07 31.96
N GLN A 1178 23.97 -23.11 32.34
CA GLN A 1178 24.29 -23.34 33.74
C GLN A 1178 23.04 -23.66 34.56
N GLN A 1179 22.00 -24.11 33.87
CA GLN A 1179 20.73 -24.47 34.52
C GLN A 1179 20.42 -25.89 34.08
N ARG A 1180 19.35 -26.47 34.63
CA ARG A 1180 18.94 -27.82 34.24
C ARG A 1180 18.82 -27.80 32.71
N GLY A 1181 19.21 -28.89 32.06
CA GLY A 1181 19.09 -28.94 30.61
C GLY A 1181 17.65 -28.66 30.21
N GLY A 1182 17.45 -28.15 29.00
CA GLY A 1182 16.11 -27.86 28.53
C GLY A 1182 15.47 -29.01 27.77
N ILE A 1183 14.36 -28.72 27.09
CA ILE A 1183 13.61 -29.71 26.32
C ILE A 1183 13.66 -29.36 24.84
N HIS A 1184 13.11 -30.23 23.99
CA HIS A 1184 13.12 -29.97 22.56
C HIS A 1184 12.48 -28.63 22.21
N ASN A 1185 11.51 -28.18 23.01
CA ASN A 1185 10.90 -26.89 22.71
C ASN A 1185 11.66 -25.70 23.31
N SER A 1186 12.85 -25.97 23.82
CA SER A 1186 13.68 -24.90 24.37
C SER A 1186 14.38 -24.24 23.18
N VAL A 1187 14.54 -24.99 22.09
CA VAL A 1187 15.21 -24.47 20.91
C VAL A 1187 14.27 -23.98 19.80
N THR A 1188 12.98 -23.88 20.10
CA THR A 1188 11.99 -23.41 19.13
C THR A 1188 11.38 -22.09 19.58
N ARG A 1189 10.68 -21.42 18.68
CA ARG A 1189 10.02 -20.15 18.99
C ARG A 1189 8.89 -19.96 18.01
N ILE A 1190 7.79 -19.37 18.46
CA ILE A 1190 6.64 -19.13 17.59
C ILE A 1190 6.89 -18.06 16.52
N THR A 1191 6.52 -18.36 15.29
CA THR A 1191 6.62 -17.43 14.17
C THR A 1191 5.37 -17.67 13.33
N PRO A 1192 4.39 -16.77 13.42
CA PRO A 1192 3.13 -16.90 12.67
C PRO A 1192 3.26 -16.59 11.18
N LYS A 1193 2.17 -16.88 10.45
CA LYS A 1193 2.11 -16.62 9.01
C LYS A 1193 0.82 -15.85 8.79
N PRO A 1194 0.90 -14.66 8.16
CA PRO A 1194 -0.25 -13.78 7.88
C PRO A 1194 -1.46 -14.45 7.23
N THR A 1195 -1.23 -15.37 6.30
CA THR A 1195 -2.34 -16.03 5.61
C THR A 1195 -3.23 -16.86 6.53
N HIS A 1196 -2.72 -17.16 7.71
CA HIS A 1196 -3.46 -17.95 8.71
C HIS A 1196 -4.22 -17.02 9.64
N MET A 1197 -4.18 -15.72 9.34
CA MET A 1197 -4.85 -14.73 10.14
C MET A 1197 -6.07 -14.17 9.44
N ILE A 1198 -6.26 -14.58 8.18
CA ILE A 1198 -7.37 -14.12 7.37
C ILE A 1198 -8.74 -14.53 7.90
N GLY A 1199 -9.68 -13.59 7.86
CA GLY A 1199 -11.04 -13.86 8.33
C GLY A 1199 -12.07 -13.09 7.53
N GLY A 1200 -13.34 -13.19 7.95
CA GLY A 1200 -14.41 -12.50 7.26
C GLY A 1200 -14.51 -12.77 5.77
N TYR A 1201 -14.13 -13.98 5.35
CA TYR A 1201 -14.16 -14.32 3.94
C TYR A 1201 -14.61 -15.75 3.62
N ALA A 1202 -15.89 -16.04 3.80
CA ALA A 1202 -16.45 -17.36 3.50
C ALA A 1202 -15.70 -18.51 4.20
N HIS A 1203 -14.97 -19.31 3.42
CA HIS A 1203 -14.23 -20.43 3.99
C HIS A 1203 -13.10 -19.93 4.87
N LEU A 1204 -12.66 -18.70 4.62
CA LEU A 1204 -11.60 -18.12 5.43
C LEU A 1204 -12.24 -17.16 6.42
N ALA A 1205 -12.81 -17.73 7.46
CA ALA A 1205 -13.47 -16.99 8.53
C ALA A 1205 -13.19 -17.80 9.79
N TYR A 1206 -13.28 -17.15 10.96
CA TYR A 1206 -12.94 -17.85 12.19
C TYR A 1206 -13.83 -18.98 12.70
N GLY A 1207 -13.19 -19.87 13.47
CA GLY A 1207 -13.85 -20.99 14.09
C GLY A 1207 -12.89 -21.52 15.15
N PHE A 1208 -13.39 -21.80 16.35
CA PHE A 1208 -12.55 -22.34 17.41
C PHE A 1208 -11.89 -23.63 16.87
N ASN A 1209 -10.56 -23.63 16.77
CA ASN A 1209 -9.81 -24.77 16.24
C ASN A 1209 -10.00 -24.95 14.72
N TYR A 1210 -10.74 -24.04 14.09
CA TYR A 1210 -10.99 -24.13 12.65
C TYR A 1210 -9.96 -23.38 11.81
N TYR A 1211 -9.55 -22.21 12.27
CA TYR A 1211 -8.55 -21.42 11.57
C TYR A 1211 -7.78 -20.62 12.61
N GLY A 1212 -6.65 -20.05 12.20
CA GLY A 1212 -5.84 -19.27 13.11
C GLY A 1212 -4.38 -19.64 12.88
N THR A 1213 -3.48 -18.88 13.44
CA THR A 1213 -2.06 -19.15 13.28
C THR A 1213 -1.68 -20.48 13.92
N VAL A 1214 -0.73 -21.18 13.30
CA VAL A 1214 -0.30 -22.49 13.78
C VAL A 1214 1.11 -22.52 14.37
N GLY A 1215 1.37 -23.48 15.24
CA GLY A 1215 2.68 -23.58 15.84
C GLY A 1215 3.68 -24.44 15.07
N SER A 1216 3.96 -24.08 13.81
CA SER A 1216 4.91 -24.83 12.99
C SER A 1216 6.26 -24.90 13.70
N ASN A 1217 7.06 -25.93 13.40
CA ASN A 1217 8.33 -26.10 14.09
C ASN A 1217 9.48 -26.83 13.37
N ARG A 1218 9.20 -27.47 12.24
CA ARG A 1218 10.24 -28.25 11.57
C ARG A 1218 11.33 -27.49 10.83
N ASP A 1219 11.15 -26.19 10.61
CA ASP A 1219 12.13 -25.37 9.89
C ASP A 1219 13.36 -25.06 10.74
N GLU A 1220 13.23 -25.24 12.05
CA GLU A 1220 14.30 -24.94 13.00
C GLU A 1220 15.67 -25.59 12.74
N PHE A 1221 16.72 -24.82 13.02
CA PHE A 1221 18.09 -25.32 12.90
C PHE A 1221 18.74 -25.09 14.26
N VAL A 1222 19.66 -25.98 14.63
CA VAL A 1222 20.32 -25.88 15.92
C VAL A 1222 21.81 -26.21 15.83
N VAL A 1223 22.52 -25.90 16.91
CA VAL A 1223 23.94 -26.19 17.00
C VAL A 1223 24.08 -27.44 17.87
N VAL A 1224 24.81 -28.44 17.39
CA VAL A 1224 24.99 -29.67 18.14
C VAL A 1224 26.46 -29.92 18.46
N ARG A 1225 26.74 -30.40 19.66
CA ARG A 1225 28.11 -30.70 20.06
C ARG A 1225 28.17 -31.70 21.21
N LYS A 1226 29.33 -32.34 21.36
CA LYS A 1226 29.53 -33.30 22.45
C LYS A 1226 29.72 -32.49 23.72
N MET A 1227 29.15 -32.96 24.83
CA MET A 1227 29.29 -32.27 26.12
C MET A 1227 30.64 -32.57 26.75
N LYS A 1228 31.10 -31.68 27.62
CA LYS A 1228 32.36 -31.85 28.32
C LYS A 1228 32.08 -32.17 29.77
N ASN A 1229 31.64 -31.17 30.52
CA ASN A 1229 31.32 -31.36 31.92
C ASN A 1229 29.88 -31.80 32.10
N ILE A 1230 29.69 -32.92 32.80
CA ILE A 1230 28.37 -33.45 33.06
C ILE A 1230 28.07 -33.18 34.52
N ASP A 1231 27.47 -32.03 34.79
CA ASP A 1231 27.13 -31.64 36.15
C ASP A 1231 25.62 -31.77 36.38
N TRP A 1232 25.25 -32.44 37.46
CA TRP A 1232 23.84 -32.65 37.75
C TRP A 1232 23.18 -31.57 38.59
N LEU A 1233 24.00 -30.66 39.13
CA LEU A 1233 23.50 -29.55 39.94
C LEU A 1233 22.53 -29.99 41.02
N ASP A 1234 22.82 -31.11 41.68
CA ASP A 1234 21.92 -31.62 42.71
C ASP A 1234 22.53 -31.73 44.11
N GLY A 1235 23.82 -31.47 44.24
CA GLY A 1235 24.43 -31.54 45.56
C GLY A 1235 25.21 -32.79 45.90
N GLU A 1236 25.06 -33.86 45.12
CA GLU A 1236 25.83 -35.06 45.41
C GLU A 1236 27.16 -34.86 44.71
N GLY A 1237 28.13 -35.70 45.01
CA GLY A 1237 29.43 -35.55 44.36
C GLY A 1237 29.52 -36.49 43.19
N ASN A 1238 28.40 -36.65 42.48
CA ASN A 1238 28.31 -37.56 41.34
C ASN A 1238 28.34 -36.92 39.96
N ASP A 1239 29.34 -36.08 39.67
CA ASP A 1239 29.41 -35.47 38.35
C ASP A 1239 30.46 -36.17 37.51
N GLN A 1240 30.31 -36.09 36.19
CA GLN A 1240 31.25 -36.74 35.28
C GLN A 1240 31.90 -35.76 34.31
N VAL A 1241 32.89 -36.25 33.57
CA VAL A 1241 33.60 -35.45 32.58
C VAL A 1241 33.87 -36.34 31.38
N GLN A 1242 33.40 -35.92 30.21
CA GLN A 1242 33.63 -36.69 29.01
C GLN A 1242 34.94 -36.29 28.35
N GLU A 1243 35.71 -37.29 27.95
CA GLU A 1243 36.99 -37.06 27.31
C GLU A 1243 36.79 -36.23 26.05
N SER A 1244 37.71 -35.30 25.82
CA SER A 1244 37.69 -34.38 24.69
C SER A 1244 37.24 -34.94 23.34
N VAL A 1245 37.23 -34.07 22.33
CA VAL A 1245 36.85 -34.45 20.97
C VAL A 1245 38.09 -34.59 20.09
N LYS A 1246 38.99 -33.61 20.18
CA LYS A 1246 40.22 -33.61 19.39
C LYS A 1246 39.97 -33.45 17.89
N MET B 1 5.56 -95.67 19.42
CA MET B 1 4.53 -94.76 18.83
C MET B 1 3.63 -94.19 19.91
N LYS B 2 3.69 -92.88 20.09
CA LYS B 2 2.88 -92.20 21.07
C LYS B 2 2.48 -90.84 20.50
N ILE B 3 1.21 -90.69 20.16
CA ILE B 3 0.74 -89.43 19.61
C ILE B 3 0.52 -88.40 20.71
N ARG B 4 1.09 -87.22 20.52
CA ARG B 4 0.98 -86.14 21.48
C ARG B 4 0.42 -84.91 20.76
N SER B 5 -0.11 -83.96 21.53
CA SER B 5 -0.64 -82.75 20.93
C SER B 5 -0.01 -81.54 21.60
N GLN B 6 0.16 -80.47 20.82
CA GLN B 6 0.73 -79.24 21.34
C GLN B 6 0.16 -78.09 20.55
N VAL B 7 -0.03 -76.96 21.21
CA VAL B 7 -0.55 -75.77 20.53
C VAL B 7 0.65 -75.02 19.96
N GLY B 8 0.81 -75.08 18.65
CA GLY B 8 1.92 -74.38 18.03
C GLY B 8 1.58 -72.92 17.84
N MET B 9 2.59 -72.10 17.55
CA MET B 9 2.37 -70.68 17.32
C MET B 9 3.15 -70.24 16.09
N VAL B 10 2.54 -69.40 15.26
CA VAL B 10 3.19 -68.87 14.07
C VAL B 10 3.07 -67.36 14.15
N LEU B 11 4.19 -66.66 13.96
CA LEU B 11 4.22 -65.20 13.97
C LEU B 11 4.47 -64.74 12.54
N ASN B 12 3.56 -63.96 11.96
CA ASN B 12 3.76 -63.48 10.59
C ASN B 12 4.59 -62.20 10.67
N LEU B 13 5.90 -62.32 10.46
CA LEU B 13 6.81 -61.18 10.53
C LEU B 13 6.60 -60.13 9.44
N ASP B 14 5.81 -60.46 8.44
CA ASP B 14 5.53 -59.53 7.37
C ASP B 14 4.57 -58.46 7.89
N LYS B 15 3.78 -58.80 8.90
CA LYS B 15 2.84 -57.87 9.49
C LYS B 15 3.32 -57.25 10.79
N CYS B 16 4.44 -57.74 11.34
CA CYS B 16 4.94 -57.18 12.60
C CYS B 16 5.37 -55.74 12.40
N ILE B 17 4.98 -54.90 13.34
CA ILE B 17 5.30 -53.48 13.29
C ILE B 17 6.26 -53.11 14.42
N GLY B 18 6.77 -54.13 15.12
CA GLY B 18 7.70 -53.91 16.20
C GLY B 18 7.26 -52.96 17.30
N CYS B 19 5.99 -53.06 17.71
CA CYS B 19 5.46 -52.20 18.76
C CYS B 19 5.79 -52.65 20.18
N HIS B 20 6.10 -53.93 20.38
CA HIS B 20 6.44 -54.44 21.71
C HIS B 20 5.25 -54.53 22.66
N THR B 21 4.03 -54.42 22.16
CA THR B 21 2.88 -54.51 23.06
C THR B 21 2.92 -55.86 23.74
N CYS B 22 3.27 -56.89 22.96
CA CYS B 22 3.39 -58.26 23.43
C CYS B 22 4.33 -58.39 24.63
N SER B 23 5.42 -57.63 24.62
CA SER B 23 6.40 -57.68 25.70
C SER B 23 5.89 -57.01 26.98
N VAL B 24 5.13 -55.93 26.82
CA VAL B 24 4.59 -55.19 27.94
C VAL B 24 3.52 -55.98 28.70
N THR B 25 2.57 -56.54 27.96
CA THR B 25 1.50 -57.30 28.60
C THR B 25 2.04 -58.54 29.32
N CYS B 26 3.01 -59.23 28.74
CA CYS B 26 3.58 -60.40 29.40
C CYS B 26 4.26 -59.95 30.70
N LYS B 27 5.02 -58.88 30.63
CA LYS B 27 5.72 -58.34 31.78
C LYS B 27 4.74 -57.98 32.90
N ASN B 28 3.69 -57.25 32.56
CA ASN B 28 2.70 -56.86 33.56
C ASN B 28 2.10 -58.06 34.29
N VAL B 29 1.70 -59.07 33.55
CA VAL B 29 1.11 -60.24 34.16
C VAL B 29 2.09 -61.17 34.87
N TRP B 30 3.13 -61.60 34.17
CA TRP B 30 4.06 -62.59 34.73
C TRP B 30 5.42 -62.24 35.31
N THR B 31 6.02 -61.10 34.95
CA THR B 31 7.36 -60.81 35.46
C THR B 31 7.58 -59.45 36.09
N SER B 32 6.56 -58.93 36.76
CA SER B 32 6.69 -57.64 37.42
C SER B 32 7.03 -57.92 38.87
N ARG B 33 8.14 -58.60 39.07
CA ARG B 33 8.60 -58.98 40.39
C ARG B 33 10.10 -58.80 40.51
N GLU B 34 10.51 -58.42 41.72
CA GLU B 34 11.92 -58.25 42.02
C GLU B 34 12.56 -59.61 41.81
N GLY B 35 13.64 -59.66 41.05
CA GLY B 35 14.28 -60.94 40.77
C GLY B 35 14.22 -61.21 39.28
N VAL B 36 13.11 -60.84 38.65
CA VAL B 36 12.93 -61.02 37.21
C VAL B 36 12.51 -59.73 36.51
N GLU B 37 12.76 -58.58 37.15
CA GLU B 37 12.39 -57.32 36.54
C GLU B 37 13.14 -57.16 35.22
N TYR B 38 14.33 -57.74 35.14
CA TYR B 38 15.17 -57.65 33.94
C TYR B 38 14.83 -58.68 32.87
N ALA B 39 14.00 -59.66 33.23
CA ALA B 39 13.64 -60.73 32.30
C ALA B 39 12.38 -60.44 31.48
N TRP B 40 12.47 -60.67 30.18
CA TRP B 40 11.34 -60.45 29.29
C TRP B 40 11.03 -61.76 28.57
N PHE B 41 10.15 -62.58 29.14
CA PHE B 41 9.80 -63.87 28.54
C PHE B 41 9.56 -63.71 27.04
N ASN B 42 8.91 -62.62 26.68
CA ASN B 42 8.65 -62.28 25.30
C ASN B 42 9.42 -61.00 25.11
N ASN B 43 10.29 -60.93 24.11
CA ASN B 43 11.03 -59.71 23.86
C ASN B 43 11.11 -59.52 22.35
N VAL B 44 11.25 -58.28 21.90
CA VAL B 44 11.31 -58.01 20.47
C VAL B 44 12.64 -57.36 20.16
N GLU B 45 13.32 -57.88 19.15
CA GLU B 45 14.61 -57.37 18.75
C GLU B 45 14.57 -56.87 17.32
N THR B 46 15.21 -55.74 17.06
CA THR B 46 15.27 -55.20 15.72
C THR B 46 16.48 -55.85 15.06
N LYS B 47 16.36 -56.22 13.79
CA LYS B 47 17.47 -56.82 13.06
C LYS B 47 17.79 -55.92 11.87
N PRO B 48 19.08 -55.80 11.51
CA PRO B 48 20.28 -56.42 12.07
C PRO B 48 20.59 -55.98 13.50
N GLY B 49 21.09 -56.93 14.30
CA GLY B 49 21.43 -56.61 15.68
C GLY B 49 21.90 -57.86 16.40
N GLN B 50 22.40 -57.70 17.63
CA GLN B 50 22.88 -58.84 18.40
C GLN B 50 21.86 -59.36 19.42
N GLY B 51 20.83 -58.58 19.69
CA GLY B 51 19.78 -59.03 20.58
C GLY B 51 19.91 -59.04 22.10
N PHE B 52 19.06 -59.85 22.72
CA PHE B 52 18.95 -59.94 24.18
C PHE B 52 18.86 -61.39 24.68
N PRO B 53 19.88 -61.89 25.42
CA PRO B 53 21.11 -61.20 25.82
C PRO B 53 21.96 -60.99 24.58
N THR B 54 22.92 -60.08 24.67
CA THR B 54 23.77 -59.77 23.53
C THR B 54 24.44 -60.97 22.86
N ASP B 55 24.19 -61.12 21.57
CA ASP B 55 24.79 -62.20 20.78
C ASP B 55 24.33 -63.60 21.15
N TRP B 56 23.10 -63.71 21.65
CA TRP B 56 22.55 -65.00 22.05
C TRP B 56 22.61 -66.10 20.97
N GLU B 57 22.62 -65.71 19.70
CA GLU B 57 22.67 -66.69 18.62
C GLU B 57 24.06 -67.29 18.41
N ASN B 58 25.05 -66.72 19.09
CA ASN B 58 26.42 -67.20 18.98
C ASN B 58 26.63 -68.38 19.94
N GLN B 59 26.40 -69.59 19.45
CA GLN B 59 26.55 -70.79 20.28
C GLN B 59 28.00 -71.14 20.62
N GLU B 60 28.94 -70.68 19.80
CA GLU B 60 30.34 -70.95 20.10
C GLU B 60 30.67 -70.18 21.38
N LYS B 61 29.98 -69.05 21.56
CA LYS B 61 30.19 -68.21 22.74
C LYS B 61 29.40 -68.69 23.96
N TYR B 62 28.10 -68.95 23.78
CA TYR B 62 27.24 -69.37 24.88
C TYR B 62 27.08 -70.87 25.12
N LYS B 63 27.48 -71.69 24.15
CA LYS B 63 27.42 -73.14 24.29
C LYS B 63 26.02 -73.74 24.37
N GLY B 64 25.05 -73.12 23.70
CA GLY B 64 23.70 -73.64 23.75
C GLY B 64 23.36 -74.61 22.64
N GLY B 65 22.26 -75.34 22.83
CA GLY B 65 21.81 -76.28 21.81
C GLY B 65 22.44 -77.66 21.86
N TRP B 66 22.23 -78.42 20.79
CA TRP B 66 22.77 -79.77 20.67
C TRP B 66 23.82 -79.81 19.57
N ILE B 67 24.64 -80.85 19.62
CA ILE B 67 25.64 -81.11 18.59
C ILE B 67 25.43 -82.56 18.24
N ARG B 68 25.78 -82.96 17.03
CA ARG B 68 25.63 -84.34 16.62
C ARG B 68 27.01 -85.00 16.66
N LYS B 69 27.16 -86.02 17.50
CA LYS B 69 28.44 -86.70 17.61
C LYS B 69 28.69 -87.52 16.35
N ILE B 70 29.96 -87.82 16.06
CA ILE B 70 30.26 -88.57 14.85
C ILE B 70 29.57 -89.94 14.82
N ASN B 71 29.14 -90.43 15.98
CA ASN B 71 28.47 -91.71 16.05
C ASN B 71 26.96 -91.58 15.75
N GLY B 72 26.54 -90.37 15.38
CA GLY B 72 25.14 -90.14 15.06
C GLY B 72 24.22 -89.75 16.21
N LYS B 73 24.71 -89.89 17.44
CA LYS B 73 23.93 -89.57 18.64
C LYS B 73 24.07 -88.11 19.04
N LEU B 74 23.04 -87.57 19.69
CA LEU B 74 23.06 -86.17 20.14
C LEU B 74 23.57 -85.99 21.57
N GLN B 75 24.21 -84.86 21.80
CA GLN B 75 24.74 -84.51 23.11
C GLN B 75 24.68 -83.00 23.25
N PRO B 76 24.34 -82.49 24.44
CA PRO B 76 24.28 -81.03 24.60
C PRO B 76 25.64 -80.43 24.23
N ARG B 77 25.61 -79.31 23.51
CA ARG B 77 26.84 -78.66 23.10
C ARG B 77 27.70 -78.32 24.30
N MET B 78 27.07 -78.08 25.46
CA MET B 78 27.81 -77.73 26.65
C MET B 78 28.44 -78.91 27.40
N GLY B 79 28.28 -80.12 26.87
CA GLY B 79 28.89 -81.28 27.50
C GLY B 79 28.02 -82.48 27.80
N ASN B 80 28.67 -83.63 28.04
CA ASN B 80 27.96 -84.87 28.36
C ASN B 80 27.52 -84.83 29.82
N ARG B 81 26.82 -85.87 30.25
CA ARG B 81 26.31 -85.92 31.61
C ARG B 81 27.35 -85.56 32.67
N ALA B 82 28.55 -86.13 32.54
CA ALA B 82 29.62 -85.86 33.49
C ALA B 82 29.96 -84.37 33.55
N MET B 83 30.27 -83.79 32.40
CA MET B 83 30.64 -82.38 32.33
C MET B 83 29.53 -81.45 32.86
N LEU B 84 28.28 -81.84 32.63
CA LEU B 84 27.14 -81.05 33.10
C LEU B 84 27.13 -80.97 34.62
N LEU B 85 27.16 -82.11 35.28
CA LEU B 85 27.15 -82.13 36.74
C LEU B 85 28.35 -81.36 37.28
N GLY B 86 29.43 -81.34 36.53
CA GLY B 86 30.61 -80.59 36.97
C GLY B 86 30.36 -79.09 36.88
N LYS B 87 29.50 -78.69 35.96
CA LYS B 87 29.20 -77.26 35.80
C LYS B 87 28.25 -76.72 36.86
N ILE B 88 27.85 -77.57 37.80
CA ILE B 88 26.99 -77.12 38.89
C ILE B 88 27.87 -76.20 39.76
N PHE B 89 29.16 -76.50 39.76
CA PHE B 89 30.14 -75.76 40.56
C PHE B 89 30.81 -74.65 39.77
N ALA B 90 31.16 -74.95 38.51
CA ALA B 90 31.84 -73.97 37.67
C ALA B 90 31.32 -73.99 36.23
N ASN B 91 30.60 -72.93 35.87
CA ASN B 91 30.05 -72.76 34.52
C ASN B 91 30.53 -71.39 34.06
N PRO B 92 31.62 -71.35 33.30
CA PRO B 92 32.24 -70.13 32.77
C PRO B 92 31.52 -69.45 31.60
N HIS B 93 30.46 -70.07 31.11
CA HIS B 93 29.74 -69.51 29.97
C HIS B 93 28.45 -68.77 30.27
N LEU B 94 28.02 -68.75 31.52
CA LEU B 94 26.78 -68.07 31.87
C LEU B 94 26.72 -66.60 31.49
N PRO B 95 25.57 -66.15 30.97
CA PRO B 95 25.39 -64.75 30.57
C PRO B 95 25.50 -63.84 31.79
N GLY B 96 26.34 -62.82 31.68
CA GLY B 96 26.52 -61.89 32.78
C GLY B 96 25.44 -60.84 32.76
N ILE B 97 25.34 -60.04 33.82
CA ILE B 97 24.32 -59.01 33.89
C ILE B 97 24.53 -57.99 32.76
N ASP B 98 25.78 -57.77 32.39
CA ASP B 98 26.09 -56.85 31.31
C ASP B 98 25.67 -57.38 29.94
N ASP B 99 25.40 -58.68 29.85
CA ASP B 99 24.96 -59.26 28.60
C ASP B 99 23.48 -58.98 28.43
N TYR B 100 22.80 -58.76 29.55
CA TYR B 100 21.38 -58.41 29.54
C TYR B 100 21.42 -56.89 29.68
N TYR B 101 21.27 -56.42 30.90
CA TYR B 101 21.32 -54.99 31.23
C TYR B 101 21.07 -54.84 32.71
N GLU B 102 21.64 -53.81 33.33
CA GLU B 102 21.40 -53.60 34.74
C GLU B 102 20.07 -52.87 34.84
N PRO B 103 19.04 -53.54 35.39
CA PRO B 103 17.72 -52.93 35.53
C PRO B 103 17.77 -51.67 36.39
N PHE B 104 17.07 -50.63 35.93
CA PHE B 104 17.08 -49.36 36.63
C PHE B 104 15.70 -48.81 36.93
N ASP B 105 15.67 -47.78 37.77
CA ASP B 105 14.46 -47.09 38.18
C ASP B 105 14.88 -45.62 38.28
N PHE B 106 13.97 -44.74 38.67
CA PHE B 106 14.30 -43.31 38.78
C PHE B 106 13.76 -42.71 40.07
N ASP B 107 14.48 -41.74 40.62
CA ASP B 107 14.06 -41.11 41.87
C ASP B 107 12.94 -40.08 41.66
N TYR B 108 11.78 -40.56 41.24
CA TYR B 108 10.63 -39.71 40.99
C TYR B 108 10.28 -38.85 42.19
N GLN B 109 10.38 -39.43 43.39
CA GLN B 109 10.03 -38.68 44.60
C GLN B 109 10.81 -37.39 44.78
N ASN B 110 11.99 -37.30 44.18
CA ASN B 110 12.77 -36.08 44.31
C ASN B 110 11.98 -34.93 43.70
N LEU B 111 11.14 -35.24 42.71
CA LEU B 111 10.32 -34.22 42.05
C LEU B 111 9.26 -33.70 43.01
N HIS B 112 8.84 -34.54 43.94
CA HIS B 112 7.82 -34.19 44.92
C HIS B 112 8.38 -33.54 46.18
N THR B 113 9.50 -34.09 46.67
CA THR B 113 10.10 -33.63 47.90
C THR B 113 11.28 -32.67 47.83
N ALA B 114 11.61 -32.18 46.65
CA ALA B 114 12.73 -31.24 46.53
C ALA B 114 12.47 -30.08 47.51
N PRO B 115 13.47 -29.72 48.32
CA PRO B 115 13.30 -28.64 49.30
C PRO B 115 13.17 -27.24 48.71
N GLU B 116 12.63 -26.35 49.53
CA GLU B 116 12.46 -24.95 49.15
C GLU B 116 13.81 -24.33 48.84
N GLY B 117 13.84 -23.37 47.93
CA GLY B 117 15.09 -22.72 47.58
C GLY B 117 16.13 -23.59 46.92
N SER B 118 15.70 -24.58 46.13
CA SER B 118 16.65 -25.45 45.44
C SER B 118 17.39 -24.59 44.42
N LYS B 119 18.69 -24.83 44.27
CA LYS B 119 19.49 -24.05 43.34
C LYS B 119 19.22 -24.32 41.87
N SER B 120 18.64 -25.46 41.56
CA SER B 120 18.31 -25.80 40.18
C SER B 120 17.00 -26.57 40.14
N GLN B 121 16.47 -26.77 38.95
CA GLN B 121 15.21 -27.50 38.80
C GLN B 121 15.43 -28.95 39.23
N PRO B 122 14.60 -29.46 40.16
CA PRO B 122 14.70 -30.83 40.63
C PRO B 122 14.58 -31.81 39.45
N ILE B 123 15.30 -32.92 39.51
CA ILE B 123 15.26 -33.92 38.44
C ILE B 123 15.23 -35.33 39.05
N ALA B 124 14.77 -36.32 38.27
CA ALA B 124 14.72 -37.70 38.76
C ALA B 124 15.85 -38.49 38.11
N ARG B 125 16.89 -38.77 38.88
CA ARG B 125 18.04 -39.51 38.37
C ARG B 125 17.88 -41.02 38.48
N PRO B 126 18.59 -41.78 37.62
CA PRO B 126 18.51 -43.24 37.64
C PRO B 126 19.14 -43.90 38.87
N ARG B 127 18.60 -45.06 39.22
CA ARG B 127 19.07 -45.82 40.36
C ARG B 127 18.91 -47.31 40.05
N SER B 128 19.94 -48.10 40.38
CA SER B 128 19.92 -49.54 40.11
C SER B 128 18.87 -50.29 40.92
N LEU B 129 18.14 -51.17 40.24
CA LEU B 129 17.13 -51.98 40.92
C LEU B 129 17.79 -53.17 41.59
N ILE B 130 19.05 -53.41 41.25
CA ILE B 130 19.80 -54.52 41.82
C ILE B 130 20.51 -54.10 43.11
N THR B 131 21.38 -53.09 42.99
CA THR B 131 22.16 -52.59 44.11
C THR B 131 21.45 -51.50 44.90
N GLY B 132 20.55 -50.78 44.24
CA GLY B 132 19.82 -49.71 44.90
C GLY B 132 20.64 -48.43 44.96
N GLU B 133 21.77 -48.42 44.25
CA GLU B 133 22.63 -47.26 44.24
C GLU B 133 22.42 -46.36 43.03
N ARG B 134 22.80 -45.09 43.18
CA ARG B 134 22.69 -44.13 42.11
C ARG B 134 23.50 -44.63 40.92
N MET B 135 22.98 -44.42 39.72
CA MET B 135 23.67 -44.81 38.49
C MET B 135 24.07 -43.50 37.82
N ALA B 136 25.34 -43.39 37.45
CA ALA B 136 25.82 -42.19 36.80
C ALA B 136 25.28 -42.06 35.38
N LYS B 137 25.02 -43.19 34.75
CA LYS B 137 24.54 -43.18 33.38
C LYS B 137 23.98 -44.54 32.96
N ILE B 138 22.91 -44.54 32.17
CA ILE B 138 22.34 -45.77 31.68
C ILE B 138 23.05 -46.11 30.37
N GLU B 139 23.68 -47.28 30.34
CA GLU B 139 24.44 -47.68 29.18
C GLU B 139 23.89 -48.88 28.43
N LYS B 140 22.86 -49.52 29.00
CA LYS B 140 22.28 -50.68 28.35
C LYS B 140 20.81 -50.86 28.71
N GLY B 141 20.09 -51.52 27.81
CA GLY B 141 18.68 -51.80 28.01
C GLY B 141 18.36 -53.06 27.22
N PRO B 142 17.20 -53.69 27.47
CA PRO B 142 16.84 -54.90 26.73
C PRO B 142 16.51 -54.67 25.26
N ASN B 143 16.32 -53.42 24.88
CA ASN B 143 15.95 -53.09 23.50
C ASN B 143 16.81 -51.93 22.99
N TRP B 144 18.05 -51.88 23.45
CA TRP B 144 18.98 -50.81 23.10
C TRP B 144 19.21 -50.56 21.60
N GLU B 145 19.12 -51.61 20.79
CA GLU B 145 19.33 -51.49 19.35
C GLU B 145 18.06 -51.20 18.53
N ASP B 146 16.96 -50.87 19.19
CA ASP B 146 15.70 -50.59 18.50
C ASP B 146 15.86 -49.67 17.29
N ASP B 147 15.23 -50.05 16.19
CA ASP B 147 15.25 -49.31 14.93
C ASP B 147 16.64 -48.85 14.51
N LEU B 148 17.55 -49.80 14.44
CA LEU B 148 18.94 -49.55 14.03
C LEU B 148 19.66 -48.50 14.88
N GLY B 149 19.43 -48.53 16.19
CA GLY B 149 20.08 -47.59 17.08
C GLY B 149 21.49 -48.07 17.41
N GLY B 150 22.49 -47.40 16.84
CA GLY B 150 23.88 -47.76 17.06
C GLY B 150 24.60 -47.82 15.72
N GLU B 151 25.93 -47.65 15.72
CA GLU B 151 26.68 -47.71 14.48
C GLU B 151 26.43 -49.04 13.78
N PHE B 152 26.21 -48.99 12.47
CA PHE B 152 25.91 -50.18 11.70
C PHE B 152 26.95 -51.28 11.84
N ASP B 153 28.23 -50.93 11.73
CA ASP B 153 29.27 -51.95 11.82
C ASP B 153 29.22 -52.69 13.16
N LYS B 154 28.58 -52.09 14.15
CA LYS B 154 28.44 -52.72 15.45
C LYS B 154 27.22 -53.64 15.43
N LEU B 155 26.15 -53.17 14.79
CA LEU B 155 24.93 -53.94 14.68
C LEU B 155 25.17 -55.11 13.73
N ALA B 156 26.02 -54.88 12.74
CA ALA B 156 26.32 -55.88 11.73
C ALA B 156 27.09 -57.09 12.24
N LYS B 157 27.46 -57.07 13.52
CA LYS B 157 28.16 -58.19 14.10
C LYS B 157 27.12 -59.30 14.30
N ASP B 158 25.90 -59.00 13.87
CA ASP B 158 24.76 -59.91 13.91
C ASP B 158 25.24 -61.25 13.34
N LYS B 159 25.05 -62.34 14.08
CA LYS B 159 25.48 -63.65 13.63
C LYS B 159 24.85 -64.06 12.30
N ASN B 160 23.67 -63.53 12.01
CA ASN B 160 22.96 -63.87 10.78
C ASN B 160 23.59 -63.25 9.53
N PHE B 161 24.56 -62.36 9.72
CA PHE B 161 25.23 -61.73 8.58
C PHE B 161 26.42 -62.60 8.17
N ASP B 162 26.54 -63.76 8.80
CA ASP B 162 27.61 -64.71 8.52
C ASP B 162 27.57 -65.15 7.05
N ASN B 163 28.74 -65.17 6.43
CA ASN B 163 28.87 -65.58 5.02
C ASN B 163 28.26 -64.58 4.06
N ILE B 164 27.95 -63.37 4.54
CA ILE B 164 27.37 -62.36 3.67
C ILE B 164 28.26 -61.15 3.54
N GLN B 165 28.48 -60.72 2.30
CA GLN B 165 29.29 -59.55 2.02
C GLN B 165 28.52 -58.33 2.53
N LYS B 166 28.86 -57.90 3.75
CA LYS B 166 28.20 -56.78 4.42
C LYS B 166 28.35 -55.37 3.85
N ALA B 167 29.57 -55.01 3.47
CA ALA B 167 29.89 -53.70 2.92
C ALA B 167 28.73 -52.86 2.36
N MET B 168 28.06 -53.37 1.33
CA MET B 168 26.96 -52.62 0.71
C MET B 168 25.84 -52.21 1.65
N TYR B 169 25.52 -53.03 2.64
CA TYR B 169 24.44 -52.70 3.57
C TYR B 169 24.81 -51.61 4.57
N SER B 170 26.09 -51.24 4.60
CA SER B 170 26.52 -50.19 5.51
C SER B 170 26.38 -48.84 4.81
N GLN B 171 25.51 -48.80 3.80
CA GLN B 171 25.25 -47.57 3.05
C GLN B 171 23.78 -47.19 3.21
N PHE B 172 23.54 -45.91 3.45
CA PHE B 172 22.19 -45.37 3.63
C PHE B 172 21.15 -45.92 2.66
N GLU B 173 21.39 -45.76 1.37
CA GLU B 173 20.46 -46.22 0.35
C GLU B 173 20.06 -47.70 0.43
N ASN B 174 20.88 -48.51 1.09
CA ASN B 174 20.60 -49.94 1.20
C ASN B 174 20.11 -50.37 2.57
N THR B 175 19.76 -49.40 3.40
CA THR B 175 19.28 -49.67 4.75
C THR B 175 18.06 -50.58 4.75
N PHE B 176 18.02 -51.48 5.73
CA PHE B 176 16.88 -52.38 5.92
C PHE B 176 16.82 -52.75 7.39
N MET B 177 15.62 -53.05 7.87
CA MET B 177 15.45 -53.46 9.25
C MET B 177 14.16 -54.22 9.38
N MET B 178 14.16 -55.21 10.27
CA MET B 178 12.98 -56.01 10.51
C MET B 178 12.89 -56.24 12.00
N TYR B 179 11.81 -56.89 12.43
CA TYR B 179 11.64 -57.15 13.85
C TYR B 179 11.50 -58.64 14.13
N LEU B 180 12.11 -59.08 15.22
CA LEU B 180 12.04 -60.47 15.62
C LEU B 180 11.49 -60.64 17.03
N PRO B 181 10.16 -60.79 17.15
CA PRO B 181 9.56 -60.97 18.47
C PRO B 181 9.84 -62.42 18.82
N ARG B 182 10.12 -62.74 20.07
CA ARG B 182 10.37 -64.12 20.42
C ARG B 182 10.13 -64.45 21.87
N LEU B 183 9.74 -65.71 22.09
CA LEU B 183 9.46 -66.23 23.41
C LEU B 183 10.14 -67.60 23.47
N CYS B 184 9.71 -68.44 24.39
CA CYS B 184 10.27 -69.79 24.48
C CYS B 184 9.66 -70.57 23.30
N GLU B 185 10.45 -71.43 22.69
CA GLU B 185 9.99 -72.23 21.54
C GLU B 185 9.21 -73.49 21.95
N HIS B 186 9.22 -73.82 23.25
CA HIS B 186 8.54 -75.01 23.74
C HIS B 186 8.82 -76.19 22.80
N CYS B 187 10.11 -76.35 22.53
CA CYS B 187 10.68 -77.35 21.65
C CYS B 187 10.23 -78.80 21.84
N LEU B 188 10.34 -79.60 20.80
CA LEU B 188 9.98 -81.01 20.89
C LEU B 188 11.19 -81.80 21.41
N ASN B 189 12.38 -81.25 21.19
CA ASN B 189 13.61 -81.88 21.68
C ASN B 189 14.34 -80.79 22.46
N PRO B 190 13.73 -80.32 23.57
CA PRO B 190 14.31 -79.27 24.40
C PRO B 190 15.69 -79.54 24.97
N ALA B 191 16.60 -78.61 24.72
CA ALA B 191 17.96 -78.71 25.23
C ALA B 191 17.96 -78.40 26.72
N CYS B 192 17.04 -77.55 27.16
CA CYS B 192 16.94 -77.18 28.57
C CYS B 192 16.65 -78.39 29.45
N VAL B 193 15.68 -79.21 29.03
CA VAL B 193 15.32 -80.40 29.79
C VAL B 193 16.52 -81.34 29.94
N ALA B 194 17.31 -81.43 28.88
CA ALA B 194 18.48 -82.31 28.87
C ALA B 194 19.64 -81.76 29.70
N THR B 195 19.67 -80.46 29.92
CA THR B 195 20.77 -79.88 30.67
C THR B 195 20.55 -79.70 32.17
N CYS B 196 19.39 -80.13 32.68
CA CYS B 196 19.14 -80.05 34.12
C CYS B 196 19.07 -81.49 34.61
N PRO B 197 20.14 -81.95 35.29
CA PRO B 197 20.27 -83.30 35.83
C PRO B 197 19.18 -83.77 36.79
N SER B 198 18.58 -82.84 37.53
CA SER B 198 17.55 -83.20 38.49
C SER B 198 16.16 -83.43 37.90
N GLY B 199 15.97 -83.03 36.65
CA GLY B 199 14.68 -83.21 36.04
C GLY B 199 13.68 -82.17 36.52
N ALA B 200 14.17 -81.01 36.96
CA ALA B 200 13.29 -79.95 37.42
C ALA B 200 12.55 -79.34 36.22
N ILE B 201 13.14 -79.50 35.03
CA ILE B 201 12.53 -78.99 33.80
C ILE B 201 11.85 -80.16 33.09
N TYR B 202 10.62 -79.94 32.67
CA TYR B 202 9.87 -81.01 32.02
C TYR B 202 8.93 -80.46 30.97
N LYS B 203 8.65 -81.27 29.96
CA LYS B 203 7.74 -80.91 28.88
C LYS B 203 6.43 -81.65 29.18
N ARG B 204 5.37 -80.90 29.47
CA ARG B 204 4.09 -81.50 29.78
C ARG B 204 3.60 -82.42 28.66
N GLU B 205 3.01 -83.55 29.04
CA GLU B 205 2.53 -84.49 28.05
C GLU B 205 1.22 -84.09 27.38
N GLU B 206 0.34 -83.43 28.12
CA GLU B 206 -0.96 -83.03 27.59
C GLU B 206 -0.90 -81.93 26.52
N ASP B 207 0.04 -81.00 26.65
CA ASP B 207 0.14 -79.90 25.68
C ASP B 207 1.53 -79.48 25.24
N GLY B 208 2.55 -80.21 25.67
CA GLY B 208 3.91 -79.88 25.26
C GLY B 208 4.53 -78.62 25.85
N ILE B 209 3.83 -77.97 26.77
CA ILE B 209 4.36 -76.77 27.40
C ILE B 209 5.55 -77.11 28.32
N VAL B 210 6.68 -76.45 28.12
CA VAL B 210 7.87 -76.69 28.93
C VAL B 210 7.92 -75.77 30.15
N LEU B 211 8.02 -76.38 31.32
CA LEU B 211 8.06 -75.64 32.58
C LEU B 211 9.22 -76.04 33.49
N ILE B 212 9.60 -75.12 34.37
CA ILE B 212 10.65 -75.36 35.34
C ILE B 212 9.99 -75.47 36.71
N ASP B 213 10.03 -76.67 37.29
CA ASP B 213 9.44 -76.91 38.61
C ASP B 213 10.16 -76.04 39.63
N GLN B 214 9.47 -75.04 40.18
CA GLN B 214 10.09 -74.15 41.15
C GLN B 214 10.52 -74.83 42.44
N ASP B 215 9.79 -75.85 42.88
CA ASP B 215 10.16 -76.55 44.11
C ASP B 215 11.45 -77.35 43.90
N LYS B 216 11.57 -77.97 42.73
CA LYS B 216 12.74 -78.80 42.41
C LYS B 216 14.01 -78.07 41.98
N CYS B 217 13.86 -76.87 41.42
CA CYS B 217 15.01 -76.10 40.98
C CYS B 217 15.95 -75.76 42.13
N ARG B 218 17.26 -75.88 41.90
CA ARG B 218 18.24 -75.57 42.93
C ARG B 218 19.18 -74.47 42.49
N GLY B 219 18.88 -73.86 41.35
CA GLY B 219 19.71 -72.78 40.84
C GLY B 219 21.04 -73.20 40.25
N TRP B 220 21.14 -74.43 39.74
CA TRP B 220 22.40 -74.90 39.14
C TRP B 220 22.71 -74.09 37.89
N ARG B 221 21.66 -73.72 37.16
CA ARG B 221 21.76 -72.89 35.96
C ARG B 221 22.39 -73.43 34.69
N MET B 222 22.62 -74.73 34.59
CA MET B 222 23.16 -75.27 33.35
C MET B 222 22.13 -75.03 32.24
N CYS B 223 20.85 -75.04 32.63
CA CYS B 223 19.76 -74.83 31.68
C CYS B 223 19.84 -73.50 30.95
N ILE B 224 20.33 -72.46 31.62
CA ILE B 224 20.44 -71.15 31.01
C ILE B 224 21.44 -71.20 29.84
N THR B 225 22.52 -71.94 30.05
CA THR B 225 23.55 -72.13 29.03
C THR B 225 22.99 -73.04 27.95
N GLY B 226 22.31 -74.10 28.40
CA GLY B 226 21.73 -75.07 27.51
C GLY B 226 20.76 -74.57 26.46
N CYS B 227 19.87 -73.67 26.86
CA CYS B 227 18.89 -73.13 25.93
C CYS B 227 19.59 -72.23 24.92
N PRO B 228 19.57 -72.63 23.63
CA PRO B 228 20.21 -71.85 22.57
C PRO B 228 19.50 -70.55 22.21
N TYR B 229 18.27 -70.39 22.69
CA TYR B 229 17.49 -69.19 22.44
C TYR B 229 17.60 -68.27 23.66
N LYS B 230 18.34 -68.72 24.66
CA LYS B 230 18.53 -67.98 25.91
C LYS B 230 17.21 -67.43 26.46
N LYS B 231 16.21 -68.30 26.56
CA LYS B 231 14.90 -67.90 27.05
C LYS B 231 14.58 -68.33 28.47
N ILE B 232 15.60 -68.79 29.20
CA ILE B 232 15.44 -69.14 30.60
C ILE B 232 16.24 -68.07 31.33
N TYR B 233 15.62 -67.43 32.31
CA TYR B 233 16.31 -66.39 33.05
C TYR B 233 16.42 -66.73 34.52
N PHE B 234 17.56 -66.36 35.10
CA PHE B 234 17.81 -66.60 36.51
C PHE B 234 17.08 -65.54 37.33
N ASN B 235 16.34 -65.96 38.34
CA ASN B 235 15.64 -65.02 39.22
C ASN B 235 16.63 -64.81 40.37
N TRP B 236 17.39 -63.72 40.30
CA TRP B 236 18.41 -63.45 41.31
C TRP B 236 17.90 -63.33 42.74
N LYS B 237 16.61 -63.08 42.92
CA LYS B 237 16.06 -62.96 44.26
C LYS B 237 15.60 -64.29 44.85
N SER B 238 15.03 -65.16 44.01
CA SER B 238 14.56 -66.44 44.50
C SER B 238 15.66 -67.50 44.41
N GLY B 239 16.65 -67.25 43.57
CA GLY B 239 17.72 -68.23 43.42
C GLY B 239 17.30 -69.37 42.52
N LYS B 240 16.21 -69.16 41.79
CA LYS B 240 15.69 -70.18 40.86
C LYS B 240 15.54 -69.59 39.47
N SER B 241 15.43 -70.45 38.47
CA SER B 241 15.26 -70.00 37.10
C SER B 241 13.80 -70.01 36.68
N GLU B 242 13.44 -69.09 35.80
CA GLU B 242 12.07 -68.97 35.29
C GLU B 242 12.10 -68.79 33.78
N LYS B 243 10.97 -69.07 33.13
CA LYS B 243 10.87 -68.96 31.68
C LYS B 243 9.42 -68.77 31.26
N CYS B 244 9.20 -68.50 29.97
CA CYS B 244 7.86 -68.34 29.42
C CYS B 244 7.09 -69.63 29.73
N ILE B 245 5.87 -69.49 30.25
CA ILE B 245 5.05 -70.66 30.61
C ILE B 245 3.94 -70.91 29.60
N PHE B 246 4.04 -70.27 28.44
CA PHE B 246 3.05 -70.36 27.37
C PHE B 246 1.64 -70.12 27.93
N CYS B 247 1.56 -69.26 28.93
CA CYS B 247 0.27 -68.94 29.56
C CYS B 247 -0.61 -70.18 29.75
N TYR B 248 -0.03 -71.29 30.25
CA TYR B 248 -0.81 -72.50 30.42
C TYR B 248 -2.13 -72.31 31.16
N PRO B 249 -2.20 -71.39 32.14
CA PRO B 249 -3.49 -71.24 32.81
C PRO B 249 -4.59 -70.85 31.80
N ARG B 250 -4.22 -70.13 30.75
CA ARG B 250 -5.20 -69.74 29.75
C ARG B 250 -5.37 -70.80 28.67
N ILE B 251 -4.28 -71.43 28.27
CA ILE B 251 -4.34 -72.48 27.25
C ILE B 251 -5.21 -73.62 27.77
N GLU B 252 -5.06 -73.95 29.06
CA GLU B 252 -5.84 -75.04 29.65
C GLU B 252 -7.34 -74.74 29.63
N ALA B 253 -7.70 -73.46 29.50
CA ALA B 253 -9.11 -73.07 29.47
C ALA B 253 -9.59 -72.75 28.05
N GLY B 254 -8.77 -73.09 27.06
CA GLY B 254 -9.14 -72.82 25.68
C GLY B 254 -9.03 -71.36 25.26
N GLN B 255 -8.12 -70.61 25.88
CA GLN B 255 -7.93 -69.21 25.54
C GLN B 255 -6.53 -69.00 24.95
N PRO B 256 -6.33 -67.91 24.18
CA PRO B 256 -5.02 -67.65 23.57
C PRO B 256 -4.03 -67.21 24.66
N THR B 257 -2.74 -67.20 24.35
CA THR B 257 -1.76 -66.75 25.34
C THR B 257 -1.97 -65.24 25.39
N VAL B 258 -1.51 -64.60 26.46
CA VAL B 258 -1.67 -63.16 26.61
C VAL B 258 -1.02 -62.41 25.45
N CYS B 259 0.19 -62.81 25.08
CA CYS B 259 0.90 -62.16 23.98
C CYS B 259 0.25 -62.36 22.61
N SER B 260 -0.55 -63.41 22.45
CA SER B 260 -1.22 -63.65 21.16
C SER B 260 -2.45 -62.77 21.05
N GLU B 261 -3.28 -62.80 22.09
CA GLU B 261 -4.50 -62.03 22.10
C GLU B 261 -4.24 -60.52 22.11
N THR B 262 -3.12 -60.10 22.69
CA THR B 262 -2.82 -58.68 22.75
C THR B 262 -1.94 -58.17 21.59
N CYS B 263 -1.66 -59.03 20.62
CA CYS B 263 -0.83 -58.63 19.47
C CYS B 263 -1.61 -57.63 18.62
N VAL B 264 -1.15 -56.39 18.66
CA VAL B 264 -1.76 -55.30 17.94
C VAL B 264 -1.75 -55.48 16.43
N GLY B 265 -0.68 -56.09 15.92
CA GLY B 265 -0.56 -56.33 14.49
C GLY B 265 -1.37 -57.50 13.95
N ARG B 266 -1.90 -58.33 14.85
CA ARG B 266 -2.70 -59.49 14.44
C ARG B 266 -1.80 -60.41 13.59
N ILE B 267 -0.61 -60.69 14.10
CA ILE B 267 0.35 -61.52 13.38
C ILE B 267 0.51 -62.92 13.96
N ARG B 268 -0.01 -63.13 15.16
CA ARG B 268 0.14 -64.42 15.84
C ARG B 268 -1.03 -65.39 15.68
N TYR B 269 -0.71 -66.64 15.33
CA TYR B 269 -1.70 -67.69 15.13
C TYR B 269 -1.41 -68.85 16.07
N LEU B 270 -2.46 -69.40 16.66
CA LEU B 270 -2.36 -70.54 17.58
C LEU B 270 -3.21 -71.68 17.06
N GLY B 271 -2.62 -72.87 16.98
CA GLY B 271 -3.34 -74.03 16.50
C GLY B 271 -2.72 -75.32 16.99
N VAL B 272 -3.53 -76.37 17.11
CA VAL B 272 -3.05 -77.66 17.58
C VAL B 272 -2.30 -78.42 16.50
N LEU B 273 -1.30 -79.17 16.92
CA LEU B 273 -0.52 -80.00 16.01
C LEU B 273 -0.33 -81.34 16.70
N LEU B 274 -0.54 -82.42 15.97
CA LEU B 274 -0.36 -83.74 16.53
C LEU B 274 0.98 -84.26 16.01
N TYR B 275 1.72 -84.96 16.86
CA TYR B 275 3.01 -85.50 16.43
C TYR B 275 3.32 -86.81 17.15
N ASP B 276 4.20 -87.60 16.57
CA ASP B 276 4.61 -88.88 17.15
C ASP B 276 5.81 -88.57 18.03
N ALA B 277 5.61 -88.62 19.34
CA ALA B 277 6.68 -88.33 20.28
C ALA B 277 7.87 -89.27 20.12
N ASP B 278 7.61 -90.48 19.61
CA ASP B 278 8.70 -91.43 19.44
C ASP B 278 9.51 -91.22 18.17
N ALA B 279 9.14 -90.23 17.38
CA ALA B 279 9.86 -89.97 16.14
C ALA B 279 10.78 -88.75 16.25
N ILE B 280 10.77 -88.10 17.41
CA ILE B 280 11.58 -86.90 17.61
C ILE B 280 13.09 -87.10 17.61
N GLU B 281 13.57 -88.08 18.37
CA GLU B 281 15.00 -88.36 18.45
C GLU B 281 15.61 -88.58 17.08
N ARG B 282 14.99 -89.43 16.28
CA ARG B 282 15.49 -89.71 14.94
C ARG B 282 15.58 -88.45 14.09
N ALA B 283 14.51 -87.66 14.08
CA ALA B 283 14.48 -86.43 13.30
C ALA B 283 15.54 -85.41 13.71
N ALA B 284 15.71 -85.21 15.01
CA ALA B 284 16.69 -84.24 15.51
C ALA B 284 18.12 -84.71 15.27
N SER B 285 18.27 -86.01 15.02
CA SER B 285 19.59 -86.59 14.81
C SER B 285 20.02 -86.69 13.35
N THR B 286 19.16 -86.21 12.44
CA THR B 286 19.49 -86.28 11.02
C THR B 286 20.85 -85.66 10.78
N GLU B 287 21.65 -86.29 9.92
CA GLU B 287 23.00 -85.82 9.63
C GLU B 287 23.16 -84.41 9.11
N ASN B 288 22.46 -84.08 8.01
CA ASN B 288 22.57 -82.74 7.44
C ASN B 288 21.66 -81.72 8.12
N GLU B 289 22.27 -80.61 8.52
CA GLU B 289 21.59 -79.51 9.19
C GLU B 289 20.39 -78.96 8.43
N LYS B 290 20.53 -78.87 7.11
CA LYS B 290 19.46 -78.34 6.27
C LYS B 290 18.27 -79.28 6.08
N ASP B 291 18.33 -80.46 6.70
CA ASP B 291 17.23 -81.41 6.60
C ASP B 291 16.35 -81.34 7.85
N LEU B 292 16.85 -80.65 8.87
CA LEU B 292 16.10 -80.52 10.13
C LEU B 292 14.70 -79.94 9.92
N TYR B 293 14.60 -78.92 9.08
CA TYR B 293 13.30 -78.31 8.77
C TYR B 293 12.31 -79.35 8.26
N GLN B 294 12.64 -80.00 7.14
CA GLN B 294 11.77 -81.01 6.56
C GLN B 294 11.53 -82.19 7.51
N ARG B 295 12.56 -82.60 8.24
CA ARG B 295 12.40 -83.71 9.16
C ARG B 295 11.37 -83.37 10.24
N GLN B 296 11.30 -82.11 10.64
CA GLN B 296 10.31 -81.75 11.66
C GLN B 296 8.91 -81.79 11.05
N LEU B 297 8.77 -81.32 9.81
CA LEU B 297 7.46 -81.35 9.16
C LEU B 297 7.00 -82.80 9.10
N ASP B 298 7.94 -83.72 8.94
CA ASP B 298 7.60 -85.14 8.89
C ASP B 298 7.04 -85.71 10.19
N VAL B 299 7.25 -85.04 11.33
CA VAL B 299 6.71 -85.58 12.58
C VAL B 299 5.30 -85.07 12.85
N PHE B 300 4.86 -84.05 12.09
CA PHE B 300 3.51 -83.52 12.26
C PHE B 300 2.56 -84.45 11.51
N LEU B 301 1.53 -84.92 12.21
CA LEU B 301 0.59 -85.86 11.61
C LEU B 301 -0.64 -85.18 11.01
N ASP B 302 -1.27 -85.86 10.06
CA ASP B 302 -2.45 -85.35 9.38
C ASP B 302 -3.66 -85.66 10.25
N PRO B 303 -4.23 -84.62 10.89
CA PRO B 303 -5.39 -84.75 11.77
C PRO B 303 -6.64 -85.29 11.09
N ASN B 304 -6.65 -85.34 9.76
CA ASN B 304 -7.81 -85.85 9.05
C ASN B 304 -7.67 -87.32 8.65
N ASP B 305 -6.46 -87.88 8.77
CA ASP B 305 -6.23 -89.28 8.43
C ASP B 305 -6.88 -90.15 9.50
N PRO B 306 -7.81 -91.04 9.08
CA PRO B 306 -8.53 -91.95 9.98
C PRO B 306 -7.65 -92.76 10.93
N LYS B 307 -6.49 -93.21 10.46
CA LYS B 307 -5.59 -93.98 11.32
C LYS B 307 -4.99 -93.05 12.38
N VAL B 308 -4.60 -91.85 11.98
CA VAL B 308 -4.04 -90.89 12.92
C VAL B 308 -5.08 -90.61 14.01
N ILE B 309 -6.31 -90.34 13.60
CA ILE B 309 -7.38 -90.06 14.54
C ILE B 309 -7.52 -91.23 15.51
N GLU B 310 -7.60 -92.43 14.95
CA GLU B 310 -7.74 -93.66 15.73
C GLU B 310 -6.64 -93.79 16.77
N GLN B 311 -5.39 -93.63 16.31
CA GLN B 311 -4.24 -93.73 17.20
C GLN B 311 -4.25 -92.64 18.25
N ALA B 312 -4.64 -91.43 17.84
CA ALA B 312 -4.69 -90.29 18.75
C ALA B 312 -5.64 -90.59 19.91
N ILE B 313 -6.82 -91.09 19.58
CA ILE B 313 -7.81 -91.43 20.60
C ILE B 313 -7.28 -92.51 21.53
N LYS B 314 -6.65 -93.54 20.96
CA LYS B 314 -6.09 -94.61 21.77
C LYS B 314 -5.04 -94.06 22.73
N ASP B 315 -4.24 -93.10 22.27
CA ASP B 315 -3.20 -92.52 23.11
C ASP B 315 -3.70 -91.47 24.11
N GLY B 316 -5.02 -91.33 24.24
CA GLY B 316 -5.56 -90.39 25.20
C GLY B 316 -5.92 -88.97 24.76
N ILE B 317 -5.81 -88.65 23.47
CA ILE B 317 -6.14 -87.30 22.99
C ILE B 317 -7.66 -87.18 22.88
N PRO B 318 -8.25 -86.17 23.54
CA PRO B 318 -9.71 -85.98 23.48
C PRO B 318 -10.13 -85.68 22.05
N LEU B 319 -11.32 -86.12 21.67
CA LEU B 319 -11.81 -85.88 20.31
C LEU B 319 -11.84 -84.37 19.99
N SER B 320 -12.17 -83.54 20.97
CA SER B 320 -12.23 -82.10 20.76
C SER B 320 -10.87 -81.52 20.37
N VAL B 321 -9.80 -82.11 20.88
CA VAL B 321 -8.45 -81.65 20.56
C VAL B 321 -8.11 -82.04 19.11
N ILE B 322 -8.53 -83.23 18.71
CA ILE B 322 -8.28 -83.71 17.35
C ILE B 322 -9.05 -82.83 16.36
N GLU B 323 -10.29 -82.50 16.70
CA GLU B 323 -11.11 -81.66 15.83
C GLU B 323 -10.49 -80.27 15.72
N ALA B 324 -9.87 -79.79 16.79
CA ALA B 324 -9.23 -78.49 16.77
C ALA B 324 -8.04 -78.58 15.81
N ALA B 325 -7.32 -79.68 15.89
CA ALA B 325 -6.17 -79.89 15.02
C ALA B 325 -6.58 -79.87 13.55
N GLN B 326 -7.81 -80.31 13.26
CA GLN B 326 -8.30 -80.34 11.90
C GLN B 326 -8.62 -78.92 11.39
N GLN B 327 -8.70 -77.97 12.31
CA GLN B 327 -8.98 -76.57 11.99
C GLN B 327 -7.79 -75.66 12.31
N SER B 328 -6.63 -76.27 12.55
CA SER B 328 -5.42 -75.55 12.92
C SER B 328 -4.84 -74.58 11.89
N PRO B 329 -4.82 -73.27 12.20
CA PRO B 329 -4.26 -72.33 11.22
C PRO B 329 -2.75 -72.55 11.10
N VAL B 330 -2.14 -73.02 12.19
CA VAL B 330 -0.71 -73.27 12.19
C VAL B 330 -0.33 -74.43 11.27
N TYR B 331 -1.16 -75.46 11.23
CA TYR B 331 -0.91 -76.60 10.34
C TYR B 331 -0.93 -76.10 8.89
N LYS B 332 -1.93 -75.29 8.56
CA LYS B 332 -2.06 -74.77 7.20
C LYS B 332 -0.84 -73.97 6.78
N MET B 333 -0.37 -73.11 7.69
CA MET B 333 0.78 -72.28 7.39
C MET B 333 2.10 -73.03 7.30
N ALA B 334 2.30 -73.98 8.19
CA ALA B 334 3.56 -74.73 8.19
C ALA B 334 3.58 -75.89 7.21
N MET B 335 2.51 -76.68 7.19
CA MET B 335 2.42 -77.85 6.33
C MET B 335 1.90 -77.67 4.91
N GLU B 336 0.78 -76.95 4.77
CA GLU B 336 0.17 -76.76 3.45
C GLU B 336 0.71 -75.64 2.57
N TRP B 337 0.67 -74.41 3.04
CA TRP B 337 1.13 -73.28 2.24
C TRP B 337 2.63 -73.08 2.31
N LYS B 338 3.26 -73.66 3.32
CA LYS B 338 4.71 -73.54 3.50
C LYS B 338 5.17 -72.09 3.70
N LEU B 339 4.38 -71.31 4.43
CA LEU B 339 4.73 -69.92 4.67
C LEU B 339 5.54 -69.75 5.95
N ALA B 340 5.26 -70.61 6.94
CA ALA B 340 5.94 -70.55 8.23
C ALA B 340 7.18 -71.44 8.28
N LEU B 341 8.24 -70.93 8.89
CA LEU B 341 9.50 -71.64 8.99
C LEU B 341 10.02 -71.61 10.43
N PRO B 342 10.82 -72.61 10.82
CA PRO B 342 11.36 -72.64 12.19
C PRO B 342 12.43 -71.58 12.41
N LEU B 343 12.64 -71.23 13.67
CA LEU B 343 13.68 -70.28 14.03
C LEU B 343 14.89 -71.13 14.41
N HIS B 344 16.00 -70.90 13.70
CA HIS B 344 17.24 -71.65 13.95
C HIS B 344 17.04 -73.15 14.15
N PRO B 345 16.62 -73.86 13.10
CA PRO B 345 16.41 -75.30 13.22
C PRO B 345 17.72 -76.07 13.47
N GLU B 346 18.85 -75.47 13.10
CA GLU B 346 20.15 -76.12 13.27
C GLU B 346 20.54 -76.38 14.73
N TYR B 347 19.84 -75.75 15.67
CA TYR B 347 20.15 -75.99 17.09
C TYR B 347 19.69 -77.40 17.45
N ARG B 348 18.85 -77.96 16.59
CA ARG B 348 18.32 -79.32 16.75
C ARG B 348 17.31 -79.54 17.87
N THR B 349 16.57 -78.50 18.22
CA THR B 349 15.57 -78.61 19.27
C THR B 349 14.16 -78.84 18.73
N LEU B 350 13.98 -78.71 17.42
CA LEU B 350 12.66 -78.86 16.81
C LEU B 350 11.71 -77.88 17.49
N PRO B 351 11.97 -76.58 17.30
CA PRO B 351 11.17 -75.49 17.88
C PRO B 351 9.71 -75.52 17.44
N MET B 352 8.83 -75.02 18.29
CA MET B 352 7.40 -75.02 17.99
C MET B 352 6.76 -73.64 17.82
N VAL B 353 7.59 -72.59 17.77
CA VAL B 353 7.11 -71.24 17.52
C VAL B 353 7.77 -70.89 16.19
N TRP B 354 6.98 -70.93 15.12
CA TRP B 354 7.48 -70.68 13.78
C TRP B 354 7.19 -69.28 13.24
N TYR B 355 7.88 -68.94 12.16
CA TYR B 355 7.80 -67.61 11.55
C TYR B 355 7.62 -67.53 10.05
N VAL B 356 6.83 -66.56 9.61
CA VAL B 356 6.63 -66.29 8.19
C VAL B 356 7.61 -65.14 7.95
N PRO B 357 8.52 -65.26 6.97
CA PRO B 357 9.47 -64.17 6.72
C PRO B 357 8.80 -62.91 6.18
N PRO B 358 9.42 -61.74 6.41
CA PRO B 358 8.84 -60.48 5.94
C PRO B 358 9.22 -60.07 4.52
N LEU B 359 8.30 -59.37 3.86
CA LEU B 359 8.57 -58.83 2.54
C LEU B 359 9.24 -57.52 2.90
N SER B 360 9.65 -56.75 1.89
CA SER B 360 10.31 -55.49 2.15
C SER B 360 10.31 -54.64 0.88
N PRO B 361 10.57 -53.34 1.02
CA PRO B 361 10.59 -52.45 -0.15
C PRO B 361 11.61 -52.96 -1.16
N ILE B 362 11.44 -52.65 -2.43
CA ILE B 362 12.42 -53.12 -3.41
C ILE B 362 13.77 -52.44 -3.18
N GLN B 363 14.82 -53.02 -3.77
CA GLN B 363 16.16 -52.46 -3.64
C GLN B 363 16.20 -51.05 -4.23
N SER B 364 17.05 -50.20 -3.69
CA SER B 364 17.15 -48.84 -4.20
C SER B 364 17.99 -48.85 -5.47
N ALA B 365 17.66 -47.97 -6.41
CA ALA B 365 18.39 -47.94 -7.67
C ALA B 365 18.53 -46.59 -8.35
N ALA B 366 17.48 -45.76 -8.27
CA ALA B 366 17.43 -44.44 -8.92
C ALA B 366 16.76 -44.65 -10.28
N ASP B 367 17.08 -45.79 -10.89
CA ASP B 367 16.49 -46.16 -12.17
C ASP B 367 15.17 -46.81 -11.77
N ALA B 368 14.09 -46.04 -11.82
CA ALA B 368 12.75 -46.51 -11.43
C ALA B 368 12.37 -47.91 -11.89
N GLY B 369 13.11 -48.44 -12.86
CA GLY B 369 12.80 -49.78 -13.35
C GLY B 369 11.50 -49.85 -14.12
N GLU B 370 11.11 -51.06 -14.50
CA GLU B 370 9.90 -51.29 -15.27
C GLU B 370 9.06 -52.43 -14.70
N LEU B 371 7.85 -52.59 -15.21
CA LEU B 371 6.97 -53.66 -14.77
C LEU B 371 7.74 -54.97 -14.77
N GLY B 372 7.33 -55.90 -13.90
CA GLY B 372 8.00 -57.18 -13.83
C GLY B 372 6.98 -58.29 -13.93
N SER B 373 7.36 -59.49 -13.50
CA SER B 373 6.45 -60.62 -13.56
C SER B 373 5.17 -60.32 -12.81
N ASN B 374 5.28 -59.56 -11.72
CA ASN B 374 4.11 -59.22 -10.92
C ASN B 374 3.57 -57.82 -11.19
N GLY B 375 3.85 -57.30 -12.38
CA GLY B 375 3.34 -55.99 -12.75
C GLY B 375 3.96 -54.88 -11.93
N ILE B 376 3.12 -54.02 -11.36
CA ILE B 376 3.61 -52.93 -10.53
C ILE B 376 4.06 -53.43 -9.15
N LEU B 377 3.63 -54.63 -8.78
CA LEU B 377 4.00 -55.22 -7.50
C LEU B 377 5.37 -55.89 -7.63
N PRO B 378 6.15 -55.96 -6.53
CA PRO B 378 7.49 -56.55 -6.51
C PRO B 378 7.61 -58.03 -6.90
N ASP B 379 8.80 -58.37 -7.37
CA ASP B 379 9.16 -59.75 -7.73
C ASP B 379 10.10 -60.13 -6.58
N VAL B 380 10.05 -61.38 -6.14
CA VAL B 380 10.89 -61.81 -5.02
C VAL B 380 12.37 -61.41 -5.14
N GLU B 381 12.92 -61.45 -6.35
CA GLU B 381 14.33 -61.11 -6.55
C GLU B 381 14.68 -59.65 -6.26
N SER B 382 13.68 -58.78 -6.20
CA SER B 382 13.96 -57.37 -5.97
C SER B 382 13.78 -56.86 -4.55
N LEU B 383 13.44 -57.73 -3.60
CA LEU B 383 13.26 -57.32 -2.22
C LEU B 383 14.61 -56.88 -1.63
N ARG B 384 14.60 -55.78 -0.90
CA ARG B 384 15.83 -55.24 -0.33
C ARG B 384 16.42 -56.06 0.82
N ILE B 385 15.64 -56.93 1.45
CA ILE B 385 16.22 -57.72 2.53
C ILE B 385 16.93 -58.92 1.91
N PRO B 386 18.24 -59.04 2.14
CA PRO B 386 19.00 -60.17 1.60
C PRO B 386 18.41 -61.49 2.06
N VAL B 387 17.98 -62.32 1.12
CA VAL B 387 17.37 -63.60 1.46
C VAL B 387 18.31 -64.53 2.20
N GLN B 388 19.61 -64.40 1.99
CA GLN B 388 20.57 -65.26 2.69
C GLN B 388 20.48 -64.96 4.18
N TYR B 389 20.20 -63.69 4.49
CA TYR B 389 20.08 -63.27 5.89
C TYR B 389 18.90 -64.00 6.54
N LEU B 390 17.75 -64.01 5.88
CA LEU B 390 16.55 -64.68 6.38
C LEU B 390 16.78 -66.17 6.47
N ALA B 391 17.62 -66.69 5.59
CA ALA B 391 17.94 -68.13 5.54
C ALA B 391 18.77 -68.57 6.75
N ASN B 392 19.74 -67.75 7.15
CA ASN B 392 20.57 -68.10 8.30
C ASN B 392 19.73 -68.07 9.56
N LEU B 393 18.69 -67.23 9.53
CA LEU B 393 17.80 -67.06 10.66
C LEU B 393 16.78 -68.18 10.78
N LEU B 394 16.21 -68.58 9.66
CA LEU B 394 15.13 -69.57 9.65
C LEU B 394 15.34 -70.94 9.02
N THR B 395 16.33 -71.10 8.16
CA THR B 395 16.51 -72.39 7.49
C THR B 395 17.93 -72.91 7.38
N ALA B 396 18.72 -72.69 8.42
CA ALA B 396 20.10 -73.15 8.44
C ALA B 396 20.87 -72.76 7.18
N GLY B 397 20.57 -71.59 6.62
CA GLY B 397 21.28 -71.13 5.43
C GLY B 397 20.70 -71.50 4.06
N ASP B 398 19.69 -72.36 4.02
CA ASP B 398 19.07 -72.78 2.76
C ASP B 398 18.01 -71.76 2.32
N THR B 399 18.34 -70.98 1.30
CA THR B 399 17.42 -69.95 0.79
C THR B 399 16.16 -70.46 0.09
N LYS B 400 16.17 -71.71 -0.37
CA LYS B 400 15.01 -72.25 -1.09
C LYS B 400 13.66 -72.17 -0.38
N PRO B 401 13.57 -72.58 0.90
CA PRO B 401 12.28 -72.52 1.60
C PRO B 401 11.83 -71.08 1.86
N VAL B 402 12.78 -70.17 2.06
CA VAL B 402 12.48 -68.77 2.30
C VAL B 402 11.94 -68.12 1.02
N LEU B 403 12.63 -68.33 -0.08
CA LEU B 403 12.23 -67.79 -1.36
C LEU B 403 10.83 -68.28 -1.70
N ARG B 404 10.54 -69.54 -1.38
CA ARG B 404 9.22 -70.08 -1.66
C ARG B 404 8.14 -69.36 -0.86
N ALA B 405 8.39 -69.15 0.43
CA ALA B 405 7.42 -68.46 1.29
C ALA B 405 7.17 -67.04 0.78
N LEU B 406 8.24 -66.28 0.58
CA LEU B 406 8.12 -64.93 0.10
C LEU B 406 7.44 -64.88 -1.26
N LYS B 407 7.84 -65.78 -2.16
CA LYS B 407 7.28 -65.81 -3.50
C LYS B 407 5.78 -66.11 -3.50
N ARG B 408 5.35 -66.97 -2.57
CA ARG B 408 3.95 -67.34 -2.48
C ARG B 408 3.07 -66.20 -1.96
N MET B 409 3.62 -65.37 -1.08
CA MET B 409 2.85 -64.25 -0.57
C MET B 409 2.72 -63.20 -1.66
N LEU B 410 3.78 -63.02 -2.44
CA LEU B 410 3.76 -62.06 -3.53
C LEU B 410 2.77 -62.50 -4.60
N ALA B 411 2.70 -63.82 -4.81
CA ALA B 411 1.78 -64.37 -5.80
C ALA B 411 0.35 -64.09 -5.38
N MET B 412 0.07 -64.22 -4.08
CA MET B 412 -1.26 -63.97 -3.57
C MET B 412 -1.62 -62.51 -3.90
N ARG B 413 -0.72 -61.58 -3.61
CA ARG B 413 -0.96 -60.17 -3.87
C ARG B 413 -1.28 -59.91 -5.35
N HIS B 414 -0.51 -60.53 -6.24
CA HIS B 414 -0.72 -60.36 -7.68
C HIS B 414 -2.10 -60.89 -8.09
N TYR B 415 -2.45 -62.08 -7.61
CA TYR B 415 -3.73 -62.68 -7.91
C TYR B 415 -4.87 -61.82 -7.40
N LYS B 416 -4.76 -61.35 -6.15
CA LYS B 416 -5.81 -60.52 -5.57
C LYS B 416 -5.92 -59.15 -6.23
N ARG B 417 -4.82 -58.59 -6.71
CA ARG B 417 -4.92 -57.27 -7.36
C ARG B 417 -5.69 -57.38 -8.68
N ALA B 418 -5.43 -58.45 -9.43
CA ALA B 418 -6.12 -58.67 -10.70
C ALA B 418 -7.62 -58.78 -10.43
N GLU B 419 -7.96 -59.46 -9.35
CA GLU B 419 -9.37 -59.65 -8.98
C GLU B 419 -10.06 -58.37 -8.51
N THR B 420 -9.42 -57.65 -7.60
CA THR B 420 -10.01 -56.45 -7.03
C THR B 420 -9.82 -55.15 -7.80
N VAL B 421 -8.80 -55.08 -8.65
CA VAL B 421 -8.61 -53.85 -9.41
C VAL B 421 -9.00 -54.01 -10.88
N ASP B 422 -8.56 -55.10 -11.52
CA ASP B 422 -8.89 -55.32 -12.92
C ASP B 422 -10.16 -56.13 -13.13
N GLY B 423 -10.70 -56.70 -12.05
CA GLY B 423 -11.91 -57.50 -12.15
C GLY B 423 -11.76 -58.72 -13.03
N LYS B 424 -10.55 -59.29 -13.06
CA LYS B 424 -10.31 -60.46 -13.88
C LYS B 424 -9.58 -61.56 -13.11
N VAL B 425 -9.61 -62.77 -13.65
CA VAL B 425 -8.94 -63.90 -13.01
C VAL B 425 -7.58 -64.11 -13.65
N ASP B 426 -6.52 -63.89 -12.86
CA ASP B 426 -5.16 -64.08 -13.34
C ASP B 426 -4.45 -64.98 -12.34
N THR B 427 -4.17 -66.22 -12.75
CA THR B 427 -3.52 -67.18 -11.87
C THR B 427 -2.09 -67.51 -12.26
N ARG B 428 -1.49 -66.69 -13.11
CA ARG B 428 -0.13 -66.92 -13.57
C ARG B 428 0.87 -67.01 -12.41
N ALA B 429 0.80 -66.04 -11.49
CA ALA B 429 1.70 -66.01 -10.34
C ALA B 429 1.51 -67.24 -9.46
N LEU B 430 0.26 -67.65 -9.27
CA LEU B 430 -0.06 -68.80 -8.45
C LEU B 430 0.49 -70.10 -9.05
N GLU B 431 0.32 -70.24 -10.36
CA GLU B 431 0.79 -71.43 -11.06
C GLU B 431 2.32 -71.53 -10.96
N GLU B 432 2.98 -70.39 -11.01
CA GLU B 432 4.43 -70.35 -10.92
C GLU B 432 4.95 -70.81 -9.56
N VAL B 433 4.11 -70.73 -8.52
CA VAL B 433 4.52 -71.14 -7.18
C VAL B 433 3.83 -72.39 -6.67
N GLY B 434 3.06 -73.04 -7.54
CA GLY B 434 2.39 -74.27 -7.16
C GLY B 434 1.16 -74.15 -6.27
N LEU B 435 0.46 -73.02 -6.34
CA LEU B 435 -0.74 -72.82 -5.54
C LEU B 435 -1.97 -72.76 -6.43
N THR B 436 -3.11 -73.19 -5.91
CA THR B 436 -4.36 -73.14 -6.65
C THR B 436 -5.11 -71.88 -6.21
N GLU B 437 -6.21 -71.56 -6.88
CA GLU B 437 -6.99 -70.40 -6.49
C GLU B 437 -7.56 -70.61 -5.11
N ALA B 438 -8.03 -71.83 -4.85
CA ALA B 438 -8.62 -72.16 -3.56
C ALA B 438 -7.66 -71.88 -2.42
N GLN B 439 -6.41 -72.28 -2.60
CA GLN B 439 -5.39 -72.06 -1.57
C GLN B 439 -5.11 -70.58 -1.37
N ALA B 440 -4.94 -69.85 -2.47
CA ALA B 440 -4.66 -68.43 -2.38
C ALA B 440 -5.81 -67.70 -1.66
N GLN B 441 -7.03 -68.16 -1.90
CA GLN B 441 -8.19 -67.53 -1.26
C GLN B 441 -8.24 -67.83 0.24
N GLU B 442 -7.83 -69.03 0.63
CA GLU B 442 -7.82 -69.37 2.05
C GLU B 442 -6.65 -68.67 2.74
N MET B 443 -5.55 -68.51 2.02
CA MET B 443 -4.39 -67.82 2.58
C MET B 443 -4.84 -66.39 2.88
N TYR B 444 -5.54 -65.82 1.92
CA TYR B 444 -6.06 -64.46 2.04
C TYR B 444 -7.00 -64.36 3.23
N ARG B 445 -7.88 -65.34 3.37
CA ARG B 445 -8.81 -65.35 4.49
C ARG B 445 -8.10 -65.31 5.84
N TYR B 446 -7.10 -66.18 6.01
CA TYR B 446 -6.36 -66.25 7.26
C TYR B 446 -5.33 -65.15 7.52
N LEU B 447 -4.65 -64.73 6.46
CA LEU B 447 -3.61 -63.71 6.56
C LEU B 447 -4.05 -62.25 6.52
N ALA B 448 -5.02 -61.94 5.66
CA ALA B 448 -5.49 -60.57 5.49
C ALA B 448 -6.69 -60.21 6.35
N ILE B 449 -7.80 -60.92 6.18
CA ILE B 449 -8.98 -60.63 6.97
C ILE B 449 -8.66 -61.01 8.41
N ALA B 450 -8.15 -62.22 8.60
CA ALA B 450 -7.74 -62.72 9.90
C ALA B 450 -8.73 -62.53 11.06
N ASN B 451 -9.95 -63.03 10.91
CA ASN B 451 -10.93 -62.93 12.00
C ASN B 451 -10.38 -63.64 13.24
N TYR B 452 -10.76 -63.15 14.41
CA TYR B 452 -10.33 -63.71 15.70
C TYR B 452 -10.48 -65.23 15.77
N GLU B 453 -11.61 -65.74 15.30
CA GLU B 453 -11.86 -67.17 15.36
C GLU B 453 -10.96 -67.96 14.42
N ASP B 454 -10.29 -67.29 13.49
CA ASP B 454 -9.37 -67.94 12.56
C ASP B 454 -7.91 -67.84 13.01
N ARG B 455 -7.59 -66.85 13.83
CA ARG B 455 -6.22 -66.71 14.31
C ARG B 455 -5.91 -67.64 15.48
N PHE B 456 -6.91 -67.86 16.35
CA PHE B 456 -6.73 -68.72 17.51
C PHE B 456 -7.75 -69.86 17.55
N VAL B 457 -7.26 -71.09 17.43
CA VAL B 457 -8.12 -72.25 17.48
C VAL B 457 -7.56 -73.13 18.59
N VAL B 458 -7.88 -72.76 19.82
CA VAL B 458 -7.39 -73.43 21.00
C VAL B 458 -8.47 -74.16 21.78
N PRO B 459 -8.36 -75.50 21.87
CA PRO B 459 -9.34 -76.30 22.60
C PRO B 459 -9.00 -76.24 24.08
N SER B 460 -9.99 -76.41 24.96
CA SER B 460 -9.70 -76.41 26.39
C SER B 460 -9.12 -77.78 26.71
N SER B 461 -8.47 -77.92 27.86
CA SER B 461 -7.81 -79.17 28.23
C SER B 461 -8.63 -80.24 28.95
N HIS B 462 -9.95 -80.09 29.00
CA HIS B 462 -10.77 -81.10 29.67
C HIS B 462 -10.31 -81.36 31.10
N ARG B 463 -10.26 -80.29 31.90
CA ARG B 463 -9.83 -80.38 33.29
C ARG B 463 -10.73 -81.28 34.13
N GLU B 464 -11.95 -81.57 33.67
CA GLU B 464 -12.85 -82.42 34.44
C GLU B 464 -12.30 -83.85 34.52
N LEU B 465 -11.30 -84.16 33.70
CA LEU B 465 -10.68 -85.48 33.68
C LEU B 465 -9.45 -85.48 34.60
N ARG C 29 13.52 28.22 -61.77
CA ARG C 29 14.62 28.94 -62.48
C ARG C 29 15.52 29.72 -61.53
N ASP C 30 16.46 30.49 -62.08
CA ASP C 30 17.39 31.27 -61.28
C ASP C 30 16.71 32.20 -60.29
N TRP C 31 15.64 32.85 -60.72
CA TRP C 31 14.92 33.80 -59.89
C TRP C 31 14.65 33.30 -58.46
N GLU C 32 14.58 31.99 -58.27
CA GLU C 32 14.31 31.43 -56.94
C GLU C 32 15.37 31.78 -55.89
N ASP C 33 16.59 32.10 -56.33
CA ASP C 33 17.66 32.43 -55.40
C ASP C 33 17.41 33.69 -54.57
N GLY C 34 16.51 34.56 -55.04
CA GLY C 34 16.21 35.78 -54.31
C GLY C 34 15.73 35.52 -52.89
N TYR C 35 14.73 34.66 -52.74
CA TYR C 35 14.21 34.33 -51.42
C TYR C 35 15.26 33.53 -50.63
N ARG C 36 16.04 32.70 -51.32
CA ARG C 36 17.07 31.93 -50.64
C ARG C 36 18.08 32.87 -50.00
N GLN C 37 18.39 33.93 -50.75
CA GLN C 37 19.34 34.93 -50.32
C GLN C 37 18.84 35.67 -49.08
N ARG C 38 17.55 35.94 -49.03
CA ARG C 38 16.98 36.63 -47.88
C ARG C 38 17.16 35.81 -46.60
N TRP C 39 16.93 34.51 -46.67
CA TRP C 39 17.06 33.66 -45.49
C TRP C 39 18.49 33.54 -44.95
N GLN C 40 19.46 33.44 -45.86
CA GLN C 40 20.87 33.31 -45.48
C GLN C 40 21.31 34.43 -44.55
N HIS C 41 22.16 34.08 -43.58
CA HIS C 41 22.61 35.04 -42.59
C HIS C 41 24.04 34.77 -42.15
N ASP C 42 24.54 35.64 -41.29
CA ASP C 42 25.91 35.56 -40.78
C ASP C 42 26.10 34.79 -39.51
N LYS C 43 25.14 34.88 -38.60
CA LYS C 43 25.23 34.14 -37.35
C LYS C 43 23.94 34.19 -36.56
N ILE C 44 23.86 33.30 -35.58
CA ILE C 44 22.70 33.23 -34.70
C ILE C 44 23.23 33.29 -33.28
N VAL C 45 22.60 34.10 -32.45
CA VAL C 45 22.99 34.23 -31.05
C VAL C 45 21.77 33.93 -30.19
N ARG C 46 21.99 33.36 -29.00
CA ARG C 46 20.88 33.06 -28.10
C ARG C 46 20.62 34.23 -27.15
N SER C 47 19.36 34.60 -27.01
CA SER C 47 18.99 35.66 -26.07
C SER C 47 17.54 35.47 -25.66
N THR C 48 17.10 36.27 -24.69
CA THR C 48 15.72 36.19 -24.24
C THR C 48 15.20 37.62 -24.09
N HIS C 49 14.03 37.78 -23.49
CA HIS C 49 13.43 39.11 -23.33
C HIS C 49 13.29 39.59 -21.90
N GLY C 50 13.79 40.78 -21.61
CA GLY C 50 13.69 41.32 -20.26
C GLY C 50 12.43 42.14 -20.03
N VAL C 51 11.28 41.52 -20.30
CA VAL C 51 10.00 42.18 -20.12
C VAL C 51 9.20 41.37 -19.10
N ASN C 52 8.27 42.01 -18.39
CA ASN C 52 7.51 41.31 -17.36
C ASN C 52 6.30 40.55 -17.86
N CYS C 53 6.56 39.39 -18.48
CA CYS C 53 5.52 38.56 -19.08
C CYS C 53 5.40 37.17 -18.45
N THR C 54 6.48 36.70 -17.84
CA THR C 54 6.62 35.38 -17.22
C THR C 54 7.01 34.35 -18.28
N GLY C 55 7.01 34.77 -19.54
CA GLY C 55 7.35 33.86 -20.62
C GLY C 55 8.73 33.24 -20.46
N SER C 56 9.74 34.08 -20.28
CA SER C 56 11.12 33.61 -20.13
C SER C 56 11.42 32.61 -21.26
N CYS C 57 11.31 33.10 -22.50
CA CYS C 57 11.53 32.29 -23.69
C CYS C 57 12.90 32.56 -24.34
N SER C 58 13.60 31.51 -24.72
CA SER C 58 14.91 31.65 -25.35
C SER C 58 14.73 31.73 -26.87
N TRP C 59 15.40 32.69 -27.49
CA TRP C 59 15.28 32.92 -28.93
C TRP C 59 16.58 32.85 -29.71
N LYS C 60 16.46 32.62 -31.00
CA LYS C 60 17.61 32.60 -31.91
C LYS C 60 17.61 33.98 -32.56
N ILE C 61 18.65 34.76 -32.32
CA ILE C 61 18.73 36.09 -32.90
C ILE C 61 19.59 36.03 -34.16
N TYR C 62 18.98 36.31 -35.31
CA TYR C 62 19.70 36.26 -36.57
C TYR C 62 20.39 37.57 -36.90
N VAL C 63 21.68 37.48 -37.21
CA VAL C 63 22.46 38.66 -37.55
C VAL C 63 22.87 38.55 -39.02
N LYS C 64 22.69 39.64 -39.75
CA LYS C 64 23.02 39.69 -41.16
C LYS C 64 23.63 41.06 -41.49
N ASN C 65 24.84 41.06 -42.03
CA ASN C 65 25.52 42.30 -42.38
C ASN C 65 25.69 43.18 -41.15
N GLY C 66 25.97 42.55 -40.01
CA GLY C 66 26.18 43.28 -38.77
C GLY C 66 24.95 43.78 -38.04
N LEU C 67 23.77 43.47 -38.58
CA LEU C 67 22.53 43.94 -37.96
C LEU C 67 21.58 42.79 -37.64
N VAL C 68 20.78 42.96 -36.59
CA VAL C 68 19.79 41.95 -36.22
C VAL C 68 18.67 42.12 -37.24
N THR C 69 18.26 41.03 -37.87
CA THR C 69 17.21 41.06 -38.88
C THR C 69 15.89 40.43 -38.46
N TRP C 70 15.94 39.39 -37.63
CA TRP C 70 14.73 38.75 -37.14
C TRP C 70 15.09 37.70 -36.09
N GLU C 71 14.07 37.09 -35.51
CA GLU C 71 14.26 36.06 -34.50
C GLU C 71 13.23 34.94 -34.61
N THR C 72 13.63 33.73 -34.20
CA THR C 72 12.73 32.58 -34.20
C THR C 72 13.03 31.88 -32.88
N GLN C 73 12.07 31.14 -32.33
CA GLN C 73 12.29 30.49 -31.04
C GLN C 73 13.34 29.39 -31.01
N GLN C 74 14.02 29.26 -29.88
CA GLN C 74 14.99 28.20 -29.68
C GLN C 74 14.11 27.00 -29.34
N THR C 75 14.51 25.79 -29.72
CA THR C 75 13.70 24.62 -29.42
C THR C 75 14.48 23.58 -28.63
N ASP C 76 15.69 23.94 -28.22
CA ASP C 76 16.58 23.01 -27.51
C ASP C 76 16.51 22.97 -25.98
N TYR C 77 15.36 23.25 -25.40
CA TYR C 77 15.23 23.19 -23.95
C TYR C 77 15.39 21.73 -23.55
N PRO C 78 15.92 21.48 -22.34
CA PRO C 78 16.04 20.08 -21.93
C PRO C 78 14.59 19.55 -21.95
N ARG C 79 14.38 18.37 -22.53
CA ARG C 79 13.03 17.83 -22.60
C ARG C 79 12.48 17.36 -21.25
N THR C 80 11.15 17.42 -21.10
CA THR C 80 10.49 16.97 -19.88
C THR C 80 10.28 15.47 -20.01
N ARG C 81 9.77 14.83 -18.95
CA ARG C 81 9.51 13.38 -18.97
C ARG C 81 8.78 12.97 -20.24
N PRO C 82 8.99 11.73 -20.70
CA PRO C 82 8.33 11.24 -21.91
C PRO C 82 6.80 11.34 -21.85
N ASP C 83 6.24 11.33 -20.64
CA ASP C 83 4.78 11.38 -20.45
C ASP C 83 4.20 12.79 -20.39
N LEU C 84 5.03 13.81 -20.58
CA LEU C 84 4.58 15.20 -20.55
C LEU C 84 4.98 15.89 -21.84
N PRO C 85 4.20 16.91 -22.27
CA PRO C 85 4.58 17.60 -23.51
C PRO C 85 5.86 18.37 -23.17
N ASN C 86 6.68 18.66 -24.17
CA ASN C 86 7.90 19.42 -23.94
C ASN C 86 7.56 20.93 -24.00
N HIS C 87 8.49 21.78 -23.60
CA HIS C 87 8.24 23.22 -23.61
C HIS C 87 8.33 23.92 -24.96
N GLU C 88 9.17 23.41 -25.87
CA GLU C 88 9.31 24.07 -27.17
C GLU C 88 8.02 24.21 -27.95
N PRO C 89 7.88 25.30 -28.73
CA PRO C 89 8.89 26.36 -28.89
C PRO C 89 8.76 27.58 -27.97
N ARG C 90 7.67 27.65 -27.23
CA ARG C 90 7.37 28.81 -26.38
C ARG C 90 7.29 30.04 -27.30
N GLY C 91 7.47 31.23 -26.75
CA GLY C 91 7.38 32.45 -27.54
C GLY C 91 5.97 33.02 -27.53
N CYS C 92 5.78 34.15 -28.20
CA CYS C 92 4.48 34.82 -28.30
C CYS C 92 4.60 35.91 -29.36
N PRO C 93 3.47 36.47 -29.82
CA PRO C 93 3.50 37.50 -30.85
C PRO C 93 4.27 38.78 -30.48
N ARG C 94 4.20 39.20 -29.22
CA ARG C 94 4.93 40.40 -28.81
C ARG C 94 6.42 40.13 -28.97
N GLY C 95 6.90 39.07 -28.33
CA GLY C 95 8.30 38.72 -28.41
C GLY C 95 8.81 38.61 -29.84
N ALA C 96 7.98 38.05 -30.71
CA ALA C 96 8.35 37.89 -32.10
C ALA C 96 8.60 39.23 -32.80
N SER C 97 8.08 40.31 -32.23
CA SER C 97 8.25 41.61 -32.85
C SER C 97 9.32 42.49 -32.23
N TYR C 98 10.01 41.99 -31.20
CA TYR C 98 11.03 42.81 -30.55
C TYR C 98 12.08 43.41 -31.46
N SER C 99 12.56 42.63 -32.42
CA SER C 99 13.58 43.10 -33.34
C SER C 99 13.25 44.47 -33.97
N TRP C 100 11.96 44.76 -34.11
CA TRP C 100 11.52 46.03 -34.68
C TRP C 100 12.10 47.24 -33.93
N TYR C 101 12.24 47.11 -32.61
CA TYR C 101 12.76 48.17 -31.76
C TYR C 101 14.21 48.58 -31.98
N LEU C 102 15.07 47.64 -32.31
CA LEU C 102 16.49 47.96 -32.46
C LEU C 102 16.86 49.19 -33.29
N TYR C 103 16.28 49.33 -34.47
CA TYR C 103 16.60 50.46 -35.33
C TYR C 103 15.35 51.26 -35.71
N SER C 104 14.33 51.22 -34.86
CA SER C 104 13.07 51.93 -35.13
C SER C 104 13.13 53.44 -34.93
N ALA C 105 12.11 54.14 -35.41
CA ALA C 105 12.02 55.58 -35.29
C ALA C 105 11.85 56.03 -33.83
N ASN C 106 11.54 55.10 -32.93
CA ASN C 106 11.38 55.50 -31.52
C ASN C 106 12.56 55.09 -30.63
N ARG C 107 13.64 54.61 -31.23
CA ARG C 107 14.81 54.20 -30.47
C ARG C 107 15.55 55.40 -29.84
N LEU C 108 15.97 55.25 -28.58
CA LEU C 108 16.72 56.30 -27.90
C LEU C 108 18.20 56.03 -28.23
N LYS C 109 18.85 57.00 -28.87
CA LYS C 109 20.23 56.86 -29.31
C LYS C 109 21.28 57.59 -28.51
N TYR C 110 20.88 58.70 -27.90
CA TYR C 110 21.83 59.52 -27.16
C TYR C 110 21.26 60.00 -25.84
N PRO C 111 22.14 60.35 -24.90
CA PRO C 111 21.65 60.84 -23.61
C PRO C 111 20.92 62.14 -23.95
N MET C 112 19.78 62.38 -23.32
CA MET C 112 19.01 63.58 -23.60
C MET C 112 18.73 64.33 -22.30
N MET C 113 18.58 65.64 -22.41
CA MET C 113 18.30 66.48 -21.24
C MET C 113 17.34 67.59 -21.63
N ARG C 114 16.49 68.01 -20.70
CA ARG C 114 15.54 69.08 -20.99
C ARG C 114 16.37 70.32 -21.30
N LYS C 115 16.01 71.02 -22.37
CA LYS C 115 16.72 72.21 -22.79
C LYS C 115 16.87 73.22 -21.65
N ARG C 116 15.77 73.56 -20.99
CA ARG C 116 15.85 74.55 -19.91
C ARG C 116 16.82 74.10 -18.80
N LEU C 117 16.82 72.81 -18.48
CA LEU C 117 17.72 72.30 -17.46
C LEU C 117 19.17 72.39 -17.94
N MET C 118 19.41 72.06 -19.19
CA MET C 118 20.76 72.11 -19.74
C MET C 118 21.30 73.55 -19.71
N LYS C 119 20.47 74.50 -20.10
CA LYS C 119 20.85 75.91 -20.12
C LYS C 119 21.31 76.35 -18.73
N MET C 120 20.46 76.14 -17.73
CA MET C 120 20.79 76.52 -16.37
C MET C 120 21.96 75.74 -15.81
N TRP C 121 22.10 74.49 -16.23
CA TRP C 121 23.20 73.67 -15.75
C TRP C 121 24.52 74.19 -16.28
N ARG C 122 24.56 74.50 -17.58
CA ARG C 122 25.79 75.00 -18.17
C ARG C 122 26.12 76.40 -17.65
N GLU C 123 25.10 77.21 -17.40
CA GLU C 123 25.34 78.55 -16.88
C GLU C 123 25.89 78.45 -15.46
N ALA C 124 25.33 77.53 -14.68
CA ALA C 124 25.78 77.35 -13.31
C ALA C 124 27.22 76.86 -13.28
N LYS C 125 27.58 75.98 -14.21
CA LYS C 125 28.95 75.48 -14.27
C LYS C 125 29.94 76.56 -14.70
N ALA C 126 29.42 77.61 -15.33
CA ALA C 126 30.29 78.70 -15.78
C ALA C 126 30.87 79.47 -14.61
N LEU C 127 30.19 79.43 -13.47
CA LEU C 127 30.60 80.13 -12.26
C LEU C 127 30.87 79.23 -11.05
N HIS C 128 30.90 77.92 -11.26
CA HIS C 128 31.13 76.97 -10.17
C HIS C 128 31.96 75.79 -10.65
N SER C 129 33.20 75.66 -10.19
CA SER C 129 34.03 74.54 -10.60
C SER C 129 33.56 73.23 -9.96
N ASP C 130 32.88 73.34 -8.82
CA ASP C 130 32.36 72.17 -8.11
C ASP C 130 30.92 71.95 -8.59
N PRO C 131 30.66 70.81 -9.26
CA PRO C 131 29.31 70.54 -9.75
C PRO C 131 28.25 70.48 -8.67
N VAL C 132 28.64 70.17 -7.43
CA VAL C 132 27.68 70.10 -6.35
C VAL C 132 27.18 71.52 -6.05
N GLU C 133 28.09 72.49 -6.14
CA GLU C 133 27.77 73.91 -5.91
C GLU C 133 26.88 74.39 -7.04
N ALA C 134 27.20 73.95 -8.26
CA ALA C 134 26.42 74.34 -9.42
C ALA C 134 24.99 73.86 -9.27
N TRP C 135 24.81 72.62 -8.81
CA TRP C 135 23.46 72.09 -8.63
C TRP C 135 22.71 72.89 -7.57
N ALA C 136 23.37 73.11 -6.43
CA ALA C 136 22.76 73.87 -5.35
C ALA C 136 22.25 75.24 -5.81
N SER C 137 23.04 75.93 -6.63
CA SER C 137 22.64 77.25 -7.11
C SER C 137 21.38 77.22 -7.97
N ILE C 138 21.04 76.04 -8.49
CA ILE C 138 19.85 75.92 -9.33
C ILE C 138 18.65 75.48 -8.50
N ILE C 139 18.81 74.38 -7.79
CA ILE C 139 17.74 73.82 -6.98
C ILE C 139 17.24 74.69 -5.83
N GLU C 140 18.12 75.54 -5.31
CA GLU C 140 17.77 76.44 -4.22
C GLU C 140 17.08 77.73 -4.70
N ASP C 141 16.99 77.90 -6.02
CA ASP C 141 16.33 79.06 -6.61
C ASP C 141 14.95 78.62 -7.04
N ALA C 142 13.93 79.03 -6.30
CA ALA C 142 12.56 78.65 -6.61
C ALA C 142 12.14 78.85 -8.07
N ASP C 143 12.52 79.97 -8.66
CA ASP C 143 12.16 80.23 -10.06
C ASP C 143 12.87 79.29 -11.02
N LYS C 144 14.17 79.09 -10.82
CA LYS C 144 14.92 78.19 -11.69
C LYS C 144 14.36 76.78 -11.60
N ALA C 145 14.10 76.32 -10.39
CA ALA C 145 13.56 74.98 -10.18
C ALA C 145 12.25 74.80 -10.94
N LYS C 146 11.30 75.70 -10.66
CA LYS C 146 10.00 75.68 -11.31
C LYS C 146 10.19 75.72 -12.82
N SER C 147 11.25 76.39 -13.23
CA SER C 147 11.59 76.56 -14.63
C SER C 147 11.69 75.27 -15.44
N PHE C 148 12.48 74.30 -14.97
CA PHE C 148 12.58 73.06 -15.72
C PHE C 148 11.55 72.01 -15.32
N LYS C 149 10.99 72.13 -14.11
CA LYS C 149 9.98 71.17 -13.67
C LYS C 149 8.68 71.31 -14.45
N GLN C 150 8.32 72.55 -14.77
CA GLN C 150 7.09 72.80 -15.51
C GLN C 150 7.20 72.36 -16.96
N ALA C 151 8.43 72.22 -17.44
CA ALA C 151 8.66 71.79 -18.80
C ALA C 151 8.55 70.27 -18.97
N ARG C 152 8.30 69.56 -17.88
CA ARG C 152 8.17 68.10 -17.94
C ARG C 152 6.96 67.68 -18.75
N GLY C 153 7.19 66.90 -19.79
CA GLY C 153 6.12 66.43 -20.65
C GLY C 153 5.69 67.46 -21.67
N ARG C 154 6.50 68.51 -21.85
CA ARG C 154 6.18 69.58 -22.79
C ARG C 154 7.27 69.86 -23.84
N GLY C 155 7.92 68.80 -24.30
CA GLY C 155 8.95 68.95 -25.32
C GLY C 155 10.22 69.61 -24.87
N GLY C 156 11.07 69.95 -25.83
CA GLY C 156 12.32 70.61 -25.51
C GLY C 156 13.50 69.71 -25.15
N PHE C 157 13.48 68.44 -25.55
CA PHE C 157 14.61 67.56 -25.24
C PHE C 157 15.77 67.87 -26.16
N VAL C 158 16.96 67.93 -25.59
CA VAL C 158 18.16 68.23 -26.37
C VAL C 158 19.24 67.19 -26.12
N ARG C 159 20.00 66.87 -27.17
CA ARG C 159 21.07 65.90 -27.08
C ARG C 159 22.17 66.37 -26.15
N SER C 160 22.56 65.51 -25.22
CA SER C 160 23.62 65.81 -24.26
C SER C 160 24.75 64.82 -24.50
N SER C 161 25.44 64.40 -23.44
CA SER C 161 26.53 63.44 -23.56
C SER C 161 26.66 62.68 -22.24
N TRP C 162 27.29 61.51 -22.27
CA TRP C 162 27.46 60.72 -21.06
C TRP C 162 28.22 61.49 -19.99
N GLN C 163 29.29 62.16 -20.39
CA GLN C 163 30.10 62.94 -19.47
C GLN C 163 29.28 64.00 -18.76
N GLU C 164 28.43 64.70 -19.51
CA GLU C 164 27.62 65.75 -18.94
C GLU C 164 26.50 65.24 -18.02
N VAL C 165 25.74 64.25 -18.47
CA VAL C 165 24.67 63.73 -17.63
C VAL C 165 25.19 63.02 -16.39
N ASN C 166 26.29 62.28 -16.51
CA ASN C 166 26.83 61.58 -15.35
C ASN C 166 27.21 62.57 -14.25
N GLU C 167 27.84 63.68 -14.63
CA GLU C 167 28.25 64.67 -13.64
C GLU C 167 27.05 65.31 -12.95
N LEU C 168 26.06 65.73 -13.72
CA LEU C 168 24.89 66.36 -13.13
C LEU C 168 24.20 65.38 -12.18
N ILE C 169 23.95 64.16 -12.65
CA ILE C 169 23.31 63.14 -11.83
C ILE C 169 24.08 62.91 -10.52
N ALA C 170 25.39 62.71 -10.63
CA ALA C 170 26.21 62.46 -9.45
C ALA C 170 26.18 63.68 -8.50
N ALA C 171 26.24 64.88 -9.08
CA ALA C 171 26.22 66.10 -8.29
C ALA C 171 24.90 66.19 -7.52
N SER C 172 23.80 65.96 -8.22
CA SER C 172 22.49 66.02 -7.61
C SER C 172 22.34 65.04 -6.45
N ASN C 173 22.83 63.81 -6.64
CA ASN C 173 22.76 62.79 -5.60
C ASN C 173 23.55 63.21 -4.36
N VAL C 174 24.76 63.70 -4.57
CA VAL C 174 25.60 64.14 -3.45
C VAL C 174 24.92 65.27 -2.67
N TYR C 175 24.42 66.27 -3.39
CA TYR C 175 23.75 67.41 -2.78
C TYR C 175 22.58 66.95 -1.92
N THR C 176 21.72 66.11 -2.49
CA THR C 176 20.56 65.59 -1.79
C THR C 176 20.92 64.82 -0.52
N ILE C 177 21.91 63.94 -0.62
CA ILE C 177 22.36 63.15 0.52
C ILE C 177 22.98 64.01 1.62
N LYS C 178 23.76 64.99 1.20
CA LYS C 178 24.44 65.90 2.12
C LYS C 178 23.48 66.83 2.86
N ASN C 179 22.56 67.45 2.13
CA ASN C 179 21.63 68.40 2.72
C ASN C 179 20.29 67.87 3.20
N TYR C 180 19.85 66.71 2.72
CA TYR C 180 18.56 66.18 3.16
C TYR C 180 18.63 64.77 3.71
N GLY C 181 19.50 63.95 3.13
CA GLY C 181 19.66 62.59 3.60
C GLY C 181 19.64 61.54 2.50
N PRO C 182 20.35 60.41 2.69
CA PRO C 182 20.42 59.32 1.71
C PRO C 182 19.05 58.84 1.27
N ASP C 183 18.12 58.69 2.21
CA ASP C 183 16.79 58.21 1.89
C ASP C 183 15.91 59.23 1.15
N ARG C 184 16.51 60.32 0.67
CA ARG C 184 15.77 61.30 -0.10
C ARG C 184 16.08 61.02 -1.59
N VAL C 185 16.96 60.04 -1.81
CA VAL C 185 17.31 59.59 -3.17
C VAL C 185 16.63 58.22 -3.26
N ALA C 186 16.08 57.89 -4.43
CA ALA C 186 15.40 56.62 -4.56
C ALA C 186 15.38 56.09 -6.00
N GLY C 187 15.01 54.83 -6.14
CA GLY C 187 14.96 54.23 -7.44
C GLY C 187 13.80 53.24 -7.55
N PHE C 188 13.19 53.18 -8.72
CA PHE C 188 12.10 52.26 -8.95
C PHE C 188 12.44 51.37 -10.15
N SER C 189 12.42 50.06 -9.90
CA SER C 189 12.70 49.05 -10.91
C SER C 189 12.01 47.79 -10.38
N PRO C 190 11.21 47.11 -11.22
CA PRO C 190 10.50 45.90 -10.81
C PRO C 190 11.08 44.58 -11.32
N ILE C 191 10.34 43.52 -11.03
CA ILE C 191 10.66 42.16 -11.48
C ILE C 191 12.13 41.89 -11.81
N PRO C 192 12.94 41.59 -10.79
CA PRO C 192 14.36 41.34 -11.09
C PRO C 192 14.59 40.04 -11.88
N ALA C 193 13.62 39.12 -11.83
CA ALA C 193 13.75 37.85 -12.54
C ALA C 193 13.89 37.94 -14.06
N MET C 194 13.33 38.99 -14.68
CA MET C 194 13.40 39.14 -16.13
C MET C 194 14.76 39.60 -16.68
N SER C 195 15.61 40.11 -15.80
CA SER C 195 16.96 40.56 -16.15
C SER C 195 17.61 40.96 -14.83
N MET C 196 18.11 39.94 -14.15
CA MET C 196 18.74 40.03 -12.84
C MET C 196 19.83 41.06 -12.60
N VAL C 197 20.81 41.10 -13.49
CA VAL C 197 21.94 42.02 -13.35
C VAL C 197 21.52 43.45 -13.67
N SER C 198 20.61 43.61 -14.62
CA SER C 198 20.12 44.93 -15.01
C SER C 198 19.36 45.59 -13.85
N TYR C 199 18.60 44.78 -13.11
CA TYR C 199 17.88 45.27 -11.93
C TYR C 199 18.92 45.63 -10.87
N ALA C 200 19.81 44.69 -10.60
CA ALA C 200 20.83 44.88 -9.59
C ALA C 200 21.74 46.09 -9.79
N SER C 201 22.03 46.46 -11.04
CA SER C 201 22.90 47.60 -11.31
C SER C 201 22.52 48.84 -10.51
N GLY C 202 21.29 49.33 -10.70
CA GLY C 202 20.85 50.51 -9.98
C GLY C 202 20.58 50.30 -8.50
N ALA C 203 20.06 49.13 -8.14
CA ALA C 203 19.79 48.84 -6.74
C ALA C 203 21.08 48.79 -5.92
N ARG C 204 22.15 48.31 -6.54
CA ARG C 204 23.44 48.19 -5.85
C ARG C 204 24.02 49.57 -5.59
N TYR C 205 23.93 50.44 -6.59
CA TYR C 205 24.44 51.80 -6.44
C TYR C 205 23.66 52.53 -5.34
N LEU C 206 22.34 52.41 -5.39
CA LEU C 206 21.48 53.06 -4.41
C LEU C 206 21.71 52.53 -3.00
N SER C 207 21.87 51.22 -2.88
CA SER C 207 22.08 50.59 -1.58
C SER C 207 23.40 50.98 -0.95
N LEU C 208 24.42 51.14 -1.77
CA LEU C 208 25.72 51.54 -1.25
C LEU C 208 25.67 52.96 -0.69
N ILE C 209 24.97 53.86 -1.37
CA ILE C 209 24.90 55.24 -0.91
C ILE C 209 23.81 55.54 0.11
N GLY C 210 22.93 54.56 0.36
CA GLY C 210 21.87 54.75 1.33
C GLY C 210 20.51 55.13 0.76
N GLY C 211 20.38 55.04 -0.56
CA GLY C 211 19.14 55.39 -1.21
C GLY C 211 18.05 54.36 -0.99
N THR C 212 16.80 54.75 -1.28
CA THR C 212 15.66 53.87 -1.12
C THR C 212 15.36 52.98 -2.33
N CYS C 213 15.13 51.69 -2.07
CA CYS C 213 14.78 50.74 -3.12
C CYS C 213 13.28 50.46 -2.95
N LEU C 214 12.51 50.82 -3.97
CA LEU C 214 11.07 50.65 -3.96
C LEU C 214 10.58 49.27 -4.40
N SER C 215 9.59 48.73 -3.69
CA SER C 215 9.02 47.43 -3.99
C SER C 215 8.14 47.53 -5.24
N PHE C 216 7.67 46.38 -5.73
CA PHE C 216 6.83 46.35 -6.93
C PHE C 216 5.68 45.34 -6.87
N TYR C 217 5.91 44.19 -6.24
CA TYR C 217 4.90 43.12 -6.17
C TYR C 217 3.60 43.56 -5.52
N ASP C 218 3.69 44.27 -4.40
CA ASP C 218 2.51 44.77 -3.72
C ASP C 218 1.92 45.96 -4.49
N TRP C 219 2.81 46.86 -4.95
CA TRP C 219 2.45 48.05 -5.71
C TRP C 219 1.62 47.71 -6.95
N TYR C 220 2.05 46.69 -7.69
CA TYR C 220 1.34 46.28 -8.89
C TYR C 220 0.11 45.47 -8.55
N CYS C 221 -0.02 45.10 -7.28
CA CYS C 221 -1.15 44.32 -6.82
C CYS C 221 -1.09 42.88 -7.36
N ASP C 222 0.12 42.36 -7.54
CA ASP C 222 0.28 40.98 -8.00
C ASP C 222 0.47 40.11 -6.76
N LEU C 223 0.86 40.76 -5.67
CA LEU C 223 1.02 40.10 -4.39
C LEU C 223 -0.37 39.75 -3.89
N PRO C 224 -0.62 38.47 -3.63
CA PRO C 224 -1.94 38.07 -3.12
C PRO C 224 -1.76 38.00 -1.60
N PRO C 225 -2.18 39.05 -0.86
CA PRO C 225 -2.02 39.03 0.59
C PRO C 225 -2.57 37.76 1.23
N ALA C 226 -3.51 37.11 0.55
CA ALA C 226 -4.07 35.87 1.07
C ALA C 226 -2.98 34.79 1.17
N SER C 227 -1.93 34.91 0.36
CA SER C 227 -0.85 33.93 0.40
C SER C 227 -0.03 34.06 1.69
N PRO C 228 0.44 35.26 2.03
CA PRO C 228 1.21 35.38 3.27
C PRO C 228 0.33 35.06 4.48
N GLN C 229 -0.94 35.41 4.38
CA GLN C 229 -1.90 35.16 5.45
C GLN C 229 -2.11 33.67 5.70
N THR C 230 -2.22 32.90 4.63
CA THR C 230 -2.47 31.47 4.71
C THR C 230 -1.24 30.58 4.82
N TRP C 231 -0.17 30.94 4.13
CA TRP C 231 1.04 30.12 4.12
C TRP C 231 2.31 30.79 4.61
N GLY C 232 2.27 32.10 4.83
CA GLY C 232 3.48 32.77 5.28
C GLY C 232 4.52 32.81 4.16
N GLU C 233 4.04 32.79 2.92
CA GLU C 233 4.89 32.81 1.73
C GLU C 233 4.41 33.87 0.74
N GLN C 234 5.36 34.61 0.17
CA GLN C 234 5.07 35.64 -0.82
C GLN C 234 4.24 35.05 -1.96
N THR C 235 4.81 34.03 -2.60
CA THR C 235 4.16 33.35 -3.71
C THR C 235 5.02 32.19 -4.16
N ASP C 236 4.42 31.00 -4.21
CA ASP C 236 5.10 29.80 -4.66
C ASP C 236 4.00 29.00 -5.32
N VAL C 237 4.18 28.70 -6.60
CA VAL C 237 3.15 28.00 -7.36
C VAL C 237 3.73 26.90 -8.25
N PRO C 238 2.85 26.04 -8.78
CA PRO C 238 3.25 24.93 -9.67
C PRO C 238 3.75 25.49 -11.01
N GLU C 239 4.64 24.75 -11.65
CA GLU C 239 5.14 25.15 -12.95
C GLU C 239 4.03 24.75 -13.93
N SER C 240 3.99 25.36 -15.11
CA SER C 240 2.95 25.04 -16.08
C SER C 240 2.93 23.57 -16.50
N ALA C 241 4.09 22.93 -16.51
CA ALA C 241 4.13 21.51 -16.89
C ALA C 241 3.30 20.71 -15.90
N ASP C 242 3.17 21.19 -14.67
CA ASP C 242 2.39 20.46 -13.68
C ASP C 242 0.89 20.50 -13.97
N TRP C 243 0.44 21.43 -14.82
CA TRP C 243 -0.99 21.49 -15.15
C TRP C 243 -1.35 20.18 -15.83
N TYR C 244 -0.38 19.59 -16.53
CA TYR C 244 -0.61 18.35 -17.24
C TYR C 244 -0.86 17.16 -16.30
N ASN C 245 -0.54 17.33 -15.03
CA ASN C 245 -0.74 16.26 -14.04
C ASN C 245 -2.08 16.41 -13.33
N SER C 246 -2.82 17.45 -13.70
CA SER C 246 -4.12 17.72 -13.09
C SER C 246 -5.21 17.05 -13.91
N SER C 247 -6.27 16.59 -13.25
CA SER C 247 -7.36 15.96 -13.99
C SER C 247 -8.64 16.81 -13.95
N TYR C 248 -8.58 17.97 -13.31
CA TYR C 248 -9.71 18.89 -13.24
C TYR C 248 -9.16 20.29 -13.00
N ILE C 249 -9.35 21.18 -13.98
CA ILE C 249 -8.84 22.54 -13.89
C ILE C 249 -9.90 23.62 -14.08
N ILE C 250 -9.88 24.62 -13.21
CA ILE C 250 -10.81 25.74 -13.32
C ILE C 250 -9.95 26.98 -13.55
N ALA C 251 -10.15 27.62 -14.71
CA ALA C 251 -9.42 28.85 -15.02
C ALA C 251 -10.32 29.96 -14.50
N TRP C 252 -9.91 30.58 -13.40
CA TRP C 252 -10.68 31.62 -12.75
C TRP C 252 -10.02 33.00 -12.83
N GLY C 253 -10.59 33.89 -13.64
CA GLY C 253 -10.02 35.23 -13.76
C GLY C 253 -8.59 35.19 -14.27
N SER C 254 -8.31 34.23 -15.15
CA SER C 254 -7.00 34.06 -15.74
C SER C 254 -7.18 33.73 -17.21
N ASN C 255 -6.85 34.69 -18.06
CA ASN C 255 -7.00 34.54 -19.51
C ASN C 255 -5.83 33.81 -20.15
N VAL C 256 -5.60 32.58 -19.69
CA VAL C 256 -4.50 31.73 -20.15
C VAL C 256 -3.96 31.87 -21.58
N PRO C 257 -4.83 31.77 -22.59
CA PRO C 257 -4.38 31.89 -23.98
C PRO C 257 -3.72 33.23 -24.29
N GLN C 258 -4.22 34.28 -23.65
CA GLN C 258 -3.73 35.63 -23.88
C GLN C 258 -2.60 36.09 -22.97
N THR C 259 -2.71 35.78 -21.68
CA THR C 259 -1.71 36.21 -20.72
C THR C 259 -0.69 35.14 -20.31
N ARG C 260 -0.77 33.96 -20.90
CA ARG C 260 0.17 32.89 -20.56
C ARG C 260 0.43 32.10 -21.84
N THR C 261 0.42 32.81 -22.96
CA THR C 261 0.60 32.26 -24.31
C THR C 261 1.62 31.13 -24.52
N PRO C 262 2.88 31.31 -24.08
CA PRO C 262 3.87 30.23 -24.27
C PRO C 262 3.63 28.95 -23.49
N ASP C 263 2.78 29.00 -22.46
CA ASP C 263 2.49 27.83 -21.66
C ASP C 263 1.10 27.29 -21.95
N ALA C 264 0.32 28.05 -22.72
CA ALA C 264 -1.04 27.65 -23.04
C ALA C 264 -1.22 26.22 -23.56
N HIS C 265 -0.28 25.71 -24.35
CA HIS C 265 -0.43 24.35 -24.88
C HIS C 265 -0.59 23.29 -23.80
N PHE C 266 0.00 23.51 -22.63
CA PHE C 266 -0.12 22.53 -21.56
C PHE C 266 -1.59 22.38 -21.18
N PHE C 267 -2.31 23.49 -21.27
CA PHE C 267 -3.73 23.54 -20.97
C PHE C 267 -4.56 22.88 -22.07
N THR C 268 -4.27 23.21 -23.31
CA THR C 268 -5.01 22.63 -24.43
C THR C 268 -4.74 21.13 -24.59
N GLU C 269 -3.51 20.71 -24.30
CA GLU C 269 -3.13 19.31 -24.45
C GLU C 269 -3.65 18.40 -23.35
N VAL C 270 -3.61 18.86 -22.10
CA VAL C 270 -4.08 18.02 -21.01
C VAL C 270 -5.54 17.64 -21.21
N ARG C 271 -6.27 18.44 -21.96
CA ARG C 271 -7.67 18.14 -22.25
C ARG C 271 -7.78 16.79 -22.95
N TYR C 272 -6.79 16.48 -23.76
CA TYR C 272 -6.76 15.22 -24.51
C TYR C 272 -6.48 14.03 -23.60
N LYS C 273 -6.07 14.32 -22.37
CA LYS C 273 -5.77 13.26 -21.41
C LYS C 273 -7.02 13.00 -20.56
N GLY C 274 -8.11 13.67 -20.90
CA GLY C 274 -9.36 13.48 -20.19
C GLY C 274 -9.61 14.48 -19.09
N THR C 275 -8.72 15.46 -18.95
CA THR C 275 -8.89 16.48 -17.93
C THR C 275 -10.04 17.41 -18.34
N LYS C 276 -10.88 17.76 -17.37
CA LYS C 276 -11.99 18.66 -17.65
C LYS C 276 -11.59 20.09 -17.25
N THR C 277 -11.94 21.06 -18.09
CA THR C 277 -11.60 22.45 -17.81
C THR C 277 -12.83 23.35 -17.76
N VAL C 278 -12.83 24.27 -16.80
CA VAL C 278 -13.94 25.21 -16.65
C VAL C 278 -13.40 26.64 -16.63
N ALA C 279 -14.03 27.52 -17.39
CA ALA C 279 -13.61 28.91 -17.43
C ALA C 279 -14.62 29.80 -16.72
N VAL C 280 -14.14 30.60 -15.76
CA VAL C 280 -15.02 31.50 -15.02
C VAL C 280 -14.62 32.95 -15.30
N THR C 281 -15.37 33.60 -16.20
CA THR C 281 -15.13 34.99 -16.58
C THR C 281 -16.47 35.65 -16.93
N PRO C 282 -16.63 36.94 -16.56
CA PRO C 282 -17.86 37.68 -16.85
C PRO C 282 -18.12 37.90 -18.33
N ASP C 283 -17.05 37.96 -19.12
CA ASP C 283 -17.15 38.15 -20.56
C ASP C 283 -16.69 36.87 -21.23
N TYR C 284 -16.98 36.74 -22.53
CA TYR C 284 -16.52 35.55 -23.23
C TYR C 284 -15.08 35.86 -23.62
N ALA C 285 -14.15 35.54 -22.72
CA ALA C 285 -12.73 35.79 -22.93
C ALA C 285 -12.09 34.69 -23.77
N GLU C 286 -10.84 34.88 -24.16
CA GLU C 286 -10.15 33.88 -24.96
C GLU C 286 -10.04 32.55 -24.22
N ILE C 287 -9.98 32.59 -22.90
CA ILE C 287 -9.89 31.36 -22.12
C ILE C 287 -11.11 30.46 -22.35
N ALA C 288 -12.30 31.06 -22.42
CA ALA C 288 -13.53 30.31 -22.62
C ALA C 288 -13.51 29.46 -23.88
N LYS C 289 -12.77 29.93 -24.89
CA LYS C 289 -12.68 29.20 -26.15
C LYS C 289 -12.07 27.81 -25.94
N LEU C 290 -11.24 27.69 -24.92
CA LEU C 290 -10.55 26.43 -24.63
C LEU C 290 -11.19 25.51 -23.58
N CYS C 291 -12.26 25.94 -22.94
CA CYS C 291 -12.86 25.12 -21.90
C CYS C 291 -14.09 24.32 -22.27
N ASP C 292 -14.49 23.43 -21.37
CA ASP C 292 -15.65 22.58 -21.57
C ASP C 292 -16.91 23.27 -21.05
N LEU C 293 -16.71 24.22 -20.14
CA LEU C 293 -17.82 24.96 -19.54
C LEU C 293 -17.42 26.41 -19.28
N TRP C 294 -18.35 27.33 -19.54
CA TRP C 294 -18.11 28.75 -19.32
C TRP C 294 -19.14 29.32 -18.35
N LEU C 295 -18.69 29.73 -17.18
CA LEU C 295 -19.58 30.33 -16.19
C LEU C 295 -19.23 31.80 -16.15
N ALA C 296 -20.25 32.65 -16.27
CA ALA C 296 -20.02 34.09 -16.28
C ALA C 296 -20.66 34.86 -15.12
N PRO C 297 -20.02 34.86 -13.95
CA PRO C 297 -20.58 35.58 -12.80
C PRO C 297 -20.37 37.08 -12.96
N LYS C 298 -21.08 37.87 -12.16
CA LYS C 298 -20.94 39.31 -12.21
C LYS C 298 -19.50 39.57 -11.74
N GLN C 299 -18.78 40.44 -12.45
CA GLN C 299 -17.41 40.71 -12.07
C GLN C 299 -17.38 41.26 -10.64
N GLY C 300 -16.36 40.88 -9.88
CA GLY C 300 -16.21 41.35 -8.52
C GLY C 300 -16.94 40.55 -7.46
N THR C 301 -17.80 39.63 -7.88
CA THR C 301 -18.57 38.82 -6.94
C THR C 301 -18.09 37.36 -6.86
N ASP C 302 -16.87 37.11 -7.29
CA ASP C 302 -16.31 35.76 -7.30
C ASP C 302 -16.20 35.05 -5.94
N ALA C 303 -15.99 35.81 -4.87
CA ALA C 303 -15.88 35.20 -3.55
C ALA C 303 -17.20 34.52 -3.18
N ALA C 304 -18.32 35.10 -3.61
CA ALA C 304 -19.63 34.54 -3.33
C ALA C 304 -19.77 33.13 -3.89
N MET C 305 -19.43 32.96 -5.16
CA MET C 305 -19.53 31.65 -5.80
C MET C 305 -18.58 30.64 -5.20
N ALA C 306 -17.43 31.11 -4.69
CA ALA C 306 -16.44 30.24 -4.09
C ALA C 306 -16.95 29.76 -2.73
N LEU C 307 -17.65 30.63 -2.03
CA LEU C 307 -18.21 30.29 -0.72
C LEU C 307 -19.24 29.19 -0.89
N ALA C 308 -20.21 29.44 -1.77
CA ALA C 308 -21.27 28.48 -2.04
C ALA C 308 -20.70 27.11 -2.44
N MET C 309 -19.62 27.11 -3.21
CA MET C 309 -19.01 25.85 -3.64
C MET C 309 -18.34 25.18 -2.46
N GLY C 310 -17.68 25.97 -1.61
CA GLY C 310 -17.04 25.42 -0.44
C GLY C 310 -18.09 24.84 0.48
N HIS C 311 -19.27 25.45 0.45
CA HIS C 311 -20.40 25.01 1.26
C HIS C 311 -20.84 23.60 0.85
N VAL C 312 -21.03 23.39 -0.44
CA VAL C 312 -21.43 22.09 -0.96
C VAL C 312 -20.37 21.03 -0.67
N MET C 313 -19.10 21.44 -0.73
CA MET C 313 -17.99 20.52 -0.49
C MET C 313 -17.96 20.04 0.96
N LEU C 314 -18.02 20.97 1.90
CA LEU C 314 -18.01 20.62 3.31
C LEU C 314 -19.23 19.75 3.64
N ARG C 315 -20.38 20.15 3.13
CA ARG C 315 -21.62 19.42 3.36
C ARG C 315 -21.57 17.98 2.89
N GLU C 316 -21.10 17.78 1.67
CA GLU C 316 -21.07 16.44 1.08
C GLU C 316 -19.80 15.61 1.20
N PHE C 317 -18.65 16.25 1.35
CA PHE C 317 -17.40 15.49 1.42
C PHE C 317 -16.73 15.48 2.79
N HIS C 318 -17.31 16.20 3.74
CA HIS C 318 -16.77 16.24 5.08
C HIS C 318 -17.78 15.73 6.10
N LEU C 319 -18.97 16.31 6.08
CA LEU C 319 -20.05 15.95 7.00
C LEU C 319 -20.85 14.71 6.60
N ASP C 320 -21.66 14.84 5.55
CA ASP C 320 -22.51 13.76 5.09
C ASP C 320 -21.81 12.44 4.74
N ASN C 321 -20.73 12.52 3.98
CA ASN C 321 -19.99 11.32 3.59
C ASN C 321 -18.50 11.61 3.71
N PRO C 322 -17.98 11.64 4.95
CA PRO C 322 -16.56 11.92 5.22
C PRO C 322 -15.59 11.25 4.26
N SER C 323 -14.72 12.04 3.67
CA SER C 323 -13.70 11.54 2.76
C SER C 323 -12.50 11.26 3.66
N GLN C 324 -11.96 10.04 3.59
CA GLN C 324 -10.83 9.74 4.45
C GLN C 324 -9.64 10.60 4.05
N TYR C 325 -9.46 10.79 2.75
CA TYR C 325 -8.36 11.61 2.28
C TYR C 325 -8.46 13.06 2.76
N PHE C 326 -9.59 13.71 2.52
CA PHE C 326 -9.78 15.11 2.93
C PHE C 326 -9.70 15.31 4.43
N THR C 327 -10.31 14.40 5.19
CA THR C 327 -10.33 14.52 6.65
C THR C 327 -8.93 14.43 7.24
N ASP C 328 -8.15 13.45 6.80
CA ASP C 328 -6.78 13.31 7.29
C ASP C 328 -5.99 14.56 6.92
N TYR C 329 -6.17 15.02 5.69
CA TYR C 329 -5.46 16.19 5.18
C TYR C 329 -5.67 17.43 6.05
N VAL C 330 -6.93 17.84 6.22
CA VAL C 330 -7.22 19.03 7.01
C VAL C 330 -6.80 18.89 8.48
N ARG C 331 -6.73 17.66 8.96
CA ARG C 331 -6.33 17.43 10.35
C ARG C 331 -4.86 17.70 10.55
N ARG C 332 -4.05 17.24 9.60
CA ARG C 332 -2.61 17.40 9.71
C ARG C 332 -2.02 18.67 9.09
N TYR C 333 -2.67 19.22 8.07
CA TYR C 333 -2.13 20.38 7.39
C TYR C 333 -2.83 21.73 7.54
N THR C 334 -3.89 21.81 8.35
CA THR C 334 -4.57 23.09 8.55
C THR C 334 -4.66 23.42 10.04
N ASP C 335 -5.14 24.61 10.36
CA ASP C 335 -5.26 25.04 11.74
C ASP C 335 -6.67 24.79 12.29
N MET C 336 -7.44 23.97 11.58
CA MET C 336 -8.81 23.68 12.00
C MET C 336 -8.91 23.04 13.40
N PRO C 337 -7.94 22.19 13.78
CA PRO C 337 -7.98 21.57 15.11
C PRO C 337 -7.66 22.59 16.20
N MET C 338 -7.00 23.69 15.81
CA MET C 338 -6.61 24.71 16.78
C MET C 338 -7.79 25.37 17.49
N LEU C 339 -7.56 25.79 18.73
CA LEU C 339 -8.59 26.40 19.55
C LEU C 339 -8.61 27.92 19.60
N VAL C 340 -9.82 28.47 19.56
CA VAL C 340 -10.04 29.92 19.59
C VAL C 340 -10.79 30.32 20.86
N MET C 341 -10.31 31.36 21.52
CA MET C 341 -10.96 31.85 22.73
C MET C 341 -12.12 32.73 22.34
N LEU C 342 -13.18 32.71 23.15
CA LEU C 342 -14.36 33.52 22.88
C LEU C 342 -14.40 34.74 23.79
N GLU C 343 -14.71 35.89 23.20
CA GLU C 343 -14.82 37.13 23.96
C GLU C 343 -16.30 37.35 24.26
N GLU C 344 -16.62 37.59 25.52
CA GLU C 344 -18.02 37.79 25.92
C GLU C 344 -18.54 39.15 25.48
N ARG C 345 -19.63 39.16 24.74
CA ARG C 345 -20.25 40.39 24.28
C ARG C 345 -21.64 40.57 24.88
N ASP C 346 -22.37 41.55 24.35
CA ASP C 346 -23.71 41.84 24.84
C ASP C 346 -24.79 40.91 24.29
N GLY C 347 -24.97 39.77 24.94
CA GLY C 347 -25.98 38.82 24.50
C GLY C 347 -25.47 37.71 23.61
N TYR C 348 -24.14 37.63 23.47
CA TYR C 348 -23.52 36.62 22.63
C TYR C 348 -22.00 36.70 22.77
N TYR C 349 -21.30 35.87 22.01
CA TYR C 349 -19.84 35.84 22.07
C TYR C 349 -19.18 36.20 20.75
N ALA C 350 -17.93 36.62 20.83
CA ALA C 350 -17.15 36.99 19.65
C ALA C 350 -15.89 36.13 19.60
N ALA C 351 -15.61 35.54 18.44
CA ALA C 351 -14.41 34.72 18.32
C ALA C 351 -13.22 35.65 18.48
N GLY C 352 -12.36 35.35 19.45
CA GLY C 352 -11.20 36.19 19.70
C GLY C 352 -9.89 35.57 19.22
N ARG C 353 -8.80 35.86 19.91
CA ARG C 353 -7.51 35.32 19.53
C ARG C 353 -7.41 33.82 19.82
N MET C 354 -6.47 33.16 19.15
CA MET C 354 -6.26 31.73 19.33
C MET C 354 -5.61 31.48 20.67
N LEU C 355 -6.01 30.40 21.31
CA LEU C 355 -5.47 30.01 22.61
C LEU C 355 -3.98 29.71 22.45
N ARG C 356 -3.19 30.06 23.46
CA ARG C 356 -1.75 29.82 23.43
C ARG C 356 -1.38 28.94 24.62
N ALA C 357 -0.22 28.29 24.55
CA ALA C 357 0.23 27.44 25.64
C ALA C 357 0.39 28.24 26.92
N ALA C 358 0.79 29.51 26.77
CA ALA C 358 0.99 30.39 27.92
C ALA C 358 -0.30 30.71 28.68
N ASP C 359 -1.44 30.45 28.08
CA ASP C 359 -2.71 30.74 28.73
C ASP C 359 -3.13 29.67 29.74
N LEU C 360 -2.45 28.54 29.74
CA LEU C 360 -2.77 27.45 30.65
C LEU C 360 -1.76 27.33 31.79
N VAL C 361 -2.16 26.68 32.88
CA VAL C 361 -1.26 26.50 34.02
C VAL C 361 -0.08 25.65 33.58
N ASP C 362 1.12 26.03 34.03
CA ASP C 362 2.34 25.32 33.66
C ASP C 362 2.65 25.59 32.20
N ALA C 363 1.86 26.47 31.58
CA ALA C 363 2.04 26.82 30.17
C ALA C 363 2.07 25.58 29.30
N LEU C 364 1.36 24.55 29.72
CA LEU C 364 1.28 23.30 28.97
C LEU C 364 2.66 22.66 28.81
N GLY C 365 3.59 23.00 29.69
CA GLY C 365 4.92 22.44 29.64
C GLY C 365 5.91 23.13 28.71
N GLN C 366 5.52 24.26 28.14
CA GLN C 366 6.39 24.99 27.22
C GLN C 366 7.20 26.12 27.87
N GLU C 367 8.51 25.94 27.89
CA GLU C 367 9.42 26.92 28.47
C GLU C 367 9.82 28.01 27.47
N ASN C 368 9.86 27.65 26.20
CA ASN C 368 10.25 28.60 25.16
C ASN C 368 9.06 29.12 24.35
N ASN C 369 8.99 30.44 24.20
CA ASN C 369 7.93 31.10 23.45
C ASN C 369 6.54 30.48 23.61
N PRO C 370 6.09 30.22 24.85
CA PRO C 370 4.77 29.63 25.06
C PRO C 370 3.61 30.46 24.54
N GLU C 371 3.82 31.77 24.43
CA GLU C 371 2.79 32.68 23.95
C GLU C 371 2.64 32.62 22.43
N TRP C 372 3.57 31.95 21.75
CA TRP C 372 3.53 31.83 20.30
C TRP C 372 3.27 30.40 19.84
N LYS C 373 2.73 29.58 20.73
CA LYS C 373 2.44 28.20 20.39
C LYS C 373 0.94 27.94 20.50
N THR C 374 0.34 27.54 19.38
CA THR C 374 -1.10 27.28 19.34
C THR C 374 -1.44 25.96 20.03
N VAL C 375 -2.70 25.81 20.40
CA VAL C 375 -3.14 24.62 21.12
C VAL C 375 -4.37 23.95 20.52
N ALA C 376 -4.43 22.63 20.70
CA ALA C 376 -5.55 21.83 20.22
C ALA C 376 -5.79 20.66 21.17
N PHE C 377 -6.93 20.00 21.03
CA PHE C 377 -7.28 18.85 21.86
C PHE C 377 -6.83 17.60 21.12
N ASN C 378 -6.17 16.66 21.81
CA ASN C 378 -5.78 15.44 21.14
C ASN C 378 -7.05 14.60 21.05
N THR C 379 -6.93 13.39 20.53
CA THR C 379 -8.08 12.52 20.38
C THR C 379 -8.65 12.02 21.71
N ASN C 380 -7.89 12.16 22.80
CA ASN C 380 -8.34 11.73 24.12
C ASN C 380 -8.79 12.88 25.02
N GLY C 381 -9.14 14.01 24.41
CA GLY C 381 -9.60 15.14 25.21
C GLY C 381 -8.54 15.88 26.00
N GLU C 382 -7.27 15.60 25.73
CA GLU C 382 -6.19 16.28 26.44
C GLU C 382 -5.66 17.44 25.60
N MET C 383 -5.37 18.56 26.24
CA MET C 383 -4.84 19.71 25.52
C MET C 383 -3.38 19.50 25.21
N VAL C 384 -3.01 19.82 23.97
CA VAL C 384 -1.63 19.67 23.53
C VAL C 384 -1.15 20.83 22.68
N ALA C 385 0.15 21.08 22.73
CA ALA C 385 0.77 22.12 21.93
C ALA C 385 1.50 21.32 20.86
N PRO C 386 0.88 21.18 19.67
CA PRO C 386 1.43 20.43 18.54
C PRO C 386 2.72 21.00 17.96
N ASN C 387 3.56 20.11 17.44
CA ASN C 387 4.81 20.50 16.79
C ASN C 387 4.45 21.42 15.63
N GLY C 388 5.32 22.38 15.33
CA GLY C 388 5.05 23.23 14.17
C GLY C 388 4.65 24.67 14.33
N SER C 389 4.03 25.05 15.45
CA SER C 389 3.64 26.45 15.60
C SER C 389 4.91 27.27 15.55
N ILE C 390 4.77 28.54 15.19
CA ILE C 390 5.90 29.47 15.05
C ILE C 390 6.81 29.54 16.27
N GLY C 391 6.24 29.33 17.45
CA GLY C 391 7.03 29.37 18.67
C GLY C 391 8.20 28.40 18.70
N PHE C 392 8.05 27.27 18.03
CA PHE C 392 9.12 26.25 17.98
C PHE C 392 10.22 26.61 17.00
N ARG C 393 9.98 27.61 16.15
CA ARG C 393 10.96 28.00 15.15
C ARG C 393 12.19 28.71 15.69
N TRP C 394 12.01 29.52 16.72
CA TRP C 394 13.14 30.26 17.30
C TRP C 394 13.34 29.94 18.78
N GLY C 395 14.61 29.96 19.22
CA GLY C 395 14.92 29.70 20.60
C GLY C 395 15.10 28.23 20.96
N GLU C 396 14.89 27.35 19.99
CA GLU C 396 15.03 25.92 20.21
C GLU C 396 15.21 25.23 18.86
N LYS C 397 15.55 23.94 18.87
CA LYS C 397 15.77 23.19 17.64
C LYS C 397 15.01 21.87 17.62
N GLY C 398 14.81 21.34 16.42
CA GLY C 398 14.16 20.05 16.24
C GLY C 398 12.66 19.86 16.39
N LYS C 399 11.91 20.88 16.76
CA LYS C 399 10.47 20.69 16.92
C LYS C 399 9.62 21.45 15.90
N TRP C 400 10.29 22.16 15.00
CA TRP C 400 9.58 22.93 13.97
C TRP C 400 9.28 22.08 12.75
N ASN C 401 8.34 21.15 12.89
CA ASN C 401 7.95 20.26 11.80
C ASN C 401 6.46 19.96 11.90
N LEU C 402 5.93 19.25 10.90
CA LEU C 402 4.51 18.92 10.90
C LEU C 402 4.18 17.48 11.27
N GLU C 403 5.07 16.83 12.03
CA GLU C 403 4.80 15.47 12.47
C GLU C 403 3.69 15.69 13.49
N GLN C 404 2.70 14.79 13.53
CA GLN C 404 1.63 14.95 14.50
C GLN C 404 2.10 14.43 15.86
N ARG C 405 2.80 15.30 16.59
CA ARG C 405 3.34 14.95 17.90
C ARG C 405 3.12 16.03 18.95
N ASP C 406 3.22 15.61 20.20
CA ASP C 406 3.06 16.51 21.35
C ASP C 406 4.32 17.36 21.46
N GLY C 407 4.16 18.67 21.55
CA GLY C 407 5.31 19.55 21.66
C GLY C 407 6.02 19.43 23.00
N LYS C 408 5.40 18.74 23.94
CA LYS C 408 6.00 18.58 25.26
C LYS C 408 6.55 17.18 25.49
N THR C 409 5.68 16.18 25.36
CA THR C 409 6.07 14.79 25.59
C THR C 409 6.85 14.16 24.44
N GLY C 410 6.76 14.78 23.26
CA GLY C 410 7.47 14.26 22.11
C GLY C 410 6.82 13.03 21.54
N GLU C 411 5.66 12.68 22.11
CA GLU C 411 4.89 11.51 21.68
C GLU C 411 3.99 11.84 20.50
N GLU C 412 3.58 10.79 19.79
CA GLU C 412 2.67 10.94 18.66
C GLU C 412 1.26 11.14 19.18
N THR C 413 0.50 12.02 18.54
CA THR C 413 -0.87 12.25 18.95
C THR C 413 -1.73 12.42 17.71
N GLU C 414 -3.03 12.51 17.92
CA GLU C 414 -3.96 12.71 16.83
C GLU C 414 -4.83 13.87 17.27
N LEU C 415 -4.87 14.93 16.47
CA LEU C 415 -5.64 16.11 16.82
C LEU C 415 -7.13 15.98 16.53
N GLN C 416 -7.92 16.50 17.47
CA GLN C 416 -9.38 16.47 17.37
C GLN C 416 -9.86 17.65 16.52
N LEU C 417 -10.78 17.40 15.60
CA LEU C 417 -11.30 18.48 14.76
C LEU C 417 -12.47 19.22 15.38
N SER C 418 -13.64 18.58 15.43
CA SER C 418 -14.84 19.21 15.98
C SER C 418 -15.08 18.89 17.47
N LEU C 419 -15.57 19.88 18.21
CA LEU C 419 -15.87 19.68 19.63
C LEU C 419 -17.30 19.20 19.79
N LEU C 420 -18.05 19.21 18.69
CA LEU C 420 -19.43 18.76 18.70
C LEU C 420 -19.52 17.29 19.11
N GLY C 421 -20.35 17.01 20.10
CA GLY C 421 -20.50 15.64 20.57
C GLY C 421 -19.66 15.40 21.80
N SER C 422 -19.04 16.46 22.31
CA SER C 422 -18.22 16.35 23.51
C SER C 422 -18.03 17.71 24.15
N GLN C 423 -18.92 18.65 23.83
CA GLN C 423 -18.85 20.00 24.37
C GLN C 423 -19.40 20.06 25.80
N ASP C 424 -19.12 21.16 26.51
CA ASP C 424 -19.61 21.33 27.87
C ASP C 424 -20.90 22.15 27.81
N GLU C 425 -21.06 22.88 26.72
CA GLU C 425 -22.25 23.71 26.51
C GLU C 425 -22.25 24.23 25.08
N ILE C 426 -23.31 24.96 24.72
CA ILE C 426 -23.41 25.53 23.39
C ILE C 426 -23.62 27.03 23.50
N ALA C 427 -22.68 27.79 22.92
CA ALA C 427 -22.76 29.24 22.97
C ALA C 427 -23.11 29.81 21.60
N GLU C 428 -23.66 31.02 21.59
CA GLU C 428 -24.01 31.67 20.35
C GLU C 428 -22.89 32.64 20.01
N VAL C 429 -22.29 32.45 18.84
CA VAL C 429 -21.20 33.30 18.39
C VAL C 429 -21.66 34.16 17.22
N GLY C 430 -21.19 35.42 17.21
CA GLY C 430 -21.56 36.34 16.15
C GLY C 430 -20.60 36.33 14.97
N PHE C 431 -21.15 36.40 13.76
CA PHE C 431 -20.34 36.41 12.55
C PHE C 431 -20.68 37.62 11.69
N PRO C 432 -19.65 38.32 11.19
CA PRO C 432 -19.90 39.49 10.35
C PRO C 432 -20.52 39.08 9.01
N TYR C 433 -21.43 39.91 8.49
CA TYR C 433 -22.05 39.63 7.21
C TYR C 433 -22.14 40.93 6.44
N PHE C 434 -21.45 41.00 5.29
CA PHE C 434 -21.46 42.22 4.48
C PHE C 434 -22.18 42.04 3.15
N GLY C 435 -22.81 40.88 2.98
CA GLY C 435 -23.51 40.61 1.74
C GLY C 435 -24.63 41.56 1.40
N GLY C 436 -25.00 42.44 2.34
CA GLY C 436 -26.06 43.38 2.06
C GLY C 436 -25.59 44.82 2.08
N ASP C 437 -24.28 45.03 2.19
CA ASP C 437 -23.73 46.38 2.22
C ASP C 437 -23.24 46.88 0.86
N GLY C 438 -23.55 46.14 -0.20
CA GLY C 438 -23.09 46.53 -1.52
C GLY C 438 -23.54 47.88 -2.09
N THR C 439 -23.11 48.14 -3.31
CA THR C 439 -23.42 49.36 -4.05
C THR C 439 -24.63 49.10 -4.94
N GLU C 440 -25.29 50.15 -5.42
CA GLU C 440 -26.47 49.97 -6.26
C GLU C 440 -26.14 49.35 -7.62
N HIS C 441 -24.86 49.02 -7.84
CA HIS C 441 -24.43 48.43 -9.09
C HIS C 441 -24.29 46.91 -9.00
N PHE C 442 -24.39 46.39 -7.79
CA PHE C 442 -24.28 44.94 -7.57
C PHE C 442 -25.45 44.41 -6.73
N ASN C 443 -25.99 43.27 -7.13
CA ASN C 443 -27.10 42.68 -6.40
C ASN C 443 -26.64 42.30 -5.00
N LYS C 444 -27.48 42.60 -4.01
CA LYS C 444 -27.16 42.29 -2.63
C LYS C 444 -28.23 41.39 -2.01
N VAL C 445 -27.87 40.75 -0.90
CA VAL C 445 -28.78 39.88 -0.18
C VAL C 445 -28.78 40.36 1.26
N GLU C 446 -29.91 40.91 1.66
CA GLU C 446 -30.05 41.44 3.01
C GLU C 446 -30.43 40.37 4.03
N LEU C 447 -29.69 40.36 5.14
CA LEU C 447 -29.92 39.43 6.25
C LEU C 447 -29.69 40.25 7.50
N GLU C 448 -28.65 39.89 8.25
CA GLU C 448 -28.30 40.59 9.48
C GLU C 448 -26.82 40.92 9.34
N ASN C 449 -26.41 42.08 9.86
CA ASN C 449 -25.00 42.45 9.77
C ASN C 449 -24.18 41.59 10.71
N VAL C 450 -24.89 40.88 11.60
CA VAL C 450 -24.26 39.98 12.56
C VAL C 450 -25.12 38.74 12.64
N LEU C 451 -24.60 37.63 12.13
CA LEU C 451 -25.33 36.37 12.15
C LEU C 451 -24.89 35.56 13.35
N LEU C 452 -25.82 35.31 14.26
CA LEU C 452 -25.52 34.52 15.44
C LEU C 452 -25.61 33.04 15.11
N HIS C 453 -24.56 32.30 15.45
CA HIS C 453 -24.52 30.87 15.19
C HIS C 453 -24.26 30.18 16.53
N LYS C 454 -24.90 29.03 16.74
CA LYS C 454 -24.68 28.31 17.99
C LYS C 454 -23.54 27.33 17.77
N LEU C 455 -22.49 27.47 18.58
CA LEU C 455 -21.30 26.64 18.47
C LEU C 455 -21.06 25.76 19.69
N PRO C 456 -20.46 24.58 19.47
CA PRO C 456 -20.17 23.67 20.58
C PRO C 456 -18.93 24.24 21.25
N VAL C 457 -19.01 24.49 22.55
CA VAL C 457 -17.90 25.09 23.29
C VAL C 457 -17.46 24.32 24.52
N LYS C 458 -16.23 24.57 24.96
CA LYS C 458 -15.68 23.94 26.16
C LYS C 458 -15.12 24.99 27.08
N ARG C 459 -15.32 24.81 28.39
CA ARG C 459 -14.84 25.75 29.38
C ARG C 459 -13.45 25.35 29.86
N LEU C 460 -12.58 26.34 30.04
CA LEU C 460 -11.22 26.07 30.47
C LEU C 460 -10.79 26.99 31.60
N GLN C 461 -9.91 26.49 32.45
CA GLN C 461 -9.38 27.29 33.55
C GLN C 461 -8.04 27.84 33.12
N LEU C 462 -7.90 29.16 33.18
CA LEU C 462 -6.67 29.81 32.74
C LEU C 462 -5.66 30.04 33.85
N ALA C 463 -4.40 30.19 33.44
CA ALA C 463 -3.30 30.43 34.36
C ALA C 463 -3.60 31.51 35.38
N ASP C 464 -4.32 32.55 34.97
CA ASP C 464 -4.66 33.63 35.89
C ASP C 464 -5.96 33.36 36.63
N GLY C 465 -6.25 32.08 36.84
CA GLY C 465 -7.45 31.68 37.55
C GLY C 465 -8.77 32.04 36.90
N SER C 466 -8.74 32.70 35.75
CA SER C 466 -9.99 33.07 35.09
C SER C 466 -10.52 31.89 34.28
N THR C 467 -11.74 32.03 33.80
CA THR C 467 -12.38 31.00 32.99
C THR C 467 -12.49 31.51 31.57
N ALA C 468 -12.55 30.59 30.61
CA ALA C 468 -12.67 30.96 29.21
C ALA C 468 -13.31 29.87 28.37
N LEU C 469 -14.14 30.28 27.42
CA LEU C 469 -14.79 29.33 26.53
C LEU C 469 -14.00 29.25 25.23
N VAL C 470 -13.85 28.04 24.69
CA VAL C 470 -13.11 27.86 23.46
C VAL C 470 -13.84 26.91 22.52
N THR C 471 -13.53 27.04 21.24
CA THR C 471 -14.10 26.19 20.20
C THR C 471 -12.98 26.04 19.18
N THR C 472 -13.16 25.17 18.19
CA THR C 472 -12.12 24.99 17.18
C THR C 472 -12.37 25.79 15.92
N VAL C 473 -11.30 26.07 15.19
CA VAL C 473 -11.38 26.80 13.93
C VAL C 473 -12.31 25.99 13.03
N TYR C 474 -12.21 24.68 13.14
CA TYR C 474 -13.03 23.76 12.36
C TYR C 474 -14.52 24.09 12.58
N ASP C 475 -14.90 24.20 13.85
CA ASP C 475 -16.28 24.50 14.20
C ASP C 475 -16.67 25.91 13.73
N LEU C 476 -15.77 26.87 13.91
CA LEU C 476 -16.03 28.24 13.48
C LEU C 476 -16.22 28.29 11.96
N THR C 477 -15.40 27.53 11.25
CA THR C 477 -15.46 27.48 9.79
C THR C 477 -16.78 26.91 9.28
N LEU C 478 -17.22 25.81 9.88
CA LEU C 478 -18.47 25.16 9.49
C LEU C 478 -19.65 26.09 9.72
N ALA C 479 -19.62 26.80 10.84
CA ALA C 479 -20.69 27.73 11.17
C ALA C 479 -20.70 28.87 10.17
N ASN C 480 -19.53 29.48 9.95
CA ASN C 480 -19.42 30.59 9.01
C ASN C 480 -19.99 30.24 7.64
N TYR C 481 -19.78 29.02 7.19
CA TYR C 481 -20.32 28.60 5.90
C TYR C 481 -21.82 28.36 5.99
N GLY C 482 -22.36 28.42 7.20
CA GLY C 482 -23.78 28.21 7.40
C GLY C 482 -24.25 26.77 7.32
N LEU C 483 -23.47 25.85 7.85
CA LEU C 483 -23.83 24.44 7.81
C LEU C 483 -24.48 23.99 9.12
N GLU C 484 -25.70 23.46 9.02
CA GLU C 484 -26.41 22.98 10.21
C GLU C 484 -25.80 21.65 10.63
N ARG C 485 -25.60 21.49 11.93
CA ARG C 485 -24.98 20.27 12.43
C ARG C 485 -25.74 19.54 13.53
N GLY C 486 -27.07 19.60 13.49
CA GLY C 486 -27.85 18.92 14.51
C GLY C 486 -28.39 19.83 15.59
N LEU C 487 -27.81 21.01 15.73
CA LEU C 487 -28.28 21.97 16.72
C LEU C 487 -29.49 22.64 16.08
N ASN C 488 -30.03 23.67 16.72
CA ASN C 488 -31.19 24.32 16.10
C ASN C 488 -30.82 25.75 15.73
N ASP C 489 -30.04 25.87 14.66
CA ASP C 489 -29.61 27.19 14.20
C ASP C 489 -30.53 27.70 13.10
N VAL C 490 -31.00 28.92 13.27
CA VAL C 490 -31.90 29.53 12.31
C VAL C 490 -31.12 30.17 11.15
N ASN C 491 -29.87 30.51 11.41
CA ASN C 491 -29.03 31.14 10.39
C ASN C 491 -28.32 30.13 9.49
N CYS C 492 -28.58 28.84 9.71
CA CYS C 492 -27.97 27.80 8.89
C CYS C 492 -28.94 27.38 7.79
N ALA C 493 -28.44 26.64 6.81
CA ALA C 493 -29.27 26.22 5.69
C ALA C 493 -29.99 24.90 5.91
N THR C 494 -31.25 24.86 5.50
CA THR C 494 -32.07 23.67 5.60
C THR C 494 -31.82 22.87 4.33
N SER C 495 -31.54 23.60 3.25
CA SER C 495 -31.28 23.00 1.95
C SER C 495 -30.41 23.96 1.13
N TYR C 496 -29.91 23.50 -0.01
CA TYR C 496 -29.08 24.36 -0.86
C TYR C 496 -29.97 25.45 -1.44
N ASP C 497 -31.27 25.22 -1.44
CA ASP C 497 -32.22 26.18 -1.96
C ASP C 497 -32.55 27.28 -0.94
N ASP C 498 -32.20 27.03 0.32
CA ASP C 498 -32.44 27.99 1.39
C ASP C 498 -31.47 29.16 1.26
N VAL C 499 -31.98 30.39 1.30
CA VAL C 499 -31.14 31.58 1.16
C VAL C 499 -30.48 31.93 2.50
N LYS C 500 -29.41 31.22 2.82
CA LYS C 500 -28.68 31.47 4.06
C LYS C 500 -27.25 31.83 3.74
N ALA C 501 -26.56 32.39 4.72
CA ALA C 501 -25.17 32.78 4.53
C ALA C 501 -24.33 31.72 3.86
N TYR C 502 -24.17 31.90 2.55
CA TYR C 502 -23.34 31.07 1.69
C TYR C 502 -23.81 29.71 1.19
N THR C 503 -25.00 29.68 0.60
CA THR C 503 -25.55 28.47 0.00
C THR C 503 -25.60 28.75 -1.49
N PRO C 504 -25.78 27.71 -2.32
CA PRO C 504 -25.84 27.96 -3.77
C PRO C 504 -26.89 29.01 -4.13
N ALA C 505 -28.07 28.91 -3.51
CA ALA C 505 -29.17 29.83 -3.77
C ALA C 505 -28.82 31.27 -3.41
N TRP C 506 -28.02 31.44 -2.35
CA TRP C 506 -27.60 32.76 -1.91
C TRP C 506 -26.63 33.34 -2.96
N ALA C 507 -25.69 32.52 -3.41
CA ALA C 507 -24.70 32.94 -4.39
C ALA C 507 -25.32 33.18 -5.77
N GLU C 508 -26.37 32.43 -6.10
CA GLU C 508 -27.03 32.60 -7.38
C GLU C 508 -27.58 34.02 -7.49
N GLN C 509 -27.99 34.57 -6.35
CA GLN C 509 -28.52 35.93 -6.31
C GLN C 509 -27.42 36.98 -6.41
N ILE C 510 -26.30 36.72 -5.75
CA ILE C 510 -25.19 37.65 -5.77
C ILE C 510 -24.46 37.67 -7.11
N THR C 511 -24.11 36.49 -7.60
CA THR C 511 -23.34 36.34 -8.83
C THR C 511 -24.10 36.25 -10.13
N GLY C 512 -25.26 35.61 -10.11
CA GLY C 512 -26.04 35.47 -11.32
C GLY C 512 -25.84 34.08 -11.91
N VAL C 513 -24.89 33.35 -11.37
CA VAL C 513 -24.62 31.99 -11.84
C VAL C 513 -25.65 31.04 -11.23
N SER C 514 -26.28 30.25 -12.08
CA SER C 514 -27.29 29.28 -11.63
C SER C 514 -26.80 28.42 -10.47
N ARG C 515 -27.67 28.19 -9.50
CA ARG C 515 -27.30 27.38 -8.34
C ARG C 515 -26.96 25.95 -8.75
N SER C 516 -27.64 25.45 -9.79
CA SER C 516 -27.38 24.09 -10.25
C SER C 516 -25.94 23.95 -10.77
N GLN C 517 -25.41 25.02 -11.37
CA GLN C 517 -24.05 25.01 -11.90
C GLN C 517 -23.04 25.03 -10.75
N ILE C 518 -23.30 25.88 -9.77
CA ILE C 518 -22.42 26.00 -8.61
C ILE C 518 -22.34 24.67 -7.86
N ILE C 519 -23.44 23.93 -7.84
CA ILE C 519 -23.49 22.65 -7.15
C ILE C 519 -22.80 21.55 -7.95
N ARG C 520 -23.13 21.43 -9.23
CA ARG C 520 -22.52 20.40 -10.06
C ARG C 520 -21.01 20.49 -10.10
N ILE C 521 -20.51 21.69 -10.39
CA ILE C 521 -19.07 21.88 -10.49
C ILE C 521 -18.34 21.70 -9.16
N ALA C 522 -18.97 22.14 -8.06
CA ALA C 522 -18.35 21.98 -6.75
C ALA C 522 -18.20 20.49 -6.46
N ARG C 523 -19.16 19.70 -6.92
CA ARG C 523 -19.13 18.26 -6.71
C ARG C 523 -18.07 17.56 -7.55
N GLU C 524 -18.07 17.84 -8.86
CA GLU C 524 -17.10 17.22 -9.75
C GLU C 524 -15.68 17.54 -9.29
N PHE C 525 -15.46 18.78 -8.90
CA PHE C 525 -14.15 19.22 -8.43
C PHE C 525 -13.70 18.38 -7.24
N ALA C 526 -14.55 18.31 -6.21
CA ALA C 526 -14.25 17.55 -5.01
C ALA C 526 -14.16 16.05 -5.29
N ASP C 527 -15.09 15.52 -6.09
CA ASP C 527 -15.08 14.10 -6.39
C ASP C 527 -13.78 13.73 -7.10
N ASN C 528 -13.30 14.62 -7.97
CA ASN C 528 -12.07 14.36 -8.70
C ASN C 528 -10.87 14.41 -7.76
N ALA C 529 -10.87 15.37 -6.85
CA ALA C 529 -9.75 15.48 -5.91
C ALA C 529 -9.75 14.26 -4.98
N ASP C 530 -10.95 13.81 -4.59
CA ASP C 530 -11.08 12.66 -3.69
C ASP C 530 -10.56 11.38 -4.34
N LYS C 531 -10.92 11.16 -5.59
CA LYS C 531 -10.49 9.95 -6.28
C LYS C 531 -9.04 9.94 -6.77
N THR C 532 -8.44 11.12 -6.86
CA THR C 532 -7.07 11.24 -7.34
C THR C 532 -6.11 11.67 -6.26
N HIS C 533 -6.66 11.98 -5.08
CA HIS C 533 -5.88 12.47 -3.94
C HIS C 533 -5.31 13.87 -4.16
N GLY C 534 -6.19 14.81 -4.50
CA GLY C 534 -5.79 16.20 -4.67
C GLY C 534 -5.32 16.70 -6.03
N ARG C 535 -5.70 16.05 -7.12
CA ARG C 535 -5.25 16.51 -8.44
C ARG C 535 -6.27 17.44 -9.12
N SER C 536 -6.81 18.38 -8.35
CA SER C 536 -7.75 19.37 -8.84
C SER C 536 -7.00 20.68 -8.70
N MET C 537 -7.01 21.49 -9.74
CA MET C 537 -6.27 22.74 -9.71
C MET C 537 -7.08 23.96 -10.15
N ILE C 538 -6.73 25.11 -9.58
CA ILE C 538 -7.39 26.36 -9.93
C ILE C 538 -6.30 27.34 -10.37
N ILE C 539 -6.36 27.75 -11.63
CA ILE C 539 -5.42 28.71 -12.17
C ILE C 539 -6.14 30.05 -11.98
N VAL C 540 -5.56 30.95 -11.19
CA VAL C 540 -6.19 32.23 -10.90
C VAL C 540 -5.27 33.41 -11.22
N GLY C 541 -5.87 34.52 -11.68
CA GLY C 541 -5.07 35.68 -12.04
C GLY C 541 -5.55 37.03 -11.51
N ALA C 542 -5.15 38.09 -12.21
CA ALA C 542 -5.50 39.45 -11.80
C ALA C 542 -7.00 39.72 -11.90
N GLY C 543 -7.70 38.91 -12.68
CA GLY C 543 -9.14 39.08 -12.80
C GLY C 543 -9.74 39.11 -11.41
N LEU C 544 -9.12 38.35 -10.50
CA LEU C 544 -9.58 38.29 -9.12
C LEU C 544 -8.67 39.03 -8.17
N ASN C 545 -7.35 38.96 -8.40
CA ASN C 545 -6.41 39.60 -7.50
C ASN C 545 -6.28 41.12 -7.54
N HIS C 546 -6.91 41.79 -8.51
CA HIS C 546 -6.78 43.25 -8.56
C HIS C 546 -7.95 44.02 -7.95
N TRP C 547 -8.87 43.31 -7.30
CA TRP C 547 -10.00 43.94 -6.64
C TRP C 547 -9.58 44.37 -5.24
N TYR C 548 -10.33 45.31 -4.67
CA TYR C 548 -10.02 45.81 -3.33
C TYR C 548 -10.08 44.68 -2.31
N HIS C 549 -11.02 43.77 -2.51
CA HIS C 549 -11.18 42.63 -1.61
C HIS C 549 -10.59 41.37 -2.21
N LEU C 550 -9.39 41.50 -2.77
CA LEU C 550 -8.69 40.38 -3.38
C LEU C 550 -8.53 39.21 -2.39
N ASP C 551 -8.24 39.51 -1.12
CA ASP C 551 -8.06 38.45 -0.13
C ASP C 551 -9.27 37.56 0.08
N MET C 552 -10.47 38.09 -0.10
CA MET C 552 -11.66 37.27 0.05
C MET C 552 -11.81 36.40 -1.18
N ASN C 553 -11.54 36.97 -2.36
CA ASN C 553 -11.62 36.21 -3.59
C ASN C 553 -10.64 35.05 -3.51
N TYR C 554 -9.43 35.33 -3.07
CA TYR C 554 -8.41 34.30 -2.96
C TYR C 554 -8.64 33.28 -1.86
N ARG C 555 -9.01 33.73 -0.66
CA ARG C 555 -9.24 32.78 0.43
C ARG C 555 -10.42 31.89 0.08
N GLY C 556 -11.30 32.40 -0.77
CA GLY C 556 -12.46 31.62 -1.17
C GLY C 556 -12.03 30.45 -2.02
N LEU C 557 -11.07 30.69 -2.93
CA LEU C 557 -10.58 29.64 -3.80
C LEU C 557 -9.61 28.74 -3.04
N ILE C 558 -8.79 29.35 -2.20
CA ILE C 558 -7.82 28.61 -1.42
C ILE C 558 -8.50 27.58 -0.52
N ASN C 559 -9.60 27.97 0.12
CA ASN C 559 -10.35 27.06 0.99
C ASN C 559 -10.86 25.85 0.23
N MET C 560 -11.33 26.05 -1.00
CA MET C 560 -11.82 24.94 -1.80
C MET C 560 -10.71 23.93 -2.04
N LEU C 561 -9.52 24.42 -2.36
CA LEU C 561 -8.37 23.59 -2.63
C LEU C 561 -7.88 22.89 -1.36
N ILE C 562 -7.94 23.60 -0.24
CA ILE C 562 -7.53 23.02 1.03
C ILE C 562 -8.52 21.94 1.47
N PHE C 563 -9.81 22.25 1.45
CA PHE C 563 -10.82 21.28 1.84
C PHE C 563 -10.71 20.00 1.02
N CYS C 564 -10.20 20.11 -0.20
CA CYS C 564 -10.04 18.94 -1.06
C CYS C 564 -8.62 18.40 -1.07
N GLY C 565 -7.80 18.89 -0.13
CA GLY C 565 -6.43 18.43 -0.04
C GLY C 565 -5.68 18.46 -1.35
N CYS C 566 -5.73 19.57 -2.07
CA CYS C 566 -5.06 19.70 -3.35
C CYS C 566 -3.72 20.44 -3.25
N VAL C 567 -3.53 21.19 -2.18
CA VAL C 567 -2.28 21.95 -2.01
C VAL C 567 -1.13 21.05 -1.59
N GLY C 568 -0.08 21.02 -2.42
CA GLY C 568 1.08 20.21 -2.11
C GLY C 568 1.13 18.89 -2.84
N GLN C 569 0.16 18.63 -3.71
CA GLN C 569 0.14 17.40 -4.48
C GLN C 569 0.34 17.75 -5.96
N SER C 570 1.20 17.00 -6.64
CA SER C 570 1.46 17.23 -8.05
C SER C 570 0.17 17.13 -8.86
N GLY C 571 -0.15 18.17 -9.62
CA GLY C 571 -1.35 18.15 -10.41
C GLY C 571 -2.51 18.83 -9.72
N GLY C 572 -2.28 19.34 -8.52
CA GLY C 572 -3.34 20.03 -7.82
C GLY C 572 -2.82 21.29 -7.15
N GLY C 573 -3.73 22.15 -6.69
CA GLY C 573 -3.26 23.34 -6.02
C GLY C 573 -3.71 24.71 -6.52
N TRP C 574 -3.12 25.70 -5.87
CA TRP C 574 -3.33 27.11 -6.12
C TRP C 574 -2.36 27.60 -7.18
N ALA C 575 -2.82 27.71 -8.43
CA ALA C 575 -1.96 28.15 -9.52
C ALA C 575 -2.18 29.64 -9.79
N HIS C 576 -1.54 30.46 -8.99
CA HIS C 576 -1.61 31.92 -9.08
C HIS C 576 -0.51 32.43 -10.01
N TYR C 577 -0.91 32.99 -11.15
CA TYR C 577 0.05 33.53 -12.10
C TYR C 577 -0.24 34.99 -12.39
N VAL C 578 0.80 35.81 -12.31
CA VAL C 578 0.70 37.23 -12.57
C VAL C 578 1.95 37.63 -13.36
N GLY C 579 2.86 38.36 -12.72
CA GLY C 579 4.08 38.78 -13.39
C GLY C 579 5.23 37.83 -13.11
N GLN C 580 6.38 38.09 -13.73
CA GLN C 580 7.56 37.25 -13.55
C GLN C 580 8.19 37.45 -12.17
N GLU C 581 7.40 37.15 -11.15
CA GLU C 581 7.77 37.29 -9.75
C GLU C 581 8.87 36.38 -9.19
N LYS C 582 8.89 35.13 -9.64
CA LYS C 582 9.86 34.17 -9.12
C LYS C 582 11.28 34.21 -9.67
N LEU C 583 12.17 34.85 -8.91
CA LEU C 583 13.57 34.91 -9.28
C LEU C 583 14.16 33.73 -8.49
N ARG C 584 14.29 32.59 -9.17
CA ARG C 584 14.76 31.37 -8.52
C ARG C 584 16.06 31.44 -7.71
N PRO C 585 17.16 31.93 -8.29
CA PRO C 585 18.43 32.02 -7.55
C PRO C 585 18.45 33.22 -6.61
N GLN C 586 17.38 33.35 -5.82
CA GLN C 586 17.21 34.47 -4.91
C GLN C 586 18.35 34.87 -3.98
N THR C 587 18.84 33.94 -3.17
CA THR C 587 19.89 34.26 -2.24
C THR C 587 21.25 34.55 -2.88
N GLY C 588 21.38 34.26 -4.17
CA GLY C 588 22.62 34.57 -4.84
C GLY C 588 22.52 35.98 -5.39
N TRP C 589 21.30 36.35 -5.77
CA TRP C 589 21.01 37.65 -6.33
C TRP C 589 20.87 38.80 -5.31
N GLN C 590 20.21 38.53 -4.18
CA GLN C 590 20.01 39.55 -3.16
C GLN C 590 21.26 40.28 -2.69
N PRO C 591 22.33 39.54 -2.36
CA PRO C 591 23.54 40.25 -1.92
C PRO C 591 24.14 41.14 -2.99
N LEU C 592 23.96 40.78 -4.25
CA LEU C 592 24.50 41.61 -5.34
C LEU C 592 23.65 42.87 -5.49
N ALA C 593 22.34 42.70 -5.58
CA ALA C 593 21.40 43.80 -5.77
C ALA C 593 21.36 44.84 -4.67
N PHE C 594 21.45 44.39 -3.41
CA PHE C 594 21.36 45.33 -2.33
C PHE C 594 22.67 45.55 -1.58
N ALA C 595 23.76 45.17 -2.23
CA ALA C 595 25.09 45.34 -1.65
C ALA C 595 25.25 44.76 -0.25
N LEU C 596 24.58 43.63 0.00
CA LEU C 596 24.66 42.97 1.30
C LEU C 596 26.03 42.36 1.52
N ASP C 597 26.87 42.38 0.50
CA ASP C 597 28.22 41.85 0.62
C ASP C 597 29.10 42.93 1.25
N TRP C 598 28.59 44.15 1.30
CA TRP C 598 29.35 45.26 1.87
C TRP C 598 28.70 45.90 3.10
N GLN C 599 27.39 46.09 3.04
CA GLN C 599 26.68 46.74 4.13
C GLN C 599 25.33 46.10 4.38
N ARG C 600 24.93 46.05 5.64
CA ARG C 600 23.64 45.50 6.02
C ARG C 600 23.08 46.36 7.15
N PRO C 601 21.80 46.73 7.08
CA PRO C 601 20.81 46.41 6.03
C PRO C 601 20.74 47.49 4.94
N ALA C 602 19.88 47.26 3.95
CA ALA C 602 19.66 48.22 2.88
C ALA C 602 18.38 48.97 3.25
N ARG C 603 17.93 49.88 2.40
CA ARG C 603 16.70 50.62 2.68
C ARG C 603 15.56 50.22 1.74
N HIS C 604 14.81 49.19 2.13
CA HIS C 604 13.70 48.72 1.31
C HIS C 604 12.45 49.48 1.74
N MET C 605 11.52 49.69 0.80
CA MET C 605 10.29 50.42 1.09
C MET C 605 9.13 49.83 0.30
N ASN C 606 7.95 49.78 0.90
CA ASN C 606 6.78 49.26 0.20
C ASN C 606 6.15 50.42 -0.56
N SER C 607 6.22 50.33 -1.89
CA SER C 607 5.77 51.37 -2.80
C SER C 607 4.34 51.92 -2.75
N THR C 608 3.34 51.09 -2.45
CA THR C 608 1.97 51.58 -2.42
C THR C 608 1.81 52.66 -1.35
N SER C 609 2.42 52.46 -0.20
CA SER C 609 2.35 53.44 0.88
C SER C 609 3.19 54.65 0.51
N TYR C 610 4.33 54.39 -0.11
CA TYR C 610 5.25 55.44 -0.53
C TYR C 610 4.57 56.43 -1.48
N PHE C 611 3.88 55.92 -2.50
CA PHE C 611 3.22 56.80 -3.46
C PHE C 611 1.93 57.40 -2.94
N TYR C 612 1.21 56.65 -2.11
CA TYR C 612 -0.05 57.14 -1.55
C TYR C 612 0.28 58.42 -0.81
N ASN C 613 1.41 58.38 -0.12
CA ASN C 613 1.90 59.50 0.67
C ASN C 613 2.49 60.62 -0.17
N HIS C 614 3.60 60.35 -0.84
CA HIS C 614 4.27 61.36 -1.63
C HIS C 614 3.57 61.92 -2.87
N SER C 615 2.71 61.14 -3.51
CA SER C 615 2.00 61.67 -4.66
C SER C 615 0.73 62.31 -4.12
N SER C 616 0.66 62.38 -2.80
CA SER C 616 -0.44 62.98 -2.05
C SER C 616 -1.84 62.50 -2.41
N GLN C 617 -1.95 61.25 -2.82
CA GLN C 617 -3.26 60.73 -3.17
C GLN C 617 -4.14 60.57 -1.93
N TRP C 618 -3.53 60.65 -0.75
CA TRP C 618 -4.29 60.52 0.48
C TRP C 618 -5.14 61.77 0.73
N ARG C 619 -4.70 62.91 0.18
CA ARG C 619 -5.43 64.17 0.33
C ARG C 619 -6.79 64.11 -0.34
N TYR C 620 -7.03 63.09 -1.16
CA TYR C 620 -8.30 62.96 -1.86
C TYR C 620 -9.07 61.71 -1.48
N GLU C 621 -8.69 61.07 -0.39
CA GLU C 621 -9.33 59.83 0.05
C GLU C 621 -10.82 59.94 0.35
N THR C 622 -11.59 59.00 -0.20
CA THR C 622 -13.04 58.98 0.00
C THR C 622 -13.48 57.78 0.85
N VAL C 623 -12.58 56.84 1.09
CA VAL C 623 -12.90 55.65 1.87
C VAL C 623 -12.44 55.78 3.32
N THR C 624 -13.29 55.36 4.26
CA THR C 624 -12.94 55.43 5.68
C THR C 624 -12.70 54.04 6.24
N ALA C 625 -11.86 53.97 7.27
CA ALA C 625 -11.58 52.71 7.92
C ALA C 625 -12.85 52.25 8.63
N GLU C 626 -13.60 53.22 9.15
CA GLU C 626 -14.84 52.92 9.86
C GLU C 626 -15.82 52.09 9.04
N GLU C 627 -15.98 52.43 7.76
CA GLU C 627 -16.91 51.70 6.90
C GLU C 627 -16.42 50.31 6.55
N LEU C 628 -15.18 50.00 6.93
CA LEU C 628 -14.59 48.69 6.65
C LEU C 628 -14.56 47.81 7.89
N LEU C 629 -14.74 48.44 9.06
CA LEU C 629 -14.74 47.73 10.32
C LEU C 629 -15.80 46.65 10.42
N SER C 630 -15.57 45.71 11.33
CA SER C 630 -16.54 44.64 11.57
C SER C 630 -17.59 45.21 12.50
N PRO C 631 -18.86 44.83 12.31
CA PRO C 631 -19.94 45.34 13.17
C PRO C 631 -19.62 45.16 14.65
N MET C 632 -18.81 44.14 14.96
CA MET C 632 -18.45 43.85 16.33
C MET C 632 -17.15 44.47 16.84
N ALA C 633 -16.57 45.36 16.04
CA ALA C 633 -15.34 46.02 16.45
C ALA C 633 -15.68 47.23 17.31
N ASP C 634 -14.67 47.79 17.98
CA ASP C 634 -14.88 48.96 18.81
C ASP C 634 -14.43 50.20 18.05
N LYS C 635 -15.37 50.80 17.31
CA LYS C 635 -15.09 51.97 16.49
C LYS C 635 -14.15 53.01 17.11
N SER C 636 -14.17 53.15 18.43
CA SER C 636 -13.32 54.14 19.09
C SER C 636 -11.84 53.81 19.03
N ARG C 637 -11.51 52.54 18.82
CA ARG C 637 -10.11 52.11 18.74
C ARG C 637 -9.54 52.23 17.33
N TYR C 638 -10.38 52.62 16.38
CA TYR C 638 -9.95 52.75 14.99
C TYR C 638 -10.37 54.06 14.34
N THR C 639 -10.00 55.17 14.96
CA THR C 639 -10.34 56.48 14.41
C THR C 639 -9.18 56.96 13.55
N GLY C 640 -9.46 57.89 12.64
CA GLY C 640 -8.40 58.42 11.81
C GLY C 640 -8.51 58.10 10.34
N HIS C 641 -7.73 58.82 9.55
CA HIS C 641 -7.66 58.67 8.10
C HIS C 641 -6.90 57.37 7.80
N LEU C 642 -7.16 56.77 6.65
CA LEU C 642 -6.47 55.54 6.28
C LEU C 642 -4.96 55.73 6.41
N ILE C 643 -4.47 56.93 6.11
CA ILE C 643 -3.04 57.17 6.21
C ILE C 643 -2.54 57.11 7.66
N ASP C 644 -3.43 57.37 8.63
CA ASP C 644 -3.04 57.31 10.04
C ASP C 644 -2.63 55.89 10.42
N PHE C 645 -3.37 54.91 9.90
CA PHE C 645 -3.08 53.50 10.17
C PHE C 645 -1.70 53.12 9.66
N ASN C 646 -1.30 53.73 8.55
CA ASN C 646 0.00 53.44 7.96
C ASN C 646 1.09 54.07 8.82
N VAL C 647 0.85 55.29 9.28
CA VAL C 647 1.81 55.98 10.13
C VAL C 647 1.96 55.25 11.45
N ARG C 648 0.87 54.65 11.93
CA ARG C 648 0.90 53.91 13.19
C ARG C 648 1.70 52.63 13.00
N ALA C 649 1.47 51.96 11.86
CA ALA C 649 2.17 50.72 11.55
C ALA C 649 3.68 50.96 11.41
N GLU C 650 4.07 52.08 10.84
CA GLU C 650 5.47 52.41 10.69
C GLU C 650 6.14 52.61 12.04
N ARG C 651 5.47 53.38 12.91
CA ARG C 651 6.01 53.65 14.25
C ARG C 651 6.16 52.36 15.04
N MET C 652 5.26 51.40 14.81
CA MET C 652 5.31 50.13 15.52
C MET C 652 6.24 49.08 14.89
N GLY C 653 6.90 49.44 13.79
CA GLY C 653 7.80 48.52 13.13
C GLY C 653 7.15 47.50 12.22
N TRP C 654 5.88 47.73 11.87
CA TRP C 654 5.16 46.81 11.01
C TRP C 654 5.53 46.97 9.54
N LEU C 655 5.69 48.22 9.09
CA LEU C 655 6.04 48.51 7.71
C LEU C 655 7.26 49.42 7.67
N PRO C 656 7.95 49.49 6.53
CA PRO C 656 9.13 50.35 6.40
C PRO C 656 8.73 51.80 6.15
N SER C 657 9.70 52.71 6.20
CA SER C 657 9.45 54.13 5.98
C SER C 657 10.47 54.71 5.01
N ALA C 658 10.08 55.76 4.29
CA ALA C 658 10.96 56.42 3.33
C ALA C 658 10.35 57.72 2.81
N PRO C 659 10.96 58.88 3.13
CA PRO C 659 12.16 58.98 3.97
C PRO C 659 11.81 58.42 5.35
N GLN C 660 12.81 58.04 6.11
CA GLN C 660 12.56 57.45 7.42
C GLN C 660 12.30 58.45 8.55
N LEU C 661 13.31 59.24 8.89
CA LEU C 661 13.18 60.23 9.95
C LEU C 661 13.14 61.68 9.44
N GLY C 662 12.59 62.57 10.25
CA GLY C 662 12.48 63.97 9.85
C GLY C 662 13.79 64.74 9.93
N THR C 663 14.89 64.02 10.12
CA THR C 663 16.20 64.63 10.21
C THR C 663 17.18 63.81 9.36
N ASN C 664 18.22 64.45 8.85
CA ASN C 664 19.22 63.77 8.04
C ASN C 664 19.88 62.68 8.88
N PRO C 665 19.65 61.41 8.53
CA PRO C 665 20.19 60.23 9.22
C PRO C 665 21.70 60.23 9.42
N LEU C 666 22.41 60.94 8.56
CA LEU C 666 23.88 61.00 8.64
C LEU C 666 24.40 61.96 9.72
N THR C 667 23.51 62.76 10.30
CA THR C 667 23.92 63.74 11.31
C THR C 667 23.65 63.28 12.74
N ILE C 668 22.79 62.29 12.89
CA ILE C 668 22.42 61.77 14.21
C ILE C 668 23.59 61.29 15.07
N ALA C 669 24.47 60.47 14.50
CA ALA C 669 25.61 59.96 15.25
C ALA C 669 26.42 61.08 15.90
N GLY C 670 26.64 62.17 15.14
CA GLY C 670 27.38 63.30 15.66
C GLY C 670 26.72 63.94 16.86
N GLU C 671 25.39 64.04 16.81
CA GLU C 671 24.62 64.62 17.89
C GLU C 671 24.64 63.68 19.09
N ALA C 672 24.54 62.38 18.83
CA ALA C 672 24.55 61.39 19.91
C ALA C 672 25.87 61.49 20.66
N GLU C 673 26.97 61.57 19.90
CA GLU C 673 28.28 61.69 20.50
C GLU C 673 28.34 62.96 21.34
N LYS C 674 27.74 64.03 20.83
CA LYS C 674 27.72 65.30 21.51
C LYS C 674 26.94 65.22 22.81
N ALA C 675 25.88 64.42 22.82
CA ALA C 675 25.07 64.24 24.01
C ALA C 675 25.65 63.13 24.88
N GLY C 676 26.81 62.62 24.48
CA GLY C 676 27.46 61.57 25.24
C GLY C 676 26.67 60.27 25.31
N MET C 677 26.17 59.81 24.17
CA MET C 677 25.39 58.57 24.11
C MET C 677 25.74 57.83 22.82
N ASN C 678 25.34 56.57 22.74
CA ASN C 678 25.58 55.82 21.52
C ASN C 678 24.37 56.14 20.65
N PRO C 679 24.54 56.10 19.31
CA PRO C 679 23.51 56.39 18.31
C PRO C 679 22.11 55.81 18.53
N VAL C 680 22.03 54.50 18.75
CA VAL C 680 20.74 53.86 18.95
C VAL C 680 20.00 54.45 20.14
N ASP C 681 20.68 54.51 21.29
CA ASP C 681 20.06 55.06 22.50
C ASP C 681 19.62 56.51 22.29
N TYR C 682 20.51 57.31 21.72
CA TYR C 682 20.21 58.70 21.46
C TYR C 682 18.94 58.82 20.61
N THR C 683 18.83 57.97 19.59
CA THR C 683 17.67 58.00 18.69
C THR C 683 16.38 57.60 19.40
N VAL C 684 16.45 56.56 20.21
CA VAL C 684 15.28 56.07 20.94
C VAL C 684 14.80 57.15 21.90
N LYS C 685 15.75 57.83 22.53
CA LYS C 685 15.43 58.89 23.48
C LYS C 685 14.78 60.03 22.71
N SER C 686 15.42 60.44 21.62
CA SER C 686 14.92 61.54 20.79
C SER C 686 13.53 61.28 20.23
N LEU C 687 13.21 60.02 19.94
CA LEU C 687 11.90 59.67 19.40
C LEU C 687 10.82 59.75 20.47
N LYS C 688 11.13 59.26 21.67
CA LYS C 688 10.17 59.28 22.77
C LYS C 688 9.81 60.70 23.19
N GLU C 689 10.77 61.61 23.11
CA GLU C 689 10.53 63.00 23.49
C GLU C 689 10.00 63.86 22.34
N GLY C 690 10.17 63.40 21.11
CA GLY C 690 9.69 64.16 19.98
C GLY C 690 10.73 65.05 19.34
N SER C 691 11.97 65.00 19.83
CA SER C 691 13.03 65.82 19.24
C SER C 691 13.35 65.27 17.85
N ILE C 692 13.03 64.00 17.64
CA ILE C 692 13.22 63.36 16.34
C ILE C 692 11.89 62.70 16.02
N ARG C 693 11.38 62.93 14.82
CA ARG C 693 10.10 62.37 14.41
C ARG C 693 10.19 61.58 13.11
N PHE C 694 9.25 60.67 12.91
CA PHE C 694 9.21 59.90 11.68
C PHE C 694 8.78 60.88 10.59
N ALA C 695 9.51 60.87 9.47
CA ALA C 695 9.20 61.77 8.37
C ALA C 695 7.75 61.66 7.91
N ALA C 696 7.17 60.48 8.06
CA ALA C 696 5.79 60.24 7.63
C ALA C 696 4.77 61.14 8.32
N GLU C 697 5.14 61.70 9.46
CA GLU C 697 4.23 62.58 10.20
C GLU C 697 4.07 63.94 9.52
N GLN C 698 5.16 64.44 8.96
CA GLN C 698 5.15 65.75 8.28
C GLN C 698 5.75 65.61 6.88
N PRO C 699 4.99 65.00 5.94
CA PRO C 699 5.43 64.80 4.57
C PRO C 699 5.61 66.03 3.67
N GLU C 700 5.03 67.15 4.05
CA GLU C 700 5.12 68.36 3.23
C GLU C 700 5.87 69.53 3.86
N ASN C 701 6.72 69.25 4.84
CA ASN C 701 7.46 70.33 5.49
C ASN C 701 8.68 70.79 4.68
N GLY C 702 8.86 70.21 3.50
CA GLY C 702 9.97 70.58 2.65
C GLY C 702 11.24 69.77 2.84
N LYS C 703 11.28 68.90 3.85
CA LYS C 703 12.46 68.08 4.11
C LYS C 703 12.16 66.58 4.06
N ASN C 704 10.89 66.23 4.12
CA ASN C 704 10.53 64.81 4.15
C ASN C 704 9.96 64.15 2.90
N HIS C 705 10.39 64.59 1.72
CA HIS C 705 9.91 63.98 0.50
C HIS C 705 11.09 63.58 -0.39
N PRO C 706 10.88 62.61 -1.29
CA PRO C 706 11.98 62.21 -2.17
C PRO C 706 12.34 63.34 -3.14
N ARG C 707 13.62 63.54 -3.40
CA ARG C 707 14.04 64.61 -4.31
C ARG C 707 14.67 64.11 -5.61
N ASN C 708 15.28 62.93 -5.59
CA ASN C 708 15.90 62.34 -6.77
C ASN C 708 15.31 60.96 -7.01
N LEU C 709 14.85 60.70 -8.23
CA LEU C 709 14.26 59.41 -8.56
C LEU C 709 14.81 58.79 -9.84
N PHE C 710 15.37 57.59 -9.72
CA PHE C 710 15.88 56.84 -10.84
C PHE C 710 14.80 55.86 -11.27
N ILE C 711 14.55 55.78 -12.57
CA ILE C 711 13.55 54.86 -13.10
C ILE C 711 14.12 54.06 -14.26
N TRP C 712 14.08 52.73 -14.15
CA TRP C 712 14.59 51.89 -15.23
C TRP C 712 13.89 50.53 -15.23
N ARG C 713 13.63 50.02 -16.43
CA ARG C 713 12.93 48.74 -16.62
C ARG C 713 11.50 48.96 -16.14
N SER C 714 11.04 50.20 -16.26
CA SER C 714 9.72 50.60 -15.79
C SER C 714 9.13 51.80 -16.53
N ASN C 715 7.80 51.78 -16.71
CA ASN C 715 7.10 52.89 -17.36
C ASN C 715 6.12 53.41 -16.29
N LEU C 716 6.65 53.62 -15.10
CA LEU C 716 5.90 54.09 -13.94
C LEU C 716 5.00 55.30 -14.13
N LEU C 717 5.63 56.45 -14.36
CA LEU C 717 4.91 57.71 -14.50
C LEU C 717 3.96 57.81 -15.68
N GLY C 718 4.11 56.95 -16.66
CA GLY C 718 3.23 57.03 -17.82
C GLY C 718 2.40 55.81 -18.12
N SER C 719 2.16 54.95 -17.14
CA SER C 719 1.35 53.76 -17.41
C SER C 719 1.07 52.82 -16.25
N SER C 720 2.12 52.46 -15.50
CA SER C 720 1.97 51.56 -14.36
C SER C 720 1.44 52.19 -13.08
N GLY C 721 1.77 53.47 -12.86
CA GLY C 721 1.34 54.13 -11.65
C GLY C 721 -0.13 54.50 -11.55
N LYS C 722 -0.78 54.03 -10.48
CA LYS C 722 -2.19 54.35 -10.25
C LYS C 722 -2.25 55.80 -9.83
N GLY C 723 -3.31 56.49 -10.24
CA GLY C 723 -3.44 57.90 -9.89
C GLY C 723 -2.42 58.72 -10.66
N HIS C 724 -2.37 58.48 -11.96
CA HIS C 724 -1.46 59.17 -12.88
C HIS C 724 -1.43 60.70 -12.72
N GLU C 725 -2.61 61.32 -12.72
CA GLU C 725 -2.69 62.77 -12.59
C GLU C 725 -2.11 63.32 -11.28
N PHE C 726 -2.24 62.55 -10.20
CA PHE C 726 -1.70 62.99 -8.92
C PHE C 726 -0.17 62.98 -8.90
N MET C 727 0.41 62.02 -9.60
CA MET C 727 1.87 61.93 -9.66
C MET C 727 2.40 63.08 -10.51
N LEU C 728 1.64 63.47 -11.52
CA LEU C 728 2.05 64.58 -12.37
C LEU C 728 2.02 65.85 -11.53
N LYS C 729 0.93 66.02 -10.79
CA LYS C 729 0.76 67.21 -9.97
C LYS C 729 1.73 67.31 -8.80
N TYR C 730 1.72 66.31 -7.94
CA TYR C 730 2.56 66.36 -6.76
C TYR C 730 4.01 65.94 -6.87
N LEU C 731 4.31 64.97 -7.73
CA LEU C 731 5.70 64.54 -7.86
C LEU C 731 6.44 65.36 -8.91
N LEU C 732 5.79 65.61 -10.04
CA LEU C 732 6.44 66.33 -11.12
C LEU C 732 6.22 67.84 -11.09
N GLY C 733 5.06 68.27 -10.61
CA GLY C 733 4.76 69.69 -10.57
C GLY C 733 4.47 70.22 -11.95
N THR C 734 3.74 69.44 -12.74
CA THR C 734 3.39 69.83 -14.09
C THR C 734 1.86 69.90 -14.16
N GLU C 735 1.31 70.29 -15.31
CA GLU C 735 -0.14 70.37 -15.45
C GLU C 735 -0.77 68.99 -15.27
N HIS C 736 -1.94 68.95 -14.63
CA HIS C 736 -2.62 67.68 -14.38
C HIS C 736 -4.09 67.73 -14.76
N GLY C 737 -4.75 66.58 -14.68
CA GLY C 737 -6.16 66.48 -15.03
C GLY C 737 -7.10 66.03 -13.92
N ILE C 738 -6.70 66.24 -12.67
CA ILE C 738 -7.55 65.85 -11.54
C ILE C 738 -8.84 66.67 -11.64
N GLN C 739 -9.99 66.00 -11.46
CA GLN C 739 -11.28 66.69 -11.55
C GLN C 739 -11.94 66.98 -10.19
N GLY C 740 -11.71 66.11 -9.21
CA GLY C 740 -12.33 66.31 -7.90
C GLY C 740 -11.62 67.27 -6.95
N LYS C 741 -12.30 67.54 -5.83
CA LYS C 741 -11.77 68.43 -4.81
C LYS C 741 -11.10 67.58 -3.73
N ASP C 742 -10.06 68.10 -3.10
CA ASP C 742 -9.36 67.33 -2.07
C ASP C 742 -10.19 67.08 -0.81
N LEU C 743 -9.52 67.13 0.33
CA LEU C 743 -10.17 66.88 1.62
C LEU C 743 -10.59 68.17 2.32
N GLY C 744 -9.69 69.14 2.33
CA GLY C 744 -9.99 70.41 2.97
C GLY C 744 -11.02 71.21 2.20
N GLN C 745 -11.66 70.56 1.23
CA GLN C 745 -12.67 71.21 0.41
C GLN C 745 -13.99 70.46 0.57
N GLN C 746 -13.95 69.14 0.57
CA GLN C 746 -15.16 68.33 0.73
C GLN C 746 -15.50 68.20 2.20
N GLY C 747 -15.10 69.19 3.00
CA GLY C 747 -15.38 69.15 4.42
C GLY C 747 -14.41 68.16 5.04
N GLY C 748 -14.49 66.92 4.56
CA GLY C 748 -13.65 65.81 5.00
C GLY C 748 -12.90 65.87 6.33
N VAL C 749 -12.83 64.72 6.99
CA VAL C 749 -12.14 64.64 8.27
C VAL C 749 -10.65 64.36 8.04
N LYS C 750 -9.82 65.32 8.45
CA LYS C 750 -8.39 65.23 8.29
C LYS C 750 -7.72 64.22 9.22
N PRO C 751 -6.52 63.74 8.84
CA PRO C 751 -5.73 62.77 9.60
C PRO C 751 -5.46 63.20 11.04
N GLU C 752 -5.21 62.21 11.91
CA GLU C 752 -4.92 62.49 13.31
C GLU C 752 -3.41 62.40 13.54
N GLU C 753 -2.70 61.79 12.59
CA GLU C 753 -1.25 61.60 12.70
C GLU C 753 -0.40 62.44 11.74
N VAL C 754 -1.01 62.91 10.67
CA VAL C 754 -0.27 63.67 9.66
C VAL C 754 -0.72 65.13 9.56
N ASP C 755 0.25 66.03 9.47
CA ASP C 755 -0.06 67.46 9.35
C ASP C 755 -0.93 67.71 8.14
N TRP C 756 -1.69 68.80 8.18
CA TRP C 756 -2.55 69.13 7.05
C TRP C 756 -2.28 70.54 6.51
N GLN C 757 -2.32 70.66 5.19
CA GLN C 757 -2.10 71.94 4.51
C GLN C 757 -3.21 72.06 3.48
N ASP C 758 -3.82 73.24 3.38
CA ASP C 758 -4.88 73.42 2.41
C ASP C 758 -4.30 73.41 0.99
N ASN C 759 -3.03 73.76 0.89
CA ASN C 759 -2.33 73.77 -0.39
C ASN C 759 -1.12 72.83 -0.30
N GLY C 760 -1.25 71.66 -0.91
CA GLY C 760 -0.18 70.68 -0.88
C GLY C 760 1.06 71.07 -1.66
N LEU C 761 2.21 70.62 -1.16
CA LEU C 761 3.49 70.87 -1.81
C LEU C 761 3.48 70.16 -3.17
N GLU C 762 3.89 70.88 -4.22
CA GLU C 762 3.93 70.33 -5.58
C GLU C 762 5.34 70.27 -6.12
N GLY C 763 5.54 69.49 -7.18
CA GLY C 763 6.85 69.36 -7.78
C GLY C 763 7.92 68.88 -6.81
N LYS C 764 7.60 67.85 -6.04
CA LYS C 764 8.53 67.32 -5.06
C LYS C 764 9.85 66.78 -5.60
N LEU C 765 9.82 66.21 -6.79
CA LEU C 765 11.04 65.64 -7.36
C LEU C 765 11.94 66.68 -8.03
N ASP C 766 13.15 66.81 -7.51
CA ASP C 766 14.12 67.75 -8.07
C ASP C 766 14.70 67.22 -9.37
N LEU C 767 14.87 65.91 -9.48
CA LEU C 767 15.44 65.30 -10.67
C LEU C 767 14.86 63.92 -10.96
N VAL C 768 14.44 63.72 -12.20
CA VAL C 768 13.88 62.46 -12.65
C VAL C 768 14.73 61.93 -13.78
N VAL C 769 15.35 60.77 -13.55
CA VAL C 769 16.21 60.13 -14.54
C VAL C 769 15.63 58.79 -14.97
N THR C 770 15.46 58.62 -16.28
CA THR C 770 14.92 57.39 -16.82
C THR C 770 15.84 56.74 -17.85
N LEU C 771 16.02 55.43 -17.69
CA LEU C 771 16.84 54.63 -18.59
C LEU C 771 15.90 53.77 -19.42
N ASP C 772 16.00 53.86 -20.74
CA ASP C 772 15.15 53.07 -21.62
C ASP C 772 15.79 52.97 -23.02
N PHE C 773 15.23 52.13 -23.89
CA PHE C 773 15.73 52.00 -25.25
C PHE C 773 14.70 52.57 -26.24
N ARG C 774 13.54 52.93 -25.73
CA ARG C 774 12.48 53.53 -26.55
C ARG C 774 11.97 54.75 -25.77
N LEU C 775 11.49 55.78 -26.46
CA LEU C 775 11.00 56.96 -25.75
C LEU C 775 9.59 56.70 -25.27
N SER C 776 9.47 56.28 -24.02
CA SER C 776 8.18 55.97 -23.41
C SER C 776 7.52 57.19 -22.78
N SER C 777 6.31 57.01 -22.29
CA SER C 777 5.57 58.09 -21.63
C SER C 777 6.33 58.60 -20.42
N THR C 778 7.04 57.70 -19.74
CA THR C 778 7.81 58.10 -18.56
C THR C 778 9.02 58.94 -18.97
N CYS C 779 9.62 58.59 -20.11
CA CYS C 779 10.77 59.34 -20.60
C CYS C 779 10.32 60.75 -20.96
N LEU C 780 9.17 60.83 -21.62
CA LEU C 780 8.60 62.08 -22.07
C LEU C 780 8.42 63.10 -20.93
N TYR C 781 8.33 62.62 -19.69
CA TYR C 781 8.13 63.50 -18.55
C TYR C 781 9.36 63.60 -17.64
N SER C 782 10.47 62.99 -18.06
CA SER C 782 11.68 63.02 -17.25
C SER C 782 12.51 64.25 -17.55
N ASP C 783 13.54 64.46 -16.73
CA ASP C 783 14.44 65.58 -16.91
C ASP C 783 15.63 65.12 -17.74
N ILE C 784 16.03 63.87 -17.53
CA ILE C 784 17.16 63.26 -18.24
C ILE C 784 16.77 61.85 -18.71
N ILE C 785 17.11 61.54 -19.96
CA ILE C 785 16.83 60.21 -20.54
C ILE C 785 18.16 59.58 -20.95
N LEU C 786 18.41 58.36 -20.48
CA LEU C 786 19.63 57.64 -20.80
C LEU C 786 19.31 56.45 -21.70
N PRO C 787 19.97 56.36 -22.87
CA PRO C 787 19.76 55.28 -23.84
C PRO C 787 20.37 53.97 -23.35
N THR C 788 19.51 52.98 -23.13
CA THR C 788 20.00 51.71 -22.64
C THR C 788 20.06 50.65 -23.74
N ALA C 789 20.91 49.64 -23.56
CA ALA C 789 21.04 48.57 -24.56
C ALA C 789 19.78 47.70 -24.57
N THR C 790 19.37 47.27 -25.76
CA THR C 790 18.20 46.37 -25.88
C THR C 790 18.58 44.99 -25.36
N TRP C 791 17.60 44.09 -25.29
CA TRP C 791 17.84 42.74 -24.80
C TRP C 791 18.74 41.93 -25.73
N TYR C 792 18.89 42.39 -26.96
CA TYR C 792 19.74 41.68 -27.92
C TYR C 792 21.11 42.34 -27.97
N GLU C 793 21.40 43.22 -27.02
CA GLU C 793 22.68 43.93 -27.02
C GLU C 793 23.41 43.86 -25.69
N LYS C 794 22.99 42.97 -24.80
CA LYS C 794 23.64 42.85 -23.50
C LYS C 794 23.53 41.47 -22.86
N ASP C 795 24.44 41.19 -21.92
CA ASP C 795 24.44 39.90 -21.22
C ASP C 795 23.69 40.01 -19.89
N ASP C 796 22.82 39.05 -19.62
CA ASP C 796 22.05 39.00 -18.38
C ASP C 796 21.41 37.63 -18.24
N MET C 797 20.66 37.41 -17.16
CA MET C 797 20.00 36.12 -16.92
C MET C 797 18.52 36.32 -16.59
N ASN C 798 17.74 35.28 -16.85
CA ASN C 798 16.28 35.33 -16.69
C ASN C 798 15.70 33.99 -16.20
N THR C 799 14.75 34.04 -15.24
CA THR C 799 14.06 32.83 -14.74
C THR C 799 12.58 33.20 -14.58
N SER C 800 11.72 32.19 -14.44
CA SER C 800 10.29 32.43 -14.29
C SER C 800 9.57 31.39 -13.42
N ASP C 801 8.34 31.74 -13.02
CA ASP C 801 7.50 30.85 -12.21
C ASP C 801 7.03 29.69 -13.08
N MET C 802 6.88 29.95 -14.37
CA MET C 802 6.36 28.97 -15.32
C MET C 802 7.21 27.72 -15.60
N HIS C 803 8.52 27.85 -15.58
CA HIS C 803 9.37 26.69 -15.84
C HIS C 803 10.63 26.73 -14.98
N PRO C 804 11.40 25.62 -14.96
CA PRO C 804 12.62 25.54 -14.16
C PRO C 804 13.94 25.90 -14.81
N PHE C 805 13.90 26.49 -16.00
CA PHE C 805 15.13 26.84 -16.68
C PHE C 805 15.68 28.23 -16.38
N ILE C 806 16.99 28.34 -16.40
CA ILE C 806 17.63 29.63 -16.22
C ILE C 806 18.44 29.74 -17.51
N HIS C 807 18.26 30.84 -18.24
CA HIS C 807 18.95 31.06 -19.51
C HIS C 807 19.34 32.54 -19.64
N PRO C 808 20.14 32.88 -20.65
CA PRO C 808 20.55 34.28 -20.75
C PRO C 808 20.10 35.21 -21.87
N LEU C 809 20.37 36.49 -21.63
CA LEU C 809 20.18 37.53 -22.62
C LEU C 809 21.63 37.63 -23.08
N SER C 810 21.85 37.82 -24.38
CA SER C 810 23.19 37.95 -24.92
C SER C 810 23.25 39.05 -25.95
N ALA C 811 24.45 39.56 -26.20
CA ALA C 811 24.66 40.62 -27.17
C ALA C 811 24.91 40.04 -28.56
N ALA C 812 23.91 40.13 -29.43
CA ALA C 812 24.05 39.63 -30.80
C ALA C 812 24.95 40.61 -31.53
N VAL C 813 24.86 41.88 -31.12
CA VAL C 813 25.65 42.98 -31.67
C VAL C 813 25.92 43.95 -30.52
N ASP C 814 26.93 44.80 -30.63
CA ASP C 814 27.22 45.76 -29.56
C ASP C 814 26.09 46.79 -29.50
N PRO C 815 25.89 47.43 -28.33
CA PRO C 815 24.82 48.44 -28.21
C PRO C 815 24.91 49.46 -29.33
N ALA C 816 23.77 49.76 -29.95
CA ALA C 816 23.73 50.71 -31.06
C ALA C 816 23.88 52.16 -30.61
N TRP C 817 24.37 52.99 -31.52
CA TRP C 817 24.59 54.42 -31.25
C TRP C 817 25.35 54.63 -29.96
N GLU C 818 24.81 55.43 -29.03
CA GLU C 818 25.51 55.66 -27.77
C GLU C 818 24.91 54.92 -26.58
N ALA C 819 24.05 53.95 -26.85
CA ALA C 819 23.44 53.18 -25.77
C ALA C 819 24.44 52.35 -24.97
N LYS C 820 24.14 52.15 -23.69
CA LYS C 820 24.96 51.34 -22.80
C LYS C 820 24.03 50.44 -22.00
N SER C 821 24.56 49.33 -21.49
CA SER C 821 23.75 48.42 -20.69
C SER C 821 23.48 49.07 -19.33
N ASP C 822 22.39 48.65 -18.67
CA ASP C 822 22.06 49.22 -17.36
C ASP C 822 23.22 49.08 -16.39
N TRP C 823 23.91 47.94 -16.45
CA TRP C 823 25.05 47.68 -15.57
C TRP C 823 26.15 48.70 -15.79
N GLU C 824 26.49 48.95 -17.05
CA GLU C 824 27.54 49.90 -17.39
C GLU C 824 27.15 51.34 -17.04
N ILE C 825 25.86 51.67 -17.20
CA ILE C 825 25.36 53.00 -16.89
C ILE C 825 25.51 53.35 -15.42
N TYR C 826 25.03 52.48 -14.54
CA TYR C 826 25.14 52.74 -13.10
C TYR C 826 26.58 52.63 -12.61
N LYS C 827 27.37 51.82 -13.30
CA LYS C 827 28.78 51.67 -12.92
C LYS C 827 29.51 53.00 -13.18
N ALA C 828 29.14 53.67 -14.26
CA ALA C 828 29.74 54.95 -14.64
C ALA C 828 29.26 56.06 -13.71
N ILE C 829 28.02 55.96 -13.26
CA ILE C 829 27.46 56.94 -12.35
C ILE C 829 28.18 56.76 -11.01
N ALA C 830 28.32 55.51 -10.57
CA ALA C 830 29.00 55.22 -9.32
C ALA C 830 30.42 55.79 -9.34
N LYS C 831 31.10 55.61 -10.46
CA LYS C 831 32.45 56.11 -10.63
C LYS C 831 32.50 57.62 -10.50
N LYS C 832 31.61 58.31 -11.21
CA LYS C 832 31.57 59.76 -11.16
C LYS C 832 31.18 60.25 -9.76
N PHE C 833 30.21 59.57 -9.16
CA PHE C 833 29.77 59.92 -7.81
C PHE C 833 30.96 59.89 -6.86
N SER C 834 31.79 58.87 -6.98
CA SER C 834 32.95 58.70 -6.12
C SER C 834 33.99 59.81 -6.20
N GLU C 835 34.01 60.52 -7.32
CA GLU C 835 34.94 61.62 -7.49
C GLU C 835 34.31 62.91 -6.97
N VAL C 836 33.06 63.13 -7.38
CA VAL C 836 32.31 64.33 -7.02
C VAL C 836 32.00 64.47 -5.52
N CYS C 837 31.83 63.35 -4.82
CA CYS C 837 31.51 63.41 -3.40
C CYS C 837 32.69 63.83 -2.52
N VAL C 838 33.92 63.70 -3.03
CA VAL C 838 35.08 64.07 -2.24
C VAL C 838 34.98 65.51 -1.74
N GLY C 839 35.10 65.67 -0.42
CA GLY C 839 35.02 67.00 0.17
C GLY C 839 33.61 67.33 0.64
N HIS C 840 32.65 66.47 0.29
CA HIS C 840 31.26 66.68 0.68
C HIS C 840 30.80 65.52 1.57
N LEU C 841 31.24 64.32 1.20
CA LEU C 841 30.91 63.10 1.92
C LEU C 841 32.15 62.23 2.02
N GLY C 842 32.41 61.71 3.21
CA GLY C 842 33.56 60.84 3.41
C GLY C 842 33.11 59.57 4.07
N LYS C 843 33.77 59.19 5.15
CA LYS C 843 33.40 58.00 5.90
C LYS C 843 32.29 58.41 6.85
N GLU C 844 31.05 58.20 6.45
CA GLU C 844 29.90 58.59 7.25
C GLU C 844 29.28 57.46 8.06
N THR C 845 28.46 57.85 9.04
CA THR C 845 27.74 56.92 9.89
C THR C 845 26.27 57.23 9.65
N ASP C 846 25.51 56.22 9.26
CA ASP C 846 24.10 56.38 8.95
C ASP C 846 23.22 55.59 9.92
N ILE C 847 22.12 56.21 10.35
CA ILE C 847 21.19 55.56 11.27
C ILE C 847 20.03 55.10 10.39
N VAL C 848 19.83 53.79 10.32
CA VAL C 848 18.80 53.23 9.47
C VAL C 848 17.71 52.48 10.24
N THR C 849 16.45 52.79 9.95
CA THR C 849 15.37 52.07 10.63
C THR C 849 15.05 50.85 9.76
N LEU C 850 14.66 49.76 10.41
CA LEU C 850 14.34 48.52 9.73
C LEU C 850 13.15 47.84 10.40
N PRO C 851 12.04 47.68 9.68
CA PRO C 851 10.86 47.04 10.28
C PRO C 851 11.14 45.63 10.75
N ILE C 852 10.26 45.11 11.60
CA ILE C 852 10.39 43.75 12.12
C ILE C 852 10.23 42.84 10.90
N GLN C 853 11.24 42.02 10.64
CA GLN C 853 11.24 41.14 9.47
C GLN C 853 10.65 39.74 9.62
N HIS C 854 9.88 39.34 8.62
CA HIS C 854 9.30 38.00 8.58
C HIS C 854 10.50 37.09 8.36
N ASP C 855 10.42 35.84 8.83
CA ASP C 855 11.51 34.89 8.68
C ASP C 855 12.73 35.28 9.51
N SER C 856 12.49 36.00 10.60
CA SER C 856 13.56 36.39 11.52
C SER C 856 12.97 36.15 12.90
N ALA C 857 13.82 35.96 13.89
CA ALA C 857 13.34 35.72 15.25
C ALA C 857 12.44 36.84 15.73
N ALA C 858 12.69 38.06 15.27
CA ALA C 858 11.90 39.20 15.68
C ALA C 858 10.43 39.13 15.25
N GLU C 859 10.11 38.26 14.28
CA GLU C 859 8.73 38.16 13.81
C GLU C 859 7.76 37.86 14.95
N LEU C 860 8.29 37.42 16.10
CA LEU C 860 7.46 37.13 17.26
C LEU C 860 7.49 38.37 18.14
N ALA C 861 6.94 39.47 17.62
CA ALA C 861 6.92 40.76 18.32
C ALA C 861 5.80 40.98 19.34
N GLN C 862 4.55 41.08 18.86
CA GLN C 862 3.40 41.29 19.76
C GLN C 862 2.47 40.09 19.66
N PRO C 863 2.60 39.14 20.59
CA PRO C 863 1.82 37.90 20.68
C PRO C 863 0.32 37.95 20.89
N LEU C 864 -0.13 38.71 21.88
CA LEU C 864 -1.55 38.75 22.20
C LEU C 864 -2.38 39.93 21.69
N ASP C 865 -1.76 41.09 21.54
CA ASP C 865 -2.50 42.24 21.06
C ASP C 865 -1.60 43.35 20.53
N VAL C 866 -2.20 44.52 20.28
CA VAL C 866 -1.46 45.65 19.74
C VAL C 866 -1.25 46.77 20.75
N LYS C 867 0.01 47.13 20.96
CA LYS C 867 0.36 48.21 21.88
C LYS C 867 1.17 49.25 21.12
N ASP C 868 0.78 50.52 21.27
CA ASP C 868 1.41 51.65 20.59
C ASP C 868 2.24 52.46 21.60
N TRP C 869 3.56 52.41 21.49
CA TRP C 869 4.43 53.13 22.41
C TRP C 869 4.17 54.63 22.47
N LYS C 870 3.76 55.22 21.35
CA LYS C 870 3.52 56.66 21.34
C LYS C 870 2.26 57.04 22.13
N LYS C 871 1.42 56.04 22.40
CA LYS C 871 0.21 56.28 23.18
C LYS C 871 0.47 55.81 24.62
N GLY C 872 1.75 55.62 24.94
CA GLY C 872 2.14 55.18 26.27
C GLY C 872 1.68 53.79 26.66
N GLU C 873 1.19 53.02 25.69
CA GLU C 873 0.70 51.67 25.97
C GLU C 873 1.81 50.63 26.14
N CYS C 874 3.06 51.07 26.00
CA CYS C 874 4.21 50.19 26.16
C CYS C 874 5.48 50.99 25.92
N ASP C 875 6.63 50.39 26.22
CA ASP C 875 7.89 51.08 26.01
C ASP C 875 8.36 50.90 24.56
N LEU C 876 8.98 51.93 24.01
CA LEU C 876 9.48 51.86 22.64
C LEU C 876 10.67 50.92 22.64
N ILE C 877 10.46 49.70 22.12
CA ILE C 877 11.52 48.70 22.07
C ILE C 877 11.86 48.36 20.62
N PRO C 878 13.04 48.82 20.15
CA PRO C 878 13.45 48.55 18.76
C PRO C 878 13.45 47.07 18.44
N GLY C 879 12.75 46.69 17.38
CA GLY C 879 12.69 45.30 16.99
C GLY C 879 11.55 44.53 17.59
N LYS C 880 10.74 45.19 18.42
CA LYS C 880 9.60 44.51 19.03
C LYS C 880 8.32 45.32 19.00
N THR C 881 8.37 46.55 19.50
CA THR C 881 7.19 47.42 19.51
C THR C 881 7.48 48.63 18.64
N ALA C 882 8.62 48.58 17.96
CA ALA C 882 9.05 49.64 17.06
C ALA C 882 10.10 49.06 16.13
N PRO C 883 10.41 49.75 15.03
CA PRO C 883 11.41 49.23 14.10
C PRO C 883 12.81 49.14 14.69
N HIS C 884 13.64 48.29 14.10
CA HIS C 884 15.03 48.13 14.52
C HIS C 884 15.74 49.43 14.18
N ILE C 885 16.77 49.77 14.94
CA ILE C 885 17.54 50.97 14.66
C ILE C 885 18.99 50.49 14.48
N MET C 886 19.44 50.48 13.23
CA MET C 886 20.78 50.01 12.91
C MET C 886 21.75 51.13 12.58
N VAL C 887 23.03 50.84 12.73
CA VAL C 887 24.09 51.78 12.41
C VAL C 887 24.81 51.22 11.20
N VAL C 888 24.86 52.00 10.11
CA VAL C 888 25.53 51.55 8.90
C VAL C 888 26.66 52.50 8.52
N GLU C 889 27.86 51.95 8.37
CA GLU C 889 29.01 52.75 7.99
C GLU C 889 29.09 52.80 6.46
N ARG C 890 29.11 53.99 5.89
CA ARG C 890 29.21 54.15 4.45
C ARG C 890 30.50 54.87 4.13
N ASP C 891 31.25 54.36 3.16
CA ASP C 891 32.52 54.97 2.75
C ASP C 891 32.24 55.56 1.37
N TYR C 892 31.59 56.71 1.33
CA TYR C 892 31.22 57.33 0.06
C TYR C 892 32.28 57.44 -1.04
N PRO C 893 33.51 57.88 -0.70
CA PRO C 893 34.51 57.95 -1.77
C PRO C 893 34.83 56.57 -2.35
N ALA C 894 34.50 55.52 -1.61
CA ALA C 894 34.77 54.16 -2.05
C ALA C 894 33.61 53.50 -2.78
N THR C 895 32.54 54.25 -3.04
CA THR C 895 31.36 53.70 -3.70
C THR C 895 31.65 52.89 -4.97
N TYR C 896 32.46 53.45 -5.88
CA TYR C 896 32.80 52.75 -7.12
C TYR C 896 33.56 51.45 -6.87
N GLU C 897 34.56 51.51 -5.98
CA GLU C 897 35.36 50.32 -5.68
C GLU C 897 34.51 49.21 -5.03
N ARG C 898 33.51 49.59 -4.24
CA ARG C 898 32.64 48.60 -3.60
C ARG C 898 31.64 48.03 -4.60
N PHE C 899 31.16 48.89 -5.49
CA PHE C 899 30.20 48.49 -6.52
C PHE C 899 30.84 47.43 -7.42
N THR C 900 32.11 47.62 -7.75
CA THR C 900 32.83 46.71 -8.63
C THR C 900 33.62 45.60 -7.95
N SER C 901 33.22 45.21 -6.73
CA SER C 901 33.90 44.11 -6.06
C SER C 901 32.94 43.43 -5.11
N ILE C 902 33.12 42.12 -4.90
CA ILE C 902 32.27 41.37 -4.00
C ILE C 902 32.81 41.63 -2.59
N GLY C 903 32.00 42.28 -1.76
CA GLY C 903 32.40 42.63 -0.41
C GLY C 903 32.76 41.51 0.56
N PRO C 904 33.41 41.87 1.68
CA PRO C 904 33.88 40.98 2.74
C PRO C 904 32.82 40.39 3.68
N LEU C 905 31.60 40.90 3.66
CA LEU C 905 30.57 40.37 4.56
C LEU C 905 30.14 38.95 4.22
N MET C 906 30.31 38.56 2.97
CA MET C 906 29.93 37.21 2.56
C MET C 906 30.80 36.20 3.32
N GLU C 907 32.07 36.53 3.51
CA GLU C 907 33.01 35.67 4.21
C GLU C 907 32.94 35.86 5.73
N LYS C 908 32.66 37.10 6.15
CA LYS C 908 32.60 37.48 7.55
C LYS C 908 31.32 37.06 8.27
N ILE C 909 30.19 37.20 7.58
CA ILE C 909 28.90 36.86 8.17
C ILE C 909 28.27 35.63 7.53
N GLY C 910 28.27 35.59 6.20
CA GLY C 910 27.70 34.48 5.50
C GLY C 910 26.61 34.91 4.54
N ASN C 911 25.75 33.96 4.16
CA ASN C 911 24.67 34.25 3.24
C ASN C 911 23.45 33.51 3.78
N GLY C 912 22.27 33.82 3.26
CA GLY C 912 21.07 33.14 3.73
C GLY C 912 19.81 33.83 3.30
N GLY C 913 18.67 33.25 3.64
CA GLY C 913 17.40 33.84 3.27
C GLY C 913 16.26 33.00 3.80
N LYS C 914 15.10 33.62 3.91
CA LYS C 914 13.91 32.96 4.41
C LYS C 914 14.09 32.19 5.72
N GLY C 915 14.90 32.75 6.63
CA GLY C 915 15.09 32.12 7.92
C GLY C 915 16.35 31.31 8.20
N ILE C 916 17.02 30.84 7.16
CA ILE C 916 18.23 30.06 7.37
C ILE C 916 19.47 30.80 6.89
N ALA C 917 20.63 30.35 7.34
CA ALA C 917 21.89 30.96 6.98
C ALA C 917 22.94 29.86 6.82
N TRP C 918 24.01 30.16 6.09
CA TRP C 918 25.06 29.17 5.88
C TRP C 918 26.38 29.84 5.59
N ASN C 919 27.45 29.06 5.66
CA ASN C 919 28.79 29.55 5.39
C ASN C 919 28.98 29.46 3.87
N THR C 920 29.60 30.48 3.27
CA THR C 920 29.78 30.45 1.82
C THR C 920 31.21 30.78 1.41
N GLN C 921 32.16 30.49 2.29
CA GLN C 921 33.57 30.75 2.04
C GLN C 921 34.11 30.07 0.79
N SER C 922 33.70 28.82 0.54
CA SER C 922 34.20 28.13 -0.63
C SER C 922 33.71 28.78 -1.93
N GLU C 923 32.53 29.39 -1.89
CA GLU C 923 32.01 30.05 -3.08
C GLU C 923 32.82 31.32 -3.37
N MET C 924 33.23 32.02 -2.31
CA MET C 924 34.03 33.23 -2.49
C MET C 924 35.42 32.85 -3.01
N ASP C 925 35.91 31.69 -2.59
CA ASP C 925 37.21 31.22 -3.05
C ASP C 925 37.14 30.96 -4.56
N LEU C 926 36.03 30.36 -5.00
CA LEU C 926 35.85 30.09 -6.42
C LEU C 926 35.68 31.39 -7.22
N LEU C 927 34.96 32.35 -6.64
CA LEU C 927 34.76 33.62 -7.35
C LEU C 927 36.05 34.41 -7.57
N ARG C 928 37.00 34.31 -6.63
CA ARG C 928 38.27 35.00 -6.80
C ARG C 928 38.99 34.47 -8.05
N LYS C 929 38.78 33.18 -8.33
CA LYS C 929 39.42 32.53 -9.47
C LYS C 929 38.70 32.76 -10.80
N LEU C 930 37.37 32.83 -10.78
CA LEU C 930 36.61 33.05 -12.00
C LEU C 930 36.61 34.53 -12.41
N ASN C 931 36.47 35.42 -11.44
CA ASN C 931 36.42 36.87 -11.71
C ASN C 931 37.72 37.64 -11.52
N TYR C 932 38.74 36.99 -10.98
CA TYR C 932 40.01 37.67 -10.70
C TYR C 932 39.75 38.57 -9.49
N THR C 933 40.79 39.19 -8.96
CA THR C 933 40.64 40.02 -7.77
C THR C 933 41.22 41.43 -7.91
N LYS C 934 40.74 42.34 -7.06
CA LYS C 934 41.24 43.72 -7.05
C LYS C 934 42.72 43.66 -6.67
N ALA C 935 43.57 44.34 -7.43
CA ALA C 935 45.01 44.35 -7.15
C ALA C 935 45.37 45.37 -6.05
N GLU C 936 44.56 46.41 -5.91
CA GLU C 936 44.82 47.43 -4.90
C GLU C 936 43.55 48.18 -4.51
N GLY C 937 43.71 49.17 -3.64
CA GLY C 937 42.57 49.96 -3.22
C GLY C 937 41.84 49.40 -2.01
N PRO C 938 40.74 50.03 -1.61
CA PRO C 938 39.92 49.61 -0.46
C PRO C 938 39.32 48.21 -0.57
N ALA C 939 39.28 47.65 -1.78
CA ALA C 939 38.71 46.32 -1.97
C ALA C 939 39.77 45.31 -2.41
N LYS C 940 41.04 45.66 -2.20
CA LYS C 940 42.14 44.77 -2.58
C LYS C 940 41.93 43.33 -2.10
N GLY C 941 42.13 42.38 -3.00
CA GLY C 941 41.97 40.97 -2.65
C GLY C 941 40.59 40.37 -2.85
N GLN C 942 39.58 41.21 -3.04
CA GLN C 942 38.22 40.74 -3.23
C GLN C 942 37.91 40.41 -4.69
N PRO C 943 37.01 39.45 -4.92
CA PRO C 943 36.65 39.08 -6.30
C PRO C 943 36.14 40.32 -6.99
N MET C 944 36.35 40.44 -8.29
CA MET C 944 35.89 41.62 -9.00
C MET C 944 34.52 41.49 -9.68
N LEU C 945 33.89 42.64 -9.85
CA LEU C 945 32.58 42.76 -10.51
C LEU C 945 32.74 43.89 -11.53
N ASN C 946 33.49 43.62 -12.59
CA ASN C 946 33.70 44.61 -13.63
C ASN C 946 32.61 44.55 -14.68
N THR C 947 32.33 43.34 -15.16
CA THR C 947 31.33 43.15 -16.21
C THR C 947 30.05 42.52 -15.71
N ALA C 948 29.01 42.62 -16.54
CA ALA C 948 27.72 42.02 -16.21
C ALA C 948 27.90 40.51 -16.08
N ILE C 949 28.85 39.95 -16.82
CA ILE C 949 29.09 38.51 -16.72
C ILE C 949 29.70 38.20 -15.36
N ASP C 950 30.57 39.07 -14.86
CA ASP C 950 31.16 38.85 -13.54
C ASP C 950 30.03 38.78 -12.51
N ALA C 951 29.06 39.67 -12.66
CA ALA C 951 27.92 39.75 -11.75
C ALA C 951 27.03 38.53 -11.88
N ALA C 952 26.85 38.06 -13.10
CA ALA C 952 26.03 36.88 -13.35
C ALA C 952 26.65 35.66 -12.65
N GLU C 953 27.97 35.52 -12.75
CA GLU C 953 28.66 34.40 -12.14
C GLU C 953 28.59 34.43 -10.62
N MET C 954 28.50 35.64 -10.05
CA MET C 954 28.37 35.76 -8.60
C MET C 954 27.02 35.17 -8.20
N ILE C 955 25.98 35.53 -8.93
CA ILE C 955 24.64 35.05 -8.66
C ILE C 955 24.56 33.52 -8.75
N LEU C 956 25.10 32.97 -9.84
CA LEU C 956 25.08 31.54 -10.06
C LEU C 956 25.89 30.77 -9.02
N THR C 957 27.02 31.33 -8.62
CA THR C 957 27.89 30.68 -7.66
C THR C 957 27.40 30.70 -6.21
N LEU C 958 26.73 31.78 -5.82
CA LEU C 958 26.22 31.91 -4.47
C LEU C 958 24.87 31.26 -4.19
N ALA C 959 24.04 31.14 -5.23
CA ALA C 959 22.70 30.58 -5.05
C ALA C 959 22.62 29.07 -4.94
N PRO C 960 21.82 28.57 -3.96
CA PRO C 960 21.67 27.12 -3.77
C PRO C 960 21.02 26.45 -4.98
N GLU C 961 20.12 27.17 -5.64
CA GLU C 961 19.43 26.60 -6.78
C GLU C 961 20.25 26.54 -8.08
N THR C 962 21.45 27.10 -8.08
CA THR C 962 22.30 27.03 -9.26
C THR C 962 23.67 26.46 -8.91
N ASN C 963 23.88 26.20 -7.62
CA ASN C 963 25.13 25.63 -7.13
C ASN C 963 24.78 24.52 -6.12
N GLY C 964 24.92 23.27 -6.55
CA GLY C 964 24.60 22.15 -5.68
C GLY C 964 25.33 22.13 -4.34
N GLN C 965 26.55 22.64 -4.33
CA GLN C 965 27.34 22.67 -3.10
C GLN C 965 26.67 23.57 -2.07
N VAL C 966 26.04 24.64 -2.54
CA VAL C 966 25.34 25.58 -1.65
C VAL C 966 23.99 24.99 -1.24
N ALA C 967 23.34 24.33 -2.20
CA ALA C 967 22.03 23.72 -1.96
C ALA C 967 22.07 22.76 -0.77
N VAL C 968 23.09 21.93 -0.70
CA VAL C 968 23.22 20.96 0.39
C VAL C 968 23.39 21.70 1.72
N LYS C 969 24.23 22.73 1.73
CA LYS C 969 24.46 23.50 2.95
C LYS C 969 23.17 24.19 3.40
N ALA C 970 22.40 24.68 2.44
CA ALA C 970 21.15 25.37 2.77
C ALA C 970 20.16 24.39 3.37
N TRP C 971 20.03 23.22 2.75
CA TRP C 971 19.12 22.20 3.26
C TRP C 971 19.53 21.77 4.66
N ALA C 972 20.84 21.65 4.89
CA ALA C 972 21.36 21.25 6.20
C ALA C 972 20.94 22.28 7.25
N ALA C 973 21.09 23.56 6.92
CA ALA C 973 20.71 24.61 7.84
C ALA C 973 19.22 24.47 8.19
N LEU C 974 18.40 24.15 7.20
CA LEU C 974 16.98 23.99 7.47
C LEU C 974 16.72 22.80 8.39
N SER C 975 17.44 21.70 8.15
CA SER C 975 17.29 20.49 8.95
C SER C 975 17.48 20.74 10.46
N GLU C 976 18.27 21.75 10.81
CA GLU C 976 18.50 22.08 12.21
C GLU C 976 17.20 22.55 12.87
N PHE C 977 16.36 23.22 12.08
CA PHE C 977 15.10 23.74 12.58
C PHE C 977 14.04 22.65 12.73
N THR C 978 13.83 21.88 11.66
CA THR C 978 12.82 20.84 11.64
C THR C 978 13.16 19.55 12.39
N GLY C 979 14.44 19.25 12.54
CA GLY C 979 14.82 18.04 13.22
C GLY C 979 14.77 16.87 12.24
N ARG C 980 14.43 17.16 10.99
CA ARG C 980 14.34 16.15 9.95
C ARG C 980 15.41 16.43 8.90
N ASP C 981 15.99 15.38 8.33
CA ASP C 981 17.03 15.59 7.32
C ASP C 981 16.42 15.87 5.96
N HIS C 982 16.86 16.96 5.33
CA HIS C 982 16.34 17.33 4.03
C HIS C 982 17.46 17.38 2.99
N THR C 983 18.70 17.14 3.41
CA THR C 983 19.83 17.18 2.49
C THR C 983 19.68 16.19 1.34
N HIS C 984 18.88 15.15 1.53
CA HIS C 984 18.70 14.15 0.48
C HIS C 984 18.03 14.77 -0.75
N LEU C 985 17.49 15.98 -0.61
CA LEU C 985 16.82 16.64 -1.72
C LEU C 985 17.78 17.24 -2.75
N ALA C 986 19.02 17.49 -2.33
CA ALA C 986 20.01 18.06 -3.23
C ALA C 986 21.31 17.26 -3.30
N LEU C 987 21.47 16.29 -2.40
CA LEU C 987 22.68 15.47 -2.38
C LEU C 987 23.06 14.90 -3.73
N ASN C 988 22.06 14.41 -4.46
CA ASN C 988 22.31 13.82 -5.76
C ASN C 988 22.64 14.84 -6.85
N LYS C 989 22.65 16.12 -6.47
CA LYS C 989 23.00 17.16 -7.42
C LYS C 989 24.09 18.06 -6.86
N GLU C 990 24.67 17.66 -5.73
CA GLU C 990 25.78 18.43 -5.17
C GLU C 990 26.75 18.22 -6.33
N ASP C 991 27.74 19.07 -6.54
CA ASP C 991 28.64 18.90 -7.68
C ASP C 991 28.17 19.62 -8.94
N GLU C 992 26.86 19.87 -9.04
CA GLU C 992 26.34 20.60 -10.18
C GLU C 992 26.57 22.10 -9.96
N LYS C 993 27.17 22.75 -10.94
CA LYS C 993 27.42 24.19 -10.88
C LYS C 993 27.07 24.82 -12.22
N ILE C 994 26.02 25.62 -12.25
CA ILE C 994 25.60 26.25 -13.49
C ILE C 994 26.49 27.46 -13.76
N ARG C 995 27.07 27.50 -14.97
CA ARG C 995 27.97 28.57 -15.40
C ARG C 995 27.27 29.39 -16.49
N PHE C 996 27.57 30.69 -16.54
CA PHE C 996 26.94 31.56 -17.55
C PHE C 996 27.18 31.09 -18.98
N ARG C 997 28.42 30.78 -19.34
CA ARG C 997 28.69 30.34 -20.70
C ARG C 997 28.00 29.01 -21.04
N ASP C 998 27.70 28.20 -20.03
CA ASP C 998 27.02 26.94 -20.29
C ASP C 998 25.55 27.17 -20.64
N ILE C 999 24.89 28.10 -19.96
CA ILE C 999 23.49 28.36 -20.25
C ILE C 999 23.35 29.05 -21.61
N GLN C 1000 24.43 29.66 -22.09
CA GLN C 1000 24.40 30.27 -23.40
C GLN C 1000 24.32 29.14 -24.43
N ALA C 1001 24.96 28.01 -24.12
CA ALA C 1001 24.95 26.86 -25.01
C ALA C 1001 23.60 26.13 -24.94
N GLN C 1002 23.08 25.93 -23.72
CA GLN C 1002 21.78 25.31 -23.53
C GLN C 1002 21.20 25.66 -22.16
N PRO C 1003 19.93 26.08 -22.11
CA PRO C 1003 19.29 26.43 -20.85
C PRO C 1003 19.37 25.27 -19.86
N ARG C 1004 19.54 25.55 -18.57
CA ARG C 1004 19.64 24.50 -17.56
C ARG C 1004 18.53 24.55 -16.53
N LYS C 1005 18.17 23.37 -16.02
CA LYS C 1005 17.16 23.27 -14.98
C LYS C 1005 17.87 23.61 -13.68
N ILE C 1006 17.19 24.32 -12.79
CA ILE C 1006 17.80 24.65 -11.52
C ILE C 1006 17.72 23.48 -10.52
N ILE C 1007 18.34 23.65 -9.36
CA ILE C 1007 18.40 22.62 -8.32
C ILE C 1007 17.39 22.83 -7.19
N SER C 1008 16.86 21.74 -6.65
CA SER C 1008 15.92 21.81 -5.53
C SER C 1008 16.58 22.51 -4.36
N SER C 1009 15.90 23.52 -3.80
CA SER C 1009 16.45 24.30 -2.70
C SER C 1009 15.41 24.67 -1.64
N PRO C 1010 15.86 24.89 -0.39
CA PRO C 1010 14.97 25.26 0.72
C PRO C 1010 14.30 26.62 0.57
N THR C 1011 14.70 27.38 -0.43
CA THR C 1011 14.11 28.69 -0.67
C THR C 1011 12.71 28.50 -1.26
N TRP C 1012 12.49 27.35 -1.87
CA TRP C 1012 11.21 27.04 -2.49
C TRP C 1012 10.61 25.73 -1.97
N SER C 1013 9.31 25.55 -2.16
CA SER C 1013 8.60 24.36 -1.67
C SER C 1013 8.24 23.34 -2.74
N GLY C 1014 8.71 23.56 -3.97
CA GLY C 1014 8.46 22.62 -5.04
C GLY C 1014 9.77 21.91 -5.29
N LEU C 1015 9.76 20.81 -6.05
CA LEU C 1015 10.99 20.08 -6.32
C LEU C 1015 11.38 20.01 -7.79
N GLU C 1016 12.68 19.91 -8.02
CA GLU C 1016 13.25 19.75 -9.36
C GLU C 1016 13.62 18.27 -9.36
N ASP C 1017 12.71 17.44 -9.85
CA ASP C 1017 12.93 16.01 -9.83
C ASP C 1017 12.63 15.36 -11.19
N GLU C 1018 13.22 14.18 -11.39
CA GLU C 1018 13.04 13.44 -12.63
C GLU C 1018 11.69 12.73 -12.71
N HIS C 1019 11.06 12.47 -11.57
CA HIS C 1019 9.79 11.76 -11.57
C HIS C 1019 8.56 12.60 -11.20
N VAL C 1020 8.76 13.74 -10.55
CA VAL C 1020 7.63 14.59 -10.20
C VAL C 1020 7.92 16.03 -10.59
N SER C 1021 6.92 16.69 -11.16
CA SER C 1021 7.05 18.08 -11.60
C SER C 1021 7.07 19.03 -10.41
N TYR C 1022 7.43 20.29 -10.65
CA TYR C 1022 7.49 21.28 -9.60
C TYR C 1022 6.07 21.66 -9.16
N ASN C 1023 5.77 21.45 -7.88
CA ASN C 1023 4.44 21.76 -7.34
C ASN C 1023 4.60 22.40 -5.97
N ALA C 1024 4.17 23.66 -5.85
CA ALA C 1024 4.29 24.38 -4.57
C ALA C 1024 3.61 23.66 -3.42
N GLY C 1025 4.23 23.76 -2.24
CA GLY C 1025 3.68 23.12 -1.05
C GLY C 1025 4.05 21.65 -0.95
N TYR C 1026 4.79 21.15 -1.93
CA TYR C 1026 5.20 19.74 -1.94
C TYR C 1026 6.07 19.37 -0.75
N THR C 1027 7.08 20.17 -0.44
CA THR C 1027 7.96 19.86 0.68
C THR C 1027 7.27 20.00 2.02
N ASN C 1028 6.26 20.86 2.09
CA ASN C 1028 5.53 21.05 3.35
C ASN C 1028 4.76 19.76 3.64
N VAL C 1029 4.00 19.33 2.64
CA VAL C 1029 3.19 18.13 2.76
C VAL C 1029 4.01 16.84 2.86
N HIS C 1030 5.06 16.71 2.04
CA HIS C 1030 5.87 15.50 2.01
C HIS C 1030 7.13 15.45 2.87
N GLU C 1031 7.70 16.60 3.19
CA GLU C 1031 8.90 16.66 4.04
C GLU C 1031 8.52 17.15 5.43
N LEU C 1032 7.23 17.44 5.59
CA LEU C 1032 6.68 17.93 6.85
C LEU C 1032 7.31 19.22 7.36
N ILE C 1033 7.71 20.09 6.42
CA ILE C 1033 8.28 21.38 6.81
C ILE C 1033 7.05 22.26 7.05
N PRO C 1034 7.04 23.01 8.16
CA PRO C 1034 5.89 23.87 8.43
C PRO C 1034 5.79 25.05 7.50
N TRP C 1035 4.57 25.58 7.34
CA TRP C 1035 4.37 26.79 6.56
C TRP C 1035 4.77 27.84 7.60
N ARG C 1036 5.34 28.96 7.18
CA ARG C 1036 5.77 29.98 8.13
C ARG C 1036 4.64 30.82 8.72
N THR C 1037 3.71 30.15 9.40
CA THR C 1037 2.57 30.80 10.01
C THR C 1037 2.55 30.60 11.52
N LEU C 1038 1.64 31.30 12.21
CA LEU C 1038 1.49 31.20 13.65
C LEU C 1038 1.32 29.74 14.09
N SER C 1039 0.42 29.02 13.41
CA SER C 1039 0.14 27.64 13.75
C SER C 1039 1.07 26.63 13.08
N GLY C 1040 1.77 27.07 12.03
CA GLY C 1040 2.68 26.17 11.33
C GLY C 1040 1.96 25.46 10.20
N ARG C 1041 0.64 25.55 10.19
CA ARG C 1041 -0.18 24.93 9.16
C ARG C 1041 -0.81 25.99 8.25
N GLN C 1042 -1.59 25.54 7.28
CA GLN C 1042 -2.27 26.47 6.38
C GLN C 1042 -3.32 27.14 7.27
N GLN C 1043 -3.03 28.40 7.59
CA GLN C 1043 -3.83 29.24 8.48
C GLN C 1043 -5.18 29.73 7.94
N LEU C 1044 -6.26 29.04 8.29
CA LEU C 1044 -7.60 29.43 7.85
C LEU C 1044 -8.21 30.53 8.71
N TYR C 1045 -7.73 30.64 9.95
CA TYR C 1045 -8.27 31.63 10.87
C TYR C 1045 -7.23 32.69 11.19
N GLN C 1046 -7.55 33.95 10.89
CA GLN C 1046 -6.65 35.07 11.15
C GLN C 1046 -7.08 35.70 12.47
N ASP C 1047 -6.28 35.54 13.51
CA ASP C 1047 -6.60 36.06 14.83
C ASP C 1047 -5.94 37.37 15.24
N HIS C 1048 -5.25 38.03 14.32
CA HIS C 1048 -4.63 39.30 14.67
C HIS C 1048 -5.75 40.29 15.00
N GLN C 1049 -5.50 41.17 15.96
CA GLN C 1049 -6.49 42.17 16.37
C GLN C 1049 -7.12 42.86 15.16
N TRP C 1050 -6.29 43.46 14.32
CA TRP C 1050 -6.78 44.17 13.14
C TRP C 1050 -7.55 43.24 12.19
N MET C 1051 -7.08 42.01 12.03
CA MET C 1051 -7.76 41.07 11.16
C MET C 1051 -9.15 40.80 11.72
N ARG C 1052 -9.21 40.66 13.05
CA ARG C 1052 -10.47 40.39 13.72
C ARG C 1052 -11.42 41.59 13.65
N ASP C 1053 -10.93 42.77 14.03
CA ASP C 1053 -11.79 43.94 14.02
C ASP C 1053 -12.18 44.50 12.66
N PHE C 1054 -11.53 44.03 11.60
CA PHE C 1054 -11.90 44.49 10.26
C PHE C 1054 -12.74 43.42 9.57
N GLY C 1055 -13.23 42.47 10.37
CA GLY C 1055 -14.09 41.41 9.87
C GLY C 1055 -13.50 40.36 8.95
N GLU C 1056 -12.20 40.08 9.07
CA GLU C 1056 -11.60 39.08 8.19
C GLU C 1056 -10.84 37.95 8.89
N SER C 1057 -11.31 37.54 10.06
CA SER C 1057 -10.65 36.43 10.75
C SER C 1057 -11.00 35.16 9.99
N LEU C 1058 -12.13 35.20 9.28
CA LEU C 1058 -12.59 34.09 8.46
C LEU C 1058 -13.09 34.62 7.11
N LEU C 1059 -13.12 33.73 6.11
CA LEU C 1059 -13.58 34.10 4.78
C LEU C 1059 -15.03 34.59 4.79
N VAL C 1060 -15.25 35.77 4.21
CA VAL C 1060 -16.59 36.35 4.13
C VAL C 1060 -16.73 37.16 2.86
N TYR C 1061 -17.90 37.12 2.25
CA TYR C 1061 -18.14 37.86 1.03
C TYR C 1061 -18.13 39.36 1.32
N ARG C 1062 -17.47 40.13 0.47
CA ARG C 1062 -17.40 41.57 0.61
C ARG C 1062 -17.56 42.20 -0.75
N PRO C 1063 -18.68 42.90 -0.98
CA PRO C 1063 -18.95 43.56 -2.26
C PRO C 1063 -17.93 44.62 -2.62
N PRO C 1064 -17.79 44.94 -3.92
CA PRO C 1064 -16.83 45.95 -4.36
C PRO C 1064 -17.06 47.24 -3.59
N ILE C 1065 -15.99 47.97 -3.28
CA ILE C 1065 -16.13 49.20 -2.53
C ILE C 1065 -16.59 50.35 -3.42
N ASP C 1066 -17.14 51.39 -2.80
CA ASP C 1066 -17.60 52.56 -3.53
C ASP C 1066 -16.48 53.59 -3.45
N THR C 1067 -15.83 53.86 -4.58
CA THR C 1067 -14.73 54.82 -4.61
C THR C 1067 -15.27 56.25 -4.59
N ARG C 1068 -16.56 56.39 -4.89
CA ARG C 1068 -17.23 57.70 -4.89
C ARG C 1068 -16.54 58.68 -5.83
N SER C 1069 -16.08 58.17 -6.96
CA SER C 1069 -15.36 59.00 -7.92
C SER C 1069 -16.22 59.49 -9.08
N VAL C 1070 -17.52 59.22 -9.03
CA VAL C 1070 -18.40 59.62 -10.11
C VAL C 1070 -19.46 60.69 -9.84
N LYS C 1071 -20.17 60.61 -8.72
CA LYS C 1071 -21.23 61.57 -8.44
C LYS C 1071 -20.87 63.05 -8.44
N GLU C 1072 -19.68 63.42 -8.01
CA GLU C 1072 -19.29 64.82 -7.99
C GLU C 1072 -18.91 65.39 -9.34
N VAL C 1073 -18.84 64.55 -10.37
CA VAL C 1073 -18.45 65.06 -11.69
C VAL C 1073 -19.35 64.70 -12.85
N ILE C 1074 -20.15 63.65 -12.73
CA ILE C 1074 -21.00 63.30 -13.85
C ILE C 1074 -21.96 64.45 -14.19
N GLY C 1075 -21.89 64.91 -15.43
CA GLY C 1075 -22.75 66.00 -15.89
C GLY C 1075 -22.26 67.41 -15.59
N GLN C 1076 -21.09 67.56 -14.98
CA GLN C 1076 -20.57 68.88 -14.65
C GLN C 1076 -19.91 69.62 -15.82
N LYS C 1077 -19.46 68.87 -16.83
CA LYS C 1077 -18.83 69.47 -18.00
C LYS C 1077 -19.37 68.84 -19.28
N SER C 1078 -20.68 68.91 -19.45
CA SER C 1078 -21.34 68.33 -20.62
C SER C 1078 -20.84 68.82 -21.97
N ASN C 1079 -20.79 67.90 -22.92
CA ASN C 1079 -20.35 68.21 -24.28
C ASN C 1079 -21.55 67.96 -25.18
N GLY C 1080 -22.71 67.78 -24.55
CA GLY C 1080 -23.94 67.55 -25.30
C GLY C 1080 -24.32 66.11 -25.53
N ASN C 1081 -23.43 65.19 -25.20
CA ASN C 1081 -23.72 63.78 -25.40
C ASN C 1081 -24.03 63.03 -24.11
N GLN C 1082 -24.83 61.97 -24.25
CA GLN C 1082 -25.26 61.14 -23.13
C GLN C 1082 -24.08 60.57 -22.36
N GLU C 1083 -24.17 60.59 -21.04
CA GLU C 1083 -23.11 60.05 -20.19
C GLU C 1083 -23.66 58.87 -19.39
N LYS C 1084 -22.78 57.98 -18.94
CA LYS C 1084 -23.20 56.81 -18.20
C LYS C 1084 -22.07 56.26 -17.33
N ALA C 1085 -22.41 55.86 -16.10
CA ALA C 1085 -21.43 55.32 -15.18
C ALA C 1085 -21.26 53.82 -15.44
N LEU C 1086 -20.01 53.38 -15.56
CA LEU C 1086 -19.72 51.98 -15.81
C LEU C 1086 -18.52 51.51 -14.99
N ASN C 1087 -18.48 50.21 -14.70
CA ASN C 1087 -17.39 49.59 -13.96
C ASN C 1087 -16.17 49.59 -14.90
N PHE C 1088 -15.05 50.14 -14.44
CA PHE C 1088 -13.84 50.23 -15.28
C PHE C 1088 -12.80 49.14 -14.99
N LEU C 1089 -12.76 48.12 -15.84
CA LEU C 1089 -11.82 47.02 -15.67
C LEU C 1089 -10.62 47.14 -16.61
N THR C 1090 -9.44 46.76 -16.12
CA THR C 1090 -8.24 46.85 -16.94
C THR C 1090 -7.44 45.55 -17.09
N PRO C 1091 -8.04 44.51 -17.67
CA PRO C 1091 -7.34 43.23 -17.85
C PRO C 1091 -6.14 43.45 -18.78
N HIS C 1092 -5.15 42.55 -18.73
CA HIS C 1092 -3.98 42.74 -19.56
C HIS C 1092 -4.16 42.45 -21.04
N GLN C 1093 -3.66 43.37 -21.85
CA GLN C 1093 -3.81 43.36 -23.30
C GLN C 1093 -3.09 42.30 -24.13
N LYS C 1094 -3.65 42.11 -25.32
CA LYS C 1094 -3.16 41.15 -26.29
C LYS C 1094 -2.06 41.70 -27.21
N TRP C 1095 -1.96 43.03 -27.33
CA TRP C 1095 -0.96 43.61 -28.22
C TRP C 1095 0.18 44.32 -27.53
N GLY C 1096 0.68 43.71 -26.47
CA GLY C 1096 1.79 44.27 -25.72
C GLY C 1096 1.87 43.58 -24.38
N ILE C 1097 2.99 43.76 -23.68
CA ILE C 1097 3.17 43.20 -22.35
C ILE C 1097 3.22 44.48 -21.53
N HIS C 1098 2.12 44.83 -20.88
CA HIS C 1098 2.03 46.09 -20.15
C HIS C 1098 2.12 47.11 -21.26
N SER C 1099 2.96 48.13 -21.12
CA SER C 1099 3.06 49.13 -22.17
C SER C 1099 4.19 48.79 -23.16
N THR C 1100 5.04 47.84 -22.80
CA THR C 1100 6.12 47.44 -23.70
C THR C 1100 5.45 46.84 -24.93
N TYR C 1101 5.98 47.17 -26.10
CA TYR C 1101 5.44 46.70 -27.38
C TYR C 1101 4.21 47.49 -27.82
N SER C 1102 3.66 48.32 -26.93
CA SER C 1102 2.46 49.09 -27.28
C SER C 1102 2.71 50.03 -28.46
N ASP C 1103 3.91 50.60 -28.53
CA ASP C 1103 4.25 51.52 -29.62
C ASP C 1103 4.87 50.79 -30.81
N ASN C 1104 5.07 49.49 -30.67
CA ASN C 1104 5.65 48.64 -31.71
C ASN C 1104 4.66 48.56 -32.90
N LEU C 1105 5.11 48.96 -34.08
CA LEU C 1105 4.24 48.99 -35.26
C LEU C 1105 3.53 47.68 -35.61
N LEU C 1106 4.19 46.55 -35.41
CA LEU C 1106 3.58 45.25 -35.69
C LEU C 1106 2.39 45.04 -34.76
N MET C 1107 2.58 45.36 -33.47
CA MET C 1107 1.51 45.20 -32.50
C MET C 1107 0.36 46.18 -32.78
N LEU C 1108 0.69 47.42 -33.14
CA LEU C 1108 -0.34 48.41 -33.44
C LEU C 1108 -1.13 48.02 -34.69
N THR C 1109 -0.47 47.40 -35.65
CA THR C 1109 -1.13 46.98 -36.89
C THR C 1109 -2.04 45.77 -36.69
N LEU C 1110 -1.66 44.86 -35.79
CA LEU C 1110 -2.47 43.68 -35.53
C LEU C 1110 -3.57 44.02 -34.52
N GLY C 1111 -3.40 45.13 -33.81
CA GLY C 1111 -4.42 45.58 -32.87
C GLY C 1111 -5.37 46.54 -33.57
N ARG C 1112 -5.75 47.63 -32.90
CA ARG C 1112 -6.64 48.62 -33.50
C ARG C 1112 -5.90 49.94 -33.74
N GLY C 1113 -4.57 49.85 -33.85
CA GLY C 1113 -3.77 51.03 -34.13
C GLY C 1113 -3.70 52.11 -33.07
N GLY C 1114 -3.90 51.76 -31.81
CA GLY C 1114 -3.83 52.75 -30.76
C GLY C 1114 -4.83 52.53 -29.66
N PRO C 1115 -4.81 53.37 -28.61
CA PRO C 1115 -5.70 53.32 -27.45
C PRO C 1115 -7.18 53.11 -27.75
N VAL C 1116 -7.70 51.98 -27.26
CA VAL C 1116 -9.11 51.65 -27.44
C VAL C 1116 -9.71 51.10 -26.15
N VAL C 1117 -11.03 51.12 -26.07
CA VAL C 1117 -11.76 50.62 -24.89
C VAL C 1117 -12.91 49.76 -25.38
N TRP C 1118 -13.13 48.61 -24.74
CA TRP C 1118 -14.21 47.72 -25.13
C TRP C 1118 -15.51 48.05 -24.38
N LEU C 1119 -16.62 48.06 -25.11
CA LEU C 1119 -17.93 48.36 -24.54
C LEU C 1119 -18.93 47.32 -25.03
N SER C 1120 -19.95 47.04 -24.24
CA SER C 1120 -20.99 46.09 -24.62
C SER C 1120 -21.87 46.79 -25.66
N GLU C 1121 -22.60 46.01 -26.45
CA GLU C 1121 -23.48 46.60 -27.47
C GLU C 1121 -24.62 47.37 -26.80
N ALA C 1122 -25.05 46.89 -25.63
CA ALA C 1122 -26.14 47.54 -24.90
C ALA C 1122 -25.73 48.93 -24.45
N ASP C 1123 -24.62 49.02 -23.72
CA ASP C 1123 -24.15 50.32 -23.23
C ASP C 1123 -23.85 51.25 -24.40
N ALA C 1124 -23.31 50.68 -25.47
CA ALA C 1124 -22.99 51.46 -26.66
C ALA C 1124 -24.26 52.11 -27.21
N LYS C 1125 -25.29 51.31 -27.44
CA LYS C 1125 -26.54 51.81 -27.97
C LYS C 1125 -27.12 52.93 -27.11
N ASP C 1126 -27.06 52.77 -25.80
CA ASP C 1126 -27.57 53.79 -24.88
C ASP C 1126 -26.80 55.10 -24.98
N LEU C 1127 -25.52 55.00 -25.29
CA LEU C 1127 -24.66 56.18 -25.41
C LEU C 1127 -24.56 56.67 -26.85
N GLY C 1128 -25.13 55.91 -27.78
CA GLY C 1128 -25.08 56.29 -29.18
C GLY C 1128 -23.67 56.19 -29.74
N ILE C 1129 -22.91 55.22 -29.24
CA ILE C 1129 -21.54 55.02 -29.67
C ILE C 1129 -21.43 53.90 -30.68
N ALA C 1130 -20.73 54.15 -31.77
CA ALA C 1130 -20.53 53.16 -32.81
C ALA C 1130 -19.10 52.66 -32.74
N ASP C 1131 -18.85 51.50 -33.32
CA ASP C 1131 -17.52 50.91 -33.31
C ASP C 1131 -16.48 51.90 -33.84
N ASN C 1132 -15.39 52.04 -33.09
CA ASN C 1132 -14.28 52.92 -33.43
C ASN C 1132 -14.54 54.42 -33.28
N ASP C 1133 -15.57 54.78 -32.52
CA ASP C 1133 -15.89 56.19 -32.27
C ASP C 1133 -14.93 56.70 -31.20
N TRP C 1134 -14.55 57.97 -31.28
CA TRP C 1134 -13.70 58.54 -30.24
C TRP C 1134 -14.59 58.72 -29.03
N ILE C 1135 -14.15 58.22 -27.88
CA ILE C 1135 -14.92 58.35 -26.65
C ILE C 1135 -14.03 58.91 -25.56
N GLU C 1136 -14.65 59.33 -24.47
CA GLU C 1136 -13.93 59.91 -23.36
C GLU C 1136 -14.42 59.21 -22.09
N VAL C 1137 -13.47 58.89 -21.21
CA VAL C 1137 -13.77 58.20 -19.97
C VAL C 1137 -13.14 59.02 -18.87
N PHE C 1138 -13.92 59.32 -17.82
CA PHE C 1138 -13.41 60.16 -16.75
C PHE C 1138 -14.15 60.03 -15.43
N ASN C 1139 -13.54 60.60 -14.40
CA ASN C 1139 -14.09 60.64 -13.06
C ASN C 1139 -13.28 61.67 -12.29
N SER C 1140 -13.49 61.78 -10.99
CA SER C 1140 -12.77 62.77 -10.20
C SER C 1140 -11.26 62.64 -10.23
N ASN C 1141 -10.75 61.52 -10.71
CA ASN C 1141 -9.31 61.30 -10.74
C ASN C 1141 -8.64 61.84 -12.01
N GLY C 1142 -9.38 61.87 -13.11
CA GLY C 1142 -8.83 62.35 -14.37
C GLY C 1142 -9.64 61.89 -15.54
N ALA C 1143 -9.09 62.01 -16.74
CA ALA C 1143 -9.79 61.60 -17.94
C ALA C 1143 -8.85 61.00 -18.97
N LEU C 1144 -9.42 60.23 -19.88
CA LEU C 1144 -8.64 59.62 -20.94
C LEU C 1144 -9.47 59.59 -22.21
N THR C 1145 -8.81 59.61 -23.36
CA THR C 1145 -9.48 59.57 -24.64
C THR C 1145 -9.05 58.28 -25.33
N ALA C 1146 -9.92 57.74 -26.17
CA ALA C 1146 -9.62 56.51 -26.90
C ALA C 1146 -10.75 56.24 -27.87
N ARG C 1147 -10.61 55.18 -28.66
CA ARG C 1147 -11.65 54.81 -29.61
C ARG C 1147 -12.33 53.56 -29.06
N ALA C 1148 -13.63 53.46 -29.32
CA ALA C 1148 -14.40 52.34 -28.83
C ALA C 1148 -14.32 51.08 -29.65
N VAL C 1149 -14.47 49.96 -28.97
CA VAL C 1149 -14.51 48.65 -29.61
C VAL C 1149 -15.83 48.13 -29.08
N VAL C 1150 -16.83 48.06 -29.95
CA VAL C 1150 -18.14 47.60 -29.53
C VAL C 1150 -18.23 46.10 -29.79
N SER C 1151 -18.57 45.35 -28.76
CA SER C 1151 -18.63 43.91 -28.89
C SER C 1151 -19.69 43.23 -28.04
N GLN C 1152 -20.25 42.17 -28.59
CA GLN C 1152 -21.26 41.37 -27.92
C GLN C 1152 -20.66 40.57 -26.76
N ARG C 1153 -19.37 40.26 -26.84
CA ARG C 1153 -18.72 39.46 -25.80
C ARG C 1153 -18.53 40.20 -24.48
N VAL C 1154 -18.82 41.50 -24.47
CA VAL C 1154 -18.69 42.30 -23.26
C VAL C 1154 -20.07 42.47 -22.63
N PRO C 1155 -20.23 42.09 -21.35
CA PRO C 1155 -21.53 42.22 -20.68
C PRO C 1155 -21.86 43.65 -20.28
N ALA C 1156 -23.14 44.01 -20.36
CA ALA C 1156 -23.57 45.35 -19.99
C ALA C 1156 -23.15 45.67 -18.57
N GLY C 1157 -22.81 46.93 -18.32
CA GLY C 1157 -22.41 47.33 -16.99
C GLY C 1157 -20.91 47.43 -16.76
N MET C 1158 -20.11 46.78 -17.58
CA MET C 1158 -18.67 46.84 -17.42
C MET C 1158 -17.99 47.23 -18.72
N THR C 1159 -16.86 47.90 -18.59
CA THR C 1159 -16.08 48.32 -19.73
C THR C 1159 -14.66 47.83 -19.50
N MET C 1160 -13.95 47.50 -20.57
CA MET C 1160 -12.58 47.02 -20.44
C MET C 1160 -11.57 47.76 -21.29
N MET C 1161 -10.61 48.40 -20.63
CA MET C 1161 -9.54 49.07 -21.36
C MET C 1161 -8.31 48.22 -21.04
N TYR C 1162 -7.96 47.33 -21.95
CA TYR C 1162 -6.82 46.45 -21.71
C TYR C 1162 -5.58 47.23 -21.30
N HIS C 1163 -4.97 46.73 -20.23
CA HIS C 1163 -3.82 47.32 -19.58
C HIS C 1163 -2.55 47.71 -20.32
N ALA C 1164 -2.22 48.98 -20.12
CA ALA C 1164 -1.05 49.67 -20.63
C ALA C 1164 -0.96 49.94 -22.13
N GLN C 1165 -1.77 50.89 -22.59
CA GLN C 1165 -1.75 51.29 -24.00
C GLN C 1165 -0.97 52.60 -24.07
N GLU C 1166 -0.60 53.11 -22.90
CA GLU C 1166 0.22 54.31 -22.77
C GLU C 1166 -0.30 55.64 -23.29
N ARG C 1167 0.54 56.67 -23.13
CA ARG C 1167 0.19 58.03 -23.51
C ARG C 1167 1.04 58.66 -24.64
N ILE C 1168 1.65 57.85 -25.49
CA ILE C 1168 2.49 58.43 -26.55
C ILE C 1168 2.02 58.26 -27.98
N VAL C 1169 1.00 57.44 -28.21
CA VAL C 1169 0.55 57.19 -29.56
C VAL C 1169 -0.94 57.35 -29.81
N ASN C 1170 -1.27 58.06 -30.89
CA ASN C 1170 -2.65 58.23 -31.34
C ASN C 1170 -3.67 58.61 -30.27
N LEU C 1171 -3.42 59.71 -29.56
CA LEU C 1171 -4.32 60.22 -28.51
C LEU C 1171 -4.63 61.70 -28.71
N PRO C 1172 -5.92 62.05 -28.85
CA PRO C 1172 -6.25 63.47 -29.04
C PRO C 1172 -6.47 64.16 -27.69
N GLY C 1173 -6.70 65.47 -27.73
CA GLY C 1173 -6.94 66.20 -26.50
C GLY C 1173 -8.26 65.83 -25.84
N SER C 1174 -8.34 66.06 -24.54
CA SER C 1174 -9.53 65.77 -23.74
C SER C 1174 -10.45 66.98 -23.67
N GLU C 1175 -11.74 66.76 -23.90
CA GLU C 1175 -12.70 67.86 -23.83
C GLU C 1175 -12.87 68.25 -22.37
N ILE C 1176 -12.66 67.28 -21.48
CA ILE C 1176 -12.78 67.50 -20.04
C ILE C 1176 -11.66 68.35 -19.41
N THR C 1177 -10.41 68.05 -19.77
CA THR C 1177 -9.27 68.77 -19.21
C THR C 1177 -8.59 69.74 -20.18
N GLN C 1178 -8.96 69.66 -21.46
CA GLN C 1178 -8.36 70.52 -22.48
C GLN C 1178 -6.84 70.32 -22.58
N GLN C 1179 -6.41 69.11 -22.23
CA GLN C 1179 -5.01 68.73 -22.29
C GLN C 1179 -4.95 67.44 -23.09
N ARG C 1180 -3.75 66.89 -23.28
CA ARG C 1180 -3.63 65.64 -24.01
C ARG C 1180 -4.47 64.64 -23.24
N GLY C 1181 -5.19 63.78 -23.94
CA GLY C 1181 -5.99 62.77 -23.26
C GLY C 1181 -5.12 61.95 -22.33
N GLY C 1182 -5.68 61.50 -21.21
CA GLY C 1182 -4.91 60.73 -20.26
C GLY C 1182 -4.88 59.23 -20.57
N ILE C 1183 -4.47 58.45 -19.58
CA ILE C 1183 -4.39 56.99 -19.73
C ILE C 1183 -5.34 56.29 -18.77
N HIS C 1184 -5.38 54.96 -18.82
CA HIS C 1184 -6.26 54.19 -17.96
C HIS C 1184 -6.06 54.50 -16.49
N ASN C 1185 -4.81 54.78 -16.09
CA ASN C 1185 -4.55 55.11 -14.71
C ASN C 1185 -4.81 56.58 -14.36
N SER C 1186 -5.43 57.31 -15.28
CA SER C 1186 -5.77 58.71 -15.03
C SER C 1186 -7.09 58.70 -14.27
N VAL C 1187 -7.84 57.60 -14.39
CA VAL C 1187 -9.12 57.48 -13.72
C VAL C 1187 -9.07 56.60 -12.46
N THR C 1188 -7.85 56.26 -12.01
CA THR C 1188 -7.70 55.45 -10.80
C THR C 1188 -6.97 56.27 -9.73
N ARG C 1189 -7.03 55.77 -8.50
CA ARG C 1189 -6.36 56.42 -7.37
C ARG C 1189 -6.13 55.37 -6.31
N ILE C 1190 -5.00 55.48 -5.62
CA ILE C 1190 -4.63 54.53 -4.57
C ILE C 1190 -5.51 54.65 -3.33
N THR C 1191 -5.95 53.50 -2.82
CA THR C 1191 -6.74 53.42 -1.60
C THR C 1191 -6.24 52.18 -0.89
N PRO C 1192 -5.54 52.35 0.24
CA PRO C 1192 -5.02 51.20 0.97
C PRO C 1192 -6.06 50.51 1.84
N LYS C 1193 -5.67 49.37 2.39
CA LYS C 1193 -6.52 48.57 3.26
C LYS C 1193 -5.68 48.30 4.51
N PRO C 1194 -6.20 48.66 5.69
CA PRO C 1194 -5.47 48.47 6.95
C PRO C 1194 -4.92 47.07 7.19
N THR C 1195 -5.66 46.05 6.81
CA THR C 1195 -5.21 44.68 7.02
C THR C 1195 -3.89 44.36 6.30
N HIS C 1196 -3.56 45.16 5.30
CA HIS C 1196 -2.34 44.95 4.54
C HIS C 1196 -1.18 45.73 5.16
N MET C 1197 -1.45 46.33 6.31
CA MET C 1197 -0.45 47.11 7.03
C MET C 1197 0.04 46.39 8.29
N ILE C 1198 -0.57 45.25 8.59
CA ILE C 1198 -0.22 44.48 9.78
C ILE C 1198 1.20 43.94 9.74
N GLY C 1199 1.87 43.98 10.89
CA GLY C 1199 3.24 43.48 10.96
C GLY C 1199 3.57 42.99 12.36
N GLY C 1200 4.81 42.55 12.55
CA GLY C 1200 5.25 42.04 13.84
C GLY C 1200 4.38 40.93 14.38
N TYR C 1201 3.82 40.10 13.49
CA TYR C 1201 2.95 39.00 13.89
C TYR C 1201 3.14 37.72 13.09
N ALA C 1202 4.30 37.08 13.25
CA ALA C 1202 4.60 35.82 12.58
C ALA C 1202 4.45 35.85 11.05
N HIS C 1203 3.43 35.21 10.51
CA HIS C 1203 3.24 35.23 9.06
C HIS C 1203 2.90 36.64 8.59
N LEU C 1204 2.36 37.45 9.50
CA LEU C 1204 2.03 38.83 9.17
C LEU C 1204 3.13 39.74 9.72
N ALA C 1205 4.26 39.75 9.00
CA ALA C 1205 5.42 40.56 9.34
C ALA C 1205 5.97 41.04 8.00
N TYR C 1206 6.80 42.08 8.01
CA TYR C 1206 7.30 42.61 6.76
C TYR C 1206 8.40 41.87 6.02
N GLY C 1207 8.42 42.11 4.71
CA GLY C 1207 9.40 41.53 3.81
C GLY C 1207 9.29 42.27 2.49
N PHE C 1208 10.42 42.62 1.89
CA PHE C 1208 10.42 43.33 0.61
C PHE C 1208 9.61 42.50 -0.38
N ASN C 1209 8.48 43.06 -0.83
CA ASN C 1209 7.57 42.39 -1.77
C ASN C 1209 6.77 41.24 -1.13
N TYR C 1210 6.98 41.01 0.16
CA TYR C 1210 6.27 39.95 0.88
C TYR C 1210 4.91 40.39 1.42
N TYR C 1211 4.87 41.57 2.02
CA TYR C 1211 3.62 42.10 2.56
C TYR C 1211 3.61 43.62 2.41
N GLY C 1212 2.42 44.20 2.51
CA GLY C 1212 2.30 45.64 2.37
C GLY C 1212 1.03 45.98 1.62
N THR C 1213 0.67 47.25 1.61
CA THR C 1213 -0.52 47.71 0.93
C THR C 1213 -0.39 47.46 -0.57
N VAL C 1214 -1.51 47.16 -1.21
CA VAL C 1214 -1.51 46.87 -2.63
C VAL C 1214 -2.31 47.86 -3.47
N GLY C 1215 -1.92 47.99 -4.74
CA GLY C 1215 -2.58 48.91 -5.64
C GLY C 1215 -3.74 48.30 -6.40
N SER C 1216 -4.80 47.90 -5.69
CA SER C 1216 -5.97 47.32 -6.33
C SER C 1216 -6.59 48.37 -7.25
N ASN C 1217 -7.31 47.94 -8.28
CA ASN C 1217 -7.87 48.89 -9.24
C ASN C 1217 -9.20 48.53 -9.91
N ARG C 1218 -9.68 47.31 -9.73
CA ARG C 1218 -10.90 46.90 -10.43
C ARG C 1218 -12.25 47.43 -9.92
N ASP C 1219 -12.28 47.95 -8.70
CA ASP C 1219 -13.53 48.48 -8.13
C ASP C 1219 -13.95 49.80 -8.76
N GLU C 1220 -13.01 50.46 -9.42
CA GLU C 1220 -13.26 51.75 -10.03
C GLU C 1220 -14.43 51.84 -11.01
N PHE C 1221 -15.12 52.98 -10.96
CA PHE C 1221 -16.24 53.26 -11.86
C PHE C 1221 -15.89 54.52 -12.61
N VAL C 1222 -16.41 54.67 -13.82
CA VAL C 1222 -16.11 55.84 -14.63
C VAL C 1222 -17.30 56.30 -15.45
N VAL C 1223 -17.21 57.52 -15.96
CA VAL C 1223 -18.27 58.07 -16.81
C VAL C 1223 -17.81 57.90 -18.25
N VAL C 1224 -18.68 57.37 -19.10
CA VAL C 1224 -18.34 57.16 -20.51
C VAL C 1224 -19.28 57.95 -21.42
N ARG C 1225 -18.74 58.50 -22.50
CA ARG C 1225 -19.54 59.26 -23.45
C ARG C 1225 -18.80 59.40 -24.77
N LYS C 1226 -19.56 59.71 -25.82
CA LYS C 1226 -18.99 59.89 -27.14
C LYS C 1226 -18.34 61.27 -27.17
N MET C 1227 -17.23 61.42 -27.86
CA MET C 1227 -16.56 62.72 -27.94
C MET C 1227 -17.22 63.56 -29.02
N LYS C 1228 -17.18 64.87 -28.85
CA LYS C 1228 -17.76 65.80 -29.81
C LYS C 1228 -16.64 66.41 -30.66
N ASN C 1229 -15.80 67.21 -30.01
CA ASN C 1229 -14.68 67.85 -30.68
C ASN C 1229 -13.43 66.98 -30.58
N ILE C 1230 -12.74 66.79 -31.69
CA ILE C 1230 -11.52 65.99 -31.71
C ILE C 1230 -10.33 66.91 -32.01
N ASP C 1231 -9.82 67.57 -30.97
CA ASP C 1231 -8.70 68.47 -31.13
C ASP C 1231 -7.38 67.80 -30.76
N TRP C 1232 -6.40 67.89 -31.64
CA TRP C 1232 -5.10 67.27 -31.43
C TRP C 1232 -4.09 68.16 -30.73
N LEU C 1233 -4.46 69.42 -30.50
CA LEU C 1233 -3.61 70.36 -29.80
C LEU C 1233 -2.16 70.38 -30.29
N ASP C 1234 -1.95 70.23 -31.59
CA ASP C 1234 -0.58 70.19 -32.10
C ASP C 1234 -0.23 71.29 -33.09
N GLY C 1235 -1.11 72.27 -33.27
CA GLY C 1235 -0.80 73.35 -34.19
C GLY C 1235 -1.13 73.09 -35.64
N GLU C 1236 -1.57 71.89 -35.97
CA GLU C 1236 -1.92 71.63 -37.35
C GLU C 1236 -3.41 71.90 -37.49
N GLY C 1237 -3.89 72.07 -38.71
CA GLY C 1237 -5.31 72.32 -38.90
C GLY C 1237 -6.02 71.03 -39.20
N ASN C 1238 -5.57 69.96 -38.56
CA ASN C 1238 -6.12 68.63 -38.77
C ASN C 1238 -6.99 68.14 -37.63
N ASP C 1239 -8.00 68.93 -37.24
CA ASP C 1239 -8.90 68.53 -36.17
C ASP C 1239 -10.20 68.04 -36.77
N GLN C 1240 -11.02 67.36 -35.97
CA GLN C 1240 -12.30 66.84 -36.44
C GLN C 1240 -13.44 67.09 -35.46
N VAL C 1241 -14.66 66.75 -35.88
CA VAL C 1241 -15.84 66.90 -35.04
C VAL C 1241 -16.75 65.69 -35.31
N GLN C 1242 -17.24 65.05 -34.25
CA GLN C 1242 -18.12 63.90 -34.40
C GLN C 1242 -19.59 64.28 -34.30
N GLU C 1243 -20.41 63.70 -35.16
CA GLU C 1243 -21.84 63.98 -35.18
C GLU C 1243 -22.57 63.71 -33.88
N SER C 1244 -23.59 64.53 -33.64
CA SER C 1244 -24.43 64.46 -32.45
C SER C 1244 -24.94 63.05 -32.14
N VAL C 1245 -25.08 62.76 -30.85
CA VAL C 1245 -25.60 61.47 -30.41
C VAL C 1245 -27.10 61.45 -30.69
N LYS C 1246 -27.66 62.63 -30.95
CA LYS C 1246 -29.09 62.76 -31.23
C LYS C 1246 -29.95 62.16 -30.11
N MET D 1 -0.65 6.16 -64.37
CA MET D 1 -0.69 7.25 -63.36
C MET D 1 0.69 7.85 -63.15
N LYS D 2 0.75 8.93 -62.36
CA LYS D 2 2.01 9.62 -62.08
C LYS D 2 2.06 10.05 -60.62
N ILE D 3 2.99 9.45 -59.86
CA ILE D 3 3.16 9.76 -58.44
C ILE D 3 4.01 10.99 -58.20
N ARG D 4 3.50 11.91 -57.41
CA ARG D 4 4.25 13.10 -57.06
C ARG D 4 4.13 13.30 -55.57
N SER D 5 5.11 13.99 -54.98
CA SER D 5 5.11 14.24 -53.55
C SER D 5 5.01 15.71 -53.19
N GLN D 6 4.46 15.96 -52.01
CA GLN D 6 4.30 17.31 -51.50
C GLN D 6 4.21 17.27 -49.98
N VAL D 7 4.80 18.26 -49.34
CA VAL D 7 4.74 18.33 -47.89
C VAL D 7 3.42 19.02 -47.55
N GLY D 8 2.49 18.25 -46.98
CA GLY D 8 1.20 18.80 -46.61
C GLY D 8 1.25 19.38 -45.21
N MET D 9 0.27 20.21 -44.88
CA MET D 9 0.22 20.84 -43.57
C MET D 9 -1.16 20.69 -42.97
N VAL D 10 -1.23 20.41 -41.68
CA VAL D 10 -2.49 20.30 -40.97
C VAL D 10 -2.41 21.22 -39.76
N LEU D 11 -3.47 22.00 -39.54
CA LEU D 11 -3.54 22.92 -38.43
C LEU D 11 -4.63 22.40 -37.50
N ASN D 12 -4.28 22.15 -36.23
CA ASN D 12 -5.26 21.67 -35.27
C ASN D 12 -5.94 22.88 -34.64
N LEU D 13 -7.09 23.28 -35.18
CA LEU D 13 -7.80 24.46 -34.67
C LEU D 13 -8.27 24.31 -33.23
N ASP D 14 -8.37 23.08 -32.76
CA ASP D 14 -8.78 22.84 -31.40
C ASP D 14 -7.72 23.39 -30.44
N LYS D 15 -6.46 23.39 -30.86
CA LYS D 15 -5.39 23.92 -30.02
C LYS D 15 -4.98 25.36 -30.35
N CYS D 16 -5.47 25.92 -31.45
CA CYS D 16 -5.08 27.30 -31.80
C CYS D 16 -5.62 28.24 -30.75
N ILE D 17 -4.76 29.16 -30.30
CA ILE D 17 -5.11 30.13 -29.28
C ILE D 17 -5.20 31.55 -29.85
N GLY D 18 -5.14 31.67 -31.17
CA GLY D 18 -5.23 32.97 -31.83
C GLY D 18 -4.20 34.03 -31.44
N CYS D 19 -2.95 33.62 -31.28
CA CYS D 19 -1.89 34.53 -30.88
C CYS D 19 -1.22 35.33 -32.03
N HIS D 20 -1.30 34.82 -33.25
CA HIS D 20 -0.71 35.51 -34.42
C HIS D 20 0.82 35.46 -34.45
N THR D 21 1.45 34.70 -33.57
CA THR D 21 2.91 34.63 -33.56
C THR D 21 3.38 34.21 -34.96
N CYS D 22 2.60 33.32 -35.57
CA CYS D 22 2.88 32.81 -36.91
C CYS D 22 2.87 33.92 -37.97
N SER D 23 2.02 34.91 -37.77
CA SER D 23 1.92 36.03 -38.70
C SER D 23 3.12 36.98 -38.58
N VAL D 24 3.51 37.27 -37.36
CA VAL D 24 4.62 38.17 -37.10
C VAL D 24 5.96 37.60 -37.60
N THR D 25 6.21 36.31 -37.35
CA THR D 25 7.47 35.72 -37.80
C THR D 25 7.56 35.64 -39.33
N CYS D 26 6.45 35.36 -40.02
CA CYS D 26 6.48 35.33 -41.49
C CYS D 26 6.73 36.75 -42.03
N LYS D 27 6.07 37.74 -41.44
CA LYS D 27 6.23 39.12 -41.87
C LYS D 27 7.68 39.58 -41.72
N ASN D 28 8.25 39.38 -40.54
CA ASN D 28 9.63 39.78 -40.29
C ASN D 28 10.61 39.21 -41.28
N VAL D 29 10.40 37.95 -41.66
CA VAL D 29 11.32 37.32 -42.59
C VAL D 29 11.05 37.64 -44.06
N TRP D 30 9.82 37.40 -44.51
CA TRP D 30 9.47 37.56 -45.91
C TRP D 30 8.79 38.82 -46.43
N THR D 31 8.05 39.54 -45.60
CA THR D 31 7.35 40.72 -46.12
C THR D 31 7.53 42.03 -45.40
N SER D 32 8.73 42.28 -44.90
CA SER D 32 9.01 43.54 -44.23
C SER D 32 9.69 44.45 -45.25
N ARG D 33 8.96 44.72 -46.33
CA ARG D 33 9.46 45.55 -47.42
C ARG D 33 8.35 46.46 -47.92
N GLU D 34 8.75 47.63 -48.41
CA GLU D 34 7.80 48.58 -48.96
C GLU D 34 7.18 47.93 -50.20
N GLY D 35 5.86 47.97 -50.31
CA GLY D 35 5.22 47.34 -51.44
C GLY D 35 4.39 46.14 -50.99
N VAL D 36 4.86 45.45 -49.95
CA VAL D 36 4.11 44.30 -49.41
C VAL D 36 3.93 44.44 -47.90
N GLU D 37 4.12 45.65 -47.39
CA GLU D 37 3.98 45.89 -45.96
C GLU D 37 2.56 45.55 -45.49
N TYR D 38 1.60 45.72 -46.39
CA TYR D 38 0.20 45.45 -46.08
C TYR D 38 -0.16 43.97 -46.30
N ALA D 39 0.74 43.21 -46.89
CA ALA D 39 0.49 41.80 -47.18
C ALA D 39 0.93 40.87 -46.05
N TRP D 40 0.04 39.95 -45.68
CA TRP D 40 0.35 39.00 -44.62
C TRP D 40 0.19 37.59 -45.18
N PHE D 41 1.29 37.03 -45.70
CA PHE D 41 1.27 35.68 -46.29
C PHE D 41 0.51 34.70 -45.40
N ASN D 42 0.69 34.84 -44.10
CA ASN D 42 0.01 34.03 -43.11
C ASN D 42 -0.77 35.06 -42.30
N ASN D 43 -2.08 34.89 -42.16
CA ASN D 43 -2.86 35.81 -41.35
C ASN D 43 -3.86 35.00 -40.54
N VAL D 44 -4.23 35.51 -39.37
CA VAL D 44 -5.17 34.81 -38.51
C VAL D 44 -6.45 35.61 -38.41
N GLU D 45 -7.56 34.94 -38.63
CA GLU D 45 -8.87 35.60 -38.59
C GLU D 45 -9.75 35.03 -37.48
N THR D 46 -10.45 35.92 -36.77
CA THR D 46 -11.36 35.48 -35.72
C THR D 46 -12.73 35.32 -36.36
N LYS D 47 -13.37 34.18 -36.09
CA LYS D 47 -14.70 33.90 -36.65
C LYS D 47 -15.71 33.89 -35.50
N PRO D 48 -16.95 34.34 -35.74
CA PRO D 48 -17.53 34.88 -36.99
C PRO D 48 -16.84 36.17 -37.46
N GLY D 49 -16.75 36.35 -38.77
CA GLY D 49 -16.12 37.54 -39.32
C GLY D 49 -15.96 37.46 -40.83
N GLN D 50 -15.61 38.58 -41.46
CA GLN D 50 -15.45 38.60 -42.91
C GLN D 50 -13.99 38.45 -43.37
N GLY D 51 -13.05 38.64 -42.45
CA GLY D 51 -11.66 38.44 -42.80
C GLY D 51 -10.82 39.43 -43.59
N PHE D 52 -9.70 38.90 -44.07
CA PHE D 52 -8.68 39.64 -44.81
C PHE D 52 -8.32 38.99 -46.16
N PRO D 53 -8.67 39.64 -47.29
CA PRO D 53 -9.38 40.93 -47.38
C PRO D 53 -10.83 40.72 -47.03
N THR D 54 -11.53 41.80 -46.74
CA THR D 54 -12.94 41.74 -46.37
C THR D 54 -13.82 40.92 -47.28
N ASP D 55 -14.35 39.83 -46.73
CA ASP D 55 -15.28 38.94 -47.42
C ASP D 55 -14.64 38.10 -48.52
N TRP D 56 -13.40 37.70 -48.33
CA TRP D 56 -12.71 36.92 -49.34
C TRP D 56 -13.44 35.63 -49.72
N GLU D 57 -14.23 35.10 -48.79
CA GLU D 57 -14.96 33.86 -49.04
C GLU D 57 -16.14 34.00 -50.00
N ASN D 58 -16.54 35.24 -50.27
CA ASN D 58 -17.66 35.50 -51.18
C ASN D 58 -17.15 35.51 -52.61
N GLN D 59 -17.22 34.36 -53.27
CA GLN D 59 -16.74 34.25 -54.65
C GLN D 59 -17.68 34.93 -55.66
N GLU D 60 -18.91 35.24 -55.25
CA GLU D 60 -19.85 35.92 -56.13
C GLU D 60 -19.36 37.34 -56.27
N LYS D 61 -18.66 37.81 -55.25
CA LYS D 61 -18.13 39.16 -55.19
C LYS D 61 -16.74 39.25 -55.84
N TYR D 62 -15.84 38.35 -55.46
CA TYR D 62 -14.48 38.36 -55.99
C TYR D 62 -14.20 37.48 -57.21
N LYS D 63 -15.10 36.55 -57.52
CA LYS D 63 -14.96 35.68 -58.68
C LYS D 63 -13.75 34.73 -58.61
N GLY D 64 -13.43 34.24 -57.42
CA GLY D 64 -12.30 33.33 -57.31
C GLY D 64 -12.69 31.87 -57.45
N GLY D 65 -11.70 31.01 -57.62
CA GLY D 65 -11.96 29.58 -57.73
C GLY D 65 -12.42 29.09 -59.08
N TRP D 66 -12.89 27.85 -59.12
CA TRP D 66 -13.37 27.24 -60.35
C TRP D 66 -14.87 26.99 -60.33
N ILE D 67 -15.42 26.78 -61.52
CA ILE D 67 -16.83 26.46 -61.67
C ILE D 67 -16.86 25.23 -62.56
N ARG D 68 -17.85 24.37 -62.37
CA ARG D 68 -17.97 23.17 -63.19
C ARG D 68 -19.00 23.44 -64.29
N LYS D 69 -18.57 23.35 -65.54
CA LYS D 69 -19.48 23.59 -66.66
C LYS D 69 -20.42 22.42 -66.88
N ILE D 70 -21.53 22.69 -67.57
CA ILE D 70 -22.53 21.66 -67.87
C ILE D 70 -21.93 20.44 -68.56
N ASN D 71 -20.89 20.65 -69.35
CA ASN D 71 -20.25 19.54 -70.04
C ASN D 71 -19.33 18.79 -69.09
N GLY D 72 -19.30 19.22 -67.84
CA GLY D 72 -18.47 18.57 -66.84
C GLY D 72 -17.01 18.99 -66.79
N LYS D 73 -16.65 19.99 -67.58
CA LYS D 73 -15.28 20.48 -67.61
C LYS D 73 -15.18 21.71 -66.71
N LEU D 74 -14.01 21.90 -66.10
CA LEU D 74 -13.80 23.04 -65.23
C LEU D 74 -13.35 24.29 -65.98
N GLN D 75 -13.68 25.44 -65.41
CA GLN D 75 -13.30 26.72 -65.98
C GLN D 75 -13.21 27.71 -64.82
N PRO D 76 -12.23 28.63 -64.87
CA PRO D 76 -12.13 29.59 -63.76
C PRO D 76 -13.44 30.37 -63.64
N ARG D 77 -13.86 30.64 -62.41
CA ARG D 77 -15.09 31.39 -62.21
C ARG D 77 -14.99 32.80 -62.81
N MET D 78 -13.76 33.29 -62.99
CA MET D 78 -13.59 34.62 -63.55
C MET D 78 -13.64 34.66 -65.08
N GLY D 79 -13.93 33.51 -65.70
CA GLY D 79 -14.05 33.47 -67.16
C GLY D 79 -13.15 32.54 -67.95
N ASN D 80 -13.48 32.38 -69.23
CA ASN D 80 -12.71 31.54 -70.15
C ASN D 80 -11.45 32.28 -70.62
N ARG D 81 -10.62 31.61 -71.43
CA ARG D 81 -9.39 32.22 -71.90
C ARG D 81 -9.60 33.57 -72.58
N ALA D 82 -10.76 33.74 -73.23
CA ALA D 82 -11.07 34.99 -73.90
C ALA D 82 -11.26 36.11 -72.88
N MET D 83 -11.96 35.80 -71.80
CA MET D 83 -12.23 36.78 -70.77
C MET D 83 -10.96 37.07 -69.95
N LEU D 84 -10.10 36.07 -69.81
CA LEU D 84 -8.86 36.22 -69.05
C LEU D 84 -7.90 37.25 -69.63
N LEU D 85 -7.44 36.99 -70.84
CA LEU D 85 -6.51 37.90 -71.49
C LEU D 85 -7.15 39.27 -71.68
N GLY D 86 -8.49 39.32 -71.67
CA GLY D 86 -9.18 40.59 -71.77
C GLY D 86 -9.03 41.35 -70.47
N LYS D 87 -9.02 40.62 -69.35
CA LYS D 87 -8.88 41.25 -68.04
C LYS D 87 -7.48 41.76 -67.76
N ILE D 88 -6.57 41.58 -68.72
CA ILE D 88 -5.21 42.10 -68.58
C ILE D 88 -5.32 43.62 -68.64
N PHE D 89 -6.32 44.10 -69.37
CA PHE D 89 -6.54 45.54 -69.54
C PHE D 89 -7.57 46.10 -68.57
N ALA D 90 -8.61 45.33 -68.29
CA ALA D 90 -9.64 45.80 -67.39
C ALA D 90 -10.21 44.66 -66.54
N ASN D 91 -9.92 44.70 -65.24
CA ASN D 91 -10.40 43.69 -64.31
C ASN D 91 -11.16 44.43 -63.22
N PRO D 92 -12.50 44.42 -63.29
CA PRO D 92 -13.40 45.08 -62.35
C PRO D 92 -13.57 44.43 -60.97
N HIS D 93 -12.96 43.27 -60.75
CA HIS D 93 -13.12 42.58 -59.47
C HIS D 93 -11.94 42.64 -58.51
N LEU D 94 -10.84 43.24 -58.94
CA LEU D 94 -9.65 43.35 -58.10
C LEU D 94 -9.92 44.02 -56.77
N PRO D 95 -9.44 43.41 -55.66
CA PRO D 95 -9.63 43.97 -54.32
C PRO D 95 -8.90 45.31 -54.24
N GLY D 96 -9.56 46.32 -53.67
CA GLY D 96 -8.93 47.62 -53.53
C GLY D 96 -8.13 47.64 -52.25
N ILE D 97 -7.33 48.68 -52.04
CA ILE D 97 -6.53 48.76 -50.82
C ILE D 97 -7.43 48.81 -49.58
N ASP D 98 -8.64 49.31 -49.74
CA ASP D 98 -9.56 49.39 -48.60
C ASP D 98 -10.19 48.04 -48.27
N ASP D 99 -10.07 47.07 -49.17
CA ASP D 99 -10.62 45.74 -48.89
C ASP D 99 -9.65 45.08 -47.91
N TYR D 100 -8.39 45.51 -47.95
CA TYR D 100 -7.37 45.02 -47.04
C TYR D 100 -7.37 46.05 -45.91
N TYR D 101 -6.55 47.09 -46.08
CA TYR D 101 -6.46 48.21 -45.15
C TYR D 101 -5.35 49.12 -45.64
N GLU D 102 -5.41 50.40 -45.29
CA GLU D 102 -4.38 51.33 -45.69
C GLU D 102 -3.26 51.22 -44.66
N PRO D 103 -2.10 50.69 -45.07
CA PRO D 103 -0.99 50.55 -44.13
C PRO D 103 -0.58 51.88 -43.52
N PHE D 104 -0.26 51.86 -42.23
CA PHE D 104 0.11 53.08 -41.52
C PHE D 104 1.36 52.98 -40.66
N ASP D 105 1.83 54.14 -40.22
CA ASP D 105 3.01 54.27 -39.39
C ASP D 105 2.63 55.40 -38.42
N PHE D 106 3.53 55.77 -37.52
CA PHE D 106 3.27 56.85 -36.56
C PHE D 106 4.50 57.74 -36.50
N ASP D 107 4.28 59.02 -36.24
CA ASP D 107 5.39 59.98 -36.18
C ASP D 107 6.09 59.95 -34.82
N TYR D 108 6.80 58.86 -34.56
CA TYR D 108 7.50 58.70 -33.31
C TYR D 108 8.50 59.81 -33.04
N GLN D 109 9.20 60.26 -34.08
CA GLN D 109 10.20 61.30 -33.90
C GLN D 109 9.67 62.59 -33.26
N ASN D 110 8.38 62.86 -33.41
CA ASN D 110 7.81 64.06 -32.81
C ASN D 110 7.96 63.99 -31.29
N LEU D 111 7.98 62.78 -30.74
CA LEU D 111 8.14 62.63 -29.30
C LEU D 111 9.56 63.06 -28.92
N HIS D 112 10.50 62.86 -29.82
CA HIS D 112 11.90 63.22 -29.57
C HIS D 112 12.22 64.68 -29.86
N THR D 113 11.66 65.20 -30.95
CA THR D 113 11.94 66.56 -31.39
C THR D 113 10.97 67.67 -31.04
N ALA D 114 9.87 67.37 -30.35
CA ALA D 114 8.94 68.43 -30.01
C ALA D 114 9.74 69.60 -29.42
N PRO D 115 9.45 70.83 -29.87
CA PRO D 115 10.15 72.03 -29.40
C PRO D 115 9.86 72.46 -27.97
N GLU D 116 10.81 73.21 -27.42
CA GLU D 116 10.69 73.75 -26.08
C GLU D 116 9.42 74.60 -26.01
N GLY D 117 8.75 74.57 -24.87
CA GLY D 117 7.55 75.37 -24.72
C GLY D 117 6.32 74.89 -25.49
N SER D 118 6.26 73.60 -25.79
CA SER D 118 5.09 73.07 -26.50
C SER D 118 3.90 73.29 -25.58
N LYS D 119 2.78 73.70 -26.15
CA LYS D 119 1.59 73.98 -25.36
C LYS D 119 0.90 72.74 -24.80
N SER D 120 1.16 71.59 -25.39
CA SER D 120 0.56 70.35 -24.91
C SER D 120 1.57 69.23 -25.03
N GLN D 121 1.27 68.10 -24.40
CA GLN D 121 2.15 66.95 -24.44
C GLN D 121 2.30 66.44 -25.87
N PRO D 122 3.55 66.26 -26.32
CA PRO D 122 3.79 65.77 -27.68
C PRO D 122 3.16 64.37 -27.83
N ILE D 123 2.69 64.05 -29.02
CA ILE D 123 2.09 62.76 -29.29
C ILE D 123 2.51 62.32 -30.69
N ALA D 124 2.35 61.02 -30.97
CA ALA D 124 2.72 60.48 -32.27
C ALA D 124 1.46 60.09 -33.04
N ARG D 125 1.11 60.90 -34.04
CA ARG D 125 -0.08 60.65 -34.84
C ARG D 125 0.23 59.73 -36.01
N PRO D 126 -0.81 59.06 -36.54
CA PRO D 126 -0.64 58.15 -37.67
C PRO D 126 -0.38 58.85 -39.00
N ARG D 127 0.32 58.15 -39.88
CA ARG D 127 0.65 58.64 -41.21
C ARG D 127 0.55 57.43 -42.14
N SER D 128 0.05 57.64 -43.35
CA SER D 128 -0.11 56.57 -44.32
C SER D 128 1.23 56.14 -44.91
N LEU D 129 1.45 54.82 -44.99
CA LEU D 129 2.68 54.29 -45.55
C LEU D 129 2.56 54.28 -47.07
N ILE D 130 1.37 54.58 -47.58
CA ILE D 130 1.16 54.60 -49.02
C ILE D 130 1.29 56.03 -49.57
N THR D 131 0.49 56.93 -49.02
CA THR D 131 0.47 58.34 -49.46
C THR D 131 1.45 59.22 -48.70
N GLY D 132 1.94 58.72 -47.57
CA GLY D 132 2.88 59.51 -46.78
C GLY D 132 2.22 60.68 -46.09
N GLU D 133 0.90 60.78 -46.20
CA GLU D 133 0.17 61.88 -45.58
C GLU D 133 -0.42 61.54 -44.22
N ARG D 134 -0.66 62.59 -43.43
CA ARG D 134 -1.25 62.45 -42.11
C ARG D 134 -2.61 61.78 -42.22
N MET D 135 -2.88 60.84 -41.32
CA MET D 135 -4.16 60.15 -41.31
C MET D 135 -4.95 60.70 -40.13
N ALA D 136 -6.17 61.15 -40.41
CA ALA D 136 -7.01 61.71 -39.35
C ALA D 136 -7.42 60.63 -38.37
N LYS D 137 -7.68 59.44 -38.88
CA LYS D 137 -8.12 58.35 -38.03
C LYS D 137 -7.84 56.99 -38.66
N ILE D 138 -7.46 56.01 -37.85
CA ILE D 138 -7.24 54.68 -38.39
C ILE D 138 -8.60 53.99 -38.31
N GLU D 139 -9.09 53.52 -39.44
CA GLU D 139 -10.40 52.90 -39.50
C GLU D 139 -10.38 51.43 -39.89
N LYS D 140 -9.20 50.88 -40.14
CA LYS D 140 -9.11 49.49 -40.52
C LYS D 140 -7.72 48.90 -40.35
N GLY D 141 -7.67 47.59 -40.17
CA GLY D 141 -6.41 46.89 -39.99
C GLY D 141 -6.61 45.48 -40.50
N PRO D 142 -5.53 44.69 -40.63
CA PRO D 142 -5.68 43.32 -41.13
C PRO D 142 -6.33 42.35 -40.13
N ASN D 143 -6.44 42.75 -38.87
CA ASN D 143 -7.02 41.92 -37.83
C ASN D 143 -8.03 42.73 -37.01
N TRP D 144 -8.73 43.63 -37.70
CA TRP D 144 -9.70 44.52 -37.08
C TRP D 144 -10.80 43.84 -36.26
N GLU D 145 -11.27 42.68 -36.73
CA GLU D 145 -12.34 41.94 -36.05
C GLU D 145 -11.89 41.03 -34.90
N ASP D 146 -10.61 41.09 -34.54
CA ASP D 146 -10.06 40.24 -33.47
C ASP D 146 -10.99 40.12 -32.26
N ASP D 147 -11.21 38.88 -31.83
CA ASP D 147 -12.07 38.57 -30.69
C ASP D 147 -13.44 39.23 -30.70
N LEU D 148 -14.15 39.09 -31.81
CA LEU D 148 -15.48 39.64 -31.97
C LEU D 148 -15.56 41.16 -31.78
N GLY D 149 -14.57 41.88 -32.28
CA GLY D 149 -14.58 43.32 -32.17
C GLY D 149 -15.53 43.86 -33.23
N GLY D 150 -16.58 44.53 -32.78
CA GLY D 150 -17.55 45.07 -33.71
C GLY D 150 -18.93 44.46 -33.44
N GLU D 151 -19.98 45.17 -33.83
CA GLU D 151 -21.34 44.69 -33.62
C GLU D 151 -21.54 43.32 -34.26
N PHE D 152 -22.20 42.43 -33.54
CA PHE D 152 -22.42 41.08 -34.01
C PHE D 152 -23.07 41.00 -35.40
N ASP D 153 -24.17 41.73 -35.57
CA ASP D 153 -24.87 41.70 -36.86
C ASP D 153 -23.98 42.06 -38.03
N LYS D 154 -22.84 42.69 -37.73
CA LYS D 154 -21.88 43.07 -38.76
C LYS D 154 -20.95 41.88 -39.01
N LEU D 155 -20.50 41.26 -37.92
CA LEU D 155 -19.61 40.11 -37.99
C LEU D 155 -20.35 38.91 -38.61
N ALA D 156 -21.65 38.82 -38.35
CA ALA D 156 -22.46 37.73 -38.85
C ALA D 156 -22.68 37.71 -40.36
N LYS D 157 -22.13 38.68 -41.06
CA LYS D 157 -22.26 38.71 -42.51
C LYS D 157 -21.32 37.65 -43.07
N ASP D 158 -20.60 37.03 -42.13
CA ASP D 158 -19.67 35.93 -42.39
C ASP D 158 -20.39 35.02 -43.39
N LYS D 159 -19.75 34.72 -44.52
CA LYS D 159 -20.39 33.86 -45.51
C LYS D 159 -20.70 32.46 -45.00
N ASN D 160 -19.95 32.01 -43.99
CA ASN D 160 -20.16 30.68 -43.43
C ASN D 160 -21.44 30.60 -42.60
N PHE D 161 -22.06 31.74 -42.37
CA PHE D 161 -23.30 31.80 -41.60
C PHE D 161 -24.50 31.69 -42.55
N ASP D 162 -24.26 31.18 -43.76
CA ASP D 162 -25.31 31.01 -44.75
C ASP D 162 -26.19 29.82 -44.36
N ASN D 163 -27.48 29.94 -44.64
CA ASN D 163 -28.43 28.87 -44.33
C ASN D 163 -28.47 28.57 -42.83
N ILE D 164 -28.11 29.54 -42.02
CA ILE D 164 -28.14 29.36 -40.57
C ILE D 164 -28.86 30.50 -39.90
N GLN D 165 -29.85 30.17 -39.07
CA GLN D 165 -30.63 31.15 -38.33
C GLN D 165 -29.70 31.82 -37.33
N LYS D 166 -29.25 33.03 -37.66
CA LYS D 166 -28.33 33.78 -36.82
C LYS D 166 -28.89 34.25 -35.48
N ALA D 167 -30.13 34.72 -35.50
CA ALA D 167 -30.80 35.25 -34.32
C ALA D 167 -30.27 34.83 -32.94
N MET D 168 -30.30 33.54 -32.65
CA MET D 168 -29.85 33.04 -31.34
C MET D 168 -28.41 33.38 -30.96
N TYR D 169 -27.51 33.36 -31.94
CA TYR D 169 -26.10 33.65 -31.66
C TYR D 169 -25.81 35.13 -31.42
N SER D 170 -26.83 35.96 -31.56
CA SER D 170 -26.68 37.40 -31.33
C SER D 170 -26.86 37.69 -29.84
N GLN D 171 -27.12 36.64 -29.07
CA GLN D 171 -27.32 36.78 -27.63
C GLN D 171 -26.06 36.45 -26.83
N PHE D 172 -25.73 37.32 -25.88
CA PHE D 172 -24.55 37.16 -25.03
C PHE D 172 -24.34 35.71 -24.60
N GLU D 173 -25.37 35.09 -24.03
CA GLU D 173 -25.28 33.71 -23.55
C GLU D 173 -24.89 32.67 -24.59
N ASN D 174 -25.10 32.98 -25.87
CA ASN D 174 -24.76 32.04 -26.93
C ASN D 174 -23.48 32.39 -27.68
N THR D 175 -22.78 33.40 -27.19
CA THR D 175 -21.55 33.84 -27.82
C THR D 175 -20.58 32.68 -28.06
N PHE D 176 -19.85 32.76 -29.16
CA PHE D 176 -18.84 31.75 -29.51
C PHE D 176 -17.86 32.38 -30.50
N MET D 177 -16.60 31.98 -30.43
CA MET D 177 -15.59 32.49 -31.33
C MET D 177 -14.47 31.48 -31.46
N MET D 178 -13.89 31.40 -32.65
CA MET D 178 -12.80 30.48 -32.92
C MET D 178 -11.80 31.23 -33.80
N TYR D 179 -10.67 30.62 -34.07
CA TYR D 179 -9.64 31.26 -34.88
C TYR D 179 -9.32 30.49 -36.15
N LEU D 180 -9.07 31.24 -37.22
CA LEU D 180 -8.75 30.62 -38.49
C LEU D 180 -7.42 31.13 -39.05
N PRO D 181 -6.32 30.41 -38.79
CA PRO D 181 -5.01 30.81 -39.29
C PRO D 181 -4.96 30.32 -40.74
N ARG D 182 -4.42 31.12 -41.65
CA ARG D 182 -4.36 30.65 -43.02
C ARG D 182 -3.26 31.25 -43.87
N LEU D 183 -2.77 30.43 -44.80
CA LEU D 183 -1.71 30.80 -45.72
C LEU D 183 -2.15 30.30 -47.08
N CYS D 184 -1.22 30.16 -48.02
CA CYS D 184 -1.56 29.63 -49.34
C CYS D 184 -1.78 28.12 -49.14
N GLU D 185 -2.77 27.58 -49.85
CA GLU D 185 -3.12 26.17 -49.75
C GLU D 185 -2.24 25.28 -50.64
N HIS D 186 -1.41 25.90 -51.48
CA HIS D 186 -0.54 25.17 -52.39
C HIS D 186 -1.29 24.00 -53.01
N CYS D 187 -2.45 24.36 -53.56
CA CYS D 187 -3.40 23.46 -54.18
C CYS D 187 -2.86 22.49 -55.23
N LEU D 188 -3.58 21.37 -55.40
CA LEU D 188 -3.23 20.34 -56.39
C LEU D 188 -3.82 20.78 -57.72
N ASN D 189 -4.90 21.55 -57.65
CA ASN D 189 -5.56 22.07 -58.85
C ASN D 189 -5.67 23.58 -58.65
N PRO D 190 -4.51 24.27 -58.55
CA PRO D 190 -4.45 25.72 -58.35
C PRO D 190 -5.17 26.58 -59.39
N ALA D 191 -6.05 27.45 -58.90
CA ALA D 191 -6.80 28.34 -59.76
C ALA D 191 -5.90 29.50 -60.22
N CYS D 192 -4.92 29.85 -59.40
CA CYS D 192 -4.01 30.93 -59.73
C CYS D 192 -3.20 30.59 -60.99
N VAL D 193 -2.68 29.38 -61.04
CA VAL D 193 -1.90 28.94 -62.19
C VAL D 193 -2.75 28.98 -63.46
N ALA D 194 -4.03 28.65 -63.31
CA ALA D 194 -4.92 28.63 -64.46
C ALA D 194 -5.26 30.03 -64.98
N THR D 195 -5.21 31.02 -64.09
CA THR D 195 -5.56 32.39 -64.50
C THR D 195 -4.42 33.33 -64.94
N CYS D 196 -3.19 32.81 -65.04
CA CYS D 196 -2.07 33.63 -65.52
C CYS D 196 -1.62 33.01 -66.83
N PRO D 197 -2.03 33.60 -67.95
CA PRO D 197 -1.72 33.15 -69.31
C PRO D 197 -0.24 33.01 -69.68
N SER D 198 0.64 33.73 -68.99
CA SER D 198 2.06 33.68 -69.30
C SER D 198 2.81 32.52 -68.67
N GLY D 199 2.20 31.86 -67.70
CA GLY D 199 2.87 30.75 -67.05
C GLY D 199 3.87 31.24 -66.03
N ALA D 200 3.64 32.44 -65.50
CA ALA D 200 4.52 33.00 -64.48
C ALA D 200 4.32 32.23 -63.18
N ILE D 201 3.11 31.74 -62.95
CA ILE D 201 2.81 30.98 -61.75
C ILE D 201 2.91 29.49 -62.08
N TYR D 202 3.68 28.76 -61.29
CA TYR D 202 3.86 27.33 -61.52
C TYR D 202 3.89 26.54 -60.22
N LYS D 203 3.53 25.26 -60.30
CA LYS D 203 3.53 24.36 -59.16
C LYS D 203 4.73 23.44 -59.37
N ARG D 204 5.73 23.54 -58.50
CA ARG D 204 6.93 22.72 -58.62
C ARG D 204 6.61 21.23 -58.56
N GLU D 205 7.20 20.45 -59.47
CA GLU D 205 6.93 19.02 -59.51
C GLU D 205 7.56 18.23 -58.36
N GLU D 206 8.72 18.69 -57.90
CA GLU D 206 9.44 18.03 -56.81
C GLU D 206 8.70 18.04 -55.48
N ASP D 207 8.09 19.18 -55.13
CA ASP D 207 7.39 19.29 -53.86
C ASP D 207 6.01 19.95 -53.89
N GLY D 208 5.51 20.26 -55.07
CA GLY D 208 4.20 20.87 -55.17
C GLY D 208 4.04 22.31 -54.67
N ILE D 209 5.15 22.96 -54.34
CA ILE D 209 5.10 24.34 -53.87
C ILE D 209 4.77 25.25 -55.04
N VAL D 210 3.74 26.08 -54.87
CA VAL D 210 3.29 26.99 -55.91
C VAL D 210 3.99 28.35 -55.79
N LEU D 211 4.65 28.78 -56.86
CA LEU D 211 5.37 30.04 -56.86
C LEU D 211 5.09 30.94 -58.04
N ILE D 212 5.38 32.23 -57.87
CA ILE D 212 5.19 33.21 -58.93
C ILE D 212 6.58 33.65 -59.38
N ASP D 213 6.94 33.31 -60.61
CA ASP D 213 8.24 33.68 -61.17
C ASP D 213 8.28 35.21 -61.22
N GLN D 214 9.15 35.82 -60.44
CA GLN D 214 9.23 37.28 -60.40
C GLN D 214 9.71 37.91 -61.70
N ASP D 215 10.56 37.20 -62.45
CA ASP D 215 11.06 37.70 -63.71
C ASP D 215 10.01 37.71 -64.80
N LYS D 216 9.15 36.70 -64.79
CA LYS D 216 8.11 36.57 -65.81
C LYS D 216 6.82 37.34 -65.51
N CYS D 217 6.57 37.64 -64.24
CA CYS D 217 5.36 38.37 -63.87
C CYS D 217 5.34 39.77 -64.50
N ARG D 218 4.17 40.19 -65.00
CA ARG D 218 4.03 41.49 -65.63
C ARG D 218 2.96 42.33 -64.94
N GLY D 219 2.52 41.87 -63.78
CA GLY D 219 1.51 42.61 -63.04
C GLY D 219 0.13 42.62 -63.67
N TRP D 220 -0.19 41.59 -64.46
CA TRP D 220 -1.52 41.51 -65.09
C TRP D 220 -2.57 41.32 -64.01
N ARG D 221 -2.21 40.62 -62.94
CA ARG D 221 -3.07 40.42 -61.78
C ARG D 221 -4.36 39.62 -61.85
N MET D 222 -4.54 38.80 -62.88
CA MET D 222 -5.76 38.00 -62.94
C MET D 222 -5.71 36.95 -61.82
N CYS D 223 -4.48 36.58 -61.45
CA CYS D 223 -4.23 35.59 -60.40
C CYS D 223 -4.81 36.00 -59.06
N ILE D 224 -4.78 37.29 -58.76
CA ILE D 224 -5.31 37.77 -57.49
C ILE D 224 -6.80 37.49 -57.42
N THR D 225 -7.48 37.64 -58.56
CA THR D 225 -8.91 37.39 -58.64
C THR D 225 -9.15 35.89 -58.60
N GLY D 226 -8.35 35.17 -59.38
CA GLY D 226 -8.48 33.72 -59.49
C GLY D 226 -8.39 32.94 -58.19
N CYS D 227 -7.46 33.32 -57.31
CA CYS D 227 -7.31 32.63 -56.03
C CYS D 227 -8.52 32.88 -55.13
N PRO D 228 -9.30 31.82 -54.85
CA PRO D 228 -10.49 31.93 -54.00
C PRO D 228 -10.18 32.13 -52.52
N TYR D 229 -8.92 31.97 -52.14
CA TYR D 229 -8.48 32.16 -50.76
C TYR D 229 -7.83 33.54 -50.64
N LYS D 230 -7.69 34.23 -51.78
CA LYS D 230 -7.09 35.56 -51.85
C LYS D 230 -5.77 35.61 -51.11
N LYS D 231 -4.87 34.69 -51.44
CA LYS D 231 -3.58 34.64 -50.80
C LYS D 231 -2.44 35.11 -51.70
N ILE D 232 -2.80 35.80 -52.79
CA ILE D 232 -1.83 36.38 -53.69
C ILE D 232 -1.96 37.88 -53.52
N TYR D 233 -0.87 38.57 -53.23
CA TYR D 233 -0.93 40.01 -53.03
C TYR D 233 -0.09 40.78 -54.03
N PHE D 234 -0.62 41.92 -54.47
CA PHE D 234 0.08 42.78 -55.41
C PHE D 234 1.13 43.56 -54.66
N ASN D 235 2.36 43.58 -55.17
CA ASN D 235 3.42 44.37 -54.56
C ASN D 235 3.35 45.69 -55.34
N TRP D 236 2.74 46.70 -54.75
CA TRP D 236 2.59 47.98 -55.44
C TRP D 236 3.88 48.71 -55.78
N LYS D 237 4.96 48.35 -55.10
CA LYS D 237 6.24 48.99 -55.36
C LYS D 237 6.97 48.32 -56.52
N SER D 238 6.90 47.01 -56.63
CA SER D 238 7.58 46.31 -57.71
C SER D 238 6.70 46.12 -58.95
N GLY D 239 5.39 46.27 -58.77
CA GLY D 239 4.49 46.10 -59.90
C GLY D 239 4.31 44.62 -60.25
N LYS D 240 4.60 43.76 -59.28
CA LYS D 240 4.49 42.32 -59.44
C LYS D 240 3.72 41.73 -58.26
N SER D 241 3.23 40.51 -58.42
CA SER D 241 2.47 39.87 -57.35
C SER D 241 3.35 38.89 -56.57
N GLU D 242 3.06 38.76 -55.28
CA GLU D 242 3.82 37.85 -54.42
C GLU D 242 2.85 37.01 -53.58
N LYS D 243 3.37 35.91 -53.03
CA LYS D 243 2.55 34.99 -52.23
C LYS D 243 3.40 34.11 -51.33
N CYS D 244 2.75 33.42 -50.40
CA CYS D 244 3.41 32.48 -49.50
C CYS D 244 4.27 31.58 -50.39
N ILE D 245 5.54 31.40 -50.03
CA ILE D 245 6.45 30.57 -50.82
C ILE D 245 6.69 29.22 -50.13
N PHE D 246 5.88 28.95 -49.09
CA PHE D 246 5.98 27.75 -48.28
C PHE D 246 7.42 27.55 -47.80
N CYS D 247 8.08 28.68 -47.52
CA CYS D 247 9.45 28.67 -47.04
C CYS D 247 10.29 27.60 -47.74
N TYR D 248 10.21 27.52 -49.07
CA TYR D 248 10.98 26.48 -49.78
C TYR D 248 12.47 26.46 -49.44
N PRO D 249 13.09 27.62 -49.16
CA PRO D 249 14.52 27.58 -48.82
C PRO D 249 14.75 26.66 -47.61
N ARG D 250 13.75 26.56 -46.73
CA ARG D 250 13.87 25.71 -45.56
C ARG D 250 13.43 24.27 -45.86
N ILE D 251 12.28 24.12 -46.51
CA ILE D 251 11.76 22.80 -46.85
C ILE D 251 12.78 21.99 -47.63
N GLU D 252 13.47 22.65 -48.56
CA GLU D 252 14.48 21.98 -49.38
C GLU D 252 15.63 21.46 -48.54
N ALA D 253 15.92 22.13 -47.42
CA ALA D 253 16.99 21.69 -46.55
C ALA D 253 16.48 20.74 -45.49
N GLY D 254 15.23 20.30 -45.62
CA GLY D 254 14.64 19.38 -44.66
C GLY D 254 14.17 20.02 -43.37
N GLN D 255 13.90 21.32 -43.39
CA GLN D 255 13.43 22.00 -42.18
C GLN D 255 11.96 22.39 -42.28
N PRO D 256 11.31 22.67 -41.14
CA PRO D 256 9.90 23.05 -41.12
C PRO D 256 9.78 24.50 -41.64
N THR D 257 8.58 24.90 -42.06
CA THR D 257 8.39 26.27 -42.52
C THR D 257 8.55 27.15 -41.29
N VAL D 258 8.76 28.45 -41.49
CA VAL D 258 8.91 29.37 -40.37
C VAL D 258 7.65 29.43 -39.50
N CYS D 259 6.49 29.52 -40.14
CA CYS D 259 5.24 29.60 -39.38
C CYS D 259 4.92 28.31 -38.61
N SER D 260 5.54 27.20 -39.00
CA SER D 260 5.29 25.93 -38.32
C SER D 260 6.15 25.81 -37.07
N GLU D 261 7.45 26.01 -37.25
CA GLU D 261 8.39 25.92 -36.15
C GLU D 261 8.11 26.95 -35.05
N THR D 262 7.64 28.13 -35.44
CA THR D 262 7.35 29.18 -34.48
C THR D 262 5.92 29.16 -33.92
N CYS D 263 5.13 28.18 -34.32
CA CYS D 263 3.75 28.09 -33.83
C CYS D 263 3.77 27.81 -32.32
N VAL D 264 3.37 28.81 -31.53
CA VAL D 264 3.37 28.70 -30.08
C VAL D 264 2.40 27.66 -29.52
N GLY D 265 1.26 27.47 -30.18
CA GLY D 265 0.28 26.50 -29.72
C GLY D 265 0.62 25.05 -30.06
N ARG D 266 1.65 24.86 -30.89
CA ARG D 266 2.09 23.53 -31.30
C ARG D 266 0.93 22.83 -32.02
N ILE D 267 0.29 23.55 -32.94
CA ILE D 267 -0.86 23.00 -33.66
C ILE D 267 -0.58 22.62 -35.10
N ARG D 268 0.58 23.01 -35.63
CA ARG D 268 0.87 22.71 -37.02
C ARG D 268 1.70 21.46 -37.24
N TYR D 269 1.25 20.62 -38.19
CA TYR D 269 1.92 19.37 -38.53
C TYR D 269 2.34 19.38 -39.99
N LEU D 270 3.52 18.84 -40.27
CA LEU D 270 4.02 18.78 -41.64
C LEU D 270 4.45 17.35 -41.94
N GLY D 271 4.08 16.88 -43.12
CA GLY D 271 4.44 15.54 -43.52
C GLY D 271 4.25 15.36 -45.01
N VAL D 272 4.98 14.41 -45.58
CA VAL D 272 4.90 14.13 -47.00
C VAL D 272 3.64 13.36 -47.35
N LEU D 273 3.08 13.67 -48.52
CA LEU D 273 1.90 12.98 -49.02
C LEU D 273 2.19 12.64 -50.47
N LEU D 274 1.92 11.39 -50.84
CA LEU D 274 2.14 10.94 -52.21
C LEU D 274 0.77 10.96 -52.88
N TYR D 275 0.69 11.55 -54.06
CA TYR D 275 -0.58 11.62 -54.77
C TYR D 275 -0.44 11.29 -56.25
N ASP D 276 -1.56 10.94 -56.87
CA ASP D 276 -1.58 10.60 -58.28
C ASP D 276 -1.92 11.85 -59.06
N ALA D 277 -0.93 12.43 -59.71
CA ALA D 277 -1.14 13.65 -60.48
C ALA D 277 -2.17 13.49 -61.59
N ASP D 278 -2.23 12.29 -62.18
CA ASP D 278 -3.17 12.04 -63.28
C ASP D 278 -4.64 12.00 -62.86
N ALA D 279 -4.90 11.85 -61.57
CA ALA D 279 -6.28 11.75 -61.10
C ALA D 279 -6.87 13.06 -60.58
N ILE D 280 -6.05 14.09 -60.51
CA ILE D 280 -6.51 15.39 -60.01
C ILE D 280 -7.66 15.98 -60.82
N GLU D 281 -7.51 16.01 -62.14
CA GLU D 281 -8.54 16.58 -62.99
C GLU D 281 -9.92 15.98 -62.78
N ARG D 282 -10.02 14.66 -62.85
CA ARG D 282 -11.30 13.99 -62.65
C ARG D 282 -11.82 14.26 -61.25
N ALA D 283 -10.92 14.25 -60.28
CA ALA D 283 -11.29 14.50 -58.90
C ALA D 283 -11.90 15.90 -58.72
N ALA D 284 -11.16 16.91 -59.16
CA ALA D 284 -11.62 18.29 -59.02
C ALA D 284 -12.92 18.60 -59.76
N SER D 285 -13.22 17.85 -60.81
CA SER D 285 -14.44 18.12 -61.56
C SER D 285 -15.62 17.18 -61.27
N THR D 286 -15.59 16.51 -60.12
CA THR D 286 -16.68 15.62 -59.75
C THR D 286 -17.95 16.47 -59.64
N GLU D 287 -19.09 15.91 -60.04
CA GLU D 287 -20.36 16.64 -60.04
C GLU D 287 -20.83 17.27 -58.72
N ASN D 288 -20.98 16.48 -57.67
CA ASN D 288 -21.44 17.01 -56.39
C ASN D 288 -20.29 17.59 -55.57
N GLU D 289 -20.44 18.84 -55.15
CA GLU D 289 -19.41 19.51 -54.36
C GLU D 289 -19.05 18.72 -53.12
N LYS D 290 -20.06 18.13 -52.49
CA LYS D 290 -19.87 17.37 -51.28
C LYS D 290 -19.03 16.09 -51.41
N ASP D 291 -18.69 15.71 -52.64
CA ASP D 291 -17.86 14.52 -52.85
C ASP D 291 -16.42 14.93 -53.05
N LEU D 292 -16.18 16.23 -53.18
CA LEU D 292 -14.83 16.76 -53.40
C LEU D 292 -13.86 16.35 -52.31
N TYR D 293 -14.31 16.40 -51.06
CA TYR D 293 -13.49 16.02 -49.93
C TYR D 293 -12.98 14.58 -50.08
N GLN D 294 -13.90 13.65 -50.27
CA GLN D 294 -13.53 12.24 -50.41
C GLN D 294 -12.74 12.00 -51.68
N ARG D 295 -13.11 12.69 -52.75
CA ARG D 295 -12.41 12.52 -54.02
C ARG D 295 -10.95 12.92 -53.86
N GLN D 296 -10.67 13.87 -52.98
CA GLN D 296 -9.28 14.28 -52.80
C GLN D 296 -8.56 13.21 -51.98
N LEU D 297 -9.21 12.69 -50.95
CA LEU D 297 -8.58 11.64 -50.15
C LEU D 297 -8.20 10.52 -51.11
N ASP D 298 -9.03 10.30 -52.13
CA ASP D 298 -8.79 9.26 -53.13
C ASP D 298 -7.56 9.46 -54.00
N VAL D 299 -7.01 10.67 -54.04
CA VAL D 299 -5.83 10.88 -54.85
C VAL D 299 -4.55 10.65 -54.02
N PHE D 300 -4.71 10.59 -52.71
CA PHE D 300 -3.57 10.34 -51.83
C PHE D 300 -3.32 8.84 -51.80
N LEU D 301 -2.06 8.44 -51.94
CA LEU D 301 -1.71 7.02 -51.98
C LEU D 301 -1.04 6.51 -50.71
N ASP D 302 -1.15 5.20 -50.48
CA ASP D 302 -0.57 4.57 -49.30
C ASP D 302 0.92 4.31 -49.51
N PRO D 303 1.78 5.00 -48.74
CA PRO D 303 3.23 4.86 -48.84
C PRO D 303 3.77 3.52 -48.34
N ASN D 304 2.89 2.72 -47.75
CA ASN D 304 3.30 1.42 -47.25
C ASN D 304 2.93 0.29 -48.20
N ASP D 305 2.19 0.62 -49.26
CA ASP D 305 1.79 -0.37 -50.24
C ASP D 305 2.96 -0.63 -51.18
N PRO D 306 3.46 -1.88 -51.21
CA PRO D 306 4.60 -2.28 -52.05
C PRO D 306 4.49 -1.83 -53.50
N LYS D 307 3.28 -1.80 -54.04
CA LYS D 307 3.06 -1.36 -55.42
C LYS D 307 3.25 0.14 -55.55
N VAL D 308 2.66 0.89 -54.61
CA VAL D 308 2.80 2.34 -54.61
C VAL D 308 4.28 2.68 -54.51
N ILE D 309 4.98 1.99 -53.61
CA ILE D 309 6.40 2.22 -53.41
C ILE D 309 7.19 2.01 -54.70
N GLU D 310 6.91 0.92 -55.40
CA GLU D 310 7.59 0.62 -56.66
C GLU D 310 7.29 1.69 -57.71
N GLN D 311 6.02 2.05 -57.83
CA GLN D 311 5.61 3.07 -58.79
C GLN D 311 6.29 4.41 -58.47
N ALA D 312 6.28 4.79 -57.18
CA ALA D 312 6.88 6.04 -56.75
C ALA D 312 8.34 6.13 -57.17
N ILE D 313 9.08 5.04 -57.00
CA ILE D 313 10.50 5.02 -57.38
C ILE D 313 10.61 5.16 -58.90
N LYS D 314 9.70 4.54 -59.62
CA LYS D 314 9.69 4.63 -61.08
C LYS D 314 9.53 6.08 -61.51
N ASP D 315 8.60 6.76 -60.86
CA ASP D 315 8.32 8.16 -61.18
C ASP D 315 9.36 9.13 -60.61
N GLY D 316 10.47 8.58 -60.12
CA GLY D 316 11.54 9.43 -59.60
C GLY D 316 11.47 10.00 -58.20
N ILE D 317 10.66 9.41 -57.33
CA ILE D 317 10.58 9.89 -55.94
C ILE D 317 11.70 9.25 -55.13
N PRO D 318 12.62 10.05 -54.56
CA PRO D 318 13.72 9.51 -53.77
C PRO D 318 13.22 8.59 -52.66
N LEU D 319 14.03 7.60 -52.32
CA LEU D 319 13.67 6.64 -51.26
C LEU D 319 13.45 7.38 -49.94
N SER D 320 14.34 8.32 -49.62
CA SER D 320 14.21 9.06 -48.38
C SER D 320 12.90 9.82 -48.29
N VAL D 321 12.33 10.19 -49.43
CA VAL D 321 11.06 10.91 -49.45
C VAL D 321 9.92 9.93 -49.18
N ILE D 322 10.01 8.76 -49.79
CA ILE D 322 9.00 7.71 -49.62
C ILE D 322 9.01 7.28 -48.15
N GLU D 323 10.19 7.09 -47.58
CA GLU D 323 10.30 6.67 -46.20
C GLU D 323 9.71 7.73 -45.27
N ALA D 324 9.86 8.99 -45.66
CA ALA D 324 9.32 10.08 -44.85
C ALA D 324 7.79 10.03 -44.91
N ALA D 325 7.26 9.68 -46.08
CA ALA D 325 5.81 9.58 -46.25
C ALA D 325 5.20 8.50 -45.37
N GLN D 326 5.99 7.46 -45.07
CA GLN D 326 5.51 6.36 -44.24
C GLN D 326 5.42 6.77 -42.76
N GLN D 327 6.03 7.90 -42.43
CA GLN D 327 6.02 8.42 -41.07
C GLN D 327 5.24 9.75 -41.00
N SER D 328 4.48 10.05 -42.05
CA SER D 328 3.72 11.30 -42.14
C SER D 328 2.59 11.51 -41.14
N PRO D 329 2.68 12.57 -40.30
CA PRO D 329 1.61 12.83 -39.32
C PRO D 329 0.38 13.37 -40.04
N VAL D 330 0.61 14.00 -41.19
CA VAL D 330 -0.48 14.56 -41.98
C VAL D 330 -1.30 13.43 -42.61
N TYR D 331 -0.62 12.36 -43.02
CA TYR D 331 -1.33 11.23 -43.61
C TYR D 331 -2.25 10.61 -42.55
N LYS D 332 -1.73 10.47 -41.34
CA LYS D 332 -2.50 9.89 -40.25
C LYS D 332 -3.75 10.70 -39.93
N MET D 333 -3.61 12.01 -39.81
CA MET D 333 -4.74 12.88 -39.49
C MET D 333 -5.77 13.05 -40.58
N ALA D 334 -5.35 12.96 -41.84
CA ALA D 334 -6.27 13.14 -42.94
C ALA D 334 -6.86 11.83 -43.46
N MET D 335 -6.00 10.81 -43.62
CA MET D 335 -6.41 9.52 -44.14
C MET D 335 -6.88 8.48 -43.11
N GLU D 336 -6.10 8.30 -42.06
CA GLU D 336 -6.44 7.30 -41.06
C GLU D 336 -7.47 7.70 -40.00
N TRP D 337 -7.17 8.72 -39.20
CA TRP D 337 -8.10 9.13 -38.15
C TRP D 337 -9.24 10.04 -38.61
N LYS D 338 -9.13 10.57 -39.83
CA LYS D 338 -10.17 11.45 -40.36
C LYS D 338 -10.43 12.67 -39.48
N LEU D 339 -9.37 13.24 -38.90
CA LEU D 339 -9.52 14.43 -38.05
C LEU D 339 -9.37 15.73 -38.83
N ALA D 340 -8.48 15.70 -39.82
CA ALA D 340 -8.21 16.89 -40.64
C ALA D 340 -9.15 16.97 -41.83
N LEU D 341 -9.60 18.19 -42.13
CA LEU D 341 -10.52 18.43 -43.24
C LEU D 341 -10.04 19.60 -44.10
N PRO D 342 -10.36 19.60 -45.40
CA PRO D 342 -9.91 20.71 -46.26
C PRO D 342 -10.66 22.01 -45.99
N LEU D 343 -10.05 23.12 -46.39
CA LEU D 343 -10.68 24.43 -46.25
C LEU D 343 -11.40 24.69 -47.56
N HIS D 344 -12.70 24.97 -47.48
CA HIS D 344 -13.53 25.24 -48.65
C HIS D 344 -13.22 24.38 -49.87
N PRO D 345 -13.40 23.06 -49.75
CA PRO D 345 -13.13 22.16 -50.89
C PRO D 345 -13.99 22.47 -52.12
N GLU D 346 -15.09 23.20 -51.91
CA GLU D 346 -15.99 23.55 -53.01
C GLU D 346 -15.35 24.47 -54.06
N TYR D 347 -14.24 25.10 -53.74
CA TYR D 347 -13.59 25.97 -54.71
C TYR D 347 -12.97 25.08 -55.79
N ARG D 348 -12.86 23.79 -55.48
CA ARG D 348 -12.32 22.79 -56.42
C ARG D 348 -10.84 22.89 -56.73
N THR D 349 -10.05 23.35 -55.77
CA THR D 349 -8.61 23.48 -55.99
C THR D 349 -7.83 22.32 -55.36
N LEU D 350 -8.53 21.50 -54.56
CA LEU D 350 -7.88 20.38 -53.86
C LEU D 350 -6.77 20.98 -53.01
N PRO D 351 -7.12 21.80 -52.02
CA PRO D 351 -6.16 22.45 -51.13
C PRO D 351 -5.30 21.44 -50.39
N MET D 352 -4.10 21.87 -50.00
CA MET D 352 -3.18 20.99 -49.31
C MET D 352 -2.83 21.42 -47.90
N VAL D 353 -3.58 22.39 -47.38
CA VAL D 353 -3.40 22.83 -46.01
C VAL D 353 -4.75 22.55 -45.38
N TRP D 354 -4.80 21.52 -44.54
CA TRP D 354 -6.04 21.08 -43.91
C TRP D 354 -6.17 21.47 -42.44
N TYR D 355 -7.38 21.31 -41.92
CA TYR D 355 -7.68 21.70 -40.56
C TYR D 355 -8.47 20.69 -39.72
N VAL D 356 -8.20 20.66 -38.42
CA VAL D 356 -8.95 19.80 -37.50
C VAL D 356 -9.92 20.78 -36.87
N PRO D 357 -11.23 20.51 -36.96
CA PRO D 357 -12.18 21.45 -36.36
C PRO D 357 -11.98 21.60 -34.85
N PRO D 358 -12.37 22.74 -34.28
CA PRO D 358 -12.21 22.97 -32.84
C PRO D 358 -13.39 22.53 -31.99
N LEU D 359 -13.09 22.10 -30.77
CA LEU D 359 -14.13 21.72 -29.82
C LEU D 359 -14.46 23.05 -29.16
N SER D 360 -15.49 23.07 -28.33
CA SER D 360 -15.87 24.32 -27.66
C SER D 360 -16.68 24.02 -26.41
N PRO D 361 -16.93 25.05 -25.59
CA PRO D 361 -17.71 24.84 -24.36
C PRO D 361 -19.12 24.38 -24.74
N ILE D 362 -19.82 23.74 -23.81
CA ILE D 362 -21.17 23.30 -24.10
C ILE D 362 -22.09 24.52 -24.15
N GLN D 363 -23.25 24.35 -24.77
CA GLN D 363 -24.24 25.43 -24.87
C GLN D 363 -24.65 25.86 -23.47
N SER D 364 -24.99 27.14 -23.31
CA SER D 364 -25.42 27.63 -22.00
C SER D 364 -26.86 27.17 -21.83
N ALA D 365 -27.29 26.91 -20.58
CA ALA D 365 -28.66 26.42 -20.39
C ALA D 365 -29.34 26.66 -19.04
N ALA D 366 -28.68 27.35 -18.12
CA ALA D 366 -29.27 27.61 -16.79
C ALA D 366 -29.16 26.39 -15.89
N ASP D 367 -29.76 25.27 -16.31
CA ASP D 367 -29.67 24.04 -15.53
C ASP D 367 -28.33 23.39 -15.87
N ALA D 368 -27.64 22.91 -14.85
CA ALA D 368 -26.34 22.30 -15.02
C ALA D 368 -26.33 21.00 -15.80
N GLY D 369 -27.51 20.46 -16.09
CA GLY D 369 -27.58 19.22 -16.83
C GLY D 369 -27.02 18.05 -16.05
N GLU D 370 -26.95 16.88 -16.68
CA GLU D 370 -26.43 15.68 -16.03
C GLU D 370 -25.39 14.96 -16.88
N LEU D 371 -24.79 13.92 -16.31
CA LEU D 371 -23.79 13.14 -17.02
C LEU D 371 -24.39 12.60 -18.31
N GLY D 372 -23.63 12.71 -19.40
CA GLY D 372 -24.10 12.21 -20.69
C GLY D 372 -23.30 10.98 -21.06
N SER D 373 -23.26 10.67 -22.34
CA SER D 373 -22.52 9.51 -22.79
C SER D 373 -21.05 9.52 -22.35
N ASN D 374 -20.40 10.67 -22.46
CA ASN D 374 -19.00 10.77 -22.07
C ASN D 374 -18.76 11.17 -20.62
N GLY D 375 -19.75 10.90 -19.76
CA GLY D 375 -19.61 11.23 -18.35
C GLY D 375 -19.67 12.71 -18.05
N ILE D 376 -18.63 13.24 -17.40
CA ILE D 376 -18.59 14.66 -17.07
C ILE D 376 -18.10 15.46 -18.28
N LEU D 377 -17.54 14.77 -19.25
CA LEU D 377 -17.03 15.41 -20.47
C LEU D 377 -18.16 15.60 -21.48
N PRO D 378 -17.97 16.52 -22.44
CA PRO D 378 -19.00 16.79 -23.45
C PRO D 378 -19.30 15.72 -24.49
N ASP D 379 -20.53 15.74 -24.97
CA ASP D 379 -21.00 14.87 -26.04
C ASP D 379 -21.00 15.83 -27.22
N VAL D 380 -20.62 15.35 -28.40
CA VAL D 380 -20.55 16.20 -29.57
C VAL D 380 -21.80 17.06 -29.79
N GLU D 381 -22.97 16.53 -29.46
CA GLU D 381 -24.22 17.24 -29.67
C GLU D 381 -24.45 18.50 -28.81
N SER D 382 -23.68 18.67 -27.75
CA SER D 382 -23.87 19.83 -26.90
C SER D 382 -22.84 20.94 -27.03
N LEU D 383 -21.92 20.83 -28.00
CA LEU D 383 -20.91 21.85 -28.19
C LEU D 383 -21.61 23.13 -28.65
N ARG D 384 -21.14 24.29 -28.17
CA ARG D 384 -21.78 25.56 -28.51
C ARG D 384 -21.55 26.12 -29.91
N ILE D 385 -20.51 25.67 -30.60
CA ILE D 385 -20.26 26.15 -31.95
C ILE D 385 -21.10 25.36 -32.93
N PRO D 386 -22.04 26.03 -33.64
CA PRO D 386 -22.89 25.31 -34.59
C PRO D 386 -22.06 24.51 -35.60
N VAL D 387 -22.27 23.20 -35.64
CA VAL D 387 -21.51 22.36 -36.53
C VAL D 387 -21.76 22.69 -38.01
N GLN D 388 -22.91 23.28 -38.30
CA GLN D 388 -23.23 23.64 -39.68
C GLN D 388 -22.26 24.74 -40.13
N TYR D 389 -21.92 25.61 -39.19
CA TYR D 389 -20.99 26.70 -39.47
C TYR D 389 -19.66 26.08 -39.91
N LEU D 390 -19.19 25.08 -39.15
CA LEU D 390 -17.93 24.41 -39.45
C LEU D 390 -17.99 23.65 -40.76
N ALA D 391 -19.15 23.09 -41.08
CA ALA D 391 -19.31 22.35 -42.32
C ALA D 391 -19.20 23.26 -43.54
N ASN D 392 -19.77 24.46 -43.43
CA ASN D 392 -19.71 25.42 -44.51
C ASN D 392 -18.26 25.83 -44.76
N LEU D 393 -17.50 25.89 -43.67
CA LEU D 393 -16.10 26.28 -43.74
C LEU D 393 -15.20 25.15 -44.25
N LEU D 394 -15.46 23.93 -43.78
CA LEU D 394 -14.63 22.78 -44.14
C LEU D 394 -15.16 21.67 -45.04
N THR D 395 -16.47 21.46 -45.09
CA THR D 395 -16.98 20.35 -45.90
C THR D 395 -18.15 20.63 -46.83
N ALA D 396 -18.13 21.78 -47.49
CA ALA D 396 -19.19 22.14 -48.43
C ALA D 396 -20.59 21.97 -47.82
N GLY D 397 -20.73 22.25 -46.54
CA GLY D 397 -22.04 22.13 -45.91
C GLY D 397 -22.42 20.79 -45.31
N ASP D 398 -21.69 19.73 -45.61
CA ASP D 398 -21.98 18.41 -45.07
C ASP D 398 -21.48 18.27 -43.63
N THR D 399 -22.40 18.22 -42.67
CA THR D 399 -22.03 18.11 -41.27
C THR D 399 -21.48 16.76 -40.82
N LYS D 400 -21.58 15.74 -41.66
CA LYS D 400 -21.11 14.41 -41.28
C LYS D 400 -19.61 14.29 -40.99
N PRO D 401 -18.75 14.72 -41.93
CA PRO D 401 -17.31 14.63 -41.68
C PRO D 401 -16.85 15.42 -40.47
N VAL D 402 -17.50 16.55 -40.21
CA VAL D 402 -17.12 17.40 -39.09
C VAL D 402 -17.50 16.78 -37.74
N LEU D 403 -18.69 16.23 -37.66
CA LEU D 403 -19.16 15.59 -36.43
C LEU D 403 -18.26 14.41 -36.07
N ARG D 404 -17.88 13.64 -37.08
CA ARG D 404 -17.03 12.48 -36.85
C ARG D 404 -15.69 12.95 -36.26
N ALA D 405 -15.12 14.00 -36.83
CA ALA D 405 -13.85 14.52 -36.35
C ALA D 405 -13.97 14.93 -34.89
N LEU D 406 -14.98 15.74 -34.59
CA LEU D 406 -15.19 16.21 -33.24
C LEU D 406 -15.53 15.06 -32.29
N LYS D 407 -16.30 14.10 -32.79
CA LYS D 407 -16.71 12.97 -31.96
C LYS D 407 -15.53 12.10 -31.57
N ARG D 408 -14.59 11.91 -32.49
CA ARG D 408 -13.43 11.09 -32.20
C ARG D 408 -12.50 11.73 -31.20
N MET D 409 -12.38 13.06 -31.27
CA MET D 409 -11.53 13.76 -30.34
C MET D 409 -12.11 13.64 -28.95
N LEU D 410 -13.43 13.78 -28.84
CA LEU D 410 -14.11 13.67 -27.55
C LEU D 410 -14.01 12.23 -27.03
N ALA D 411 -14.02 11.27 -27.95
CA ALA D 411 -13.94 9.86 -27.58
C ALA D 411 -12.57 9.57 -26.95
N MET D 412 -11.53 10.15 -27.56
CA MET D 412 -10.18 9.98 -27.06
C MET D 412 -10.09 10.51 -25.63
N ARG D 413 -10.71 11.66 -25.38
CA ARG D 413 -10.70 12.24 -24.03
C ARG D 413 -11.38 11.32 -23.02
N HIS D 414 -12.52 10.75 -23.40
CA HIS D 414 -13.27 9.87 -22.52
C HIS D 414 -12.44 8.64 -22.18
N TYR D 415 -11.82 8.06 -23.20
CA TYR D 415 -10.96 6.90 -23.04
C TYR D 415 -9.78 7.20 -22.12
N LYS D 416 -9.11 8.34 -22.34
CA LYS D 416 -7.96 8.71 -21.53
C LYS D 416 -8.32 9.10 -20.09
N ARG D 417 -9.51 9.63 -19.88
CA ARG D 417 -9.88 9.99 -18.52
C ARG D 417 -10.05 8.72 -17.70
N ALA D 418 -10.79 7.75 -18.26
CA ALA D 418 -11.01 6.49 -17.57
C ALA D 418 -9.66 5.90 -17.19
N GLU D 419 -8.72 5.94 -18.13
CA GLU D 419 -7.39 5.40 -17.89
C GLU D 419 -6.56 6.17 -16.87
N THR D 420 -6.49 7.48 -17.00
CA THR D 420 -5.68 8.30 -16.09
C THR D 420 -6.35 8.78 -14.82
N VAL D 421 -7.67 8.65 -14.71
CA VAL D 421 -8.35 9.06 -13.49
C VAL D 421 -8.90 7.85 -12.76
N ASP D 422 -9.61 6.99 -13.47
CA ASP D 422 -10.19 5.80 -12.86
C ASP D 422 -9.22 4.61 -12.93
N GLY D 423 -8.14 4.75 -13.68
CA GLY D 423 -7.19 3.66 -13.81
C GLY D 423 -7.83 2.44 -14.43
N LYS D 424 -8.86 2.65 -15.24
CA LYS D 424 -9.55 1.54 -15.88
C LYS D 424 -9.62 1.66 -17.39
N VAL D 425 -9.99 0.54 -18.03
CA VAL D 425 -10.10 0.49 -19.48
C VAL D 425 -11.57 0.61 -19.88
N ASP D 426 -11.90 1.71 -20.56
CA ASP D 426 -13.27 1.95 -21.02
C ASP D 426 -13.15 2.38 -22.47
N THR D 427 -13.56 1.51 -23.38
CA THR D 427 -13.45 1.77 -24.81
C THR D 427 -14.81 2.02 -25.45
N ARG D 428 -15.82 2.30 -24.63
CA ARG D 428 -17.16 2.56 -25.12
C ARG D 428 -17.20 3.66 -26.19
N ALA D 429 -16.68 4.83 -25.84
CA ALA D 429 -16.66 5.96 -26.77
C ALA D 429 -15.90 5.62 -28.05
N LEU D 430 -14.75 4.97 -27.92
CA LEU D 430 -13.95 4.58 -29.08
C LEU D 430 -14.74 3.68 -30.01
N GLU D 431 -15.42 2.68 -29.43
CA GLU D 431 -16.22 1.73 -30.21
C GLU D 431 -17.26 2.46 -31.05
N GLU D 432 -17.95 3.40 -30.42
CA GLU D 432 -18.99 4.16 -31.08
C GLU D 432 -18.51 4.97 -32.29
N VAL D 433 -17.28 5.49 -32.23
CA VAL D 433 -16.74 6.28 -33.33
C VAL D 433 -15.86 5.47 -34.28
N GLY D 434 -15.78 4.17 -34.03
CA GLY D 434 -14.99 3.30 -34.89
C GLY D 434 -13.47 3.32 -34.74
N LEU D 435 -12.99 3.68 -33.57
CA LEU D 435 -11.55 3.72 -33.33
C LEU D 435 -11.08 2.59 -32.43
N THR D 436 -9.88 2.06 -32.69
CA THR D 436 -9.32 1.00 -31.85
C THR D 436 -8.48 1.67 -30.77
N GLU D 437 -8.12 0.92 -29.73
CA GLU D 437 -7.32 1.48 -28.66
C GLU D 437 -5.98 1.98 -29.17
N ALA D 438 -5.38 1.22 -30.07
CA ALA D 438 -4.08 1.58 -30.62
C ALA D 438 -4.17 2.93 -31.34
N GLN D 439 -5.25 3.14 -32.09
CA GLN D 439 -5.43 4.40 -32.80
C GLN D 439 -5.57 5.56 -31.83
N ALA D 440 -6.42 5.38 -30.81
CA ALA D 440 -6.63 6.43 -29.81
C ALA D 440 -5.29 6.75 -29.15
N GLN D 441 -4.49 5.73 -28.89
CA GLN D 441 -3.19 5.93 -28.26
C GLN D 441 -2.21 6.68 -29.17
N GLU D 442 -2.28 6.42 -30.47
CA GLU D 442 -1.39 7.10 -31.39
C GLU D 442 -1.86 8.55 -31.59
N MET D 443 -3.19 8.75 -31.58
CA MET D 443 -3.76 10.08 -31.72
C MET D 443 -3.26 10.92 -30.56
N TYR D 444 -3.29 10.33 -29.37
CA TYR D 444 -2.86 11.00 -28.15
C TYR D 444 -1.39 11.38 -28.24
N ARG D 445 -0.57 10.44 -28.71
CA ARG D 445 0.84 10.71 -28.86
C ARG D 445 1.08 11.93 -29.76
N TYR D 446 0.42 11.96 -30.91
CA TYR D 446 0.60 13.05 -31.85
C TYR D 446 -0.08 14.38 -31.51
N LEU D 447 -1.27 14.32 -30.92
CA LEU D 447 -2.00 15.54 -30.60
C LEU D 447 -1.75 16.16 -29.23
N ALA D 448 -1.50 15.33 -28.22
CA ALA D 448 -1.28 15.83 -26.86
C ALA D 448 0.18 16.02 -26.50
N ILE D 449 0.97 14.96 -26.56
CA ILE D 449 2.38 15.06 -26.25
C ILE D 449 3.04 15.89 -27.35
N ALA D 450 2.74 15.51 -28.59
CA ALA D 450 3.23 16.19 -29.78
C ALA D 450 4.71 16.59 -29.78
N ASN D 451 5.62 15.62 -29.68
CA ASN D 451 7.06 15.92 -29.68
C ASN D 451 7.45 16.54 -31.02
N TYR D 452 8.49 17.36 -31.00
CA TYR D 452 9.00 18.04 -32.19
C TYR D 452 9.17 17.09 -33.37
N GLU D 453 9.84 15.96 -33.13
CA GLU D 453 10.08 14.98 -34.19
C GLU D 453 8.79 14.37 -34.73
N ASP D 454 7.69 14.51 -33.99
CA ASP D 454 6.41 13.95 -34.47
C ASP D 454 5.54 14.99 -35.18
N ARG D 455 5.76 16.27 -34.90
CA ARG D 455 4.97 17.31 -35.55
C ARG D 455 5.49 17.60 -36.95
N PHE D 456 6.81 17.53 -37.11
CA PHE D 456 7.42 17.84 -38.40
C PHE D 456 8.28 16.69 -38.93
N VAL D 457 7.90 16.14 -40.07
CA VAL D 457 8.66 15.05 -40.70
C VAL D 457 8.90 15.50 -42.14
N VAL D 458 9.95 16.29 -42.34
CA VAL D 458 10.26 16.83 -43.65
C VAL D 458 11.62 16.36 -44.16
N PRO D 459 11.63 15.68 -45.30
CA PRO D 459 12.88 15.17 -45.90
C PRO D 459 13.60 16.27 -46.68
N SER D 460 14.93 16.18 -46.79
CA SER D 460 15.66 17.19 -47.54
C SER D 460 15.41 16.84 -49.01
N SER D 461 15.62 17.80 -49.92
CA SER D 461 15.35 17.57 -51.33
C SER D 461 16.49 17.05 -52.20
N HIS D 462 17.58 16.61 -51.60
CA HIS D 462 18.71 16.08 -52.39
C HIS D 462 19.19 17.07 -53.43
N ARG D 463 19.57 18.26 -52.99
CA ARG D 463 20.05 19.30 -53.88
C ARG D 463 21.38 18.93 -54.55
N GLU D 464 22.00 17.85 -54.09
CA GLU D 464 23.27 17.42 -54.69
C GLU D 464 23.02 16.84 -56.07
N LEU D 465 21.77 16.49 -56.36
CA LEU D 465 21.40 15.93 -57.66
C LEU D 465 21.07 17.06 -58.64
#